data_2JMU
#
_entry.id   2JMU
#
_cell.length_a   1.000
_cell.length_b   1.000
_cell.length_c   1.000
_cell.angle_alpha   90.00
_cell.angle_beta   90.00
_cell.angle_gamma   90.00
#
_symmetry.space_group_name_H-M   'P 1'
#
_entity_poly.entity_id   1
_entity_poly.type   'polypeptide(L)'
_entity_poly.pdbx_seq_one_letter_code
;SAQGLIEVERKFAPGPDTEERLQELGATLEHRVTFRDTYYDTSELSLMLSDHWLRQREGSGWELKCPGVTGVSGPHNEYV
EVTSEAAIVAQLFELLGSGEQKPAGVAAVLGSLKLQEVASFITTRSSWKLALSGAHGQEPQLTIDLDSADFGYAVGEVEA
MVHEKAEVPAALEKIITVSSMLGVPAQEEAPAKLMVYLQRFRPLDYQRLLEAASSGEATGDSAS
;
_entity_poly.pdbx_strand_id   A
#
# COMPACT_ATOMS: atom_id res chain seq x y z
N SER A 1 6.65 -15.82 26.07
CA SER A 1 6.22 -14.88 25.06
C SER A 1 5.62 -13.66 25.71
N ALA A 2 6.37 -12.59 25.76
CA ALA A 2 5.89 -11.36 26.32
C ALA A 2 6.21 -10.22 25.40
N GLN A 3 5.28 -9.88 24.58
CA GLN A 3 5.41 -8.76 23.69
C GLN A 3 4.20 -7.85 23.84
N GLY A 4 3.33 -8.23 24.75
CA GLY A 4 2.13 -7.52 24.95
C GLY A 4 1.03 -8.12 24.12
N LEU A 5 0.17 -7.27 23.63
CA LEU A 5 -0.90 -7.69 22.78
C LEU A 5 -0.37 -8.04 21.41
N ILE A 6 -0.53 -9.27 21.07
CA ILE A 6 -0.05 -9.84 19.85
C ILE A 6 -0.94 -9.39 18.72
N GLU A 7 -0.39 -8.58 17.85
CA GLU A 7 -1.08 -8.15 16.68
C GLU A 7 -0.98 -9.24 15.63
N VAL A 8 -2.05 -9.95 15.45
CA VAL A 8 -2.10 -11.02 14.49
C VAL A 8 -2.75 -10.52 13.22
N GLU A 9 -2.02 -10.52 12.16
CA GLU A 9 -2.56 -10.05 10.93
C GLU A 9 -2.38 -11.06 9.81
N ARG A 10 -3.40 -11.17 9.01
CA ARG A 10 -3.35 -11.92 7.79
C ARG A 10 -4.00 -11.16 6.69
N LYS A 11 -3.69 -11.49 5.50
CA LYS A 11 -4.13 -10.75 4.39
C LYS A 11 -5.16 -11.51 3.60
N PHE A 12 -6.07 -10.77 3.07
CA PHE A 12 -7.20 -11.30 2.40
C PHE A 12 -7.46 -10.55 1.10
N ALA A 13 -7.95 -11.25 0.10
CA ALA A 13 -8.33 -10.64 -1.16
C ALA A 13 -9.86 -10.65 -1.27
N PRO A 14 -10.50 -9.51 -0.97
CA PRO A 14 -11.95 -9.37 -0.98
C PRO A 14 -12.54 -9.17 -2.38
N GLY A 15 -13.86 -9.30 -2.46
CA GLY A 15 -14.56 -9.07 -3.69
C GLY A 15 -14.95 -7.60 -3.83
N PRO A 16 -15.92 -7.26 -4.70
CA PRO A 16 -16.36 -5.88 -4.90
C PRO A 16 -17.47 -5.41 -3.93
N ASP A 17 -17.99 -6.31 -3.10
CA ASP A 17 -19.12 -5.93 -2.20
C ASP A 17 -18.66 -5.89 -0.77
N THR A 18 -17.37 -5.91 -0.58
CA THR A 18 -16.74 -6.00 0.72
C THR A 18 -17.25 -4.97 1.73
N GLU A 19 -17.22 -3.71 1.34
CA GLU A 19 -17.63 -2.61 2.20
C GLU A 19 -19.08 -2.80 2.67
N GLU A 20 -19.92 -3.25 1.77
CA GLU A 20 -21.33 -3.46 2.05
C GLU A 20 -21.49 -4.65 2.98
N ARG A 21 -20.79 -5.74 2.64
CA ARG A 21 -20.82 -6.97 3.40
C ARG A 21 -20.39 -6.71 4.84
N LEU A 22 -19.34 -5.92 4.99
CA LEU A 22 -18.82 -5.52 6.29
C LEU A 22 -19.84 -4.75 7.10
N GLN A 23 -20.48 -3.78 6.48
CA GLN A 23 -21.51 -2.99 7.16
C GLN A 23 -22.61 -3.90 7.69
N GLU A 24 -23.05 -4.83 6.86
CA GLU A 24 -24.11 -5.73 7.21
C GLU A 24 -23.66 -6.78 8.26
N LEU A 25 -22.38 -7.16 8.22
CA LEU A 25 -21.82 -8.10 9.20
C LEU A 25 -21.60 -7.44 10.55
N GLY A 26 -21.42 -6.14 10.53
CA GLY A 26 -21.28 -5.42 11.77
C GLY A 26 -19.95 -4.71 11.92
N ALA A 27 -19.15 -4.62 10.87
CA ALA A 27 -17.90 -3.93 10.98
C ALA A 27 -18.15 -2.43 10.83
N THR A 28 -17.51 -1.65 11.67
CA THR A 28 -17.67 -0.21 11.62
C THR A 28 -16.63 0.39 10.70
N LEU A 29 -16.99 1.45 10.01
CA LEU A 29 -16.06 2.11 9.13
C LEU A 29 -15.28 3.14 9.93
N GLU A 30 -14.06 2.80 10.27
CA GLU A 30 -13.21 3.60 11.10
C GLU A 30 -12.75 4.83 10.36
N HIS A 31 -12.26 4.64 9.16
CA HIS A 31 -11.72 5.71 8.35
C HIS A 31 -11.53 5.18 6.95
N ARG A 32 -11.61 6.03 5.96
CA ARG A 32 -11.35 5.63 4.61
C ARG A 32 -10.68 6.75 3.85
N VAL A 33 -9.74 6.42 3.00
CA VAL A 33 -9.09 7.45 2.21
C VAL A 33 -9.32 7.15 0.75
N THR A 34 -9.56 8.16 -0.02
CA THR A 34 -9.79 8.00 -1.41
C THR A 34 -9.12 9.12 -2.17
N PHE A 35 -8.29 8.76 -3.09
CA PHE A 35 -7.60 9.74 -3.89
C PHE A 35 -7.08 9.08 -5.11
N ARG A 36 -6.94 9.85 -6.14
CA ARG A 36 -6.35 9.37 -7.34
C ARG A 36 -4.87 9.57 -7.24
N ASP A 37 -4.13 8.53 -7.44
CA ASP A 37 -2.71 8.62 -7.41
C ASP A 37 -2.19 8.49 -8.80
N THR A 38 -1.55 9.55 -9.22
CA THR A 38 -1.11 9.71 -10.57
C THR A 38 0.39 9.50 -10.66
N TYR A 39 0.79 8.49 -11.39
CA TYR A 39 2.17 8.15 -11.58
C TYR A 39 2.73 8.61 -12.87
N TYR A 40 3.88 9.21 -12.75
CA TYR A 40 4.62 9.69 -13.90
C TYR A 40 5.92 8.98 -14.01
N ASP A 41 6.39 8.89 -15.22
CA ASP A 41 7.57 8.17 -15.56
C ASP A 41 7.97 8.65 -16.93
N THR A 42 9.14 8.31 -17.31
CA THR A 42 9.64 8.51 -18.63
C THR A 42 8.88 7.54 -19.57
N SER A 43 9.09 7.63 -20.85
CA SER A 43 8.39 6.75 -21.78
C SER A 43 8.82 5.29 -21.66
N GLU A 44 9.96 5.06 -21.03
CA GLU A 44 10.54 3.73 -20.98
C GLU A 44 10.31 3.06 -19.63
N LEU A 45 9.60 3.74 -18.73
CA LEU A 45 9.42 3.26 -17.34
C LEU A 45 10.76 3.14 -16.64
N SER A 46 11.64 4.00 -17.03
CA SER A 46 12.94 4.08 -16.49
C SER A 46 12.89 4.64 -15.07
N LEU A 47 11.94 5.53 -14.81
CA LEU A 47 11.83 6.18 -13.52
C LEU A 47 11.38 5.14 -12.48
N MET A 48 10.36 4.36 -12.88
CA MET A 48 9.72 3.32 -12.07
C MET A 48 10.77 2.32 -11.61
N LEU A 49 11.52 1.83 -12.57
CA LEU A 49 12.54 0.81 -12.35
C LEU A 49 13.84 1.38 -11.77
N SER A 50 13.93 2.69 -11.68
CA SER A 50 15.10 3.36 -11.13
C SER A 50 14.93 3.58 -9.62
N ASP A 51 13.81 3.07 -9.09
CA ASP A 51 13.45 3.19 -7.66
C ASP A 51 12.99 4.60 -7.32
N HIS A 52 12.76 5.41 -8.35
CA HIS A 52 12.25 6.75 -8.14
C HIS A 52 10.83 6.80 -8.61
N TRP A 53 9.96 6.57 -7.70
CA TRP A 53 8.56 6.47 -7.99
C TRP A 53 7.90 7.84 -7.82
N LEU A 54 7.28 8.37 -8.87
CA LEU A 54 6.73 9.71 -8.81
C LEU A 54 5.25 9.68 -8.89
N ARG A 55 4.65 10.21 -7.89
CA ARG A 55 3.25 10.17 -7.75
C ARG A 55 2.68 11.47 -7.20
N GLN A 56 1.57 11.86 -7.73
CA GLN A 56 0.80 12.95 -7.19
C GLN A 56 -0.52 12.42 -6.70
N ARG A 57 -0.95 12.90 -5.56
CA ARG A 57 -2.16 12.39 -4.97
C ARG A 57 -3.24 13.44 -4.97
N GLU A 58 -4.38 13.08 -5.55
CA GLU A 58 -5.63 13.89 -5.57
C GLU A 58 -5.44 15.35 -6.04
N GLY A 59 -4.34 15.59 -6.75
CA GLY A 59 -4.00 16.93 -7.20
C GLY A 59 -3.66 17.85 -6.06
N SER A 60 -3.31 17.27 -4.94
CA SER A 60 -2.99 18.00 -3.75
C SER A 60 -1.51 18.36 -3.76
N GLY A 61 -0.68 17.36 -3.70
CA GLY A 61 0.73 17.56 -3.65
C GLY A 61 1.46 16.44 -4.31
N TRP A 62 2.75 16.52 -4.30
CA TRP A 62 3.60 15.57 -4.93
C TRP A 62 4.33 14.71 -3.93
N GLU A 63 4.68 13.53 -4.36
CA GLU A 63 5.37 12.55 -3.55
C GLU A 63 6.36 11.82 -4.45
N LEU A 64 7.59 11.72 -4.02
CA LEU A 64 8.57 10.97 -4.78
C LEU A 64 9.21 9.95 -3.88
N LYS A 65 9.37 8.77 -4.40
CA LYS A 65 9.99 7.70 -3.68
C LYS A 65 11.43 7.66 -4.13
N CYS A 66 12.31 7.62 -3.21
CA CYS A 66 13.71 7.50 -3.52
C CYS A 66 14.29 6.29 -2.81
N PRO A 67 15.26 5.60 -3.45
CA PRO A 67 15.89 4.37 -2.87
C PRO A 67 16.82 4.66 -1.67
N GLY A 68 16.50 5.69 -0.90
CA GLY A 68 17.30 6.09 0.26
C GLY A 68 18.56 6.78 -0.17
N VAL A 69 19.28 6.14 -1.02
CA VAL A 69 20.46 6.67 -1.59
C VAL A 69 20.03 7.52 -2.78
N THR A 70 20.41 8.77 -2.81
CA THR A 70 20.03 9.60 -3.93
C THR A 70 21.17 9.62 -4.92
N GLY A 71 22.38 9.57 -4.39
CA GLY A 71 23.54 9.42 -5.21
C GLY A 71 23.76 7.95 -5.39
N VAL A 72 22.74 7.32 -5.99
CA VAL A 72 22.63 5.88 -6.22
C VAL A 72 23.96 5.22 -6.54
N SER A 73 24.44 4.54 -5.55
CA SER A 73 25.63 3.75 -5.62
C SER A 73 25.49 2.68 -4.57
N GLY A 74 25.59 1.45 -4.98
CA GLY A 74 25.37 0.37 -4.07
C GLY A 74 23.93 -0.09 -4.16
N PRO A 75 23.38 -0.68 -3.10
CA PRO A 75 22.00 -1.13 -3.10
C PRO A 75 21.05 0.00 -2.66
N HIS A 76 19.77 -0.28 -2.70
CA HIS A 76 18.79 0.68 -2.24
C HIS A 76 18.68 0.61 -0.72
N ASN A 77 19.16 1.62 -0.06
CA ASN A 77 19.13 1.66 1.38
C ASN A 77 17.78 2.17 1.85
N GLU A 78 16.78 1.25 1.81
CA GLU A 78 15.39 1.54 2.18
C GLU A 78 14.80 2.60 1.21
N TYR A 79 13.58 2.97 1.37
CA TYR A 79 13.02 4.03 0.59
C TYR A 79 12.78 5.26 1.41
N VAL A 80 13.16 6.37 0.86
CA VAL A 80 12.94 7.66 1.46
C VAL A 80 11.99 8.46 0.58
N GLU A 81 10.91 8.93 1.14
CA GLU A 81 9.95 9.67 0.37
C GLU A 81 10.09 11.15 0.61
N VAL A 82 10.17 11.90 -0.45
CA VAL A 82 10.22 13.35 -0.33
C VAL A 82 8.93 13.95 -0.88
N THR A 83 8.37 14.87 -0.13
CA THR A 83 7.12 15.49 -0.52
C THR A 83 7.29 16.99 -0.79
N SER A 84 8.43 17.52 -0.42
CA SER A 84 8.71 18.91 -0.65
C SER A 84 9.08 19.11 -2.12
N GLU A 85 8.36 19.99 -2.80
CA GLU A 85 8.51 20.20 -4.23
C GLU A 85 9.90 20.59 -4.65
N ALA A 86 10.53 21.50 -3.94
CA ALA A 86 11.87 21.97 -4.32
C ALA A 86 12.88 20.82 -4.39
N ALA A 87 12.68 19.82 -3.54
CA ALA A 87 13.53 18.66 -3.54
C ALA A 87 13.23 17.80 -4.75
N ILE A 88 11.94 17.68 -5.07
CA ILE A 88 11.49 16.87 -6.19
C ILE A 88 11.89 17.56 -7.52
N VAL A 89 11.76 18.87 -7.55
CA VAL A 89 12.15 19.68 -8.71
C VAL A 89 13.61 19.45 -9.07
N ALA A 90 14.47 19.62 -8.10
CA ALA A 90 15.89 19.44 -8.29
C ALA A 90 16.20 17.98 -8.63
N GLN A 91 15.51 17.07 -7.96
CA GLN A 91 15.68 15.64 -8.16
C GLN A 91 15.28 15.24 -9.59
N LEU A 92 14.11 15.64 -10.03
CA LEU A 92 13.62 15.33 -11.38
C LEU A 92 14.56 15.83 -12.46
N PHE A 93 15.12 16.99 -12.25
CA PHE A 93 16.11 17.54 -13.15
C PHE A 93 17.34 16.67 -13.24
N GLU A 94 17.83 16.19 -12.12
CA GLU A 94 19.00 15.34 -12.13
C GLU A 94 18.65 13.93 -12.60
N LEU A 95 17.42 13.50 -12.32
CA LEU A 95 16.94 12.19 -12.73
C LEU A 95 16.81 12.09 -14.24
N LEU A 96 16.20 13.08 -14.87
CA LEU A 96 16.03 13.02 -16.32
C LEU A 96 17.20 13.60 -17.09
N GLY A 97 18.09 14.28 -16.39
CA GLY A 97 19.23 14.82 -17.05
C GLY A 97 18.89 16.12 -17.71
N SER A 98 18.52 17.07 -16.94
CA SER A 98 18.13 18.32 -17.46
C SER A 98 19.31 19.30 -17.53
N GLY A 99 19.82 19.71 -16.38
CA GLY A 99 20.89 20.69 -16.34
C GLY A 99 20.36 22.10 -16.52
N GLU A 100 19.05 22.20 -16.53
CA GLU A 100 18.34 23.45 -16.74
C GLU A 100 18.05 24.17 -15.44
N GLN A 101 17.41 25.32 -15.58
CA GLN A 101 17.01 26.16 -14.48
C GLN A 101 15.91 25.49 -13.67
N LYS A 102 16.00 25.50 -12.35
CA LYS A 102 14.88 25.01 -11.57
C LYS A 102 13.70 25.94 -11.78
N PRO A 103 12.57 25.38 -12.20
CA PRO A 103 11.36 26.15 -12.46
C PRO A 103 10.72 26.76 -11.20
N ALA A 104 10.03 25.93 -10.43
CA ALA A 104 9.36 26.37 -9.22
C ALA A 104 8.77 25.18 -8.50
N GLY A 105 7.87 24.50 -9.17
CA GLY A 105 7.20 23.38 -8.60
C GLY A 105 7.31 22.16 -9.47
N VAL A 106 6.79 21.06 -9.00
CA VAL A 106 6.88 19.79 -9.69
C VAL A 106 6.05 19.79 -10.98
N ALA A 107 4.91 20.46 -10.97
CA ALA A 107 4.05 20.50 -12.16
C ALA A 107 4.77 21.18 -13.32
N ALA A 108 5.64 22.11 -12.99
CA ALA A 108 6.43 22.82 -13.96
C ALA A 108 7.52 21.91 -14.54
N VAL A 109 8.18 21.09 -13.69
CA VAL A 109 9.21 20.18 -14.20
C VAL A 109 8.56 19.09 -15.02
N LEU A 110 7.35 18.78 -14.64
CA LEU A 110 6.56 17.75 -15.23
C LEU A 110 6.32 18.07 -16.70
N GLY A 111 5.85 19.28 -16.96
CA GLY A 111 5.59 19.73 -18.31
C GLY A 111 6.86 19.98 -19.10
N SER A 112 7.88 20.49 -18.42
CA SER A 112 9.13 20.85 -19.07
C SER A 112 9.97 19.61 -19.43
N LEU A 113 10.11 18.67 -18.51
CA LEU A 113 10.90 17.46 -18.76
C LEU A 113 10.05 16.45 -19.51
N LYS A 114 8.76 16.73 -19.54
CA LYS A 114 7.79 15.96 -20.31
C LYS A 114 7.61 14.53 -19.87
N LEU A 115 7.34 14.34 -18.60
CA LEU A 115 7.00 13.04 -18.09
C LEU A 115 5.62 12.66 -18.55
N GLN A 116 5.38 11.38 -18.63
CA GLN A 116 4.08 10.88 -19.00
C GLN A 116 3.43 10.21 -17.82
N GLU A 117 2.16 10.42 -17.66
CA GLU A 117 1.41 9.70 -16.73
C GLU A 117 1.22 8.31 -17.27
N VAL A 118 1.91 7.39 -16.68
CA VAL A 118 1.95 6.03 -17.13
C VAL A 118 1.01 5.17 -16.29
N ALA A 119 0.59 5.70 -15.17
CA ALA A 119 -0.31 5.00 -14.29
C ALA A 119 -1.15 5.99 -13.51
N SER A 120 -2.42 5.82 -13.53
CA SER A 120 -3.31 6.64 -12.77
C SER A 120 -4.53 5.85 -12.35
N PHE A 121 -4.78 5.85 -11.08
CA PHE A 121 -5.86 5.11 -10.49
C PHE A 121 -6.24 5.66 -9.16
N ILE A 122 -7.32 5.19 -8.63
CA ILE A 122 -7.81 5.67 -7.36
C ILE A 122 -7.47 4.68 -6.27
N THR A 123 -6.94 5.20 -5.18
CA THR A 123 -6.67 4.43 -4.02
C THR A 123 -7.87 4.52 -3.10
N THR A 124 -8.45 3.40 -2.83
CA THR A 124 -9.53 3.35 -1.91
C THR A 124 -9.10 2.55 -0.70
N ARG A 125 -8.91 3.23 0.39
CA ARG A 125 -8.49 2.60 1.61
C ARG A 125 -9.69 2.63 2.50
N SER A 126 -10.02 1.55 3.10
CA SER A 126 -11.20 1.53 3.91
C SER A 126 -10.92 0.68 5.16
N SER A 127 -11.01 1.29 6.32
CA SER A 127 -10.67 0.64 7.55
C SER A 127 -11.92 0.30 8.31
N TRP A 128 -12.10 -0.95 8.59
CA TRP A 128 -13.23 -1.47 9.28
C TRP A 128 -12.80 -2.14 10.53
N LYS A 129 -13.64 -2.13 11.49
CA LYS A 129 -13.35 -2.75 12.72
C LYS A 129 -14.50 -3.66 13.10
N LEU A 130 -14.18 -4.91 13.36
CA LEU A 130 -15.17 -5.92 13.63
C LEU A 130 -14.97 -6.47 15.03
N ALA A 131 -16.00 -6.38 15.83
CA ALA A 131 -15.96 -6.89 17.18
C ALA A 131 -16.37 -8.35 17.20
N LEU A 132 -15.54 -9.18 17.77
CA LEU A 132 -15.87 -10.58 17.98
C LEU A 132 -16.81 -10.68 19.16
N SER A 133 -17.62 -11.72 19.20
CA SER A 133 -18.53 -11.90 20.29
C SER A 133 -19.06 -13.35 20.25
N GLY A 134 -20.12 -13.60 21.00
CA GLY A 134 -20.71 -14.89 21.11
C GLY A 134 -21.28 -15.07 22.48
N ALA A 135 -21.29 -16.29 22.97
CA ALA A 135 -21.81 -16.58 24.31
C ALA A 135 -20.93 -15.98 25.38
N HIS A 136 -19.68 -15.72 25.02
CA HIS A 136 -18.71 -15.13 25.93
C HIS A 136 -18.94 -13.62 26.10
N GLY A 137 -19.71 -13.04 25.20
CA GLY A 137 -19.99 -11.63 25.27
C GLY A 137 -18.88 -10.81 24.67
N GLN A 138 -18.00 -10.28 25.51
CA GLN A 138 -16.91 -9.46 25.02
C GLN A 138 -15.77 -10.33 24.52
N GLU A 139 -15.47 -10.17 23.27
CA GLU A 139 -14.41 -10.89 22.63
C GLU A 139 -13.65 -9.78 21.84
N PRO A 140 -12.39 -9.96 21.38
CA PRO A 140 -11.58 -8.85 20.84
C PRO A 140 -12.13 -8.18 19.57
N GLN A 141 -11.88 -6.90 19.45
CA GLN A 141 -12.21 -6.15 18.27
C GLN A 141 -11.04 -6.13 17.35
N LEU A 142 -11.24 -6.60 16.16
CA LEU A 142 -10.18 -6.69 15.23
C LEU A 142 -10.40 -5.73 14.07
N THR A 143 -9.35 -5.28 13.48
CA THR A 143 -9.42 -4.31 12.44
C THR A 143 -9.19 -4.95 11.06
N ILE A 144 -9.95 -4.53 10.10
CA ILE A 144 -9.85 -4.97 8.73
C ILE A 144 -9.57 -3.75 7.90
N ASP A 145 -8.45 -3.70 7.28
CA ASP A 145 -8.10 -2.54 6.49
C ASP A 145 -8.01 -2.91 5.03
N LEU A 146 -8.89 -2.34 4.24
CA LEU A 146 -8.97 -2.62 2.82
C LEU A 146 -8.15 -1.64 2.04
N ASP A 147 -7.36 -2.16 1.14
CA ASP A 147 -6.60 -1.38 0.23
C ASP A 147 -7.04 -1.78 -1.15
N SER A 148 -7.64 -0.88 -1.85
CA SER A 148 -8.15 -1.19 -3.15
C SER A 148 -7.79 -0.12 -4.17
N ALA A 149 -7.85 -0.46 -5.44
CA ALA A 149 -7.49 0.44 -6.51
C ALA A 149 -8.46 0.34 -7.65
N ASP A 150 -8.40 1.33 -8.51
CA ASP A 150 -9.25 1.41 -9.70
C ASP A 150 -8.96 0.26 -10.69
N PHE A 151 -7.69 -0.09 -10.88
CA PHE A 151 -7.36 -1.19 -11.80
C PHE A 151 -7.43 -2.55 -11.11
N GLY A 152 -8.66 -3.02 -10.91
CA GLY A 152 -8.94 -4.37 -10.41
C GLY A 152 -8.09 -4.80 -9.23
N TYR A 153 -8.25 -4.15 -8.12
CA TYR A 153 -7.45 -4.48 -6.95
C TYR A 153 -8.20 -4.24 -5.67
N ALA A 154 -8.19 -5.24 -4.81
CA ALA A 154 -8.77 -5.17 -3.50
C ALA A 154 -8.03 -6.13 -2.57
N VAL A 155 -7.50 -5.60 -1.50
CA VAL A 155 -6.84 -6.37 -0.45
C VAL A 155 -7.33 -5.92 0.92
N GLY A 156 -7.54 -6.85 1.78
CA GLY A 156 -7.88 -6.55 3.13
C GLY A 156 -6.80 -7.12 4.01
N GLU A 157 -6.51 -6.46 5.08
CA GLU A 157 -5.55 -6.94 6.02
C GLU A 157 -6.30 -7.02 7.32
N VAL A 158 -6.38 -8.16 7.90
CA VAL A 158 -7.15 -8.30 9.11
C VAL A 158 -6.21 -8.48 10.29
N GLU A 159 -6.34 -7.61 11.26
CA GLU A 159 -5.46 -7.58 12.40
C GLU A 159 -6.25 -7.56 13.72
N ALA A 160 -6.01 -8.56 14.53
CA ALA A 160 -6.59 -8.67 15.88
C ALA A 160 -5.47 -8.63 16.91
N MET A 161 -5.77 -8.26 18.14
CA MET A 161 -4.73 -8.24 19.16
C MET A 161 -5.13 -9.12 20.33
N VAL A 162 -4.33 -10.11 20.59
CA VAL A 162 -4.55 -11.02 21.70
C VAL A 162 -3.36 -10.98 22.64
N HIS A 163 -3.60 -11.04 23.92
CA HIS A 163 -2.49 -10.96 24.87
C HIS A 163 -1.99 -12.37 25.16
N GLU A 164 -2.75 -13.34 24.72
CA GLU A 164 -2.48 -14.70 24.91
C GLU A 164 -2.24 -15.38 23.56
N LYS A 165 -1.15 -16.11 23.44
CA LYS A 165 -0.81 -16.81 22.21
C LYS A 165 -1.74 -18.02 22.01
N ALA A 166 -2.34 -18.48 23.09
CA ALA A 166 -3.25 -19.62 23.02
C ALA A 166 -4.57 -19.27 22.35
N GLU A 167 -4.95 -17.99 22.36
CA GLU A 167 -6.19 -17.61 21.70
C GLU A 167 -5.93 -17.06 20.31
N VAL A 168 -4.66 -17.10 19.90
CA VAL A 168 -4.28 -16.72 18.54
C VAL A 168 -5.03 -17.56 17.51
N PRO A 169 -4.94 -18.94 17.56
CA PRO A 169 -5.66 -19.80 16.61
C PRO A 169 -7.15 -19.49 16.60
N ALA A 170 -7.70 -19.17 17.77
CA ALA A 170 -9.10 -18.85 17.88
C ALA A 170 -9.44 -17.59 17.09
N ALA A 171 -8.77 -16.50 17.43
CA ALA A 171 -9.00 -15.22 16.77
C ALA A 171 -8.65 -15.28 15.29
N LEU A 172 -7.48 -15.82 14.99
CA LEU A 172 -6.99 -15.93 13.63
C LEU A 172 -7.91 -16.78 12.75
N GLU A 173 -8.42 -17.89 13.26
CA GLU A 173 -9.33 -18.71 12.48
C GLU A 173 -10.67 -18.02 12.23
N LYS A 174 -11.14 -17.24 13.20
CA LYS A 174 -12.33 -16.40 12.97
C LYS A 174 -12.06 -15.44 11.83
N ILE A 175 -10.87 -14.87 11.83
CA ILE A 175 -10.42 -13.97 10.79
C ILE A 175 -10.49 -14.64 9.42
N ILE A 176 -9.90 -15.81 9.31
CA ILE A 176 -9.82 -16.50 8.04
C ILE A 176 -11.22 -16.95 7.58
N THR A 177 -12.03 -17.43 8.53
CA THR A 177 -13.37 -17.94 8.22
C THR A 177 -14.29 -16.82 7.68
N VAL A 178 -14.29 -15.67 8.33
CA VAL A 178 -15.10 -14.56 7.87
C VAL A 178 -14.58 -14.06 6.52
N SER A 179 -13.29 -14.07 6.37
CA SER A 179 -12.68 -13.66 5.16
C SER A 179 -13.03 -14.60 4.00
N SER A 180 -12.84 -15.89 4.17
CA SER A 180 -13.16 -16.86 3.10
C SER A 180 -14.64 -16.79 2.67
N MET A 181 -15.49 -16.37 3.60
CA MET A 181 -16.91 -16.17 3.37
C MET A 181 -17.14 -14.93 2.49
N LEU A 182 -16.29 -13.97 2.67
CA LEU A 182 -16.33 -12.68 2.00
C LEU A 182 -15.49 -12.68 0.69
N GLY A 183 -14.53 -13.55 0.60
CA GLY A 183 -13.66 -13.58 -0.56
C GLY A 183 -12.68 -14.73 -0.50
N VAL A 184 -11.39 -14.44 -0.69
CA VAL A 184 -10.36 -15.48 -0.67
C VAL A 184 -9.14 -15.04 0.13
N PRO A 185 -8.67 -15.86 1.08
CA PRO A 185 -7.46 -15.58 1.86
C PRO A 185 -6.23 -15.37 0.96
N ALA A 186 -5.52 -14.30 1.19
CA ALA A 186 -4.37 -13.92 0.38
C ALA A 186 -3.08 -14.28 1.14
N GLN A 187 -1.92 -13.76 0.70
CA GLN A 187 -0.65 -14.16 1.35
C GLN A 187 0.54 -13.24 0.99
N GLU A 188 0.32 -12.27 0.13
CA GLU A 188 1.41 -11.45 -0.37
C GLU A 188 1.89 -10.42 0.64
N GLU A 189 3.11 -9.95 0.43
CA GLU A 189 3.79 -8.97 1.30
C GLU A 189 3.21 -7.53 1.16
N ALA A 190 1.90 -7.45 0.92
CA ALA A 190 1.15 -6.19 0.78
C ALA A 190 1.56 -5.38 -0.45
N PRO A 191 0.71 -5.34 -1.46
CA PRO A 191 0.97 -4.59 -2.64
C PRO A 191 0.60 -3.14 -2.49
N ALA A 192 1.46 -2.29 -2.94
CA ALA A 192 1.13 -0.91 -3.08
C ALA A 192 0.37 -0.77 -4.38
N LYS A 193 -0.25 0.38 -4.65
CA LYS A 193 -0.99 0.55 -5.93
C LYS A 193 -0.08 0.22 -7.11
N LEU A 194 1.11 0.76 -7.08
CA LEU A 194 2.09 0.53 -8.14
C LEU A 194 2.59 -0.89 -8.22
N MET A 195 2.52 -1.62 -7.13
CA MET A 195 2.86 -3.03 -7.16
C MET A 195 1.76 -3.76 -7.93
N VAL A 196 0.56 -3.21 -7.83
CA VAL A 196 -0.59 -3.71 -8.53
C VAL A 196 -0.51 -3.34 -10.00
N TYR A 197 -0.08 -2.10 -10.27
CA TYR A 197 0.13 -1.64 -11.64
C TYR A 197 1.05 -2.59 -12.34
N LEU A 198 2.05 -3.02 -11.64
CA LEU A 198 2.98 -3.91 -12.20
C LEU A 198 2.39 -5.30 -12.37
N GLN A 199 1.91 -5.95 -11.30
CA GLN A 199 1.38 -7.32 -11.44
C GLN A 199 0.24 -7.41 -12.48
N ARG A 200 -0.51 -6.33 -12.64
CA ARG A 200 -1.62 -6.28 -13.55
C ARG A 200 -1.13 -6.26 -15.02
N PHE A 201 -0.21 -5.33 -15.32
CA PHE A 201 0.25 -5.08 -16.70
C PHE A 201 1.62 -5.71 -17.04
N ARG A 202 2.46 -5.84 -16.06
CA ARG A 202 3.84 -6.28 -16.21
C ARG A 202 4.24 -7.21 -15.06
N PRO A 203 3.85 -8.50 -15.17
CA PRO A 203 3.97 -9.45 -14.08
C PRO A 203 5.42 -9.84 -13.78
N LEU A 204 6.23 -9.98 -14.78
CA LEU A 204 7.59 -10.38 -14.53
C LEU A 204 8.34 -9.19 -13.90
N ASP A 205 7.97 -7.99 -14.29
CA ASP A 205 8.56 -6.78 -13.76
C ASP A 205 8.16 -6.62 -12.30
N TYR A 206 6.91 -6.97 -12.02
CA TYR A 206 6.39 -7.03 -10.68
C TYR A 206 7.20 -8.01 -9.84
N GLN A 207 7.46 -9.18 -10.37
CA GLN A 207 8.26 -10.19 -9.67
C GLN A 207 9.63 -9.68 -9.29
N ARG A 208 10.27 -8.93 -10.21
CA ARG A 208 11.63 -8.39 -9.95
C ARG A 208 11.58 -7.59 -8.67
N LEU A 209 10.57 -6.77 -8.60
CA LEU A 209 10.31 -5.92 -7.49
C LEU A 209 9.84 -6.71 -6.26
N LEU A 210 8.87 -7.60 -6.45
CA LEU A 210 8.27 -8.38 -5.37
C LEU A 210 9.29 -9.14 -4.57
N GLU A 211 10.14 -9.86 -5.28
CA GLU A 211 11.18 -10.67 -4.67
C GLU A 211 12.11 -9.83 -3.80
N ALA A 212 12.29 -8.61 -4.21
CA ALA A 212 13.14 -7.63 -3.52
C ALA A 212 12.38 -6.87 -2.42
N ALA A 213 11.10 -6.68 -2.63
CA ALA A 213 10.24 -5.91 -1.75
C ALA A 213 9.40 -6.81 -0.89
N SER A 214 9.87 -8.02 -0.69
CA SER A 214 9.17 -8.96 0.08
C SER A 214 9.30 -8.69 1.60
N SER A 215 8.54 -7.72 2.05
CA SER A 215 8.44 -7.35 3.43
C SER A 215 7.05 -6.80 3.69
N GLY A 216 6.15 -7.66 4.10
CA GLY A 216 4.81 -7.26 4.34
C GLY A 216 4.30 -7.76 5.65
N GLU A 217 3.26 -7.15 6.13
CA GLU A 217 2.70 -7.46 7.42
C GLU A 217 1.84 -8.73 7.36
N ALA A 218 2.38 -9.80 7.93
CA ALA A 218 1.70 -11.08 8.05
C ALA A 218 2.56 -12.00 8.89
N THR A 219 2.32 -12.01 10.18
CA THR A 219 3.12 -12.82 11.06
C THR A 219 2.47 -14.18 11.33
N GLY A 220 1.47 -14.19 12.17
CA GLY A 220 0.79 -15.41 12.50
C GLY A 220 0.41 -15.45 13.96
N ASP A 221 1.36 -15.80 14.81
CA ASP A 221 1.10 -15.87 16.25
C ASP A 221 2.18 -15.12 17.02
N SER A 222 3.20 -14.70 16.33
CA SER A 222 4.29 -13.98 16.94
C SER A 222 4.58 -12.73 16.12
N ALA A 223 4.32 -11.57 16.70
CA ALA A 223 4.56 -10.32 16.01
C ALA A 223 6.04 -10.07 15.92
N SER A 224 6.71 -10.24 17.03
CA SER A 224 8.12 -10.18 17.05
C SER A 224 8.65 -11.60 16.81
N SER A 1 10.22 -9.32 16.81
CA SER A 1 9.21 -9.64 17.79
C SER A 1 9.00 -8.48 18.75
N ALA A 2 7.76 -8.18 19.02
CA ALA A 2 7.40 -7.15 19.96
C ALA A 2 6.82 -7.82 21.20
N GLN A 3 7.02 -7.22 22.35
CA GLN A 3 6.59 -7.78 23.61
C GLN A 3 5.10 -7.59 23.82
N GLY A 4 4.41 -8.68 24.08
CA GLY A 4 3.03 -8.60 24.44
C GLY A 4 2.08 -8.85 23.31
N LEU A 5 1.53 -7.79 22.78
CA LEU A 5 0.55 -7.90 21.73
C LEU A 5 1.16 -8.34 20.41
N ILE A 6 0.81 -9.53 20.06
CA ILE A 6 1.25 -10.18 18.86
C ILE A 6 0.40 -9.71 17.71
N GLU A 7 1.05 -9.19 16.71
CA GLU A 7 0.38 -8.74 15.54
C GLU A 7 0.11 -9.91 14.63
N VAL A 8 -1.12 -10.29 14.54
CA VAL A 8 -1.52 -11.31 13.64
C VAL A 8 -2.33 -10.68 12.55
N GLU A 9 -1.82 -10.72 11.37
CA GLU A 9 -2.48 -10.12 10.29
C GLU A 9 -2.85 -11.14 9.27
N ARG A 10 -3.91 -10.90 8.61
CA ARG A 10 -4.30 -11.72 7.53
C ARG A 10 -4.76 -10.83 6.44
N LYS A 11 -4.51 -11.21 5.28
CA LYS A 11 -4.88 -10.48 4.16
C LYS A 11 -5.88 -11.29 3.42
N PHE A 12 -6.76 -10.63 2.76
CA PHE A 12 -7.78 -11.29 2.02
C PHE A 12 -8.09 -10.49 0.77
N ALA A 13 -8.63 -11.16 -0.20
CA ALA A 13 -9.10 -10.54 -1.39
C ALA A 13 -10.60 -10.35 -1.24
N PRO A 14 -11.05 -9.11 -1.03
CA PRO A 14 -12.45 -8.82 -0.79
C PRO A 14 -13.30 -8.98 -2.03
N GLY A 15 -14.53 -9.38 -1.82
CA GLY A 15 -15.47 -9.46 -2.89
C GLY A 15 -16.14 -8.12 -3.07
N PRO A 16 -16.96 -7.94 -4.12
CA PRO A 16 -17.62 -6.66 -4.44
C PRO A 16 -18.52 -6.13 -3.31
N ASP A 17 -18.92 -7.01 -2.40
CA ASP A 17 -19.84 -6.60 -1.32
C ASP A 17 -19.20 -6.58 0.05
N THR A 18 -17.87 -6.59 0.13
CA THR A 18 -17.19 -6.59 1.39
C THR A 18 -17.58 -5.45 2.33
N GLU A 19 -17.63 -4.22 1.83
CA GLU A 19 -18.00 -3.07 2.69
C GLU A 19 -19.42 -3.24 3.20
N GLU A 20 -20.27 -3.73 2.33
CA GLU A 20 -21.67 -3.93 2.64
C GLU A 20 -21.81 -5.07 3.64
N ARG A 21 -21.04 -6.11 3.39
CA ARG A 21 -21.04 -7.31 4.21
C ARG A 21 -20.56 -6.93 5.62
N LEU A 22 -19.44 -6.18 5.69
CA LEU A 22 -18.85 -5.70 6.96
C LEU A 22 -19.85 -4.98 7.82
N GLN A 23 -20.63 -4.12 7.21
CA GLN A 23 -21.67 -3.38 7.91
C GLN A 23 -22.69 -4.35 8.54
N GLU A 24 -23.05 -5.37 7.77
CA GLU A 24 -23.98 -6.38 8.24
C GLU A 24 -23.33 -7.30 9.29
N LEU A 25 -22.03 -7.53 9.14
CA LEU A 25 -21.26 -8.38 10.05
C LEU A 25 -21.03 -7.67 11.37
N GLY A 26 -21.02 -6.36 11.33
CA GLY A 26 -20.85 -5.60 12.53
C GLY A 26 -19.54 -4.82 12.60
N ALA A 27 -18.86 -4.66 11.46
CA ALA A 27 -17.64 -3.87 11.47
C ALA A 27 -18.00 -2.40 11.39
N THR A 28 -17.33 -1.59 12.14
CA THR A 28 -17.60 -0.19 12.15
C THR A 28 -16.60 0.53 11.23
N LEU A 29 -17.09 1.45 10.44
CA LEU A 29 -16.26 2.19 9.52
C LEU A 29 -15.54 3.29 10.27
N GLU A 30 -14.25 3.32 10.12
CA GLU A 30 -13.43 4.31 10.74
C GLU A 30 -13.40 5.56 9.91
N HIS A 31 -12.86 5.41 8.74
CA HIS A 31 -12.69 6.51 7.82
C HIS A 31 -12.82 6.00 6.42
N ARG A 32 -13.20 6.87 5.53
CA ARG A 32 -13.40 6.54 4.16
C ARG A 32 -12.45 7.44 3.38
N VAL A 33 -11.55 6.86 2.63
CA VAL A 33 -10.57 7.62 1.89
C VAL A 33 -10.77 7.39 0.39
N THR A 34 -10.81 8.46 -0.37
CA THR A 34 -10.95 8.39 -1.81
C THR A 34 -10.11 9.47 -2.48
N PHE A 35 -9.27 9.06 -3.40
CA PHE A 35 -8.43 9.99 -4.15
C PHE A 35 -7.96 9.30 -5.41
N ARG A 36 -7.30 10.03 -6.26
CA ARG A 36 -6.80 9.48 -7.49
C ARG A 36 -5.29 9.56 -7.53
N ASP A 37 -4.67 8.56 -8.06
CA ASP A 37 -3.23 8.45 -8.10
C ASP A 37 -2.74 8.68 -9.48
N THR A 38 -1.75 9.49 -9.59
CA THR A 38 -1.12 9.75 -10.84
C THR A 38 0.36 9.44 -10.75
N TYR A 39 0.77 8.40 -11.43
CA TYR A 39 2.13 8.00 -11.48
C TYR A 39 2.76 8.47 -12.71
N TYR A 40 3.86 9.12 -12.55
CA TYR A 40 4.58 9.68 -13.64
C TYR A 40 5.90 9.02 -13.77
N ASP A 41 6.32 8.90 -14.97
CA ASP A 41 7.51 8.25 -15.34
C ASP A 41 7.80 8.70 -16.75
N THR A 42 8.94 8.42 -17.19
CA THR A 42 9.40 8.72 -18.50
C THR A 42 8.66 7.80 -19.50
N SER A 43 8.90 8.01 -20.77
CA SER A 43 8.32 7.21 -21.81
C SER A 43 8.87 5.76 -21.80
N GLU A 44 9.91 5.52 -21.02
CA GLU A 44 10.56 4.24 -20.98
C GLU A 44 10.29 3.49 -19.68
N LEU A 45 9.62 4.16 -18.73
CA LEU A 45 9.42 3.61 -17.36
C LEU A 45 10.76 3.41 -16.69
N SER A 46 11.65 4.29 -17.08
CA SER A 46 12.99 4.36 -16.59
C SER A 46 12.98 4.79 -15.12
N LEU A 47 11.99 5.60 -14.73
CA LEU A 47 11.92 6.15 -13.39
C LEU A 47 11.65 5.00 -12.40
N MET A 48 10.63 4.17 -12.72
CA MET A 48 10.26 3.00 -11.88
C MET A 48 11.44 2.08 -11.75
N LEU A 49 12.05 1.79 -12.87
CA LEU A 49 13.20 0.90 -12.96
C LEU A 49 14.46 1.51 -12.36
N SER A 50 14.38 2.77 -12.00
CA SER A 50 15.43 3.47 -11.33
C SER A 50 15.15 3.47 -9.82
N ASP A 51 14.04 2.81 -9.42
CA ASP A 51 13.58 2.73 -8.01
C ASP A 51 13.04 4.06 -7.54
N HIS A 52 12.69 4.89 -8.49
CA HIS A 52 12.16 6.20 -8.22
C HIS A 52 10.71 6.26 -8.66
N TRP A 53 9.83 6.18 -7.72
CA TRP A 53 8.41 6.12 -7.99
C TRP A 53 7.78 7.48 -7.68
N LEU A 54 7.03 8.05 -8.60
CA LEU A 54 6.44 9.37 -8.37
C LEU A 54 4.93 9.29 -8.38
N ARG A 55 4.31 9.80 -7.33
CA ARG A 55 2.87 9.71 -7.18
C ARG A 55 2.27 11.00 -6.67
N GLN A 56 1.43 11.58 -7.46
CA GLN A 56 0.64 12.72 -7.05
C GLN A 56 -0.76 12.26 -6.75
N ARG A 57 -1.21 12.53 -5.55
CA ARG A 57 -2.55 12.15 -5.20
C ARG A 57 -3.45 13.33 -5.43
N GLU A 58 -4.23 13.23 -6.52
CA GLU A 58 -5.13 14.29 -7.04
C GLU A 58 -4.41 15.62 -7.35
N GLY A 59 -4.15 16.36 -6.34
CA GLY A 59 -3.47 17.61 -6.42
C GLY A 59 -3.19 18.05 -5.03
N SER A 60 -3.08 17.05 -4.19
CA SER A 60 -2.92 17.24 -2.80
C SER A 60 -1.44 17.29 -2.44
N GLY A 61 -0.64 16.59 -3.19
CA GLY A 61 0.75 16.60 -2.92
C GLY A 61 1.49 15.50 -3.62
N TRP A 62 2.70 15.80 -3.97
CA TRP A 62 3.54 14.90 -4.67
C TRP A 62 4.30 14.03 -3.70
N GLU A 63 4.44 12.78 -4.05
CA GLU A 63 5.21 11.86 -3.27
C GLU A 63 6.17 11.14 -4.16
N LEU A 64 7.40 11.11 -3.76
CA LEU A 64 8.41 10.50 -4.54
C LEU A 64 9.13 9.45 -3.72
N LYS A 65 9.27 8.30 -4.27
CA LYS A 65 9.93 7.23 -3.61
C LYS A 65 11.35 7.18 -4.15
N CYS A 66 12.30 7.12 -3.29
CA CYS A 66 13.67 7.01 -3.69
C CYS A 66 14.33 5.89 -2.91
N PRO A 67 15.25 5.13 -3.53
CA PRO A 67 15.91 3.97 -2.89
C PRO A 67 16.97 4.36 -1.85
N GLY A 68 16.74 5.46 -1.13
CA GLY A 68 17.69 5.94 -0.11
C GLY A 68 18.97 6.45 -0.74
N VAL A 69 18.96 6.42 -2.03
CA VAL A 69 20.00 6.80 -2.85
C VAL A 69 19.41 7.71 -3.90
N THR A 70 19.96 8.87 -4.02
CA THR A 70 19.45 9.86 -4.92
C THR A 70 19.71 9.51 -6.39
N GLY A 71 20.94 9.52 -6.77
CA GLY A 71 21.32 9.18 -8.11
C GLY A 71 22.79 8.93 -8.19
N VAL A 72 23.33 8.42 -7.10
CA VAL A 72 24.75 8.19 -7.00
C VAL A 72 25.09 6.73 -7.20
N SER A 73 24.06 5.89 -7.16
CA SER A 73 24.23 4.45 -7.15
C SER A 73 25.08 4.02 -5.94
N GLY A 74 24.42 3.86 -4.83
CA GLY A 74 25.08 3.52 -3.60
C GLY A 74 24.77 2.10 -3.18
N PRO A 75 24.36 1.88 -1.92
CA PRO A 75 24.07 0.54 -1.41
C PRO A 75 22.60 0.11 -1.57
N HIS A 76 21.83 0.87 -2.39
CA HIS A 76 20.38 0.63 -2.60
C HIS A 76 19.68 0.52 -1.24
N ASN A 77 19.54 1.66 -0.63
CA ASN A 77 19.17 1.78 0.77
C ASN A 77 17.67 1.94 0.99
N GLU A 78 16.93 0.82 0.96
CA GLU A 78 15.47 0.80 1.24
C GLU A 78 14.74 1.87 0.44
N TYR A 79 13.64 2.34 0.92
CA TYR A 79 13.00 3.43 0.30
C TYR A 79 12.77 4.57 1.24
N VAL A 80 12.95 5.74 0.72
CA VAL A 80 12.72 6.97 1.39
C VAL A 80 11.61 7.65 0.63
N GLU A 81 10.77 8.37 1.31
CA GLU A 81 9.68 9.00 0.66
C GLU A 81 9.80 10.52 0.74
N VAL A 82 10.21 11.12 -0.36
CA VAL A 82 10.31 12.55 -0.44
C VAL A 82 8.94 13.14 -0.73
N THR A 83 8.46 13.97 0.15
CA THR A 83 7.20 14.60 -0.06
C THR A 83 7.37 16.10 -0.29
N SER A 84 8.54 16.61 0.02
CA SER A 84 8.83 18.03 -0.11
C SER A 84 9.15 18.36 -1.56
N GLU A 85 8.45 19.35 -2.12
CA GLU A 85 8.55 19.73 -3.53
C GLU A 85 9.98 19.97 -3.95
N ALA A 86 10.70 20.74 -3.16
CA ALA A 86 12.07 21.13 -3.51
C ALA A 86 13.01 19.93 -3.62
N ALA A 87 12.78 18.91 -2.81
CA ALA A 87 13.61 17.75 -2.85
C ALA A 87 13.23 16.88 -4.05
N ILE A 88 11.95 16.95 -4.45
CA ILE A 88 11.46 16.24 -5.61
C ILE A 88 12.00 16.91 -6.87
N VAL A 89 11.87 18.22 -6.93
CA VAL A 89 12.37 19.03 -8.04
C VAL A 89 13.86 18.77 -8.26
N ALA A 90 14.59 18.69 -7.16
CA ALA A 90 16.00 18.41 -7.20
C ALA A 90 16.25 16.98 -7.67
N GLN A 91 15.48 16.03 -7.11
CA GLN A 91 15.62 14.62 -7.43
C GLN A 91 15.33 14.39 -8.94
N LEU A 92 14.23 14.93 -9.43
CA LEU A 92 13.84 14.77 -10.84
C LEU A 92 14.88 15.37 -11.79
N PHE A 93 15.39 16.55 -11.47
CA PHE A 93 16.43 17.18 -12.28
C PHE A 93 17.69 16.35 -12.36
N GLU A 94 18.12 15.80 -11.25
CA GLU A 94 19.30 14.97 -11.24
C GLU A 94 19.03 13.60 -11.88
N LEU A 95 17.78 13.13 -11.78
CA LEU A 95 17.39 11.86 -12.40
C LEU A 95 17.32 11.96 -13.90
N LEU A 96 16.69 13.01 -14.41
CA LEU A 96 16.52 13.13 -15.84
C LEU A 96 17.74 13.66 -16.53
N GLY A 97 18.58 14.35 -15.81
CA GLY A 97 19.74 14.91 -16.43
C GLY A 97 19.39 16.20 -17.06
N SER A 98 18.60 16.94 -16.34
CA SER A 98 18.02 18.11 -16.83
C SER A 98 19.01 19.25 -16.99
N GLY A 99 19.59 19.68 -15.88
CA GLY A 99 20.34 20.91 -15.90
C GLY A 99 19.30 21.98 -15.97
N GLU A 100 19.05 22.48 -17.19
CA GLU A 100 17.89 23.34 -17.48
C GLU A 100 17.77 24.57 -16.58
N GLN A 101 16.61 25.17 -16.71
CA GLN A 101 16.17 26.25 -15.91
C GLN A 101 15.24 25.69 -14.84
N LYS A 102 15.75 25.53 -13.65
CA LYS A 102 15.00 24.87 -12.60
C LYS A 102 13.82 25.75 -12.16
N PRO A 103 12.59 25.19 -12.17
CA PRO A 103 11.39 25.93 -11.86
C PRO A 103 11.22 26.25 -10.37
N ALA A 104 10.57 25.34 -9.63
CA ALA A 104 10.30 25.50 -8.20
C ALA A 104 9.43 24.36 -7.69
N GLY A 105 8.34 24.11 -8.40
CA GLY A 105 7.43 23.08 -7.99
C GLY A 105 7.50 21.88 -8.90
N VAL A 106 6.95 20.79 -8.42
CA VAL A 106 7.01 19.52 -9.13
C VAL A 106 6.20 19.55 -10.41
N ALA A 107 5.05 20.21 -10.38
CA ALA A 107 4.18 20.29 -11.55
C ALA A 107 4.90 20.95 -12.74
N ALA A 108 5.73 21.91 -12.41
CA ALA A 108 6.48 22.62 -13.42
C ALA A 108 7.59 21.75 -14.01
N VAL A 109 8.28 20.97 -13.16
CA VAL A 109 9.36 20.10 -13.66
C VAL A 109 8.75 18.98 -14.49
N LEU A 110 7.57 18.58 -14.07
CA LEU A 110 6.84 17.50 -14.66
C LEU A 110 6.55 17.80 -16.13
N GLY A 111 6.01 18.98 -16.37
CA GLY A 111 5.67 19.38 -17.72
C GLY A 111 6.89 19.62 -18.57
N SER A 112 7.92 20.18 -17.96
CA SER A 112 9.15 20.49 -18.65
C SER A 112 9.92 19.22 -19.05
N LEU A 113 9.96 18.24 -18.14
CA LEU A 113 10.67 16.99 -18.38
C LEU A 113 9.79 15.98 -19.11
N LYS A 114 8.56 16.40 -19.39
CA LYS A 114 7.59 15.63 -20.21
C LYS A 114 7.21 14.31 -19.56
N LEU A 115 7.30 14.28 -18.25
CA LEU A 115 6.97 13.09 -17.49
C LEU A 115 5.49 12.82 -17.63
N GLN A 116 5.16 11.65 -18.09
CA GLN A 116 3.79 11.34 -18.36
C GLN A 116 3.22 10.46 -17.28
N GLU A 117 1.94 10.59 -17.04
CA GLU A 117 1.27 9.72 -16.21
C GLU A 117 1.11 8.42 -16.94
N VAL A 118 1.82 7.45 -16.46
CA VAL A 118 1.90 6.16 -17.05
C VAL A 118 1.03 5.18 -16.27
N ALA A 119 0.69 5.55 -15.07
CA ALA A 119 -0.13 4.73 -14.24
C ALA A 119 -1.05 5.60 -13.43
N SER A 120 -2.30 5.30 -13.46
CA SER A 120 -3.26 6.05 -12.74
C SER A 120 -4.21 5.08 -12.10
N PHE A 121 -4.57 5.35 -10.88
CA PHE A 121 -5.44 4.49 -10.13
C PHE A 121 -6.37 5.39 -9.36
N ILE A 122 -7.50 4.90 -8.98
CA ILE A 122 -8.36 5.64 -8.08
C ILE A 122 -8.45 4.85 -6.80
N THR A 123 -8.07 5.44 -5.71
CA THR A 123 -8.02 4.75 -4.48
C THR A 123 -9.30 4.94 -3.70
N THR A 124 -10.02 3.87 -3.56
CA THR A 124 -11.18 3.82 -2.78
C THR A 124 -10.81 2.97 -1.56
N ARG A 125 -10.69 3.58 -0.42
CA ARG A 125 -10.18 2.88 0.73
C ARG A 125 -11.06 3.09 1.95
N SER A 126 -11.37 2.03 2.63
CA SER A 126 -12.19 2.09 3.81
C SER A 126 -11.57 1.27 4.93
N SER A 127 -11.53 1.83 6.11
CA SER A 127 -10.99 1.15 7.24
C SER A 127 -12.14 0.80 8.19
N TRP A 128 -12.15 -0.41 8.69
CA TRP A 128 -13.24 -0.93 9.50
C TRP A 128 -12.66 -1.65 10.69
N LYS A 129 -13.36 -1.70 11.80
CA LYS A 129 -12.90 -2.55 12.90
C LYS A 129 -14.09 -3.33 13.40
N LEU A 130 -13.89 -4.53 13.84
CA LEU A 130 -14.99 -5.38 14.24
C LEU A 130 -14.66 -6.06 15.58
N ALA A 131 -15.60 -6.04 16.50
CA ALA A 131 -15.46 -6.71 17.77
C ALA A 131 -16.01 -8.11 17.64
N LEU A 132 -15.14 -9.09 17.68
CA LEU A 132 -15.55 -10.46 17.46
C LEU A 132 -16.21 -11.08 18.67
N SER A 133 -17.16 -11.92 18.37
CA SER A 133 -17.88 -12.68 19.34
C SER A 133 -18.34 -13.96 18.67
N GLY A 134 -17.68 -15.03 18.97
CA GLY A 134 -17.98 -16.29 18.36
C GLY A 134 -18.20 -17.35 19.38
N ALA A 135 -17.51 -17.26 20.49
CA ALA A 135 -17.66 -18.21 21.54
C ALA A 135 -18.42 -17.60 22.71
N HIS A 136 -17.69 -16.94 23.61
CA HIS A 136 -18.25 -16.30 24.81
C HIS A 136 -17.29 -15.27 25.34
N GLY A 137 -17.82 -14.27 26.02
CA GLY A 137 -17.01 -13.26 26.64
C GLY A 137 -16.61 -12.18 25.67
N GLN A 138 -15.56 -11.48 25.98
CA GLN A 138 -15.07 -10.47 25.10
C GLN A 138 -13.93 -11.05 24.32
N GLU A 139 -14.11 -11.15 23.05
CA GLU A 139 -13.14 -11.73 22.19
C GLU A 139 -12.42 -10.64 21.36
N PRO A 140 -11.27 -10.99 20.70
CA PRO A 140 -10.44 -10.02 19.96
C PRO A 140 -11.19 -9.01 19.12
N GLN A 141 -10.88 -7.76 19.34
CA GLN A 141 -11.43 -6.68 18.58
C GLN A 141 -10.34 -6.30 17.63
N LEU A 142 -10.60 -6.39 16.36
CA LEU A 142 -9.58 -6.21 15.37
C LEU A 142 -10.00 -5.27 14.27
N THR A 143 -9.05 -4.70 13.61
CA THR A 143 -9.28 -3.73 12.59
C THR A 143 -8.92 -4.28 11.18
N ILE A 144 -9.77 -3.94 10.21
CA ILE A 144 -9.68 -4.39 8.84
C ILE A 144 -9.55 -3.17 7.93
N ASP A 145 -8.62 -3.20 7.03
CA ASP A 145 -8.46 -2.08 6.11
C ASP A 145 -8.71 -2.57 4.67
N LEU A 146 -9.57 -1.87 3.96
CA LEU A 146 -9.86 -2.20 2.55
C LEU A 146 -9.35 -1.14 1.62
N ASP A 147 -8.46 -1.54 0.74
CA ASP A 147 -7.90 -0.64 -0.26
C ASP A 147 -8.25 -1.14 -1.65
N SER A 148 -9.00 -0.39 -2.37
CA SER A 148 -9.39 -0.78 -3.69
C SER A 148 -9.04 0.29 -4.72
N ALA A 149 -8.64 -0.15 -5.86
CA ALA A 149 -8.26 0.72 -6.93
C ALA A 149 -9.18 0.51 -8.09
N ASP A 150 -9.36 1.55 -8.88
CA ASP A 150 -10.16 1.48 -10.09
C ASP A 150 -9.58 0.45 -11.07
N PHE A 151 -8.28 0.26 -11.02
CA PHE A 151 -7.63 -0.75 -11.84
C PHE A 151 -7.66 -2.15 -11.16
N GLY A 152 -8.88 -2.74 -11.12
CA GLY A 152 -9.14 -4.15 -10.67
C GLY A 152 -8.78 -4.54 -9.21
N TYR A 153 -7.82 -3.90 -8.65
CA TYR A 153 -7.27 -4.24 -7.35
C TYR A 153 -8.17 -3.89 -6.18
N ALA A 154 -8.35 -4.86 -5.30
CA ALA A 154 -9.07 -4.70 -4.06
C ALA A 154 -8.37 -5.55 -3.00
N VAL A 155 -7.94 -4.94 -1.93
CA VAL A 155 -7.26 -5.68 -0.89
C VAL A 155 -7.96 -5.48 0.45
N GLY A 156 -7.86 -6.45 1.30
CA GLY A 156 -8.30 -6.35 2.62
C GLY A 156 -7.20 -6.82 3.52
N GLU A 157 -6.93 -6.10 4.57
CA GLU A 157 -5.87 -6.47 5.47
C GLU A 157 -6.45 -6.43 6.87
N VAL A 158 -6.40 -7.52 7.55
CA VAL A 158 -6.95 -7.60 8.88
C VAL A 158 -5.81 -7.63 9.86
N GLU A 159 -5.86 -6.77 10.83
CA GLU A 159 -4.85 -6.72 11.84
C GLU A 159 -5.47 -6.91 13.20
N ALA A 160 -5.06 -7.94 13.88
CA ALA A 160 -5.45 -8.19 15.23
C ALA A 160 -4.23 -8.31 16.10
N MET A 161 -4.29 -7.80 17.28
CA MET A 161 -3.19 -7.92 18.19
C MET A 161 -3.66 -8.66 19.42
N VAL A 162 -3.06 -9.77 19.71
CA VAL A 162 -3.41 -10.57 20.87
C VAL A 162 -2.31 -10.49 21.87
N HIS A 163 -2.61 -10.62 23.13
CA HIS A 163 -1.61 -10.34 24.13
C HIS A 163 -0.81 -11.58 24.50
N GLU A 164 -1.14 -12.68 23.85
CA GLU A 164 -0.41 -13.91 24.02
C GLU A 164 -0.67 -14.84 22.86
N LYS A 165 0.29 -15.70 22.59
CA LYS A 165 0.23 -16.63 21.45
C LYS A 165 -0.96 -17.59 21.57
N ALA A 166 -1.42 -17.81 22.80
CA ALA A 166 -2.54 -18.70 23.06
C ALA A 166 -3.83 -18.21 22.38
N GLU A 167 -3.92 -16.90 22.14
CA GLU A 167 -5.09 -16.32 21.50
C GLU A 167 -4.97 -16.36 19.98
N VAL A 168 -3.75 -16.57 19.48
CA VAL A 168 -3.48 -16.56 18.03
C VAL A 168 -4.36 -17.55 17.22
N PRO A 169 -4.40 -18.89 17.58
CA PRO A 169 -5.23 -19.86 16.86
C PRO A 169 -6.68 -19.42 16.75
N ALA A 170 -7.21 -18.92 17.86
CA ALA A 170 -8.59 -18.48 17.92
C ALA A 170 -8.81 -17.26 17.05
N ALA A 171 -8.04 -16.21 17.29
CA ALA A 171 -8.19 -14.95 16.57
C ALA A 171 -7.98 -15.11 15.08
N LEU A 172 -6.86 -15.70 14.70
CA LEU A 172 -6.46 -15.77 13.30
C LEU A 172 -7.44 -16.64 12.50
N GLU A 173 -7.89 -17.75 13.07
CA GLU A 173 -8.79 -18.64 12.36
C GLU A 173 -10.13 -17.90 12.14
N LYS A 174 -10.57 -17.16 13.16
CA LYS A 174 -11.79 -16.34 13.03
C LYS A 174 -11.59 -15.25 11.99
N ILE A 175 -10.37 -14.72 11.90
CA ILE A 175 -10.03 -13.74 10.87
C ILE A 175 -10.25 -14.37 9.49
N ILE A 176 -9.73 -15.58 9.30
CA ILE A 176 -9.88 -16.30 8.03
C ILE A 176 -11.36 -16.51 7.75
N THR A 177 -12.12 -16.82 8.80
CA THR A 177 -13.55 -17.02 8.70
C THR A 177 -14.22 -15.77 8.10
N VAL A 178 -13.91 -14.61 8.69
CA VAL A 178 -14.46 -13.36 8.21
C VAL A 178 -14.00 -13.08 6.79
N SER A 179 -12.73 -13.32 6.54
CA SER A 179 -12.14 -13.09 5.23
C SER A 179 -12.79 -13.97 4.16
N SER A 180 -13.12 -15.19 4.52
CA SER A 180 -13.72 -16.14 3.59
C SER A 180 -15.19 -15.76 3.30
N MET A 181 -15.85 -15.11 4.24
CA MET A 181 -17.21 -14.69 3.99
C MET A 181 -17.26 -13.36 3.26
N LEU A 182 -16.19 -12.61 3.37
CA LEU A 182 -16.08 -11.37 2.63
C LEU A 182 -15.58 -11.64 1.22
N GLY A 183 -14.86 -12.73 1.07
CA GLY A 183 -14.29 -13.09 -0.20
C GLY A 183 -13.36 -14.29 -0.09
N VAL A 184 -12.10 -14.11 -0.41
CA VAL A 184 -11.12 -15.19 -0.37
C VAL A 184 -9.84 -14.70 0.28
N PRO A 185 -9.33 -15.38 1.34
CA PRO A 185 -8.06 -14.99 1.99
C PRO A 185 -6.88 -14.93 0.99
N ALA A 186 -5.96 -14.02 1.25
CA ALA A 186 -4.81 -13.75 0.39
C ALA A 186 -3.51 -13.94 1.18
N GLN A 187 -2.35 -13.67 0.56
CA GLN A 187 -1.07 -14.05 1.21
C GLN A 187 0.12 -13.16 0.81
N GLU A 188 -0.05 -12.38 -0.23
CA GLU A 188 1.01 -11.53 -0.76
C GLU A 188 1.46 -10.46 0.24
N GLU A 189 2.63 -9.90 -0.01
CA GLU A 189 3.29 -8.90 0.87
C GLU A 189 2.65 -7.50 0.74
N ALA A 190 1.36 -7.48 0.43
CA ALA A 190 0.60 -6.25 0.19
C ALA A 190 1.04 -5.55 -1.07
N PRO A 191 0.31 -5.75 -2.15
CA PRO A 191 0.64 -5.13 -3.39
C PRO A 191 0.23 -3.69 -3.42
N ALA A 192 1.19 -2.80 -3.46
CA ALA A 192 0.88 -1.40 -3.64
C ALA A 192 0.24 -1.23 -5.02
N LYS A 193 -0.33 -0.08 -5.30
CA LYS A 193 -0.99 0.18 -6.59
C LYS A 193 -0.06 -0.20 -7.77
N LEU A 194 1.20 0.18 -7.67
CA LEU A 194 2.19 -0.16 -8.70
C LEU A 194 2.51 -1.63 -8.77
N MET A 195 2.38 -2.33 -7.66
CA MET A 195 2.58 -3.78 -7.64
C MET A 195 1.53 -4.46 -8.47
N VAL A 196 0.37 -3.86 -8.50
CA VAL A 196 -0.75 -4.35 -9.30
C VAL A 196 -0.52 -4.00 -10.76
N TYR A 197 -0.15 -2.73 -11.00
CA TYR A 197 0.16 -2.25 -12.33
C TYR A 197 1.20 -3.12 -12.96
N LEU A 198 2.21 -3.44 -12.19
CA LEU A 198 3.25 -4.24 -12.70
C LEU A 198 2.79 -5.68 -12.92
N GLN A 199 2.21 -6.33 -11.92
CA GLN A 199 1.85 -7.76 -12.09
C GLN A 199 0.95 -8.03 -13.29
N ARG A 200 0.03 -7.11 -13.57
CA ARG A 200 -0.83 -7.27 -14.70
C ARG A 200 -0.10 -7.00 -16.05
N PHE A 201 0.60 -5.88 -16.13
CA PHE A 201 1.22 -5.42 -17.40
C PHE A 201 2.68 -5.85 -17.60
N ARG A 202 3.42 -5.97 -16.53
CA ARG A 202 4.85 -6.20 -16.54
C ARG A 202 5.25 -7.04 -15.31
N PRO A 203 4.97 -8.36 -15.37
CA PRO A 203 5.08 -9.26 -14.24
C PRO A 203 6.50 -9.52 -13.76
N LEU A 204 7.48 -9.39 -14.62
CA LEU A 204 8.84 -9.68 -14.21
C LEU A 204 9.31 -8.53 -13.31
N ASP A 205 8.89 -7.31 -13.66
CA ASP A 205 9.23 -6.11 -12.88
C ASP A 205 8.65 -6.27 -11.50
N TYR A 206 7.41 -6.70 -11.49
CA TYR A 206 6.69 -6.95 -10.27
C TYR A 206 7.37 -7.98 -9.42
N GLN A 207 7.69 -9.12 -9.99
CA GLN A 207 8.29 -10.19 -9.26
C GLN A 207 9.58 -9.76 -8.55
N ARG A 208 10.45 -9.03 -9.25
CA ARG A 208 11.70 -8.57 -8.62
C ARG A 208 11.43 -7.67 -7.43
N LEU A 209 10.50 -6.77 -7.61
CA LEU A 209 10.09 -5.85 -6.56
C LEU A 209 9.35 -6.61 -5.44
N LEU A 210 8.59 -7.61 -5.84
CA LEU A 210 7.86 -8.47 -4.95
C LEU A 210 8.81 -9.21 -4.05
N GLU A 211 9.80 -9.85 -4.65
CA GLU A 211 10.80 -10.63 -3.92
C GLU A 211 11.55 -9.78 -2.92
N ALA A 212 11.68 -8.51 -3.23
CA ALA A 212 12.34 -7.57 -2.34
C ALA A 212 11.46 -7.36 -1.10
N ALA A 213 10.16 -7.24 -1.34
CA ALA A 213 9.19 -7.08 -0.27
C ALA A 213 8.93 -8.42 0.43
N SER A 214 9.18 -9.52 -0.27
CA SER A 214 9.01 -10.86 0.25
C SER A 214 9.93 -11.13 1.42
N SER A 215 11.06 -10.45 1.43
CA SER A 215 12.01 -10.59 2.48
C SER A 215 11.47 -9.87 3.72
N GLY A 216 10.86 -10.63 4.59
CA GLY A 216 10.31 -10.08 5.78
C GLY A 216 10.63 -10.90 6.99
N GLU A 217 10.61 -10.28 8.13
CA GLU A 217 10.88 -10.96 9.37
C GLU A 217 9.58 -11.61 9.88
N ALA A 218 9.71 -12.61 10.73
CA ALA A 218 8.54 -13.28 11.28
C ALA A 218 7.70 -12.32 12.09
N THR A 219 6.50 -12.13 11.66
CA THR A 219 5.61 -11.18 12.26
C THR A 219 4.74 -11.82 13.36
N GLY A 220 4.82 -11.25 14.55
CA GLY A 220 4.00 -11.67 15.65
C GLY A 220 4.50 -12.92 16.36
N ASP A 221 5.17 -12.73 17.49
CA ASP A 221 5.64 -13.84 18.33
C ASP A 221 6.06 -13.31 19.69
N SER A 222 5.27 -13.63 20.71
CA SER A 222 5.54 -13.20 22.07
C SER A 222 4.66 -13.99 23.04
N ALA A 223 4.99 -13.93 24.32
CA ALA A 223 4.25 -14.54 25.41
C ALA A 223 3.98 -16.02 25.23
N SER A 224 5.02 -16.80 25.35
CA SER A 224 4.99 -18.25 25.31
C SER A 224 6.31 -18.75 25.88
N SER A 1 4.90 -7.15 16.69
CA SER A 1 5.21 -7.99 17.83
C SER A 1 4.74 -7.30 19.12
N ALA A 2 3.71 -7.85 19.75
CA ALA A 2 3.19 -7.27 20.97
C ALA A 2 2.73 -8.35 21.93
N GLN A 3 2.92 -8.12 23.20
CA GLN A 3 2.49 -9.03 24.23
C GLN A 3 1.24 -8.50 24.89
N GLY A 4 0.57 -9.33 25.64
CA GLY A 4 -0.69 -8.96 26.20
C GLY A 4 -1.74 -9.17 25.14
N LEU A 5 -1.92 -8.20 24.32
CA LEU A 5 -2.71 -8.32 23.14
C LEU A 5 -1.80 -8.71 21.99
N ILE A 6 -1.80 -9.98 21.66
CA ILE A 6 -0.98 -10.53 20.60
C ILE A 6 -1.56 -10.11 19.26
N GLU A 7 -0.75 -9.53 18.43
CA GLU A 7 -1.20 -9.09 17.13
C GLU A 7 -1.12 -10.25 16.14
N VAL A 8 -2.26 -10.79 15.80
CA VAL A 8 -2.34 -11.83 14.81
C VAL A 8 -2.82 -11.17 13.52
N GLU A 9 -2.33 -11.64 12.42
CA GLU A 9 -2.61 -11.00 11.18
C GLU A 9 -2.85 -11.99 10.06
N ARG A 10 -3.71 -11.59 9.16
CA ARG A 10 -3.94 -12.25 7.90
C ARG A 10 -4.44 -11.27 6.91
N LYS A 11 -4.35 -11.64 5.69
CA LYS A 11 -4.69 -10.76 4.63
C LYS A 11 -5.63 -11.47 3.72
N PHE A 12 -6.35 -10.75 2.91
CA PHE A 12 -7.26 -11.35 1.99
C PHE A 12 -7.49 -10.46 0.80
N ALA A 13 -7.94 -11.06 -0.26
CA ALA A 13 -8.33 -10.36 -1.44
C ALA A 13 -9.85 -10.31 -1.44
N PRO A 14 -10.42 -9.16 -1.12
CA PRO A 14 -11.86 -9.00 -1.01
C PRO A 14 -12.56 -8.87 -2.36
N GLY A 15 -13.85 -9.11 -2.36
CA GLY A 15 -14.65 -8.96 -3.54
C GLY A 15 -15.13 -7.53 -3.70
N PRO A 16 -16.01 -7.26 -4.67
CA PRO A 16 -16.49 -5.90 -4.95
C PRO A 16 -17.51 -5.37 -3.93
N ASP A 17 -18.17 -6.26 -3.19
CA ASP A 17 -19.19 -5.81 -2.25
C ASP A 17 -18.73 -5.93 -0.81
N THR A 18 -17.44 -6.15 -0.60
CA THR A 18 -16.87 -6.34 0.70
C THR A 18 -17.29 -5.26 1.70
N GLU A 19 -17.25 -4.00 1.31
CA GLU A 19 -17.69 -2.93 2.19
C GLU A 19 -19.14 -3.08 2.59
N GLU A 20 -19.97 -3.44 1.64
CA GLU A 20 -21.38 -3.61 1.87
C GLU A 20 -21.60 -4.85 2.74
N ARG A 21 -20.86 -5.90 2.40
CA ARG A 21 -20.87 -7.15 3.10
C ARG A 21 -20.49 -6.91 4.58
N LEU A 22 -19.37 -6.21 4.80
CA LEU A 22 -18.86 -5.88 6.14
C LEU A 22 -19.89 -5.23 7.01
N GLN A 23 -20.57 -4.24 6.48
CA GLN A 23 -21.62 -3.53 7.20
C GLN A 23 -22.68 -4.53 7.65
N GLU A 24 -23.01 -5.45 6.78
CA GLU A 24 -24.00 -6.48 7.04
C GLU A 24 -23.46 -7.53 8.03
N LEU A 25 -22.17 -7.84 7.94
CA LEU A 25 -21.54 -8.85 8.79
C LEU A 25 -21.35 -8.33 10.20
N GLY A 26 -21.33 -7.03 10.33
CA GLY A 26 -21.19 -6.44 11.63
C GLY A 26 -19.95 -5.60 11.78
N ALA A 27 -19.16 -5.46 10.71
CA ALA A 27 -18.00 -4.61 10.80
C ALA A 27 -18.42 -3.18 10.56
N THR A 28 -17.92 -2.30 11.35
CA THR A 28 -18.27 -0.91 11.24
C THR A 28 -17.12 -0.14 10.61
N LEU A 29 -17.46 0.89 9.86
CA LEU A 29 -16.46 1.69 9.19
C LEU A 29 -15.87 2.67 10.18
N GLU A 30 -14.58 2.64 10.28
CA GLU A 30 -13.87 3.52 11.16
C GLU A 30 -13.54 4.79 10.42
N HIS A 31 -12.83 4.63 9.35
CA HIS A 31 -12.38 5.75 8.54
C HIS A 31 -12.39 5.32 7.11
N ARG A 32 -12.58 6.23 6.23
CA ARG A 32 -12.54 5.95 4.83
C ARG A 32 -11.98 7.15 4.09
N VAL A 33 -10.97 6.94 3.25
CA VAL A 33 -10.40 8.09 2.52
C VAL A 33 -10.46 7.82 1.04
N THR A 34 -10.71 8.84 0.26
CA THR A 34 -10.71 8.71 -1.16
C THR A 34 -10.00 9.90 -1.79
N PHE A 35 -9.00 9.63 -2.58
CA PHE A 35 -8.24 10.67 -3.26
C PHE A 35 -7.61 10.10 -4.49
N ARG A 36 -7.15 10.96 -5.36
CA ARG A 36 -6.50 10.51 -6.57
C ARG A 36 -5.01 10.54 -6.44
N ASP A 37 -4.39 9.48 -6.81
CA ASP A 37 -2.95 9.41 -6.86
C ASP A 37 -2.47 9.06 -8.25
N THR A 38 -1.75 10.00 -8.81
CA THR A 38 -1.29 9.93 -10.16
C THR A 38 0.23 9.74 -10.17
N TYR A 39 0.67 8.64 -10.75
CA TYR A 39 2.07 8.32 -10.81
C TYR A 39 2.61 8.52 -12.19
N TYR A 40 3.82 9.02 -12.25
CA TYR A 40 4.47 9.33 -13.50
C TYR A 40 5.72 8.54 -13.61
N ASP A 41 6.22 8.45 -14.81
CA ASP A 41 7.35 7.67 -15.13
C ASP A 41 7.83 8.14 -16.50
N THR A 42 8.99 7.76 -16.85
CA THR A 42 9.52 7.96 -18.14
C THR A 42 8.73 7.00 -19.07
N SER A 43 8.67 7.27 -20.36
CA SER A 43 7.90 6.45 -21.30
C SER A 43 8.30 4.96 -21.25
N GLU A 44 9.54 4.70 -20.86
CA GLU A 44 10.09 3.36 -20.86
C GLU A 44 9.93 2.69 -19.49
N LEU A 45 9.30 3.39 -18.54
CA LEU A 45 9.15 2.93 -17.14
C LEU A 45 10.49 2.82 -16.44
N SER A 46 11.39 3.63 -16.93
CA SER A 46 12.71 3.74 -16.42
C SER A 46 12.69 4.31 -14.98
N LEU A 47 11.72 5.17 -14.69
CA LEU A 47 11.64 5.81 -13.40
C LEU A 47 11.27 4.74 -12.35
N MET A 48 10.25 3.94 -12.71
CA MET A 48 9.69 2.83 -11.89
C MET A 48 10.79 1.86 -11.52
N LEU A 49 11.47 1.38 -12.54
CA LEU A 49 12.51 0.36 -12.42
C LEU A 49 13.75 0.86 -11.71
N SER A 50 13.78 2.14 -11.46
CA SER A 50 14.88 2.72 -10.74
C SER A 50 14.45 3.10 -9.31
N ASP A 51 13.26 2.59 -8.90
CA ASP A 51 12.72 2.79 -7.54
C ASP A 51 12.40 4.24 -7.26
N HIS A 52 12.16 5.01 -8.32
CA HIS A 52 11.75 6.38 -8.19
C HIS A 52 10.29 6.49 -8.50
N TRP A 53 9.51 6.58 -7.47
CA TRP A 53 8.06 6.59 -7.61
C TRP A 53 7.59 8.01 -7.48
N LEU A 54 7.06 8.54 -8.54
CA LEU A 54 6.60 9.91 -8.52
C LEU A 54 5.11 9.96 -8.43
N ARG A 55 4.61 10.70 -7.49
CA ARG A 55 3.21 10.78 -7.25
C ARG A 55 2.74 12.20 -7.03
N GLN A 56 1.69 12.56 -7.69
CA GLN A 56 0.97 13.76 -7.37
C GLN A 56 -0.18 13.30 -6.53
N ARG A 57 -0.26 13.70 -5.28
CA ARG A 57 -1.32 13.16 -4.47
C ARG A 57 -2.41 14.19 -4.39
N GLU A 58 -3.57 13.88 -4.98
CA GLU A 58 -4.82 14.71 -4.97
C GLU A 58 -4.61 16.19 -5.36
N GLY A 59 -3.51 16.47 -6.03
CA GLY A 59 -3.18 17.84 -6.38
C GLY A 59 -2.82 18.66 -5.15
N SER A 60 -2.42 17.96 -4.10
CA SER A 60 -2.01 18.59 -2.87
C SER A 60 -0.56 19.00 -3.02
N GLY A 61 0.20 18.10 -3.57
CA GLY A 61 1.58 18.31 -3.79
C GLY A 61 2.15 17.12 -4.48
N TRP A 62 3.43 17.11 -4.66
CA TRP A 62 4.09 16.01 -5.27
C TRP A 62 4.86 15.22 -4.24
N GLU A 63 5.16 14.00 -4.58
CA GLU A 63 5.92 13.11 -3.74
C GLU A 63 6.79 12.27 -4.62
N LEU A 64 8.01 12.10 -4.25
CA LEU A 64 8.90 11.27 -4.99
C LEU A 64 9.63 10.36 -4.04
N LYS A 65 9.42 9.09 -4.21
CA LYS A 65 10.08 8.14 -3.37
C LYS A 65 11.27 7.58 -4.11
N CYS A 66 12.35 7.48 -3.41
CA CYS A 66 13.59 7.02 -3.95
C CYS A 66 14.05 5.80 -3.15
N PRO A 67 14.93 4.92 -3.72
CA PRO A 67 15.44 3.66 -3.06
C PRO A 67 16.29 3.90 -1.80
N GLY A 68 15.77 4.71 -0.91
CA GLY A 68 16.40 4.96 0.37
C GLY A 68 17.40 6.05 0.30
N VAL A 69 18.11 6.08 -0.76
CA VAL A 69 19.12 7.05 -0.99
C VAL A 69 18.62 7.96 -2.10
N THR A 70 18.71 9.25 -1.90
CA THR A 70 18.19 10.20 -2.85
C THR A 70 19.08 10.26 -4.11
N GLY A 71 20.39 10.33 -3.93
CA GLY A 71 21.31 10.36 -5.06
C GLY A 71 21.47 9.01 -5.69
N VAL A 72 21.07 7.99 -4.95
CA VAL A 72 21.07 6.61 -5.35
C VAL A 72 22.48 6.05 -5.55
N SER A 73 23.07 5.64 -4.47
CA SER A 73 24.31 4.94 -4.51
C SER A 73 23.99 3.45 -4.69
N GLY A 74 22.96 3.05 -3.99
CA GLY A 74 22.44 1.73 -4.02
C GLY A 74 21.28 1.67 -3.07
N PRO A 75 20.31 0.76 -3.27
CA PRO A 75 19.16 0.63 -2.38
C PRO A 75 19.55 0.33 -0.93
N HIS A 76 19.54 1.36 -0.14
CA HIS A 76 19.87 1.32 1.27
C HIS A 76 18.96 2.27 1.96
N ASN A 77 18.65 2.02 3.23
CA ASN A 77 17.71 2.86 4.00
C ASN A 77 16.26 2.63 3.49
N GLU A 78 16.13 1.55 2.71
CA GLU A 78 14.88 1.11 2.08
C GLU A 78 14.32 2.14 1.11
N TYR A 79 13.53 3.05 1.61
CA TYR A 79 12.99 4.12 0.82
C TYR A 79 13.17 5.47 1.48
N VAL A 80 13.22 6.49 0.68
CA VAL A 80 13.28 7.86 1.14
C VAL A 80 12.23 8.64 0.36
N GLU A 81 11.53 9.51 1.02
CA GLU A 81 10.43 10.20 0.41
C GLU A 81 10.63 11.71 0.47
N VAL A 82 10.79 12.33 -0.68
CA VAL A 82 10.90 13.77 -0.75
C VAL A 82 9.61 14.35 -1.30
N THR A 83 9.09 15.37 -0.67
CA THR A 83 7.82 15.94 -1.07
C THR A 83 7.94 17.39 -1.51
N SER A 84 9.00 18.03 -1.11
CA SER A 84 9.24 19.40 -1.44
C SER A 84 9.55 19.50 -2.94
N GLU A 85 8.77 20.35 -3.64
CA GLU A 85 8.85 20.50 -5.09
C GLU A 85 10.26 20.75 -5.57
N ALA A 86 10.97 21.65 -4.94
CA ALA A 86 12.31 22.03 -5.36
C ALA A 86 13.30 20.86 -5.28
N ALA A 87 13.10 19.97 -4.32
CA ALA A 87 13.96 18.82 -4.17
C ALA A 87 13.68 17.83 -5.29
N ILE A 88 12.42 17.74 -5.64
CA ILE A 88 11.97 16.86 -6.68
C ILE A 88 12.39 17.40 -8.07
N VAL A 89 12.29 18.72 -8.26
CA VAL A 89 12.70 19.39 -9.51
C VAL A 89 14.15 19.05 -9.86
N ALA A 90 15.03 19.21 -8.89
CA ALA A 90 16.45 18.91 -9.08
C ALA A 90 16.66 17.42 -9.33
N GLN A 91 15.84 16.62 -8.67
CA GLN A 91 15.93 15.19 -8.76
C GLN A 91 15.56 14.70 -10.17
N LEU A 92 14.43 15.16 -10.67
CA LEU A 92 13.97 14.77 -12.01
C LEU A 92 14.98 15.16 -13.08
N PHE A 93 15.64 16.28 -12.89
CA PHE A 93 16.68 16.71 -13.81
C PHE A 93 17.86 15.75 -13.86
N GLU A 94 18.30 15.26 -12.72
CA GLU A 94 19.40 14.31 -12.75
C GLU A 94 18.92 12.93 -13.18
N LEU A 95 17.67 12.61 -12.89
CA LEU A 95 17.08 11.33 -13.28
C LEU A 95 16.89 11.25 -14.79
N LEU A 96 16.28 12.28 -15.37
CA LEU A 96 15.98 12.28 -16.80
C LEU A 96 17.14 12.69 -17.67
N GLY A 97 18.20 13.15 -17.07
CA GLY A 97 19.35 13.49 -17.84
C GLY A 97 19.18 14.82 -18.48
N SER A 98 18.69 15.73 -17.72
CA SER A 98 18.37 17.00 -18.20
C SER A 98 19.57 17.92 -18.16
N GLY A 99 19.66 18.75 -19.17
CA GLY A 99 20.67 19.77 -19.24
C GLY A 99 19.96 21.08 -19.44
N GLU A 100 18.70 21.05 -19.08
CA GLU A 100 17.77 22.12 -19.26
C GLU A 100 17.81 23.11 -18.14
N GLN A 101 16.93 24.06 -18.21
CA GLN A 101 16.78 25.09 -17.22
C GLN A 101 15.77 24.62 -16.20
N LYS A 102 15.97 24.95 -14.94
CA LYS A 102 14.99 24.61 -13.94
C LYS A 102 13.75 25.48 -14.10
N PRO A 103 12.60 24.83 -14.23
CA PRO A 103 11.33 25.52 -14.38
C PRO A 103 10.87 26.20 -13.11
N ALA A 104 10.43 25.40 -12.14
CA ALA A 104 9.93 25.89 -10.86
C ALA A 104 9.43 24.75 -10.01
N GLY A 105 8.40 24.09 -10.48
CA GLY A 105 7.79 23.02 -9.76
C GLY A 105 7.87 21.72 -10.50
N VAL A 106 7.40 20.67 -9.86
CA VAL A 106 7.46 19.34 -10.41
C VAL A 106 6.56 19.22 -11.63
N ALA A 107 5.40 19.81 -11.54
CA ALA A 107 4.44 19.79 -12.63
C ALA A 107 5.00 20.50 -13.86
N ALA A 108 5.92 21.40 -13.62
CA ALA A 108 6.57 22.12 -14.67
C ALA A 108 7.69 21.27 -15.30
N VAL A 109 8.47 20.55 -14.47
CA VAL A 109 9.54 19.67 -15.01
C VAL A 109 8.90 18.52 -15.75
N LEU A 110 7.73 18.16 -15.28
CA LEU A 110 6.92 17.10 -15.79
C LEU A 110 6.66 17.33 -17.28
N GLY A 111 6.24 18.54 -17.60
CA GLY A 111 5.96 18.90 -18.96
C GLY A 111 7.20 18.99 -19.80
N SER A 112 8.22 19.64 -19.27
CA SER A 112 9.47 19.83 -19.99
C SER A 112 10.18 18.51 -20.29
N LEU A 113 10.10 17.56 -19.38
CA LEU A 113 10.75 16.28 -19.56
C LEU A 113 9.82 15.27 -20.22
N LYS A 114 8.57 15.67 -20.41
CA LYS A 114 7.54 14.86 -21.11
C LYS A 114 7.25 13.56 -20.37
N LEU A 115 7.22 13.65 -19.08
CA LEU A 115 6.94 12.51 -18.23
C LEU A 115 5.50 12.12 -18.36
N GLN A 116 5.27 10.86 -18.55
CA GLN A 116 3.96 10.35 -18.76
C GLN A 116 3.41 9.84 -17.46
N GLU A 117 2.11 9.92 -17.31
CA GLU A 117 1.47 9.30 -16.25
C GLU A 117 1.38 7.83 -16.55
N VAL A 118 2.09 7.07 -15.79
CA VAL A 118 2.21 5.67 -16.01
C VAL A 118 0.97 4.95 -15.49
N ALA A 119 0.41 5.49 -14.43
CA ALA A 119 -0.80 4.98 -13.84
C ALA A 119 -1.38 5.99 -12.90
N SER A 120 -2.62 6.27 -13.07
CA SER A 120 -3.32 7.16 -12.22
C SER A 120 -4.53 6.43 -11.70
N PHE A 121 -4.62 6.29 -10.43
CA PHE A 121 -5.70 5.60 -9.84
C PHE A 121 -6.20 6.33 -8.61
N ILE A 122 -7.28 5.89 -8.08
CA ILE A 122 -7.87 6.49 -6.93
C ILE A 122 -7.68 5.58 -5.74
N THR A 123 -7.29 6.13 -4.63
CA THR A 123 -7.15 5.39 -3.42
C THR A 123 -8.39 5.51 -2.58
N THR A 124 -9.07 4.42 -2.44
CA THR A 124 -10.18 4.31 -1.58
C THR A 124 -9.75 3.49 -0.38
N ARG A 125 -9.61 4.13 0.73
CA ARG A 125 -9.20 3.46 1.93
C ARG A 125 -10.41 3.33 2.78
N SER A 126 -10.71 2.18 3.19
CA SER A 126 -11.83 1.97 4.01
C SER A 126 -11.44 1.07 5.16
N SER A 127 -11.45 1.60 6.33
CA SER A 127 -10.98 0.88 7.47
C SER A 127 -12.16 0.46 8.32
N TRP A 128 -12.22 -0.82 8.61
CA TRP A 128 -13.32 -1.40 9.30
C TRP A 128 -12.85 -2.03 10.57
N LYS A 129 -13.69 -2.10 11.52
CA LYS A 129 -13.40 -2.71 12.74
C LYS A 129 -14.60 -3.54 13.13
N LEU A 130 -14.34 -4.76 13.50
CA LEU A 130 -15.40 -5.67 13.84
C LEU A 130 -15.13 -6.17 15.24
N ALA A 131 -16.05 -5.91 16.12
CA ALA A 131 -15.92 -6.32 17.48
C ALA A 131 -16.55 -7.68 17.67
N LEU A 132 -15.72 -8.67 17.91
CA LEU A 132 -16.22 -9.99 18.18
C LEU A 132 -16.61 -10.08 19.63
N SER A 133 -17.74 -10.68 19.88
CA SER A 133 -18.29 -10.82 21.21
C SER A 133 -19.53 -11.71 21.18
N GLY A 134 -20.17 -11.76 20.01
CA GLY A 134 -21.37 -12.54 19.88
C GLY A 134 -22.53 -11.82 20.52
N ALA A 135 -23.27 -12.49 21.33
CA ALA A 135 -24.37 -11.85 22.03
C ALA A 135 -23.83 -11.13 23.24
N HIS A 136 -22.91 -11.79 23.92
CA HIS A 136 -22.24 -11.25 25.09
C HIS A 136 -21.05 -12.15 25.40
N GLY A 137 -19.89 -11.56 25.57
CA GLY A 137 -18.71 -12.33 25.88
C GLY A 137 -17.47 -11.62 25.45
N GLN A 138 -16.31 -12.14 25.82
CA GLN A 138 -15.07 -11.50 25.46
C GLN A 138 -14.36 -12.21 24.34
N GLU A 139 -14.24 -11.52 23.24
CA GLU A 139 -13.50 -11.95 22.07
C GLU A 139 -12.74 -10.71 21.58
N PRO A 140 -11.81 -10.81 20.59
CA PRO A 140 -11.05 -9.63 20.14
C PRO A 140 -11.86 -8.67 19.24
N GLN A 141 -11.56 -7.40 19.36
CA GLN A 141 -12.12 -6.37 18.52
C GLN A 141 -11.11 -6.14 17.44
N LEU A 142 -11.33 -6.66 16.28
CA LEU A 142 -10.29 -6.64 15.30
C LEU A 142 -10.53 -5.65 14.19
N THR A 143 -9.46 -5.23 13.57
CA THR A 143 -9.50 -4.23 12.54
C THR A 143 -9.33 -4.91 11.17
N ILE A 144 -10.12 -4.52 10.23
CA ILE A 144 -10.02 -4.98 8.87
C ILE A 144 -9.85 -3.76 8.03
N ASP A 145 -8.75 -3.63 7.39
CA ASP A 145 -8.55 -2.43 6.63
C ASP A 145 -8.53 -2.77 5.16
N LEU A 146 -9.36 -2.10 4.42
CA LEU A 146 -9.43 -2.30 3.00
C LEU A 146 -8.87 -1.13 2.26
N ASP A 147 -8.03 -1.40 1.34
CA ASP A 147 -7.53 -0.37 0.48
C ASP A 147 -7.89 -0.78 -0.93
N SER A 148 -8.52 0.09 -1.65
CA SER A 148 -8.95 -0.21 -2.98
C SER A 148 -8.48 0.87 -3.96
N ALA A 149 -8.55 0.57 -5.24
CA ALA A 149 -8.08 1.46 -6.25
C ALA A 149 -9.00 1.51 -7.44
N ASP A 150 -8.78 2.50 -8.25
CA ASP A 150 -9.46 2.63 -9.54
C ASP A 150 -8.86 1.67 -10.57
N PHE A 151 -7.62 1.27 -10.33
CA PHE A 151 -6.88 0.45 -11.29
C PHE A 151 -7.31 -1.03 -11.30
N GLY A 152 -7.69 -1.56 -10.17
CA GLY A 152 -8.00 -2.97 -10.07
C GLY A 152 -7.22 -3.55 -8.93
N TYR A 153 -7.51 -3.04 -7.77
CA TYR A 153 -6.80 -3.31 -6.56
C TYR A 153 -7.75 -3.23 -5.39
N ALA A 154 -7.75 -4.25 -4.59
CA ALA A 154 -8.49 -4.28 -3.38
C ALA A 154 -7.78 -5.20 -2.42
N VAL A 155 -7.25 -4.67 -1.37
CA VAL A 155 -6.58 -5.48 -0.39
C VAL A 155 -7.34 -5.40 0.92
N GLY A 156 -7.46 -6.50 1.58
CA GLY A 156 -8.03 -6.53 2.87
C GLY A 156 -6.99 -7.02 3.82
N GLU A 157 -6.79 -6.34 4.90
CA GLU A 157 -5.74 -6.71 5.82
C GLU A 157 -6.36 -6.75 7.20
N VAL A 158 -6.26 -7.86 7.87
CA VAL A 158 -6.90 -8.00 9.15
C VAL A 158 -5.90 -8.02 10.29
N GLU A 159 -6.19 -7.21 11.28
CA GLU A 159 -5.43 -7.11 12.49
C GLU A 159 -6.33 -7.54 13.63
N ALA A 160 -5.94 -8.54 14.32
CA ALA A 160 -6.63 -8.92 15.52
C ALA A 160 -5.65 -9.01 16.64
N MET A 161 -5.94 -8.38 17.73
CA MET A 161 -5.07 -8.47 18.85
C MET A 161 -5.80 -9.22 19.94
N VAL A 162 -5.23 -10.30 20.35
CA VAL A 162 -5.86 -11.19 21.30
C VAL A 162 -5.15 -11.13 22.62
N HIS A 163 -5.89 -11.06 23.68
CA HIS A 163 -5.28 -10.89 24.98
C HIS A 163 -4.85 -12.24 25.52
N GLU A 164 -5.40 -13.29 24.98
CA GLU A 164 -5.01 -14.60 25.38
C GLU A 164 -4.22 -15.19 24.28
N LYS A 165 -3.14 -15.79 24.60
CA LYS A 165 -2.37 -16.48 23.62
C LYS A 165 -3.08 -17.79 23.26
N ALA A 166 -3.99 -18.19 24.11
CA ALA A 166 -4.74 -19.42 23.92
C ALA A 166 -5.77 -19.27 22.80
N GLU A 167 -6.16 -18.04 22.50
CA GLU A 167 -7.18 -17.80 21.48
C GLU A 167 -6.54 -17.44 20.14
N VAL A 168 -5.21 -17.39 20.10
CA VAL A 168 -4.44 -17.02 18.89
C VAL A 168 -4.85 -17.86 17.64
N PRO A 169 -4.75 -19.23 17.68
CA PRO A 169 -5.14 -20.06 16.53
C PRO A 169 -6.62 -19.89 16.17
N ALA A 170 -7.45 -19.74 17.20
CA ALA A 170 -8.87 -19.59 17.05
C ALA A 170 -9.20 -18.32 16.28
N ALA A 171 -8.68 -17.20 16.77
CA ALA A 171 -8.90 -15.90 16.17
C ALA A 171 -8.36 -15.85 14.76
N LEU A 172 -7.22 -16.48 14.54
CA LEU A 172 -6.58 -16.51 13.23
C LEU A 172 -7.54 -17.18 12.23
N GLU A 173 -8.16 -18.28 12.64
CA GLU A 173 -9.09 -18.98 11.78
C GLU A 173 -10.37 -18.17 11.55
N LYS A 174 -10.80 -17.43 12.57
CA LYS A 174 -11.94 -16.52 12.40
C LYS A 174 -11.63 -15.48 11.33
N ILE A 175 -10.40 -14.97 11.36
CA ILE A 175 -9.92 -14.04 10.36
C ILE A 175 -10.02 -14.67 8.97
N ILE A 176 -9.49 -15.88 8.83
CA ILE A 176 -9.53 -16.60 7.56
C ILE A 176 -10.97 -16.83 7.10
N THR A 177 -11.84 -17.15 8.03
CA THR A 177 -13.25 -17.35 7.74
C THR A 177 -13.87 -16.07 7.16
N VAL A 178 -13.62 -14.93 7.81
CA VAL A 178 -14.12 -13.65 7.32
C VAL A 178 -13.48 -13.31 5.98
N SER A 179 -12.21 -13.65 5.85
CA SER A 179 -11.47 -13.43 4.61
C SER A 179 -12.09 -14.19 3.45
N SER A 180 -12.41 -15.45 3.66
CA SER A 180 -13.01 -16.27 2.64
C SER A 180 -14.46 -15.84 2.38
N MET A 181 -15.10 -15.32 3.41
CA MET A 181 -16.46 -14.84 3.32
C MET A 181 -16.53 -13.62 2.42
N LEU A 182 -15.53 -12.77 2.54
CA LEU A 182 -15.47 -11.54 1.76
C LEU A 182 -14.81 -11.76 0.41
N GLY A 183 -13.96 -12.74 0.33
CA GLY A 183 -13.26 -13.01 -0.91
C GLY A 183 -12.37 -14.21 -0.81
N VAL A 184 -11.12 -14.03 -1.08
CA VAL A 184 -10.15 -15.11 -1.04
C VAL A 184 -9.01 -14.73 -0.10
N PRO A 185 -8.67 -15.58 0.89
CA PRO A 185 -7.57 -15.30 1.83
C PRO A 185 -6.22 -15.11 1.12
N ALA A 186 -5.40 -14.24 1.66
CA ALA A 186 -4.11 -13.93 1.09
C ALA A 186 -3.04 -13.89 2.18
N GLN A 187 -1.85 -13.47 1.81
CA GLN A 187 -0.70 -13.47 2.73
C GLN A 187 0.34 -12.49 2.22
N GLU A 188 -0.06 -11.75 1.17
CA GLU A 188 0.80 -10.89 0.37
C GLU A 188 1.68 -9.98 1.21
N GLU A 189 2.89 -9.80 0.75
CA GLU A 189 3.77 -8.81 1.33
C GLU A 189 3.26 -7.50 0.81
N ALA A 190 2.42 -6.86 1.63
CA ALA A 190 1.67 -5.64 1.29
C ALA A 190 2.46 -4.68 0.43
N PRO A 191 2.18 -4.66 -0.88
CA PRO A 191 2.88 -3.84 -1.80
C PRO A 191 2.31 -2.47 -1.87
N ALA A 192 3.10 -1.57 -2.36
CA ALA A 192 2.65 -0.25 -2.67
C ALA A 192 1.63 -0.42 -3.79
N LYS A 193 0.68 0.44 -3.88
CA LYS A 193 -0.39 0.25 -4.82
C LYS A 193 0.09 0.32 -6.27
N LEU A 194 0.97 1.23 -6.54
CA LEU A 194 1.54 1.40 -7.86
C LEU A 194 2.46 0.16 -8.18
N MET A 195 2.95 -0.48 -7.13
CA MET A 195 3.75 -1.71 -7.26
C MET A 195 2.75 -2.81 -7.77
N VAL A 196 1.50 -2.70 -7.33
CA VAL A 196 0.42 -3.58 -7.79
C VAL A 196 0.13 -3.34 -9.27
N TYR A 197 0.25 -2.08 -9.70
CA TYR A 197 0.15 -1.74 -11.11
C TYR A 197 1.09 -2.60 -11.92
N LEU A 198 2.29 -2.77 -11.42
CA LEU A 198 3.23 -3.62 -12.09
C LEU A 198 2.73 -5.06 -12.13
N GLN A 199 2.20 -5.55 -11.01
CA GLN A 199 1.71 -6.95 -10.91
C GLN A 199 0.75 -7.29 -12.02
N ARG A 200 -0.12 -6.38 -12.29
CA ARG A 200 -1.16 -6.55 -13.29
C ARG A 200 -0.60 -6.55 -14.74
N PHE A 201 0.19 -5.55 -15.08
CA PHE A 201 0.68 -5.41 -16.47
C PHE A 201 2.05 -6.03 -16.73
N ARG A 202 2.78 -6.30 -15.68
CA ARG A 202 4.16 -6.74 -15.78
C ARG A 202 4.56 -7.54 -14.52
N PRO A 203 4.09 -8.81 -14.44
CA PRO A 203 4.29 -9.67 -13.27
C PRO A 203 5.74 -10.01 -12.97
N LEU A 204 6.54 -10.24 -13.99
CA LEU A 204 7.96 -10.57 -13.75
C LEU A 204 8.68 -9.39 -13.27
N ASP A 205 8.33 -8.25 -13.82
CA ASP A 205 8.92 -6.99 -13.44
C ASP A 205 8.62 -6.78 -11.96
N TYR A 206 7.37 -7.01 -11.63
CA TYR A 206 6.88 -6.98 -10.27
C TYR A 206 7.62 -7.96 -9.34
N GLN A 207 7.69 -9.23 -9.72
CA GLN A 207 8.33 -10.25 -8.89
C GLN A 207 9.78 -9.96 -8.61
N ARG A 208 10.46 -9.42 -9.60
CA ARG A 208 11.85 -9.00 -9.48
C ARG A 208 11.98 -8.02 -8.32
N LEU A 209 11.06 -7.07 -8.28
CA LEU A 209 11.00 -6.10 -7.20
C LEU A 209 10.53 -6.73 -5.88
N LEU A 210 9.42 -7.47 -5.95
CA LEU A 210 8.76 -8.05 -4.79
C LEU A 210 9.66 -8.96 -3.98
N GLU A 211 10.31 -9.90 -4.65
CA GLU A 211 11.16 -10.89 -3.97
C GLU A 211 12.31 -10.21 -3.27
N ALA A 212 12.73 -9.11 -3.81
CA ALA A 212 13.82 -8.33 -3.23
C ALA A 212 13.30 -7.53 -2.03
N ALA A 213 12.13 -6.98 -2.18
CA ALA A 213 11.48 -6.16 -1.16
C ALA A 213 10.45 -6.99 -0.38
N SER A 214 10.74 -8.27 -0.20
CA SER A 214 9.81 -9.18 0.43
C SER A 214 9.73 -8.96 1.92
N SER A 215 8.92 -8.03 2.24
CA SER A 215 8.59 -7.58 3.55
C SER A 215 7.35 -6.74 3.35
N GLY A 216 7.35 -6.03 2.20
CA GLY A 216 6.29 -5.16 1.85
C GLY A 216 6.25 -3.95 2.75
N GLU A 217 5.19 -3.24 2.71
CA GLU A 217 4.99 -2.13 3.57
C GLU A 217 3.92 -2.55 4.55
N ALA A 218 4.36 -2.97 5.72
CA ALA A 218 3.48 -3.51 6.74
C ALA A 218 2.39 -2.54 7.14
N THR A 219 1.26 -3.09 7.54
CA THR A 219 0.11 -2.33 7.90
C THR A 219 0.36 -1.56 9.21
N GLY A 220 0.54 -0.26 9.10
CA GLY A 220 0.74 0.56 10.25
C GLY A 220 -0.53 1.32 10.57
N ASP A 221 -1.45 1.31 9.64
CA ASP A 221 -2.73 1.98 9.80
C ASP A 221 -3.69 1.08 10.55
N SER A 222 -4.01 1.47 11.74
CA SER A 222 -4.88 0.70 12.56
C SER A 222 -6.04 1.62 13.01
N ALA A 223 -7.04 1.04 13.65
CA ALA A 223 -8.19 1.83 14.09
C ALA A 223 -7.80 2.69 15.27
N SER A 224 -7.31 2.05 16.31
CA SER A 224 -6.86 2.71 17.53
C SER A 224 -6.16 1.69 18.45
N SER A 1 10.15 -10.58 19.74
CA SER A 1 9.64 -10.64 21.11
C SER A 1 8.20 -10.14 21.14
N ALA A 2 7.28 -11.01 21.53
CA ALA A 2 5.90 -10.65 21.56
C ALA A 2 5.19 -11.29 22.74
N GLN A 3 5.02 -10.52 23.79
CA GLN A 3 4.25 -10.93 24.95
C GLN A 3 3.33 -9.81 25.33
N GLY A 4 2.12 -9.98 24.95
CA GLY A 4 1.11 -8.98 25.11
C GLY A 4 0.16 -9.14 23.99
N LEU A 5 -0.11 -8.10 23.26
CA LEU A 5 -0.94 -8.21 22.09
C LEU A 5 -0.12 -8.62 20.86
N ILE A 6 -0.20 -9.90 20.53
CA ILE A 6 0.48 -10.46 19.37
C ILE A 6 -0.30 -10.08 18.12
N GLU A 7 0.37 -9.48 17.18
CA GLU A 7 -0.25 -9.05 15.96
C GLU A 7 -0.33 -10.20 14.98
N VAL A 8 -1.52 -10.65 14.72
CA VAL A 8 -1.77 -11.70 13.78
C VAL A 8 -2.60 -11.15 12.64
N GLU A 9 -2.17 -11.39 11.45
CA GLU A 9 -2.85 -10.83 10.31
C GLU A 9 -2.89 -11.77 9.14
N ARG A 10 -3.78 -11.45 8.22
CA ARG A 10 -3.89 -12.11 6.93
C ARG A 10 -4.53 -11.18 5.97
N LYS A 11 -4.20 -11.35 4.74
CA LYS A 11 -4.82 -10.61 3.68
C LYS A 11 -5.99 -11.36 3.19
N PHE A 12 -6.76 -10.72 2.39
CA PHE A 12 -7.84 -11.34 1.71
C PHE A 12 -8.19 -10.55 0.48
N ALA A 13 -8.60 -11.24 -0.55
CA ALA A 13 -9.06 -10.62 -1.76
C ALA A 13 -10.58 -10.65 -1.75
N PRO A 14 -11.20 -9.53 -1.37
CA PRO A 14 -12.64 -9.45 -1.20
C PRO A 14 -13.39 -9.14 -2.49
N GLY A 15 -14.69 -9.29 -2.43
CA GLY A 15 -15.56 -8.97 -3.54
C GLY A 15 -15.89 -7.48 -3.55
N PRO A 16 -16.76 -7.02 -4.45
CA PRO A 16 -17.08 -5.60 -4.60
C PRO A 16 -18.13 -5.10 -3.60
N ASP A 17 -18.70 -6.00 -2.82
CA ASP A 17 -19.76 -5.63 -1.89
C ASP A 17 -19.26 -5.69 -0.46
N THR A 18 -17.99 -5.98 -0.30
CA THR A 18 -17.38 -6.15 0.98
C THR A 18 -17.65 -4.99 1.95
N GLU A 19 -17.46 -3.76 1.49
CA GLU A 19 -17.72 -2.59 2.33
C GLU A 19 -19.17 -2.59 2.81
N GLU A 20 -20.08 -2.92 1.92
CA GLU A 20 -21.49 -2.95 2.22
C GLU A 20 -21.79 -4.12 3.14
N ARG A 21 -21.18 -5.26 2.86
CA ARG A 21 -21.35 -6.47 3.62
C ARG A 21 -20.86 -6.23 5.04
N LEU A 22 -19.72 -5.56 5.18
CA LEU A 22 -19.13 -5.20 6.49
C LEU A 22 -20.08 -4.41 7.33
N GLN A 23 -20.75 -3.46 6.72
CA GLN A 23 -21.75 -2.67 7.41
C GLN A 23 -22.86 -3.57 7.95
N GLU A 24 -23.23 -4.56 7.16
CA GLU A 24 -24.25 -5.53 7.55
C GLU A 24 -23.70 -6.49 8.61
N LEU A 25 -22.42 -6.86 8.48
CA LEU A 25 -21.72 -7.76 9.42
C LEU A 25 -21.56 -7.07 10.76
N GLY A 26 -21.54 -5.77 10.73
CA GLY A 26 -21.45 -5.02 11.95
C GLY A 26 -20.11 -4.38 12.13
N ALA A 27 -19.29 -4.33 11.08
CA ALA A 27 -18.01 -3.69 11.20
C ALA A 27 -18.20 -2.19 11.17
N THR A 28 -17.45 -1.51 11.99
CA THR A 28 -17.55 -0.08 12.09
C THR A 28 -16.42 0.56 11.28
N LEU A 29 -16.74 1.60 10.56
CA LEU A 29 -15.79 2.28 9.71
C LEU A 29 -14.85 3.13 10.55
N GLU A 30 -13.57 2.86 10.40
CA GLU A 30 -12.53 3.54 11.14
C GLU A 30 -12.03 4.75 10.38
N HIS A 31 -11.57 4.53 9.17
CA HIS A 31 -10.98 5.58 8.33
C HIS A 31 -11.31 5.27 6.90
N ARG A 32 -11.42 6.27 6.07
CA ARG A 32 -11.55 6.06 4.66
C ARG A 32 -10.90 7.14 3.85
N VAL A 33 -10.35 6.75 2.73
CA VAL A 33 -9.72 7.66 1.82
C VAL A 33 -10.22 7.42 0.42
N THR A 34 -10.47 8.48 -0.28
CA THR A 34 -10.73 8.39 -1.68
C THR A 34 -9.96 9.51 -2.35
N PHE A 35 -9.12 9.13 -3.28
CA PHE A 35 -8.30 10.05 -4.05
C PHE A 35 -7.69 9.35 -5.23
N ARG A 36 -7.46 10.10 -6.28
CA ARG A 36 -6.90 9.55 -7.49
C ARG A 36 -5.38 9.64 -7.47
N ASP A 37 -4.73 8.58 -7.81
CA ASP A 37 -3.28 8.58 -7.86
C ASP A 37 -2.81 8.52 -9.27
N THR A 38 -1.76 9.26 -9.54
CA THR A 38 -1.20 9.35 -10.86
C THR A 38 0.31 9.13 -10.82
N TYR A 39 0.78 8.09 -11.49
CA TYR A 39 2.18 7.87 -11.62
C TYR A 39 2.68 8.36 -12.93
N TYR A 40 3.77 9.03 -12.87
CA TYR A 40 4.42 9.59 -14.02
C TYR A 40 5.74 8.93 -14.16
N ASP A 41 6.22 8.87 -15.37
CA ASP A 41 7.42 8.17 -15.68
C ASP A 41 7.89 8.65 -17.03
N THR A 42 9.08 8.31 -17.33
CA THR A 42 9.70 8.52 -18.56
C THR A 42 9.01 7.52 -19.56
N SER A 43 9.09 7.76 -20.86
CA SER A 43 8.39 6.93 -21.86
C SER A 43 8.77 5.43 -21.80
N GLU A 44 9.97 5.15 -21.31
CA GLU A 44 10.48 3.78 -21.29
C GLU A 44 10.26 3.14 -19.92
N LEU A 45 9.56 3.84 -19.04
CA LEU A 45 9.41 3.46 -17.63
C LEU A 45 10.76 3.33 -16.97
N SER A 46 11.56 4.32 -17.27
CA SER A 46 12.89 4.48 -16.77
C SER A 46 12.82 4.86 -15.30
N LEU A 47 11.79 5.58 -14.94
CA LEU A 47 11.65 6.05 -13.60
C LEU A 47 11.31 4.85 -12.70
N MET A 48 10.20 4.18 -13.09
CA MET A 48 9.58 3.04 -12.37
C MET A 48 10.58 1.93 -12.14
N LEU A 49 11.20 1.50 -13.22
CA LEU A 49 12.05 0.32 -13.24
C LEU A 49 13.40 0.59 -12.57
N SER A 50 13.65 1.83 -12.23
CA SER A 50 14.89 2.22 -11.62
C SER A 50 14.67 2.57 -10.13
N ASP A 51 13.50 2.16 -9.59
CA ASP A 51 13.13 2.40 -8.15
C ASP A 51 12.77 3.85 -7.87
N HIS A 52 12.45 4.60 -8.91
CA HIS A 52 12.08 5.99 -8.75
C HIS A 52 10.59 6.13 -8.98
N TRP A 53 9.85 6.32 -7.93
CA TRP A 53 8.41 6.30 -8.01
C TRP A 53 7.84 7.68 -7.82
N LEU A 54 7.12 8.17 -8.79
CA LEU A 54 6.58 9.52 -8.70
C LEU A 54 5.09 9.49 -8.84
N ARG A 55 4.41 10.08 -7.90
CA ARG A 55 2.98 10.12 -7.94
C ARG A 55 2.48 11.46 -7.51
N GLN A 56 1.34 11.78 -8.00
CA GLN A 56 0.60 12.93 -7.61
C GLN A 56 -0.74 12.46 -7.11
N ARG A 57 -0.98 12.62 -5.84
CA ARG A 57 -2.24 12.23 -5.29
C ARG A 57 -3.27 13.31 -5.53
N GLU A 58 -3.99 13.13 -6.63
CA GLU A 58 -5.00 14.04 -7.13
C GLU A 58 -4.38 15.38 -7.58
N GLY A 59 -4.23 16.26 -6.65
CA GLY A 59 -3.62 17.55 -6.87
C GLY A 59 -3.24 18.09 -5.55
N SER A 60 -3.03 17.17 -4.64
CA SER A 60 -2.78 17.47 -3.29
C SER A 60 -1.29 17.68 -3.09
N GLY A 61 -0.50 16.98 -3.85
CA GLY A 61 0.91 17.09 -3.73
C GLY A 61 1.59 15.90 -4.29
N TRP A 62 2.83 16.06 -4.58
CA TRP A 62 3.60 15.03 -5.20
C TRP A 62 4.30 14.18 -4.16
N GLU A 63 4.65 13.00 -4.57
CA GLU A 63 5.34 12.10 -3.72
C GLU A 63 6.36 11.37 -4.57
N LEU A 64 7.56 11.31 -4.13
CA LEU A 64 8.59 10.66 -4.87
C LEU A 64 9.31 9.67 -3.98
N LYS A 65 9.25 8.43 -4.35
CA LYS A 65 9.92 7.40 -3.60
C LYS A 65 11.18 7.01 -4.33
N CYS A 66 12.22 6.91 -3.59
CA CYS A 66 13.54 6.62 -4.09
C CYS A 66 14.15 5.44 -3.33
N PRO A 67 15.16 4.75 -3.91
CA PRO A 67 15.81 3.58 -3.27
C PRO A 67 16.69 3.95 -2.06
N GLY A 68 16.54 5.16 -1.57
CA GLY A 68 17.27 5.59 -0.41
C GLY A 68 18.38 6.51 -0.75
N VAL A 69 18.77 6.44 -1.97
CA VAL A 69 19.77 7.28 -2.46
C VAL A 69 19.14 8.50 -3.08
N THR A 70 19.55 9.64 -2.60
CA THR A 70 19.10 10.90 -3.09
C THR A 70 20.18 11.94 -2.83
N GLY A 71 21.12 12.03 -3.74
CA GLY A 71 22.26 12.91 -3.55
C GLY A 71 23.25 12.26 -2.61
N VAL A 72 23.15 10.95 -2.52
CA VAL A 72 23.96 10.16 -1.60
C VAL A 72 25.06 9.42 -2.34
N SER A 73 24.75 8.97 -3.56
CA SER A 73 25.64 8.18 -4.40
C SER A 73 25.97 6.83 -3.77
N GLY A 74 25.33 5.81 -4.27
CA GLY A 74 25.54 4.47 -3.77
C GLY A 74 24.49 3.53 -4.32
N PRO A 75 24.53 2.24 -3.94
CA PRO A 75 23.54 1.25 -4.37
C PRO A 75 22.11 1.61 -3.93
N HIS A 76 21.86 1.53 -2.63
CA HIS A 76 20.55 1.85 -2.08
C HIS A 76 20.67 2.14 -0.60
N ASN A 77 19.60 2.61 0.00
CA ASN A 77 19.61 3.00 1.42
C ASN A 77 18.17 2.83 1.99
N GLU A 78 17.43 1.87 1.40
CA GLU A 78 16.01 1.57 1.71
C GLU A 78 15.12 2.65 1.13
N TYR A 79 13.87 2.33 0.83
CA TYR A 79 13.00 3.30 0.19
C TYR A 79 12.75 4.53 1.02
N VAL A 80 13.07 5.63 0.41
CA VAL A 80 12.88 6.94 0.97
C VAL A 80 11.85 7.67 0.15
N GLU A 81 10.97 8.35 0.78
CA GLU A 81 9.98 9.10 0.07
C GLU A 81 10.00 10.56 0.42
N VAL A 82 10.25 11.37 -0.58
CA VAL A 82 10.31 12.79 -0.44
C VAL A 82 9.07 13.40 -1.09
N THR A 83 8.39 14.24 -0.36
CA THR A 83 7.19 14.86 -0.87
C THR A 83 7.41 16.36 -1.13
N SER A 84 8.52 16.87 -0.64
CA SER A 84 8.87 18.26 -0.89
C SER A 84 9.21 18.45 -2.35
N GLU A 85 8.52 19.39 -2.99
CA GLU A 85 8.64 19.63 -4.42
C GLU A 85 10.06 19.92 -4.87
N ALA A 86 10.77 20.79 -4.15
CA ALA A 86 12.14 21.16 -4.53
C ALA A 86 13.07 19.95 -4.56
N ALA A 87 12.82 19.00 -3.67
CA ALA A 87 13.60 17.78 -3.62
C ALA A 87 13.26 16.88 -4.80
N ILE A 88 12.02 16.95 -5.24
CA ILE A 88 11.55 16.20 -6.38
C ILE A 88 12.09 16.81 -7.67
N VAL A 89 12.04 18.14 -7.75
CA VAL A 89 12.57 18.90 -8.87
C VAL A 89 14.06 18.57 -9.07
N ALA A 90 14.77 18.44 -7.97
CA ALA A 90 16.18 18.07 -7.99
C ALA A 90 16.35 16.66 -8.53
N GLN A 91 15.61 15.73 -7.96
CA GLN A 91 15.69 14.32 -8.32
C GLN A 91 15.34 14.10 -9.80
N LEU A 92 14.21 14.64 -10.24
CA LEU A 92 13.77 14.49 -11.64
C LEU A 92 14.78 15.04 -12.64
N PHE A 93 15.44 16.14 -12.29
CA PHE A 93 16.48 16.70 -13.14
C PHE A 93 17.67 15.79 -13.29
N GLU A 94 18.15 15.26 -12.18
CA GLU A 94 19.30 14.37 -12.23
C GLU A 94 18.92 13.04 -12.87
N LEU A 95 17.66 12.63 -12.67
CA LEU A 95 17.16 11.38 -13.21
C LEU A 95 17.07 11.39 -14.73
N LEU A 96 16.50 12.45 -15.30
CA LEU A 96 16.36 12.46 -16.76
C LEU A 96 17.45 13.22 -17.47
N GLY A 97 18.37 13.77 -16.71
CA GLY A 97 19.46 14.54 -17.30
C GLY A 97 19.06 15.97 -17.43
N SER A 98 17.85 16.14 -17.95
CA SER A 98 17.18 17.39 -18.09
C SER A 98 17.74 18.25 -19.21
N GLY A 99 18.82 18.98 -18.95
CA GLY A 99 19.32 19.92 -19.91
C GLY A 99 18.47 21.18 -19.90
N GLU A 100 17.53 21.20 -18.96
CA GLU A 100 16.60 22.28 -18.80
C GLU A 100 17.01 23.19 -17.67
N GLN A 101 16.22 24.20 -17.49
CA GLN A 101 16.37 25.14 -16.43
C GLN A 101 15.44 24.72 -15.31
N LYS A 102 15.86 24.89 -14.06
CA LYS A 102 14.98 24.54 -12.99
C LYS A 102 13.84 25.52 -12.82
N PRO A 103 12.62 24.99 -12.81
CA PRO A 103 11.43 25.79 -12.62
C PRO A 103 11.24 26.22 -11.17
N ALA A 104 10.67 25.31 -10.37
CA ALA A 104 10.43 25.51 -8.93
C ALA A 104 9.59 24.36 -8.42
N GLY A 105 8.52 24.05 -9.14
CA GLY A 105 7.63 23.00 -8.74
C GLY A 105 7.69 21.81 -9.66
N VAL A 106 7.13 20.72 -9.20
CA VAL A 106 7.16 19.45 -9.91
C VAL A 106 6.32 19.52 -11.18
N ALA A 107 5.19 20.18 -11.11
CA ALA A 107 4.29 20.31 -12.25
C ALA A 107 4.96 20.99 -13.45
N ALA A 108 5.96 21.80 -13.18
CA ALA A 108 6.67 22.49 -14.22
C ALA A 108 7.81 21.63 -14.77
N VAL A 109 8.42 20.80 -13.91
CA VAL A 109 9.49 19.91 -14.38
C VAL A 109 8.86 18.82 -15.20
N LEU A 110 7.64 18.51 -14.83
CA LEU A 110 6.82 17.50 -15.44
C LEU A 110 6.63 17.84 -16.91
N GLY A 111 6.22 19.07 -17.17
CA GLY A 111 6.01 19.50 -18.54
C GLY A 111 7.31 19.64 -19.29
N SER A 112 8.32 20.18 -18.63
CA SER A 112 9.62 20.41 -19.25
C SER A 112 10.35 19.11 -19.61
N LEU A 113 10.26 18.12 -18.75
CA LEU A 113 10.93 16.85 -18.99
C LEU A 113 10.01 15.90 -19.75
N LYS A 114 8.77 16.35 -19.99
CA LYS A 114 7.76 15.62 -20.78
C LYS A 114 7.37 14.31 -20.12
N LEU A 115 7.43 14.30 -18.79
CA LEU A 115 7.05 13.15 -18.00
C LEU A 115 5.60 12.86 -18.21
N GLN A 116 5.29 11.64 -18.52
CA GLN A 116 3.93 11.29 -18.83
C GLN A 116 3.34 10.43 -17.74
N GLU A 117 2.06 10.63 -17.48
CA GLU A 117 1.36 9.83 -16.58
C GLU A 117 1.14 8.48 -17.22
N VAL A 118 1.80 7.49 -16.67
CA VAL A 118 1.81 6.17 -17.22
C VAL A 118 0.72 5.32 -16.59
N ALA A 119 0.30 5.67 -15.39
CA ALA A 119 -0.74 4.93 -14.71
C ALA A 119 -1.53 5.84 -13.81
N SER A 120 -2.83 5.81 -13.97
CA SER A 120 -3.71 6.55 -13.14
C SER A 120 -4.89 5.71 -12.72
N PHE A 121 -5.22 5.81 -11.48
CA PHE A 121 -6.26 5.03 -10.85
C PHE A 121 -6.79 5.76 -9.65
N ILE A 122 -7.89 5.30 -9.14
CA ILE A 122 -8.47 5.90 -7.97
C ILE A 122 -8.32 4.98 -6.79
N THR A 123 -7.93 5.55 -5.69
CA THR A 123 -7.73 4.85 -4.49
C THR A 123 -8.95 5.01 -3.59
N THR A 124 -9.63 3.93 -3.35
CA THR A 124 -10.72 3.90 -2.43
C THR A 124 -10.34 2.92 -1.35
N ARG A 125 -10.08 3.43 -0.19
CA ARG A 125 -9.59 2.62 0.89
C ARG A 125 -10.35 2.94 2.15
N SER A 126 -10.79 1.93 2.84
CA SER A 126 -11.56 2.10 4.04
C SER A 126 -11.19 1.04 5.07
N SER A 127 -11.08 1.44 6.30
CA SER A 127 -10.73 0.57 7.38
C SER A 127 -11.99 0.31 8.21
N TRP A 128 -12.21 -0.92 8.54
CA TRP A 128 -13.39 -1.37 9.23
C TRP A 128 -12.98 -2.22 10.41
N LYS A 129 -13.45 -1.90 11.56
CA LYS A 129 -13.09 -2.62 12.70
C LYS A 129 -14.26 -3.53 13.06
N LEU A 130 -13.97 -4.79 13.23
CA LEU A 130 -15.01 -5.76 13.47
C LEU A 130 -14.76 -6.47 14.78
N ALA A 131 -15.75 -6.50 15.62
CA ALA A 131 -15.68 -7.21 16.86
C ALA A 131 -16.47 -8.48 16.72
N LEU A 132 -15.78 -9.60 16.70
CA LEU A 132 -16.45 -10.86 16.57
C LEU A 132 -17.04 -11.24 17.89
N SER A 133 -18.31 -11.49 17.90
CA SER A 133 -19.00 -11.77 19.11
C SER A 133 -18.78 -13.21 19.56
N GLY A 134 -17.69 -13.41 20.26
CA GLY A 134 -17.42 -14.69 20.84
C GLY A 134 -18.26 -14.86 22.08
N ALA A 135 -18.31 -13.78 22.88
CA ALA A 135 -19.10 -13.68 24.13
C ALA A 135 -18.59 -14.62 25.22
N HIS A 136 -18.67 -15.89 24.96
CA HIS A 136 -18.29 -16.90 25.91
C HIS A 136 -16.77 -17.04 25.92
N GLY A 137 -16.18 -16.61 26.99
CA GLY A 137 -14.76 -16.75 27.15
C GLY A 137 -14.00 -15.60 26.56
N GLN A 138 -13.99 -15.51 25.25
CA GLN A 138 -13.19 -14.51 24.58
C GLN A 138 -14.00 -13.82 23.48
N GLU A 139 -13.61 -12.60 23.19
CA GLU A 139 -14.21 -11.80 22.15
C GLU A 139 -13.09 -11.04 21.45
N PRO A 140 -12.74 -11.41 20.22
CA PRO A 140 -11.67 -10.78 19.48
C PRO A 140 -12.13 -9.56 18.64
N GLN A 141 -11.58 -8.42 18.95
CA GLN A 141 -11.84 -7.22 18.17
C GLN A 141 -10.66 -7.04 17.24
N LEU A 142 -10.93 -6.93 15.98
CA LEU A 142 -9.88 -6.80 15.02
C LEU A 142 -10.20 -5.75 13.97
N THR A 143 -9.20 -5.20 13.36
CA THR A 143 -9.39 -4.17 12.36
C THR A 143 -9.11 -4.72 10.95
N ILE A 144 -10.03 -4.48 10.04
CA ILE A 144 -9.98 -4.92 8.68
C ILE A 144 -9.79 -3.71 7.77
N ASP A 145 -8.73 -3.68 7.01
CA ASP A 145 -8.47 -2.55 6.13
C ASP A 145 -8.65 -2.95 4.69
N LEU A 146 -9.61 -2.34 4.02
CA LEU A 146 -9.84 -2.61 2.61
C LEU A 146 -9.23 -1.55 1.76
N ASP A 147 -8.32 -1.94 0.93
CA ASP A 147 -7.68 -1.05 0.03
C ASP A 147 -8.07 -1.41 -1.40
N SER A 148 -8.79 -0.54 -2.04
CA SER A 148 -9.30 -0.79 -3.36
C SER A 148 -8.76 0.24 -4.36
N ALA A 149 -8.70 -0.16 -5.61
CA ALA A 149 -8.17 0.67 -6.67
C ALA A 149 -9.01 0.51 -7.92
N ASP A 150 -8.86 1.44 -8.83
CA ASP A 150 -9.60 1.42 -10.09
C ASP A 150 -9.19 0.24 -10.98
N PHE A 151 -7.87 -0.03 -11.11
CA PHE A 151 -7.41 -1.12 -11.98
C PHE A 151 -7.60 -2.50 -11.34
N GLY A 152 -8.86 -2.94 -11.27
CA GLY A 152 -9.24 -4.29 -10.81
C GLY A 152 -8.52 -4.75 -9.56
N TYR A 153 -8.62 -4.01 -8.49
CA TYR A 153 -7.90 -4.33 -7.29
C TYR A 153 -8.64 -3.94 -6.04
N ALA A 154 -8.76 -4.88 -5.15
CA ALA A 154 -9.33 -4.68 -3.85
C ALA A 154 -8.66 -5.65 -2.91
N VAL A 155 -7.97 -5.15 -1.94
CA VAL A 155 -7.32 -5.99 -0.98
C VAL A 155 -7.93 -5.73 0.37
N GLY A 156 -7.87 -6.69 1.21
CA GLY A 156 -8.28 -6.51 2.52
C GLY A 156 -7.23 -7.04 3.44
N GLU A 157 -7.13 -6.46 4.59
CA GLU A 157 -6.21 -6.91 5.56
C GLU A 157 -6.94 -7.10 6.85
N VAL A 158 -6.87 -8.24 7.41
CA VAL A 158 -7.48 -8.47 8.67
C VAL A 158 -6.37 -8.51 9.69
N GLU A 159 -6.39 -7.57 10.59
CA GLU A 159 -5.37 -7.48 11.58
C GLU A 159 -5.98 -7.59 12.97
N ALA A 160 -5.56 -8.58 13.68
CA ALA A 160 -6.00 -8.82 15.03
C ALA A 160 -4.81 -8.86 15.94
N MET A 161 -4.99 -8.43 17.15
CA MET A 161 -3.95 -8.52 18.13
C MET A 161 -4.48 -9.26 19.33
N VAL A 162 -3.83 -10.33 19.67
CA VAL A 162 -4.28 -11.19 20.74
C VAL A 162 -3.37 -11.10 21.94
N HIS A 163 -3.95 -11.02 23.10
CA HIS A 163 -3.20 -10.76 24.34
C HIS A 163 -2.51 -12.03 24.87
N GLU A 164 -2.68 -13.13 24.17
CA GLU A 164 -1.99 -14.35 24.50
C GLU A 164 -1.76 -15.13 23.23
N LYS A 165 -0.66 -15.83 23.18
CA LYS A 165 -0.31 -16.59 21.99
C LYS A 165 -1.16 -17.86 21.87
N ALA A 166 -1.75 -18.25 22.98
CA ALA A 166 -2.60 -19.43 23.02
C ALA A 166 -3.86 -19.26 22.16
N GLU A 167 -4.37 -18.02 22.04
CA GLU A 167 -5.58 -17.80 21.25
C GLU A 167 -5.25 -17.47 19.79
N VAL A 168 -3.95 -17.48 19.46
CA VAL A 168 -3.48 -17.23 18.09
C VAL A 168 -4.14 -18.15 17.06
N PRO A 169 -4.08 -19.52 17.23
CA PRO A 169 -4.74 -20.45 16.29
C PRO A 169 -6.22 -20.10 16.05
N ALA A 170 -6.92 -19.85 17.13
CA ALA A 170 -8.33 -19.52 17.07
C ALA A 170 -8.57 -18.23 16.30
N ALA A 171 -7.92 -17.16 16.74
CA ALA A 171 -8.09 -15.85 16.12
C ALA A 171 -7.64 -15.84 14.67
N LEU A 172 -6.53 -16.52 14.38
CA LEU A 172 -5.99 -16.55 13.03
C LEU A 172 -6.94 -17.25 12.08
N GLU A 173 -7.59 -18.29 12.55
CA GLU A 173 -8.57 -18.97 11.75
C GLU A 173 -9.83 -18.15 11.60
N LYS A 174 -10.20 -17.42 12.65
CA LYS A 174 -11.35 -16.50 12.57
C LYS A 174 -11.11 -15.43 11.54
N ILE A 175 -9.86 -15.01 11.45
CA ILE A 175 -9.41 -14.09 10.41
C ILE A 175 -9.72 -14.69 9.05
N ILE A 176 -9.30 -15.92 8.86
CA ILE A 176 -9.51 -16.63 7.62
C ILE A 176 -11.02 -16.85 7.36
N THR A 177 -11.77 -17.14 8.42
CA THR A 177 -13.22 -17.31 8.33
C THR A 177 -13.88 -16.05 7.73
N VAL A 178 -13.58 -14.89 8.31
CA VAL A 178 -14.14 -13.63 7.83
C VAL A 178 -13.65 -13.34 6.41
N SER A 179 -12.39 -13.57 6.18
CA SER A 179 -11.78 -13.34 4.89
C SER A 179 -12.42 -14.20 3.81
N SER A 180 -12.78 -15.43 4.15
CA SER A 180 -13.35 -16.35 3.18
C SER A 180 -14.80 -16.01 2.87
N MET A 181 -15.51 -15.39 3.80
CA MET A 181 -16.89 -15.02 3.53
C MET A 181 -16.96 -13.72 2.76
N LEU A 182 -15.92 -12.93 2.85
CA LEU A 182 -15.85 -11.70 2.12
C LEU A 182 -15.06 -11.85 0.82
N GLY A 183 -14.44 -13.01 0.65
CA GLY A 183 -13.66 -13.25 -0.54
C GLY A 183 -12.74 -14.44 -0.40
N VAL A 184 -11.47 -14.22 -0.67
CA VAL A 184 -10.47 -15.28 -0.60
C VAL A 184 -9.29 -14.81 0.26
N PRO A 185 -9.05 -15.47 1.40
CA PRO A 185 -7.94 -15.12 2.28
C PRO A 185 -6.57 -15.37 1.65
N ALA A 186 -5.71 -14.38 1.70
CA ALA A 186 -4.40 -14.47 1.15
C ALA A 186 -3.38 -14.55 2.29
N GLN A 187 -2.17 -14.14 2.02
CA GLN A 187 -1.09 -14.25 2.99
C GLN A 187 -0.58 -12.85 3.18
N GLU A 188 0.58 -12.68 3.80
CA GLU A 188 1.09 -11.33 3.99
C GLU A 188 1.68 -10.84 2.64
N GLU A 189 0.80 -10.38 1.79
CA GLU A 189 1.08 -9.86 0.53
C GLU A 189 0.00 -8.83 0.22
N ALA A 190 0.31 -7.60 0.44
CA ALA A 190 -0.62 -6.53 0.15
C ALA A 190 0.10 -5.44 -0.60
N PRO A 191 -0.14 -5.35 -1.91
CA PRO A 191 0.50 -4.35 -2.74
C PRO A 191 -0.06 -2.97 -2.55
N ALA A 192 0.57 -2.05 -3.20
CA ALA A 192 0.08 -0.71 -3.30
C ALA A 192 -0.64 -0.61 -4.63
N LYS A 193 -1.31 0.50 -4.90
CA LYS A 193 -2.08 0.67 -6.15
C LYS A 193 -1.18 0.40 -7.33
N LEU A 194 -0.10 1.14 -7.34
CA LEU A 194 0.83 1.16 -8.43
C LEU A 194 1.56 -0.19 -8.55
N MET A 195 1.64 -0.92 -7.48
CA MET A 195 2.24 -2.24 -7.52
C MET A 195 1.35 -3.19 -8.30
N VAL A 196 0.07 -2.93 -8.23
CA VAL A 196 -0.90 -3.67 -9.01
C VAL A 196 -0.68 -3.38 -10.47
N TYR A 197 -0.38 -2.11 -10.78
CA TYR A 197 0.02 -1.72 -12.12
C TYR A 197 1.19 -2.57 -12.56
N LEU A 198 2.12 -2.81 -11.65
CA LEU A 198 3.26 -3.56 -11.98
C LEU A 198 2.91 -5.01 -12.24
N GLN A 199 2.26 -5.68 -11.30
CA GLN A 199 1.97 -7.11 -11.48
C GLN A 199 1.16 -7.44 -12.74
N ARG A 200 0.32 -6.52 -13.16
CA ARG A 200 -0.43 -6.66 -14.40
C ARG A 200 0.45 -6.52 -15.65
N PHE A 201 1.19 -5.43 -15.71
CA PHE A 201 1.94 -5.06 -16.92
C PHE A 201 3.46 -5.41 -16.90
N ARG A 202 4.01 -5.58 -15.72
CA ARG A 202 5.43 -5.80 -15.51
C ARG A 202 5.71 -6.68 -14.26
N PRO A 203 5.69 -8.01 -14.45
CA PRO A 203 5.78 -8.98 -13.35
C PRO A 203 7.14 -9.02 -12.66
N LEU A 204 8.19 -8.76 -13.38
CA LEU A 204 9.50 -8.83 -12.74
C LEU A 204 9.68 -7.62 -11.84
N ASP A 205 9.15 -6.49 -12.30
CA ASP A 205 9.29 -5.21 -11.61
C ASP A 205 8.58 -5.31 -10.22
N TYR A 206 7.33 -5.80 -10.23
CA TYR A 206 6.60 -5.92 -8.98
C TYR A 206 7.27 -6.92 -8.07
N GLN A 207 7.86 -8.01 -8.64
CA GLN A 207 8.60 -9.00 -7.83
C GLN A 207 9.65 -8.36 -6.98
N ARG A 208 10.37 -7.41 -7.55
CA ARG A 208 11.42 -6.72 -6.84
C ARG A 208 10.87 -6.10 -5.58
N LEU A 209 9.73 -5.47 -5.72
CA LEU A 209 9.03 -4.90 -4.56
C LEU A 209 8.41 -6.00 -3.68
N LEU A 210 7.72 -6.93 -4.31
CA LEU A 210 7.01 -8.02 -3.64
C LEU A 210 7.90 -8.86 -2.78
N GLU A 211 8.98 -9.36 -3.35
CA GLU A 211 9.89 -10.26 -2.67
C GLU A 211 10.54 -9.57 -1.48
N ALA A 212 10.68 -8.27 -1.59
CA ALA A 212 11.26 -7.47 -0.53
C ALA A 212 10.25 -7.31 0.61
N ALA A 213 8.98 -7.34 0.26
CA ALA A 213 7.90 -7.19 1.22
C ALA A 213 7.25 -8.54 1.51
N SER A 214 7.90 -9.61 1.05
CA SER A 214 7.35 -10.93 1.25
C SER A 214 7.56 -11.41 2.66
N SER A 215 6.62 -11.14 3.49
CA SER A 215 6.60 -11.71 4.80
C SER A 215 5.97 -13.10 4.65
N GLY A 216 6.80 -14.09 4.40
CA GLY A 216 6.29 -15.41 4.10
C GLY A 216 6.82 -16.48 5.00
N GLU A 217 7.47 -16.09 6.08
CA GLU A 217 7.96 -17.06 7.04
C GLU A 217 6.78 -17.61 7.84
N ALA A 218 5.77 -16.78 7.99
CA ALA A 218 4.56 -17.18 8.64
C ALA A 218 3.38 -17.04 7.70
N THR A 219 3.19 -18.04 6.88
CA THR A 219 2.10 -18.06 5.93
C THR A 219 1.26 -19.31 6.21
N GLY A 220 0.25 -19.55 5.42
CA GLY A 220 -0.58 -20.70 5.63
C GLY A 220 -1.43 -21.01 4.44
N ASP A 221 -2.56 -21.61 4.70
CA ASP A 221 -3.50 -22.00 3.68
C ASP A 221 -4.88 -21.64 4.18
N SER A 222 -5.80 -21.36 3.28
CA SER A 222 -7.13 -20.95 3.63
C SER A 222 -7.88 -22.03 4.43
N ALA A 223 -7.89 -21.85 5.74
CA ALA A 223 -8.57 -22.75 6.64
C ALA A 223 -10.07 -22.71 6.39
N SER A 224 -10.59 -23.81 5.94
CA SER A 224 -12.00 -23.93 5.69
C SER A 224 -12.43 -25.34 6.07
N SER A 1 4.81 -2.74 19.80
CA SER A 1 4.96 -4.19 19.85
C SER A 1 5.28 -4.65 21.27
N ALA A 2 4.31 -5.25 21.92
CA ALA A 2 4.49 -5.73 23.27
C ALA A 2 3.69 -6.99 23.46
N GLN A 3 4.18 -7.86 24.29
CA GLN A 3 3.53 -9.12 24.54
C GLN A 3 2.44 -8.97 25.59
N GLY A 4 1.32 -8.48 25.13
CA GLY A 4 0.14 -8.32 25.93
C GLY A 4 -1.04 -8.49 25.03
N LEU A 5 -1.27 -7.50 24.21
CA LEU A 5 -2.20 -7.61 23.13
C LEU A 5 -1.42 -8.00 21.89
N ILE A 6 -1.56 -9.23 21.51
CA ILE A 6 -0.83 -9.79 20.40
C ILE A 6 -1.47 -9.34 19.11
N GLU A 7 -0.68 -8.70 18.28
CA GLU A 7 -1.14 -8.19 17.01
C GLU A 7 -1.03 -9.27 15.95
N VAL A 8 -2.13 -9.87 15.60
CA VAL A 8 -2.14 -10.84 14.55
C VAL A 8 -2.57 -10.18 13.26
N GLU A 9 -1.84 -10.43 12.22
CA GLU A 9 -2.03 -9.75 10.96
C GLU A 9 -2.02 -10.71 9.77
N ARG A 10 -2.91 -10.45 8.84
CA ARG A 10 -3.00 -11.12 7.54
C ARG A 10 -3.65 -10.22 6.55
N LYS A 11 -3.59 -10.63 5.31
CA LYS A 11 -4.02 -9.81 4.23
C LYS A 11 -4.95 -10.58 3.31
N PHE A 12 -5.79 -9.87 2.60
CA PHE A 12 -6.74 -10.45 1.71
C PHE A 12 -7.03 -9.50 0.57
N ALA A 13 -7.65 -10.00 -0.46
CA ALA A 13 -8.10 -9.23 -1.57
C ALA A 13 -9.62 -9.21 -1.53
N PRO A 14 -10.20 -8.08 -1.10
CA PRO A 14 -11.65 -7.95 -0.94
C PRO A 14 -12.43 -8.06 -2.24
N GLY A 15 -13.62 -8.62 -2.13
CA GLY A 15 -14.51 -8.71 -3.24
C GLY A 15 -15.27 -7.41 -3.45
N PRO A 16 -16.16 -7.34 -4.43
CA PRO A 16 -16.86 -6.10 -4.82
C PRO A 16 -17.91 -5.60 -3.80
N ASP A 17 -18.21 -6.37 -2.77
CA ASP A 17 -19.21 -5.92 -1.80
C ASP A 17 -18.69 -6.04 -0.38
N THR A 18 -17.37 -6.18 -0.22
CA THR A 18 -16.75 -6.31 1.07
C THR A 18 -17.21 -5.24 2.06
N GLU A 19 -17.30 -4.00 1.61
CA GLU A 19 -17.75 -2.91 2.46
C GLU A 19 -19.14 -3.20 3.03
N GLU A 20 -20.04 -3.62 2.17
CA GLU A 20 -21.41 -3.89 2.58
C GLU A 20 -21.45 -5.16 3.43
N ARG A 21 -20.64 -6.13 3.04
CA ARG A 21 -20.55 -7.38 3.73
C ARG A 21 -20.06 -7.15 5.17
N LEU A 22 -19.08 -6.28 5.31
CA LEU A 22 -18.53 -5.88 6.61
C LEU A 22 -19.57 -5.30 7.52
N GLN A 23 -20.40 -4.46 6.97
CA GLN A 23 -21.49 -3.84 7.70
C GLN A 23 -22.38 -4.93 8.31
N GLU A 24 -22.63 -5.96 7.53
CA GLU A 24 -23.42 -7.10 7.94
C GLU A 24 -22.66 -7.97 8.94
N LEU A 25 -21.36 -8.14 8.71
CA LEU A 25 -20.51 -8.98 9.57
C LEU A 25 -20.33 -8.35 10.93
N GLY A 26 -20.52 -7.07 11.00
CA GLY A 26 -20.41 -6.40 12.27
C GLY A 26 -19.31 -5.38 12.32
N ALA A 27 -18.59 -5.21 11.22
CA ALA A 27 -17.56 -4.21 11.20
C ALA A 27 -18.19 -2.90 10.83
N THR A 28 -17.82 -1.86 11.50
CA THR A 28 -18.38 -0.59 11.20
C THR A 28 -17.35 0.27 10.49
N LEU A 29 -17.82 1.11 9.61
CA LEU A 29 -17.00 1.98 8.82
C LEU A 29 -16.57 3.14 9.65
N GLU A 30 -15.29 3.32 9.82
CA GLU A 30 -14.83 4.39 10.67
C GLU A 30 -14.40 5.60 9.83
N HIS A 31 -13.83 5.33 8.67
CA HIS A 31 -13.43 6.36 7.73
C HIS A 31 -13.54 5.86 6.32
N ARG A 32 -13.90 6.75 5.43
CA ARG A 32 -14.11 6.44 4.05
C ARG A 32 -13.59 7.63 3.25
N VAL A 33 -12.69 7.39 2.32
CA VAL A 33 -12.04 8.47 1.54
C VAL A 33 -11.95 8.07 0.06
N THR A 34 -11.92 9.04 -0.84
CA THR A 34 -11.71 8.76 -2.26
C THR A 34 -10.79 9.81 -2.87
N PHE A 35 -9.78 9.36 -3.56
CA PHE A 35 -8.82 10.25 -4.17
C PHE A 35 -8.12 9.54 -5.30
N ARG A 36 -7.56 10.28 -6.22
CA ARG A 36 -6.84 9.68 -7.32
C ARG A 36 -5.34 9.76 -7.10
N ASP A 37 -4.65 8.68 -7.39
CA ASP A 37 -3.21 8.67 -7.30
C ASP A 37 -2.66 8.64 -8.67
N THR A 38 -1.95 9.64 -8.99
CA THR A 38 -1.31 9.74 -10.25
C THR A 38 0.17 9.41 -10.12
N TYR A 39 0.58 8.27 -10.67
CA TYR A 39 1.96 7.88 -10.64
C TYR A 39 2.58 8.24 -11.92
N TYR A 40 3.73 8.82 -11.86
CA TYR A 40 4.41 9.32 -13.02
C TYR A 40 5.68 8.59 -13.23
N ASP A 41 6.12 8.63 -14.45
CA ASP A 41 7.28 7.95 -14.87
C ASP A 41 7.69 8.55 -16.18
N THR A 42 8.84 8.23 -16.57
CA THR A 42 9.38 8.57 -17.83
C THR A 42 8.63 7.67 -18.86
N SER A 43 8.68 8.02 -20.12
CA SER A 43 8.03 7.28 -21.19
C SER A 43 8.50 5.80 -21.31
N GLU A 44 9.58 5.47 -20.65
CA GLU A 44 10.17 4.14 -20.74
C GLU A 44 9.90 3.34 -19.47
N LEU A 45 9.26 3.96 -18.47
CA LEU A 45 9.11 3.37 -17.13
C LEU A 45 10.46 3.22 -16.45
N SER A 46 11.33 4.10 -16.87
CA SER A 46 12.67 4.19 -16.38
C SER A 46 12.65 4.63 -14.92
N LEU A 47 11.66 5.45 -14.55
CA LEU A 47 11.59 6.01 -13.21
C LEU A 47 11.25 4.89 -12.22
N MET A 48 10.23 4.12 -12.58
CA MET A 48 9.71 3.01 -11.78
C MET A 48 10.78 1.93 -11.64
N LEU A 49 11.45 1.62 -12.74
CA LEU A 49 12.52 0.63 -12.77
C LEU A 49 13.80 1.16 -12.16
N SER A 50 13.81 2.43 -11.86
CA SER A 50 14.91 3.07 -11.18
C SER A 50 14.64 3.00 -9.67
N ASP A 51 13.48 2.40 -9.32
CA ASP A 51 13.01 2.24 -7.93
C ASP A 51 12.66 3.58 -7.33
N HIS A 52 12.40 4.53 -8.18
CA HIS A 52 12.01 5.86 -7.80
C HIS A 52 10.56 6.05 -8.18
N TRP A 53 9.71 5.92 -7.19
CA TRP A 53 8.26 5.90 -7.38
C TRP A 53 7.70 7.27 -7.17
N LEU A 54 7.05 7.81 -8.16
CA LEU A 54 6.52 9.14 -8.05
C LEU A 54 5.03 9.12 -8.15
N ARG A 55 4.38 9.72 -7.19
CA ARG A 55 2.94 9.83 -7.22
C ARG A 55 2.50 11.19 -6.73
N GLN A 56 1.33 11.53 -7.10
CA GLN A 56 0.64 12.71 -6.65
C GLN A 56 -0.76 12.31 -6.28
N ARG A 57 -1.11 12.48 -5.01
CA ARG A 57 -2.46 12.15 -4.58
C ARG A 57 -3.33 13.40 -4.55
N GLU A 58 -4.23 13.49 -5.52
CA GLU A 58 -5.24 14.59 -5.67
C GLU A 58 -4.74 16.03 -5.50
N GLY A 59 -3.46 16.26 -5.75
CA GLY A 59 -2.91 17.59 -5.68
C GLY A 59 -2.56 17.97 -4.27
N SER A 60 -2.66 17.02 -3.38
CA SER A 60 -2.39 17.23 -2.00
C SER A 60 -0.90 17.24 -1.77
N GLY A 61 -0.18 16.52 -2.60
CA GLY A 61 1.22 16.49 -2.47
C GLY A 61 1.84 15.34 -3.18
N TRP A 62 3.04 15.56 -3.61
CA TRP A 62 3.80 14.59 -4.33
C TRP A 62 4.48 13.68 -3.36
N GLU A 63 4.79 12.52 -3.81
CA GLU A 63 5.43 11.55 -3.01
C GLU A 63 6.39 10.81 -3.90
N LEU A 64 7.58 10.64 -3.47
CA LEU A 64 8.57 9.94 -4.24
C LEU A 64 9.27 8.94 -3.36
N LYS A 65 9.18 7.68 -3.70
CA LYS A 65 9.87 6.70 -2.94
C LYS A 65 11.13 6.38 -3.64
N CYS A 66 12.17 6.45 -2.93
CA CYS A 66 13.47 6.22 -3.45
C CYS A 66 14.06 5.00 -2.77
N PRO A 67 14.96 4.26 -3.45
CA PRO A 67 15.60 3.07 -2.87
C PRO A 67 16.72 3.45 -1.89
N GLY A 68 16.62 4.64 -1.33
CA GLY A 68 17.59 5.15 -0.40
C GLY A 68 18.68 5.90 -1.08
N VAL A 69 18.90 5.57 -2.34
CA VAL A 69 19.87 6.24 -3.11
C VAL A 69 19.30 7.53 -3.68
N THR A 70 19.97 8.60 -3.38
CA THR A 70 19.63 9.93 -3.79
C THR A 70 20.82 10.52 -4.53
N GLY A 71 21.48 9.68 -5.31
CA GLY A 71 22.69 10.08 -6.00
C GLY A 71 23.91 9.56 -5.30
N VAL A 72 23.68 8.66 -4.36
CA VAL A 72 24.75 8.06 -3.56
C VAL A 72 25.57 7.07 -4.40
N SER A 73 24.92 6.48 -5.41
CA SER A 73 25.52 5.47 -6.30
C SER A 73 25.81 4.16 -5.56
N GLY A 74 25.01 3.17 -5.83
CA GLY A 74 25.12 1.90 -5.18
C GLY A 74 23.94 1.03 -5.50
N PRO A 75 23.73 -0.09 -4.81
CA PRO A 75 22.59 -0.95 -5.07
C PRO A 75 21.31 -0.29 -4.60
N HIS A 76 21.14 -0.23 -3.29
CA HIS A 76 20.02 0.41 -2.64
C HIS A 76 20.22 0.43 -1.15
N ASN A 77 19.86 1.53 -0.54
CA ASN A 77 20.10 1.80 0.87
C ASN A 77 18.80 1.68 1.66
N GLU A 78 17.86 0.94 1.09
CA GLU A 78 16.50 0.76 1.61
C GLU A 78 15.66 1.97 1.35
N TYR A 79 14.37 1.75 1.17
CA TYR A 79 13.49 2.80 0.70
C TYR A 79 13.35 3.98 1.62
N VAL A 80 13.45 5.13 1.01
CA VAL A 80 13.29 6.42 1.62
C VAL A 80 12.19 7.16 0.86
N GLU A 81 11.16 7.56 1.54
CA GLU A 81 10.08 8.23 0.87
C GLU A 81 10.14 9.72 1.14
N VAL A 82 10.37 10.47 0.10
CA VAL A 82 10.46 11.91 0.21
C VAL A 82 9.19 12.55 -0.35
N THR A 83 8.63 13.49 0.36
CA THR A 83 7.41 14.13 -0.07
C THR A 83 7.61 15.63 -0.32
N SER A 84 8.73 16.15 0.13
CA SER A 84 9.07 17.55 -0.04
C SER A 84 9.34 17.83 -1.52
N GLU A 85 8.66 18.84 -2.09
CA GLU A 85 8.82 19.16 -3.51
C GLU A 85 10.25 19.45 -3.87
N ALA A 86 10.97 20.15 -3.01
CA ALA A 86 12.38 20.47 -3.27
C ALA A 86 13.21 19.21 -3.48
N ALA A 87 12.85 18.17 -2.73
CA ALA A 87 13.51 16.90 -2.85
C ALA A 87 13.12 16.25 -4.16
N ILE A 88 11.82 16.30 -4.48
CA ILE A 88 11.29 15.71 -5.70
C ILE A 88 11.99 16.33 -6.92
N VAL A 89 11.99 17.65 -6.95
CA VAL A 89 12.58 18.45 -8.03
C VAL A 89 14.06 18.09 -8.26
N ALA A 90 14.79 17.95 -7.18
CA ALA A 90 16.19 17.59 -7.25
C ALA A 90 16.34 16.19 -7.83
N GLN A 91 15.58 15.26 -7.26
CA GLN A 91 15.62 13.87 -7.68
C GLN A 91 15.24 13.73 -9.15
N LEU A 92 14.12 14.31 -9.55
CA LEU A 92 13.63 14.19 -10.94
C LEU A 92 14.66 14.65 -11.99
N PHE A 93 15.36 15.74 -11.71
CA PHE A 93 16.41 16.20 -12.63
C PHE A 93 17.57 15.22 -12.74
N GLU A 94 18.00 14.67 -11.62
CA GLU A 94 19.10 13.69 -11.69
C GLU A 94 18.59 12.37 -12.28
N LEU A 95 17.34 12.03 -12.00
CA LEU A 95 16.74 10.80 -12.46
C LEU A 95 16.61 10.77 -13.97
N LEU A 96 16.04 11.81 -14.55
CA LEU A 96 15.88 11.79 -15.99
C LEU A 96 17.06 12.37 -16.72
N GLY A 97 18.06 12.81 -15.99
CA GLY A 97 19.24 13.32 -16.61
C GLY A 97 19.00 14.64 -17.26
N SER A 98 18.84 15.65 -16.47
CA SER A 98 18.60 16.95 -16.99
C SER A 98 19.31 18.02 -16.20
N GLY A 99 20.09 18.81 -16.91
CA GLY A 99 20.68 19.97 -16.32
C GLY A 99 19.59 20.99 -16.26
N GLU A 100 19.29 21.57 -17.41
CA GLU A 100 18.15 22.44 -17.63
C GLU A 100 18.00 23.55 -16.61
N GLN A 101 16.85 24.16 -16.60
CA GLN A 101 16.56 25.21 -15.68
C GLN A 101 15.83 24.60 -14.50
N LYS A 102 16.37 24.78 -13.31
CA LYS A 102 15.72 24.29 -12.15
C LYS A 102 14.51 25.18 -11.88
N PRO A 103 13.31 24.62 -11.78
CA PRO A 103 12.10 25.39 -11.59
C PRO A 103 11.87 25.83 -10.15
N ALA A 104 11.26 24.95 -9.34
CA ALA A 104 10.97 25.19 -7.93
C ALA A 104 10.14 24.04 -7.37
N GLY A 105 8.97 23.88 -7.95
CA GLY A 105 8.04 22.87 -7.53
C GLY A 105 7.94 21.75 -8.53
N VAL A 106 7.28 20.68 -8.14
CA VAL A 106 7.20 19.48 -8.95
C VAL A 106 6.36 19.70 -10.22
N ALA A 107 5.35 20.54 -10.14
CA ALA A 107 4.44 20.77 -11.28
C ALA A 107 5.21 21.23 -12.52
N ALA A 108 6.27 21.99 -12.31
CA ALA A 108 7.06 22.49 -13.40
C ALA A 108 8.05 21.44 -13.91
N VAL A 109 8.65 20.64 -13.01
CA VAL A 109 9.61 19.60 -13.45
C VAL A 109 8.88 18.55 -14.24
N LEU A 110 7.64 18.35 -13.85
CA LEU A 110 6.75 17.42 -14.44
C LEU A 110 6.57 17.75 -15.93
N GLY A 111 6.28 19.01 -16.20
CA GLY A 111 6.13 19.48 -17.56
C GLY A 111 7.46 19.55 -18.30
N SER A 112 8.50 20.00 -17.59
CA SER A 112 9.83 20.17 -18.18
C SER A 112 10.43 18.84 -18.64
N LEU A 113 10.23 17.80 -17.86
CA LEU A 113 10.79 16.51 -18.18
C LEU A 113 9.80 15.65 -18.96
N LYS A 114 8.58 16.18 -19.14
CA LYS A 114 7.51 15.55 -19.95
C LYS A 114 7.08 14.22 -19.34
N LEU A 115 7.00 14.20 -18.04
CA LEU A 115 6.61 13.02 -17.29
C LEU A 115 5.17 12.63 -17.60
N GLN A 116 4.99 11.39 -17.94
CA GLN A 116 3.69 10.84 -18.21
C GLN A 116 3.21 10.16 -16.96
N GLU A 117 1.94 10.19 -16.70
CA GLU A 117 1.48 9.46 -15.57
C GLU A 117 1.15 8.05 -15.98
N VAL A 118 2.08 7.19 -15.68
CA VAL A 118 2.08 5.81 -16.05
C VAL A 118 0.83 5.09 -15.55
N ALA A 119 0.31 5.52 -14.42
CA ALA A 119 -0.90 4.94 -13.89
C ALA A 119 -1.61 5.92 -13.00
N SER A 120 -2.86 6.12 -13.25
CA SER A 120 -3.69 6.93 -12.44
C SER A 120 -4.98 6.19 -12.11
N PHE A 121 -5.24 5.99 -10.86
CA PHE A 121 -6.43 5.30 -10.43
C PHE A 121 -7.15 6.03 -9.33
N ILE A 122 -8.38 5.67 -9.14
CA ILE A 122 -9.19 6.22 -8.07
C ILE A 122 -9.08 5.29 -6.87
N THR A 123 -8.60 5.79 -5.79
CA THR A 123 -8.46 5.02 -4.61
C THR A 123 -9.66 5.23 -3.69
N THR A 124 -10.36 4.17 -3.41
CA THR A 124 -11.45 4.18 -2.51
C THR A 124 -10.98 3.61 -1.18
N ARG A 125 -10.91 4.48 -0.23
CA ARG A 125 -10.39 4.22 1.06
C ARG A 125 -11.52 3.90 2.03
N SER A 126 -11.40 2.83 2.75
CA SER A 126 -12.39 2.47 3.73
C SER A 126 -11.76 1.68 4.88
N SER A 127 -11.84 2.20 6.08
CA SER A 127 -11.31 1.51 7.23
C SER A 127 -12.44 1.02 8.12
N TRP A 128 -12.32 -0.21 8.57
CA TRP A 128 -13.37 -0.87 9.33
C TRP A 128 -12.80 -1.51 10.56
N LYS A 129 -13.61 -1.62 11.59
CA LYS A 129 -13.22 -2.35 12.78
C LYS A 129 -14.36 -3.13 13.40
N LEU A 130 -14.05 -4.26 14.00
CA LEU A 130 -15.07 -5.18 14.48
C LEU A 130 -14.61 -5.82 15.79
N ALA A 131 -15.51 -5.85 16.76
CA ALA A 131 -15.27 -6.51 18.02
C ALA A 131 -15.91 -7.87 18.01
N LEU A 132 -15.13 -8.92 18.10
CA LEU A 132 -15.69 -10.26 18.12
C LEU A 132 -16.33 -10.52 19.45
N SER A 133 -17.53 -11.05 19.44
CA SER A 133 -18.24 -11.34 20.65
C SER A 133 -19.24 -12.47 20.46
N GLY A 134 -18.73 -13.66 20.26
CA GLY A 134 -19.59 -14.80 20.10
C GLY A 134 -20.17 -15.21 21.43
N ALA A 135 -21.49 -15.48 21.44
CA ALA A 135 -22.24 -15.86 22.65
C ALA A 135 -22.27 -14.71 23.65
N HIS A 136 -21.95 -13.53 23.14
CA HIS A 136 -21.79 -12.31 23.92
C HIS A 136 -20.73 -12.47 25.00
N GLY A 137 -19.52 -12.31 24.59
CA GLY A 137 -18.40 -12.40 25.46
C GLY A 137 -17.33 -11.50 24.96
N GLN A 138 -16.21 -11.50 25.58
CA GLN A 138 -15.13 -10.66 25.15
C GLN A 138 -14.16 -11.43 24.30
N GLU A 139 -14.06 -11.04 23.07
CA GLU A 139 -13.09 -11.59 22.17
C GLU A 139 -12.36 -10.42 21.56
N PRO A 140 -11.14 -10.64 21.06
CA PRO A 140 -10.32 -9.58 20.46
C PRO A 140 -11.05 -8.74 19.40
N GLN A 141 -10.79 -7.46 19.43
CA GLN A 141 -11.27 -6.58 18.40
C GLN A 141 -10.26 -6.57 17.31
N LEU A 142 -10.71 -6.41 16.11
CA LEU A 142 -9.81 -6.38 15.03
C LEU A 142 -10.18 -5.28 14.06
N THR A 143 -9.19 -4.76 13.41
CA THR A 143 -9.34 -3.68 12.49
C THR A 143 -9.01 -4.18 11.07
N ILE A 144 -9.80 -3.75 10.12
CA ILE A 144 -9.69 -4.15 8.74
C ILE A 144 -9.49 -2.91 7.86
N ASP A 145 -8.49 -2.95 7.05
CA ASP A 145 -8.12 -1.84 6.19
C ASP A 145 -8.49 -2.19 4.75
N LEU A 146 -9.40 -1.45 4.12
CA LEU A 146 -9.69 -1.67 2.70
C LEU A 146 -9.27 -0.49 1.88
N ASP A 147 -8.37 -0.70 1.00
CA ASP A 147 -7.94 0.33 0.10
C ASP A 147 -8.15 -0.18 -1.33
N SER A 148 -9.03 0.40 -2.08
CA SER A 148 -9.31 -0.10 -3.42
C SER A 148 -8.93 0.89 -4.51
N ALA A 149 -8.70 0.40 -5.72
CA ALA A 149 -8.35 1.25 -6.83
C ALA A 149 -9.11 0.88 -8.07
N ASP A 150 -9.38 1.88 -8.88
CA ASP A 150 -10.09 1.73 -10.16
C ASP A 150 -9.29 0.92 -11.20
N PHE A 151 -8.01 0.69 -10.90
CA PHE A 151 -7.14 -0.08 -11.79
C PHE A 151 -7.53 -1.58 -11.79
N GLY A 152 -8.31 -1.99 -10.79
CA GLY A 152 -8.74 -3.37 -10.73
C GLY A 152 -8.13 -4.11 -9.58
N TYR A 153 -7.98 -3.42 -8.46
CA TYR A 153 -7.39 -4.03 -7.28
C TYR A 153 -7.95 -3.44 -6.00
N ALA A 154 -8.11 -4.28 -5.02
CA ALA A 154 -8.53 -3.90 -3.70
C ALA A 154 -7.63 -4.59 -2.72
N VAL A 155 -7.06 -3.85 -1.82
CA VAL A 155 -6.18 -4.42 -0.83
C VAL A 155 -6.80 -4.38 0.56
N GLY A 156 -6.76 -5.50 1.24
CA GLY A 156 -7.24 -5.55 2.59
C GLY A 156 -6.16 -5.99 3.55
N GLU A 157 -6.28 -5.57 4.77
CA GLU A 157 -5.40 -5.93 5.87
C GLU A 157 -6.28 -6.19 7.06
N VAL A 158 -5.90 -7.12 7.89
CA VAL A 158 -6.66 -7.38 9.09
C VAL A 158 -5.71 -7.50 10.26
N GLU A 159 -5.88 -6.64 11.23
CA GLU A 159 -5.08 -6.71 12.42
C GLU A 159 -5.99 -6.88 13.62
N ALA A 160 -5.79 -7.97 14.33
CA ALA A 160 -6.51 -8.27 15.55
C ALA A 160 -5.55 -8.30 16.71
N MET A 161 -5.91 -7.69 17.81
CA MET A 161 -5.07 -7.73 18.99
C MET A 161 -5.80 -8.45 20.09
N VAL A 162 -5.23 -9.53 20.53
CA VAL A 162 -5.83 -10.36 21.56
C VAL A 162 -5.00 -10.25 22.83
N HIS A 163 -5.65 -10.27 23.99
CA HIS A 163 -4.92 -10.06 25.22
C HIS A 163 -4.59 -11.39 25.83
N GLU A 164 -5.39 -12.36 25.52
CA GLU A 164 -5.13 -13.69 25.91
C GLU A 164 -4.44 -14.40 24.76
N LYS A 165 -3.17 -14.68 24.94
CA LYS A 165 -2.34 -15.32 23.91
C LYS A 165 -2.95 -16.65 23.45
N ALA A 166 -3.75 -17.20 24.29
CA ALA A 166 -4.50 -18.40 24.03
C ALA A 166 -5.31 -18.32 22.72
N GLU A 167 -5.81 -17.12 22.34
CA GLU A 167 -6.65 -17.06 21.15
C GLU A 167 -5.83 -16.64 19.92
N VAL A 168 -4.51 -16.49 20.08
CA VAL A 168 -3.63 -16.05 18.97
C VAL A 168 -3.77 -16.89 17.67
N PRO A 169 -3.60 -18.25 17.70
CA PRO A 169 -3.76 -19.08 16.50
C PRO A 169 -5.18 -18.96 15.92
N ALA A 170 -6.16 -18.93 16.81
CA ALA A 170 -7.55 -18.83 16.42
C ALA A 170 -7.86 -17.48 15.79
N ALA A 171 -7.35 -16.40 16.40
CA ALA A 171 -7.54 -15.06 15.89
C ALA A 171 -6.96 -14.92 14.49
N LEU A 172 -5.78 -15.50 14.30
CA LEU A 172 -5.09 -15.45 13.03
C LEU A 172 -5.88 -16.23 11.95
N GLU A 173 -6.41 -17.38 12.33
CA GLU A 173 -7.16 -18.21 11.43
C GLU A 173 -8.53 -17.54 11.16
N LYS A 174 -9.09 -16.91 12.19
CA LYS A 174 -10.33 -16.19 12.09
C LYS A 174 -10.19 -15.08 11.04
N ILE A 175 -9.01 -14.46 10.99
CA ILE A 175 -8.71 -13.47 9.98
C ILE A 175 -8.85 -14.07 8.59
N ILE A 176 -8.21 -15.22 8.39
CA ILE A 176 -8.27 -15.92 7.11
C ILE A 176 -9.72 -16.30 6.79
N THR A 177 -10.45 -16.72 7.81
CA THR A 177 -11.86 -17.08 7.67
C THR A 177 -12.65 -15.89 7.11
N VAL A 178 -12.50 -14.72 7.75
CA VAL A 178 -13.21 -13.54 7.32
C VAL A 178 -12.74 -13.11 5.93
N SER A 179 -11.45 -13.25 5.68
CA SER A 179 -10.86 -12.90 4.40
C SER A 179 -11.48 -13.69 3.25
N SER A 180 -11.65 -14.99 3.45
CA SER A 180 -12.22 -15.82 2.43
C SER A 180 -13.71 -15.51 2.25
N MET A 181 -14.34 -15.12 3.34
CA MET A 181 -15.76 -14.77 3.32
C MET A 181 -15.98 -13.41 2.65
N LEU A 182 -14.93 -12.61 2.61
CA LEU A 182 -14.97 -11.33 1.95
C LEU A 182 -14.41 -11.40 0.54
N GLY A 183 -13.87 -12.54 0.18
CA GLY A 183 -13.35 -12.70 -1.15
C GLY A 183 -12.24 -13.71 -1.22
N VAL A 184 -11.04 -13.25 -1.45
CA VAL A 184 -9.90 -14.13 -1.60
C VAL A 184 -8.82 -13.77 -0.58
N PRO A 185 -8.37 -14.74 0.22
CA PRO A 185 -7.29 -14.50 1.16
C PRO A 185 -5.94 -14.34 0.42
N ALA A 186 -5.08 -13.55 0.98
CA ALA A 186 -3.80 -13.27 0.38
C ALA A 186 -2.72 -13.48 1.42
N GLN A 187 -1.53 -12.99 1.16
CA GLN A 187 -0.46 -13.16 2.11
C GLN A 187 0.04 -11.82 2.61
N GLU A 188 0.93 -11.87 3.56
CA GLU A 188 1.32 -10.73 4.37
C GLU A 188 2.51 -9.87 3.78
N GLU A 189 2.76 -9.89 2.45
CA GLU A 189 3.88 -9.04 1.98
C GLU A 189 3.37 -7.66 1.59
N ALA A 190 2.12 -7.63 1.11
CA ALA A 190 1.41 -6.43 0.69
C ALA A 190 1.86 -5.89 -0.64
N PRO A 191 1.12 -6.20 -1.71
CA PRO A 191 1.36 -5.62 -2.99
C PRO A 191 0.71 -4.25 -3.04
N ALA A 192 1.54 -3.24 -3.14
CA ALA A 192 1.04 -1.90 -3.27
C ALA A 192 0.32 -1.77 -4.60
N LYS A 193 -0.54 -0.80 -4.70
CA LYS A 193 -1.33 -0.55 -5.90
C LYS A 193 -0.46 -0.53 -7.17
N LEU A 194 0.55 0.31 -7.13
CA LEU A 194 1.42 0.50 -8.29
C LEU A 194 2.27 -0.78 -8.56
N MET A 195 2.47 -1.56 -7.51
CA MET A 195 3.14 -2.86 -7.59
C MET A 195 2.16 -3.78 -8.39
N VAL A 196 0.89 -3.69 -8.03
CA VAL A 196 -0.21 -4.41 -8.71
C VAL A 196 -0.27 -4.04 -10.19
N TYR A 197 0.01 -2.76 -10.48
CA TYR A 197 0.10 -2.27 -11.84
C TYR A 197 1.08 -3.12 -12.61
N LEU A 198 2.20 -3.41 -11.98
CA LEU A 198 3.16 -4.26 -12.60
C LEU A 198 2.61 -5.65 -12.80
N GLN A 199 2.01 -6.23 -11.77
CA GLN A 199 1.46 -7.60 -11.82
C GLN A 199 0.56 -7.79 -13.02
N ARG A 200 -0.25 -6.82 -13.23
CA ARG A 200 -1.22 -6.82 -14.32
C ARG A 200 -0.58 -6.64 -15.70
N PHE A 201 0.25 -5.62 -15.87
CA PHE A 201 0.78 -5.29 -17.20
C PHE A 201 2.22 -5.72 -17.48
N ARG A 202 2.90 -6.23 -16.48
CA ARG A 202 4.30 -6.59 -16.57
C ARG A 202 4.69 -7.54 -15.42
N PRO A 203 4.37 -8.84 -15.57
CA PRO A 203 4.50 -9.82 -14.50
C PRO A 203 5.93 -10.13 -14.10
N LEU A 204 6.82 -10.21 -15.05
CA LEU A 204 8.18 -10.53 -14.72
C LEU A 204 8.81 -9.31 -14.05
N ASP A 205 8.39 -8.15 -14.52
CA ASP A 205 8.84 -6.86 -13.98
C ASP A 205 8.38 -6.80 -12.52
N TYR A 206 7.14 -7.25 -12.29
CA TYR A 206 6.56 -7.41 -10.97
C TYR A 206 7.39 -8.32 -10.09
N GLN A 207 7.78 -9.47 -10.61
CA GLN A 207 8.56 -10.44 -9.83
C GLN A 207 9.89 -9.87 -9.38
N ARG A 208 10.56 -9.16 -10.28
CA ARG A 208 11.86 -8.53 -9.97
C ARG A 208 11.70 -7.62 -8.78
N LEU A 209 10.61 -6.90 -8.77
CA LEU A 209 10.28 -6.02 -7.69
C LEU A 209 9.86 -6.80 -6.44
N LEU A 210 8.97 -7.77 -6.62
CA LEU A 210 8.40 -8.56 -5.54
C LEU A 210 9.45 -9.25 -4.71
N GLU A 211 10.34 -9.97 -5.35
CA GLU A 211 11.38 -10.75 -4.66
C GLU A 211 12.24 -9.84 -3.80
N ALA A 212 12.37 -8.63 -4.22
CA ALA A 212 13.12 -7.63 -3.48
C ALA A 212 12.28 -6.91 -2.41
N ALA A 213 11.00 -6.72 -2.69
CA ALA A 213 10.10 -5.94 -1.84
C ALA A 213 9.26 -6.80 -0.89
N SER A 214 9.32 -8.11 -1.05
CA SER A 214 8.54 -9.01 -0.22
C SER A 214 9.14 -9.08 1.19
N SER A 215 8.91 -8.05 1.94
CA SER A 215 9.41 -7.96 3.29
C SER A 215 8.28 -7.53 4.23
N GLY A 216 7.12 -7.23 3.67
CA GLY A 216 6.00 -6.82 4.49
C GLY A 216 5.65 -5.36 4.29
N GLU A 217 4.70 -4.90 5.06
CA GLU A 217 4.19 -3.53 5.00
C GLU A 217 3.29 -3.38 6.22
N ALA A 218 2.26 -4.24 6.25
CA ALA A 218 1.33 -4.40 7.37
C ALA A 218 0.76 -3.12 7.94
N THR A 219 -0.35 -2.73 7.39
CA THR A 219 -1.08 -1.61 7.87
C THR A 219 -2.54 -1.96 7.98
N GLY A 220 -2.86 -2.76 8.97
CA GLY A 220 -4.20 -3.19 9.18
C GLY A 220 -4.92 -2.31 10.13
N ASP A 221 -4.16 -1.62 10.94
CA ASP A 221 -4.73 -0.75 11.90
C ASP A 221 -4.93 0.63 11.37
N SER A 222 -6.12 0.91 10.98
CA SER A 222 -6.50 2.22 10.59
C SER A 222 -7.87 2.50 11.18
N ALA A 223 -7.87 3.01 12.39
CA ALA A 223 -9.08 3.30 13.09
C ALA A 223 -8.87 4.37 14.10
N SER A 224 -9.81 5.25 14.19
CA SER A 224 -9.82 6.26 15.18
C SER A 224 -11.07 6.07 16.05
N SER A 1 12.35 -3.81 17.96
CA SER A 1 11.72 -5.04 18.36
C SER A 1 10.23 -4.80 18.63
N ALA A 2 9.41 -5.73 18.19
CA ALA A 2 7.99 -5.63 18.40
C ALA A 2 7.62 -6.14 19.78
N GLN A 3 7.03 -5.28 20.57
CA GLN A 3 6.63 -5.61 21.93
C GLN A 3 5.16 -5.23 22.11
N GLY A 4 4.65 -5.34 23.33
CA GLY A 4 3.25 -5.04 23.58
C GLY A 4 2.40 -6.17 23.16
N LEU A 5 1.36 -5.84 22.44
CA LEU A 5 0.51 -6.83 21.92
C LEU A 5 1.03 -7.22 20.58
N ILE A 6 1.01 -8.46 20.36
CA ILE A 6 1.47 -9.05 19.15
C ILE A 6 0.47 -8.78 18.05
N GLU A 7 0.91 -8.05 17.06
CA GLU A 7 0.09 -7.65 15.97
C GLU A 7 0.05 -8.74 14.93
N VAL A 8 -1.11 -9.27 14.71
CA VAL A 8 -1.32 -10.29 13.75
C VAL A 8 -2.15 -9.74 12.61
N GLU A 9 -1.55 -9.68 11.46
CA GLU A 9 -2.23 -9.19 10.31
C GLU A 9 -2.36 -10.31 9.30
N ARG A 10 -3.48 -10.36 8.64
CA ARG A 10 -3.65 -11.30 7.58
C ARG A 10 -4.11 -10.53 6.39
N LYS A 11 -4.12 -11.15 5.28
CA LYS A 11 -4.52 -10.51 4.09
C LYS A 11 -5.48 -11.40 3.33
N PHE A 12 -6.41 -10.80 2.68
CA PHE A 12 -7.36 -11.52 1.91
C PHE A 12 -7.68 -10.75 0.65
N ALA A 13 -8.31 -11.40 -0.27
CA ALA A 13 -8.77 -10.78 -1.47
C ALA A 13 -10.28 -10.69 -1.35
N PRO A 14 -10.80 -9.48 -1.09
CA PRO A 14 -12.23 -9.25 -0.91
C PRO A 14 -13.05 -9.68 -2.10
N GLY A 15 -14.26 -10.09 -1.84
CA GLY A 15 -15.16 -10.47 -2.88
C GLY A 15 -15.78 -9.26 -3.55
N PRO A 16 -16.90 -9.42 -4.24
CA PRO A 16 -17.52 -8.34 -4.99
C PRO A 16 -18.44 -7.43 -4.16
N ASP A 17 -18.66 -7.75 -2.90
CA ASP A 17 -19.58 -6.96 -2.09
C ASP A 17 -19.09 -6.80 -0.65
N THR A 18 -17.79 -6.92 -0.46
CA THR A 18 -17.14 -6.91 0.82
C THR A 18 -17.57 -5.73 1.72
N GLU A 19 -17.56 -4.51 1.20
CA GLU A 19 -17.95 -3.33 1.99
C GLU A 19 -19.37 -3.49 2.53
N GLU A 20 -20.28 -3.90 1.66
CA GLU A 20 -21.65 -4.11 2.06
C GLU A 20 -21.78 -5.33 2.97
N ARG A 21 -21.01 -6.36 2.69
CA ARG A 21 -20.98 -7.56 3.49
C ARG A 21 -20.53 -7.21 4.90
N LEU A 22 -19.51 -6.37 5.00
CA LEU A 22 -18.98 -5.87 6.27
C LEU A 22 -20.02 -5.17 7.08
N GLN A 23 -20.80 -4.35 6.43
CA GLN A 23 -21.87 -3.63 7.09
C GLN A 23 -22.92 -4.62 7.63
N GLU A 24 -23.14 -5.71 6.89
CA GLU A 24 -24.05 -6.78 7.33
C GLU A 24 -23.42 -7.57 8.48
N LEU A 25 -22.12 -7.81 8.40
CA LEU A 25 -21.39 -8.55 9.44
C LEU A 25 -21.26 -7.73 10.71
N GLY A 26 -21.28 -6.42 10.55
CA GLY A 26 -21.22 -5.56 11.69
C GLY A 26 -19.90 -4.81 11.82
N ALA A 27 -19.13 -4.72 10.73
CA ALA A 27 -17.90 -3.97 10.79
C ALA A 27 -18.18 -2.49 10.67
N THR A 28 -17.52 -1.73 11.48
CA THR A 28 -17.65 -0.31 11.54
C THR A 28 -16.71 0.36 10.56
N LEU A 29 -17.25 1.03 9.58
CA LEU A 29 -16.46 1.81 8.65
C LEU A 29 -16.00 3.05 9.37
N GLU A 30 -14.72 3.15 9.61
CA GLU A 30 -14.25 4.31 10.34
C GLU A 30 -13.83 5.43 9.44
N HIS A 31 -13.17 5.10 8.36
CA HIS A 31 -12.68 6.08 7.41
C HIS A 31 -12.72 5.52 6.04
N ARG A 32 -13.00 6.35 5.08
CA ARG A 32 -13.00 5.92 3.73
C ARG A 32 -12.54 7.05 2.85
N VAL A 33 -11.52 6.80 2.08
CA VAL A 33 -10.96 7.79 1.21
C VAL A 33 -11.04 7.36 -0.24
N THR A 34 -11.39 8.28 -1.10
CA THR A 34 -11.44 8.03 -2.52
C THR A 34 -10.69 9.13 -3.24
N PHE A 35 -9.72 8.76 -4.00
CA PHE A 35 -8.84 9.69 -4.66
C PHE A 35 -8.09 8.97 -5.74
N ARG A 36 -7.30 9.69 -6.48
CA ARG A 36 -6.45 9.07 -7.48
C ARG A 36 -5.02 9.06 -7.01
N ASP A 37 -4.32 8.00 -7.33
CA ASP A 37 -2.90 7.95 -7.13
C ASP A 37 -2.34 8.08 -8.50
N THR A 38 -1.64 9.12 -8.72
CA THR A 38 -1.12 9.42 -10.00
C THR A 38 0.39 9.29 -9.96
N TYR A 39 0.92 8.27 -10.62
CA TYR A 39 2.31 8.06 -10.63
C TYR A 39 2.92 8.52 -11.93
N TYR A 40 4.10 9.04 -11.82
CA TYR A 40 4.84 9.54 -12.96
C TYR A 40 6.13 8.81 -13.06
N ASP A 41 6.57 8.64 -14.25
CA ASP A 41 7.73 7.88 -14.56
C ASP A 41 8.18 8.23 -15.95
N THR A 42 9.36 7.83 -16.27
CA THR A 42 9.95 8.04 -17.54
C THR A 42 9.19 7.20 -18.58
N SER A 43 9.24 7.60 -19.82
CA SER A 43 8.55 6.87 -20.88
C SER A 43 9.12 5.46 -21.14
N GLU A 44 10.32 5.22 -20.63
CA GLU A 44 10.96 3.91 -20.78
C GLU A 44 10.88 3.09 -19.47
N LEU A 45 10.24 3.69 -18.44
CA LEU A 45 10.07 3.07 -17.11
C LEU A 45 11.38 2.81 -16.40
N SER A 46 12.39 3.55 -16.76
CA SER A 46 13.69 3.44 -16.17
C SER A 46 13.62 3.88 -14.71
N LEU A 47 12.94 5.01 -14.46
CA LEU A 47 12.84 5.54 -13.12
C LEU A 47 12.07 4.60 -12.19
N MET A 48 10.96 4.06 -12.69
CA MET A 48 10.13 3.10 -11.96
C MET A 48 10.96 1.88 -11.54
N LEU A 49 11.64 1.28 -12.49
CA LEU A 49 12.46 0.09 -12.26
C LEU A 49 13.74 0.38 -11.48
N SER A 50 14.02 1.65 -11.26
CA SER A 50 15.20 2.06 -10.49
C SER A 50 14.84 2.29 -9.01
N ASP A 51 13.67 1.80 -8.60
CA ASP A 51 13.19 1.89 -7.19
C ASP A 51 12.74 3.29 -6.84
N HIS A 52 12.54 4.12 -7.84
CA HIS A 52 12.06 5.45 -7.62
C HIS A 52 10.61 5.48 -8.00
N TRP A 53 9.77 5.92 -7.11
CA TRP A 53 8.34 5.92 -7.36
C TRP A 53 7.80 7.29 -7.09
N LEU A 54 7.14 7.87 -8.04
CA LEU A 54 6.60 9.17 -7.83
C LEU A 54 5.11 9.07 -7.78
N ARG A 55 4.51 9.65 -6.76
CA ARG A 55 3.08 9.67 -6.64
C ARG A 55 2.55 11.05 -6.28
N GLN A 56 1.59 11.48 -7.02
CA GLN A 56 0.82 12.63 -6.69
C GLN A 56 -0.50 12.08 -6.20
N ARG A 57 -0.83 12.27 -4.93
CA ARG A 57 -2.10 11.74 -4.48
C ARG A 57 -3.06 12.86 -4.30
N GLU A 58 -4.20 12.75 -5.00
CA GLU A 58 -5.34 13.71 -4.93
C GLU A 58 -4.90 15.17 -5.16
N GLY A 59 -3.71 15.33 -5.76
CA GLY A 59 -3.11 16.64 -5.96
C GLY A 59 -2.83 17.35 -4.66
N SER A 60 -2.70 16.58 -3.60
CA SER A 60 -2.47 17.10 -2.27
C SER A 60 -1.01 17.33 -2.07
N GLY A 61 -0.23 16.52 -2.71
CA GLY A 61 1.17 16.60 -2.55
C GLY A 61 1.87 15.58 -3.38
N TRP A 62 3.10 15.88 -3.66
CA TRP A 62 3.95 15.03 -4.43
C TRP A 62 4.77 14.18 -3.51
N GLU A 63 4.80 12.93 -3.77
CA GLU A 63 5.58 12.02 -3.00
C GLU A 63 6.51 11.30 -3.90
N LEU A 64 7.73 11.27 -3.53
CA LEU A 64 8.70 10.57 -4.28
C LEU A 64 9.35 9.54 -3.40
N LYS A 65 9.42 8.36 -3.88
CA LYS A 65 10.00 7.30 -3.12
C LYS A 65 11.42 7.12 -3.58
N CYS A 66 12.30 6.99 -2.67
CA CYS A 66 13.67 6.75 -2.99
C CYS A 66 14.24 5.76 -2.01
N PRO A 67 15.22 4.93 -2.40
CA PRO A 67 15.86 3.94 -1.50
C PRO A 67 16.80 4.61 -0.48
N GLY A 68 16.41 5.80 0.01
CA GLY A 68 17.18 6.54 0.98
C GLY A 68 18.36 7.22 0.36
N VAL A 69 19.21 6.42 -0.16
CA VAL A 69 20.39 6.84 -0.81
C VAL A 69 20.03 7.46 -2.16
N THR A 70 20.49 8.67 -2.40
CA THR A 70 20.23 9.30 -3.66
C THR A 70 21.26 8.85 -4.69
N GLY A 71 22.51 9.19 -4.47
CA GLY A 71 23.54 8.81 -5.40
C GLY A 71 24.84 8.47 -4.74
N VAL A 72 24.78 7.79 -3.60
CA VAL A 72 25.98 7.36 -2.92
C VAL A 72 26.53 6.10 -3.57
N SER A 73 25.92 4.96 -3.23
CA SER A 73 26.29 3.65 -3.74
C SER A 73 25.53 2.60 -2.95
N GLY A 74 24.60 1.95 -3.58
CA GLY A 74 23.88 0.89 -2.92
C GLY A 74 22.67 1.39 -2.15
N PRO A 75 21.62 0.57 -2.05
CA PRO A 75 20.45 0.91 -1.26
C PRO A 75 20.74 0.76 0.22
N HIS A 76 20.39 1.75 0.96
CA HIS A 76 20.67 1.82 2.38
C HIS A 76 19.75 2.85 2.98
N ASN A 77 19.46 2.74 4.28
CA ASN A 77 18.68 3.76 5.00
C ASN A 77 17.14 3.62 4.75
N GLU A 78 16.75 2.54 4.05
CA GLU A 78 15.34 2.21 3.72
C GLU A 78 14.74 3.21 2.73
N TYR A 79 13.48 3.02 2.34
CA TYR A 79 12.86 3.96 1.43
C TYR A 79 12.48 5.23 2.15
N VAL A 80 12.98 6.31 1.65
CA VAL A 80 12.65 7.62 2.15
C VAL A 80 11.60 8.22 1.25
N GLU A 81 10.54 8.66 1.85
CA GLU A 81 9.45 9.27 1.14
C GLU A 81 9.72 10.77 1.09
N VAL A 82 10.09 11.29 -0.03
CA VAL A 82 10.28 12.72 -0.13
C VAL A 82 8.94 13.38 -0.39
N THR A 83 8.51 14.18 0.55
CA THR A 83 7.28 14.91 0.41
C THR A 83 7.56 16.40 0.17
N SER A 84 8.80 16.78 0.36
CA SER A 84 9.23 18.14 0.19
C SER A 84 9.57 18.40 -1.28
N GLU A 85 8.92 19.40 -1.86
CA GLU A 85 9.06 19.72 -3.28
C GLU A 85 10.49 19.93 -3.73
N ALA A 86 11.25 20.70 -2.97
CA ALA A 86 12.62 21.05 -3.36
C ALA A 86 13.55 19.83 -3.44
N ALA A 87 13.32 18.82 -2.62
CA ALA A 87 14.14 17.64 -2.67
C ALA A 87 13.72 16.80 -3.86
N ILE A 88 12.43 16.88 -4.21
CA ILE A 88 11.89 16.19 -5.37
C ILE A 88 12.44 16.82 -6.65
N VAL A 89 12.39 18.14 -6.70
CA VAL A 89 12.90 18.92 -7.86
C VAL A 89 14.33 18.49 -8.19
N ALA A 90 15.16 18.47 -7.16
CA ALA A 90 16.55 18.08 -7.31
C ALA A 90 16.69 16.60 -7.68
N GLN A 91 15.85 15.77 -7.09
CA GLN A 91 15.90 14.35 -7.32
C GLN A 91 15.51 14.01 -8.77
N LEU A 92 14.44 14.62 -9.25
CA LEU A 92 14.00 14.42 -10.63
C LEU A 92 15.06 14.84 -11.63
N PHE A 93 15.81 15.88 -11.32
CA PHE A 93 16.89 16.32 -12.17
C PHE A 93 18.00 15.31 -12.34
N GLU A 94 18.42 14.67 -11.26
CA GLU A 94 19.41 13.62 -11.41
C GLU A 94 18.82 12.40 -12.11
N LEU A 95 17.58 12.06 -11.75
CA LEU A 95 16.92 10.88 -12.30
C LEU A 95 16.64 11.01 -13.78
N LEU A 96 16.22 12.19 -14.21
CA LEU A 96 15.93 12.39 -15.62
C LEU A 96 17.14 12.79 -16.41
N GLY A 97 18.26 12.93 -15.73
CA GLY A 97 19.48 13.25 -16.41
C GLY A 97 19.45 14.63 -16.97
N SER A 98 19.53 15.61 -16.13
CA SER A 98 19.49 16.95 -16.59
C SER A 98 20.48 17.84 -15.86
N GLY A 99 21.29 18.54 -16.66
CA GLY A 99 22.24 19.51 -16.13
C GLY A 99 21.61 20.89 -16.15
N GLU A 100 20.31 20.87 -16.35
CA GLU A 100 19.49 22.05 -16.35
C GLU A 100 19.39 22.69 -14.97
N GLN A 101 18.99 23.93 -14.94
CA GLN A 101 18.81 24.69 -13.72
C GLN A 101 17.60 24.17 -12.96
N LYS A 102 17.61 24.27 -11.64
CA LYS A 102 16.41 23.94 -10.89
C LYS A 102 15.35 24.98 -11.20
N PRO A 103 14.17 24.55 -11.63
CA PRO A 103 13.08 25.46 -11.95
C PRO A 103 12.48 26.15 -10.73
N ALA A 104 11.70 25.40 -9.95
CA ALA A 104 11.04 25.92 -8.76
C ALA A 104 10.30 24.81 -8.08
N GLY A 105 9.32 24.27 -8.77
CA GLY A 105 8.49 23.26 -8.20
C GLY A 105 8.51 21.99 -9.00
N VAL A 106 7.85 20.99 -8.48
CA VAL A 106 7.79 19.67 -9.08
C VAL A 106 6.99 19.72 -10.38
N ALA A 107 5.95 20.53 -10.40
CA ALA A 107 5.11 20.63 -11.59
C ALA A 107 5.90 21.20 -12.76
N ALA A 108 6.86 22.03 -12.45
CA ALA A 108 7.74 22.60 -13.43
C ALA A 108 8.72 21.55 -13.95
N VAL A 109 9.28 20.73 -13.05
CA VAL A 109 10.24 19.70 -13.47
C VAL A 109 9.53 18.63 -14.27
N LEU A 110 8.27 18.46 -13.96
CA LEU A 110 7.43 17.46 -14.56
C LEU A 110 7.36 17.67 -16.07
N GLY A 111 7.02 18.90 -16.45
CA GLY A 111 6.94 19.25 -17.85
C GLY A 111 8.30 19.33 -18.50
N SER A 112 9.22 19.99 -17.81
CA SER A 112 10.57 20.22 -18.30
C SER A 112 11.33 18.93 -18.55
N LEU A 113 11.17 17.95 -17.67
CA LEU A 113 11.91 16.72 -17.81
C LEU A 113 11.11 15.66 -18.55
N LYS A 114 9.87 16.03 -18.88
CA LYS A 114 8.99 15.24 -19.76
C LYS A 114 8.61 13.87 -19.20
N LEU A 115 8.16 13.82 -17.97
CA LEU A 115 7.71 12.54 -17.44
C LEU A 115 6.28 12.32 -17.82
N GLN A 116 5.92 11.07 -17.88
CA GLN A 116 4.59 10.72 -18.22
C GLN A 116 3.85 10.32 -16.98
N GLU A 117 2.58 10.63 -16.94
CA GLU A 117 1.72 10.11 -15.94
C GLU A 117 1.50 8.65 -16.34
N VAL A 118 2.34 7.79 -15.80
CA VAL A 118 2.38 6.40 -16.20
C VAL A 118 1.09 5.69 -15.80
N ALA A 119 0.54 6.07 -14.68
CA ALA A 119 -0.69 5.50 -14.22
C ALA A 119 -1.37 6.41 -13.26
N SER A 120 -2.60 6.67 -13.51
CA SER A 120 -3.42 7.42 -12.64
C SER A 120 -4.72 6.68 -12.52
N PHE A 121 -4.97 6.21 -11.34
CA PHE A 121 -6.05 5.33 -11.08
C PHE A 121 -6.71 5.62 -9.76
N ILE A 122 -8.00 5.34 -9.70
CA ILE A 122 -8.82 5.70 -8.57
C ILE A 122 -8.67 4.67 -7.46
N THR A 123 -8.45 5.16 -6.29
CA THR A 123 -8.30 4.37 -5.12
C THR A 123 -9.45 4.62 -4.15
N THR A 124 -10.15 3.57 -3.86
CA THR A 124 -11.14 3.58 -2.85
C THR A 124 -10.57 2.79 -1.68
N ARG A 125 -10.24 3.47 -0.64
CA ARG A 125 -9.65 2.85 0.50
C ARG A 125 -10.58 3.02 1.68
N SER A 126 -11.04 1.93 2.21
CA SER A 126 -11.98 1.93 3.28
C SER A 126 -11.47 1.12 4.45
N SER A 127 -11.44 1.70 5.60
CA SER A 127 -10.97 1.01 6.77
C SER A 127 -12.15 0.69 7.69
N TRP A 128 -12.28 -0.57 8.01
CA TRP A 128 -13.37 -1.09 8.81
C TRP A 128 -12.82 -1.74 10.02
N LYS A 129 -13.56 -1.76 11.06
CA LYS A 129 -13.16 -2.51 12.22
C LYS A 129 -14.34 -3.14 12.87
N LEU A 130 -14.10 -4.16 13.60
CA LEU A 130 -15.18 -4.94 14.17
C LEU A 130 -14.74 -5.40 15.55
N ALA A 131 -15.60 -5.27 16.51
CA ALA A 131 -15.31 -5.66 17.86
C ALA A 131 -15.96 -6.99 18.18
N LEU A 132 -15.16 -8.01 18.34
CA LEU A 132 -15.69 -9.33 18.65
C LEU A 132 -16.03 -9.40 20.13
N SER A 133 -17.27 -9.68 20.40
CA SER A 133 -17.78 -9.72 21.74
C SER A 133 -17.91 -11.15 22.24
N GLY A 134 -17.71 -12.11 21.34
CA GLY A 134 -17.85 -13.52 21.67
C GLY A 134 -16.61 -14.11 22.29
N ALA A 135 -15.90 -13.29 23.03
CA ALA A 135 -14.69 -13.67 23.69
C ALA A 135 -14.50 -12.77 24.87
N HIS A 136 -14.06 -13.33 25.97
CA HIS A 136 -13.85 -12.56 27.17
C HIS A 136 -12.39 -12.69 27.55
N GLY A 137 -11.85 -11.66 28.16
CA GLY A 137 -10.44 -11.65 28.47
C GLY A 137 -9.71 -11.06 27.30
N GLN A 138 -9.72 -11.77 26.23
CA GLN A 138 -9.22 -11.27 24.99
C GLN A 138 -10.41 -10.72 24.25
N GLU A 139 -10.42 -9.45 24.05
CA GLU A 139 -11.51 -8.82 23.38
C GLU A 139 -10.97 -8.15 22.14
N PRO A 140 -11.11 -8.80 20.99
CA PRO A 140 -10.53 -8.31 19.79
C PRO A 140 -11.34 -7.26 19.05
N GLN A 141 -10.95 -6.02 19.20
CA GLN A 141 -11.45 -4.98 18.36
C GLN A 141 -10.43 -4.86 17.26
N LEU A 142 -10.69 -5.47 16.17
CA LEU A 142 -9.69 -5.53 15.13
C LEU A 142 -10.15 -4.77 13.90
N THR A 143 -9.19 -4.30 13.14
CA THR A 143 -9.47 -3.48 11.99
C THR A 143 -9.15 -4.21 10.68
N ILE A 144 -10.05 -4.11 9.75
CA ILE A 144 -9.97 -4.70 8.45
C ILE A 144 -9.81 -3.57 7.46
N ASP A 145 -8.73 -3.54 6.78
CA ASP A 145 -8.49 -2.47 5.85
C ASP A 145 -8.72 -2.95 4.43
N LEU A 146 -9.57 -2.25 3.72
CA LEU A 146 -9.83 -2.54 2.32
C LEU A 146 -9.26 -1.46 1.45
N ASP A 147 -8.37 -1.84 0.61
CA ASP A 147 -7.74 -0.92 -0.29
C ASP A 147 -8.00 -1.38 -1.71
N SER A 148 -8.74 -0.60 -2.46
CA SER A 148 -9.12 -1.00 -3.80
C SER A 148 -8.73 0.04 -4.84
N ALA A 149 -8.58 -0.38 -6.09
CA ALA A 149 -8.18 0.49 -7.16
C ALA A 149 -8.86 0.18 -8.46
N ASP A 150 -8.82 1.16 -9.34
CA ASP A 150 -9.44 1.15 -10.68
C ASP A 150 -9.08 -0.08 -11.53
N PHE A 151 -7.80 -0.45 -11.55
CA PHE A 151 -7.38 -1.58 -12.37
C PHE A 151 -7.60 -2.93 -11.68
N GLY A 152 -8.88 -3.27 -11.49
CA GLY A 152 -9.31 -4.57 -10.93
C GLY A 152 -8.61 -4.95 -9.63
N TYR A 153 -8.45 -4.00 -8.74
CA TYR A 153 -7.72 -4.26 -7.52
C TYR A 153 -8.56 -4.04 -6.28
N ALA A 154 -8.53 -4.99 -5.39
CA ALA A 154 -9.17 -4.92 -4.11
C ALA A 154 -8.41 -5.79 -3.13
N VAL A 155 -7.78 -5.20 -2.15
CA VAL A 155 -7.07 -5.97 -1.16
C VAL A 155 -7.75 -5.79 0.19
N GLY A 156 -7.62 -6.76 1.03
CA GLY A 156 -8.10 -6.66 2.35
C GLY A 156 -7.06 -7.15 3.30
N GLU A 157 -6.93 -6.53 4.43
CA GLU A 157 -5.95 -6.87 5.41
C GLU A 157 -6.57 -6.75 6.78
N VAL A 158 -6.50 -7.78 7.55
CA VAL A 158 -7.12 -7.77 8.86
C VAL A 158 -6.04 -7.64 9.90
N GLU A 159 -6.17 -6.67 10.75
CA GLU A 159 -5.16 -6.41 11.74
C GLU A 159 -5.78 -6.51 13.15
N ALA A 160 -5.24 -7.43 13.92
CA ALA A 160 -5.62 -7.64 15.32
C ALA A 160 -4.36 -7.71 16.18
N MET A 161 -4.45 -7.35 17.44
CA MET A 161 -3.29 -7.47 18.32
C MET A 161 -3.64 -8.24 19.56
N VAL A 162 -2.86 -9.23 19.86
CA VAL A 162 -3.10 -10.09 21.00
C VAL A 162 -2.04 -9.86 22.06
N HIS A 163 -2.40 -9.99 23.29
CA HIS A 163 -1.49 -9.65 24.37
C HIS A 163 -0.97 -10.94 24.98
N GLU A 164 -1.12 -11.98 24.22
CA GLU A 164 -0.68 -13.30 24.55
C GLU A 164 -0.43 -14.07 23.26
N LYS A 165 0.73 -14.74 23.17
CA LYS A 165 1.10 -15.44 21.93
C LYS A 165 0.26 -16.68 21.71
N ALA A 166 -0.18 -17.31 22.77
CA ALA A 166 -1.00 -18.51 22.68
C ALA A 166 -2.28 -18.24 21.86
N GLU A 167 -2.78 -17.03 21.95
CA GLU A 167 -3.97 -16.63 21.25
C GLU A 167 -3.68 -16.14 19.83
N VAL A 168 -2.42 -16.19 19.41
CA VAL A 168 -2.03 -15.83 18.04
C VAL A 168 -2.70 -16.75 17.00
N PRO A 169 -2.52 -18.12 17.09
CA PRO A 169 -3.17 -19.04 16.15
C PRO A 169 -4.69 -18.96 16.23
N ALA A 170 -5.21 -18.64 17.42
CA ALA A 170 -6.63 -18.50 17.64
C ALA A 170 -7.16 -17.30 16.88
N ALA A 171 -6.56 -16.13 17.14
CA ALA A 171 -6.94 -14.88 16.47
C ALA A 171 -6.74 -15.01 14.97
N LEU A 172 -5.66 -15.71 14.60
CA LEU A 172 -5.34 -15.95 13.21
C LEU A 172 -6.51 -16.68 12.55
N GLU A 173 -6.97 -17.77 13.13
CA GLU A 173 -8.07 -18.52 12.55
C GLU A 173 -9.34 -17.69 12.46
N LYS A 174 -9.55 -16.81 13.43
CA LYS A 174 -10.72 -15.95 13.43
C LYS A 174 -10.66 -15.01 12.21
N ILE A 175 -9.52 -14.36 12.03
CA ILE A 175 -9.36 -13.42 10.94
C ILE A 175 -9.34 -14.15 9.60
N ILE A 176 -8.74 -15.32 9.60
CA ILE A 176 -8.69 -16.19 8.44
C ILE A 176 -10.10 -16.56 7.96
N THR A 177 -10.91 -17.04 8.88
CA THR A 177 -12.26 -17.48 8.57
C THR A 177 -13.15 -16.33 8.07
N VAL A 178 -13.16 -15.20 8.79
CA VAL A 178 -13.99 -14.05 8.41
C VAL A 178 -13.60 -13.52 7.02
N SER A 179 -12.32 -13.55 6.73
CA SER A 179 -11.83 -13.07 5.45
C SER A 179 -12.28 -13.98 4.30
N SER A 180 -12.33 -15.28 4.56
CA SER A 180 -12.78 -16.25 3.57
C SER A 180 -14.30 -16.09 3.37
N MET A 181 -14.97 -15.60 4.39
CA MET A 181 -16.38 -15.33 4.34
C MET A 181 -16.65 -14.06 3.52
N LEU A 182 -15.64 -13.21 3.44
CA LEU A 182 -15.73 -12.01 2.63
C LEU A 182 -15.31 -12.30 1.21
N GLY A 183 -14.45 -13.27 1.04
CA GLY A 183 -13.96 -13.56 -0.29
C GLY A 183 -12.95 -14.69 -0.34
N VAL A 184 -11.79 -14.39 -0.87
CA VAL A 184 -10.76 -15.38 -1.09
C VAL A 184 -9.52 -15.01 -0.28
N PRO A 185 -8.86 -15.95 0.38
CA PRO A 185 -7.59 -15.68 1.10
C PRO A 185 -6.47 -15.21 0.14
N ALA A 186 -5.63 -14.30 0.61
CA ALA A 186 -4.55 -13.76 -0.22
C ALA A 186 -3.30 -13.50 0.60
N GLN A 187 -2.23 -13.11 -0.08
CA GLN A 187 -0.93 -12.85 0.51
C GLN A 187 0.00 -12.41 -0.62
N GLU A 188 0.23 -11.09 -0.74
CA GLU A 188 1.11 -10.56 -1.79
C GLU A 188 1.98 -9.41 -1.25
N GLU A 189 2.17 -9.41 0.05
CA GLU A 189 3.05 -8.49 0.78
C GLU A 189 2.57 -7.03 0.77
N ALA A 190 1.36 -6.82 0.27
CA ALA A 190 0.72 -5.50 0.19
C ALA A 190 1.40 -4.58 -0.82
N PRO A 191 0.81 -4.49 -2.01
CA PRO A 191 1.31 -3.67 -3.05
C PRO A 191 0.84 -2.26 -2.90
N ALA A 192 1.66 -1.36 -3.31
CA ALA A 192 1.23 -0.01 -3.49
C ALA A 192 0.46 -0.04 -4.81
N LYS A 193 -0.37 0.94 -5.07
CA LYS A 193 -1.19 0.94 -6.29
C LYS A 193 -0.37 0.72 -7.54
N LEU A 194 0.73 1.40 -7.62
CA LEU A 194 1.57 1.32 -8.79
C LEU A 194 2.20 -0.08 -8.93
N MET A 195 2.32 -0.78 -7.84
CA MET A 195 2.82 -2.13 -7.88
C MET A 195 1.76 -3.05 -8.47
N VAL A 196 0.52 -2.67 -8.24
CA VAL A 196 -0.61 -3.34 -8.81
C VAL A 196 -0.60 -3.11 -10.30
N TYR A 197 -0.21 -1.89 -10.68
CA TYR A 197 0.00 -1.55 -12.07
C TYR A 197 0.97 -2.53 -12.69
N LEU A 198 1.97 -2.94 -11.91
CA LEU A 198 2.88 -3.90 -12.44
C LEU A 198 2.21 -5.25 -12.60
N GLN A 199 1.64 -5.82 -11.54
CA GLN A 199 1.04 -7.17 -11.64
C GLN A 199 -0.06 -7.25 -12.71
N ARG A 200 -0.77 -6.16 -12.90
CA ARG A 200 -1.83 -6.09 -13.88
C ARG A 200 -1.29 -6.07 -15.34
N PHE A 201 -0.35 -5.18 -15.61
CA PHE A 201 0.13 -4.98 -17.00
C PHE A 201 1.47 -5.66 -17.30
N ARG A 202 2.26 -5.90 -16.29
CA ARG A 202 3.63 -6.40 -16.40
C ARG A 202 3.97 -7.33 -15.22
N PRO A 203 3.44 -8.58 -15.28
CA PRO A 203 3.53 -9.54 -14.17
C PRO A 203 4.94 -10.01 -13.86
N LEU A 204 5.80 -10.09 -14.86
CA LEU A 204 7.16 -10.52 -14.59
C LEU A 204 7.81 -9.42 -13.79
N ASP A 205 7.60 -8.18 -14.25
CA ASP A 205 8.25 -7.02 -13.66
C ASP A 205 7.78 -6.84 -12.23
N TYR A 206 6.51 -7.15 -12.01
CA TYR A 206 5.92 -7.15 -10.71
C TYR A 206 6.64 -8.10 -9.74
N GLN A 207 6.90 -9.32 -10.18
CA GLN A 207 7.61 -10.31 -9.35
C GLN A 207 9.00 -9.85 -8.98
N ARG A 208 9.68 -9.23 -9.93
CA ARG A 208 11.06 -8.74 -9.74
C ARG A 208 11.06 -7.80 -8.55
N LEU A 209 10.08 -6.94 -8.53
CA LEU A 209 9.84 -6.01 -7.49
C LEU A 209 9.32 -6.70 -6.21
N LEU A 210 8.31 -7.55 -6.37
CA LEU A 210 7.61 -8.19 -5.27
C LEU A 210 8.54 -8.97 -4.36
N GLU A 211 9.37 -9.80 -4.95
CA GLU A 211 10.28 -10.65 -4.18
C GLU A 211 11.25 -9.81 -3.36
N ALA A 212 11.52 -8.66 -3.88
CA ALA A 212 12.40 -7.68 -3.24
C ALA A 212 11.63 -6.84 -2.21
N ALA A 213 10.35 -6.71 -2.42
CA ALA A 213 9.48 -5.88 -1.59
C ALA A 213 8.64 -6.75 -0.67
N SER A 214 9.12 -7.95 -0.38
CA SER A 214 8.46 -8.85 0.53
C SER A 214 8.66 -8.33 1.94
N SER A 215 7.81 -7.43 2.32
CA SER A 215 7.91 -6.78 3.59
C SER A 215 6.71 -7.14 4.48
N GLY A 216 6.04 -8.23 4.16
CA GLY A 216 4.86 -8.63 4.92
C GLY A 216 5.23 -9.34 6.20
N GLU A 217 5.83 -8.61 7.10
CA GLU A 217 6.20 -9.11 8.41
C GLU A 217 5.09 -8.91 9.40
N ALA A 218 4.72 -9.96 10.06
CA ALA A 218 3.68 -9.92 11.03
C ALA A 218 4.03 -10.83 12.17
N THR A 219 3.52 -10.52 13.35
CA THR A 219 3.70 -11.32 14.53
C THR A 219 5.15 -11.28 15.05
N GLY A 220 5.40 -10.38 15.96
CA GLY A 220 6.70 -10.25 16.56
C GLY A 220 6.78 -11.00 17.86
N ASP A 221 7.93 -11.02 18.46
CA ASP A 221 8.11 -11.74 19.70
C ASP A 221 7.98 -10.82 20.89
N SER A 222 6.85 -10.88 21.51
CA SER A 222 6.59 -10.21 22.72
C SER A 222 6.41 -11.29 23.77
N ALA A 223 6.98 -11.10 24.94
CA ALA A 223 6.89 -12.09 25.99
C ALA A 223 5.50 -12.05 26.61
N SER A 224 4.67 -12.98 26.21
CA SER A 224 3.32 -13.08 26.68
C SER A 224 2.82 -14.53 26.50
N SER A 1 8.85 -10.92 23.16
CA SER A 1 9.24 -10.54 24.50
C SER A 1 8.01 -10.29 25.34
N ALA A 2 7.67 -11.27 26.18
CA ALA A 2 6.49 -11.27 27.07
C ALA A 2 5.20 -11.22 26.26
N GLN A 3 4.09 -11.21 26.94
CA GLN A 3 2.82 -11.11 26.28
C GLN A 3 2.18 -9.77 26.53
N GLY A 4 1.05 -9.58 25.94
CA GLY A 4 0.32 -8.37 25.98
C GLY A 4 -0.69 -8.48 24.90
N LEU A 5 -0.91 -7.45 24.18
CA LEU A 5 -1.77 -7.55 23.01
C LEU A 5 -0.95 -8.00 21.81
N ILE A 6 -1.04 -9.27 21.48
CA ILE A 6 -0.28 -9.86 20.39
C ILE A 6 -0.96 -9.58 19.06
N GLU A 7 -0.19 -9.05 18.14
CA GLU A 7 -0.68 -8.73 16.82
C GLU A 7 -0.70 -9.94 15.93
N VAL A 8 -1.86 -10.46 15.71
CA VAL A 8 -2.01 -11.53 14.79
C VAL A 8 -2.53 -10.93 13.48
N GLU A 9 -1.78 -11.15 12.44
CA GLU A 9 -2.04 -10.51 11.19
C GLU A 9 -2.33 -11.50 10.10
N ARG A 10 -3.09 -11.07 9.15
CA ARG A 10 -3.30 -11.78 7.94
C ARG A 10 -3.82 -10.81 6.94
N LYS A 11 -3.45 -11.00 5.75
CA LYS A 11 -3.88 -10.15 4.73
C LYS A 11 -4.81 -10.94 3.84
N PHE A 12 -5.71 -10.28 3.17
CA PHE A 12 -6.62 -10.95 2.30
C PHE A 12 -6.79 -10.19 1.00
N ALA A 13 -7.22 -10.88 -0.02
CA ALA A 13 -7.51 -10.28 -1.29
C ALA A 13 -8.99 -10.46 -1.59
N PRO A 14 -9.79 -9.48 -1.21
CA PRO A 14 -11.22 -9.51 -1.39
C PRO A 14 -11.67 -8.94 -2.71
N GLY A 15 -12.92 -9.15 -3.04
CA GLY A 15 -13.46 -8.64 -4.27
C GLY A 15 -14.00 -7.24 -4.06
N PRO A 16 -14.49 -6.56 -5.12
CA PRO A 16 -14.99 -5.17 -5.02
C PRO A 16 -16.14 -4.98 -4.00
N ASP A 17 -16.71 -6.08 -3.54
CA ASP A 17 -17.81 -6.06 -2.60
C ASP A 17 -17.34 -6.15 -1.15
N THR A 18 -16.07 -5.84 -0.87
CA THR A 18 -15.57 -5.99 0.48
C THR A 18 -16.29 -5.04 1.44
N GLU A 19 -16.27 -3.74 1.11
CA GLU A 19 -16.92 -2.72 1.93
C GLU A 19 -18.39 -2.96 2.03
N GLU A 20 -18.96 -3.47 0.96
CA GLU A 20 -20.36 -3.77 0.91
C GLU A 20 -20.66 -4.86 1.92
N ARG A 21 -19.88 -5.94 1.86
CA ARG A 21 -20.04 -7.06 2.68
C ARG A 21 -19.67 -6.78 4.14
N LEU A 22 -18.57 -6.04 4.39
CA LEU A 22 -18.25 -5.62 5.77
C LEU A 22 -19.41 -4.92 6.46
N GLN A 23 -20.13 -4.09 5.74
CA GLN A 23 -21.29 -3.42 6.30
C GLN A 23 -22.40 -4.43 6.59
N GLU A 24 -22.51 -5.44 5.75
CA GLU A 24 -23.48 -6.51 5.95
C GLU A 24 -23.06 -7.39 7.15
N LEU A 25 -21.74 -7.57 7.28
CA LEU A 25 -21.15 -8.38 8.36
C LEU A 25 -21.20 -7.63 9.69
N GLY A 26 -21.23 -6.32 9.61
CA GLY A 26 -21.32 -5.52 10.79
C GLY A 26 -20.00 -4.93 11.23
N ALA A 27 -19.06 -4.72 10.29
CA ALA A 27 -17.82 -4.09 10.64
C ALA A 27 -18.01 -2.59 10.74
N THR A 28 -17.38 -1.99 11.69
CA THR A 28 -17.50 -0.58 11.91
C THR A 28 -16.48 0.17 11.05
N LEU A 29 -16.96 0.89 10.07
CA LEU A 29 -16.12 1.73 9.25
C LEU A 29 -15.66 2.90 10.08
N GLU A 30 -14.39 2.95 10.41
CA GLU A 30 -13.93 4.06 11.23
C GLU A 30 -13.50 5.27 10.41
N HIS A 31 -12.83 5.02 9.32
CA HIS A 31 -12.32 6.10 8.49
C HIS A 31 -12.05 5.56 7.12
N ARG A 32 -12.33 6.34 6.10
CA ARG A 32 -11.98 5.95 4.76
C ARG A 32 -11.60 7.14 3.94
N VAL A 33 -10.83 6.90 2.91
CA VAL A 33 -10.36 7.93 2.02
C VAL A 33 -10.58 7.53 0.58
N THR A 34 -10.95 8.47 -0.22
CA THR A 34 -11.16 8.27 -1.61
C THR A 34 -10.50 9.39 -2.40
N PHE A 35 -9.64 9.03 -3.32
CA PHE A 35 -8.90 10.00 -4.11
C PHE A 35 -8.28 9.31 -5.29
N ARG A 36 -7.66 10.06 -6.15
CA ARG A 36 -7.06 9.53 -7.35
C ARG A 36 -5.56 9.71 -7.28
N ASP A 37 -4.83 8.69 -7.66
CA ASP A 37 -3.38 8.78 -7.71
C ASP A 37 -2.94 8.83 -9.12
N THR A 38 -2.01 9.66 -9.38
CA THR A 38 -1.48 9.82 -10.68
C THR A 38 0.04 9.60 -10.60
N TYR A 39 0.54 8.50 -11.15
CA TYR A 39 1.94 8.21 -11.11
C TYR A 39 2.57 8.51 -12.43
N TYR A 40 3.78 9.02 -12.37
CA TYR A 40 4.52 9.40 -13.54
C TYR A 40 5.77 8.59 -13.67
N ASP A 41 6.27 8.51 -14.86
CA ASP A 41 7.42 7.73 -15.20
C ASP A 41 7.93 8.21 -16.55
N THR A 42 9.09 7.79 -16.88
CA THR A 42 9.70 8.03 -18.14
C THR A 42 8.95 7.24 -19.24
N SER A 43 9.34 7.42 -20.49
CA SER A 43 8.74 6.71 -21.60
C SER A 43 9.08 5.18 -21.56
N GLU A 44 10.04 4.80 -20.71
CA GLU A 44 10.54 3.43 -20.70
C GLU A 44 10.23 2.71 -19.37
N LEU A 45 9.49 3.38 -18.48
CA LEU A 45 9.22 2.86 -17.11
C LEU A 45 10.48 2.66 -16.31
N SER A 46 11.48 3.39 -16.72
CA SER A 46 12.74 3.41 -16.07
C SER A 46 12.62 3.98 -14.66
N LEU A 47 11.68 4.92 -14.45
CA LEU A 47 11.58 5.61 -13.17
C LEU A 47 11.18 4.61 -12.09
N MET A 48 10.05 3.93 -12.29
CA MET A 48 9.54 2.97 -11.32
C MET A 48 10.53 1.82 -11.12
N LEU A 49 11.18 1.39 -12.20
CA LEU A 49 12.19 0.32 -12.12
C LEU A 49 13.50 0.79 -11.49
N SER A 50 13.63 2.08 -11.26
CA SER A 50 14.79 2.60 -10.58
C SER A 50 14.51 2.70 -9.09
N ASP A 51 13.35 2.12 -8.68
CA ASP A 51 12.92 2.03 -7.27
C ASP A 51 12.58 3.44 -6.72
N HIS A 52 12.36 4.35 -7.66
CA HIS A 52 11.99 5.72 -7.37
C HIS A 52 10.61 5.96 -7.94
N TRP A 53 9.63 6.01 -7.09
CA TRP A 53 8.24 6.08 -7.51
C TRP A 53 7.72 7.52 -7.34
N LEU A 54 7.08 8.06 -8.36
CA LEU A 54 6.57 9.42 -8.29
C LEU A 54 5.08 9.47 -8.51
N ARG A 55 4.38 10.15 -7.63
CA ARG A 55 2.96 10.27 -7.75
C ARG A 55 2.50 11.67 -7.39
N GLN A 56 1.36 12.00 -7.87
CA GLN A 56 0.60 13.17 -7.50
C GLN A 56 -0.74 12.67 -7.08
N ARG A 57 -1.10 12.89 -5.84
CA ARG A 57 -2.37 12.43 -5.42
C ARG A 57 -3.34 13.54 -5.20
N GLU A 58 -4.43 13.49 -5.97
CA GLU A 58 -5.61 14.40 -5.88
C GLU A 58 -5.25 15.88 -6.02
N GLY A 59 -4.09 16.17 -6.56
CA GLY A 59 -3.62 17.54 -6.70
C GLY A 59 -3.20 18.10 -5.35
N SER A 60 -3.08 17.22 -4.40
CA SER A 60 -2.74 17.56 -3.05
C SER A 60 -1.25 17.63 -2.84
N GLY A 61 -0.50 17.12 -3.77
CA GLY A 61 0.91 17.21 -3.67
C GLY A 61 1.59 16.03 -4.26
N TRP A 62 2.80 16.23 -4.63
CA TRP A 62 3.60 15.24 -5.23
C TRP A 62 4.31 14.44 -4.18
N GLU A 63 4.46 13.19 -4.43
CA GLU A 63 5.11 12.35 -3.50
C GLU A 63 6.10 11.52 -4.25
N LEU A 64 7.29 11.47 -3.77
CA LEU A 64 8.33 10.75 -4.41
C LEU A 64 8.92 9.75 -3.44
N LYS A 65 9.04 8.54 -3.88
CA LYS A 65 9.58 7.49 -3.08
C LYS A 65 11.02 7.30 -3.48
N CYS A 66 11.90 7.46 -2.54
CA CYS A 66 13.31 7.23 -2.76
C CYS A 66 13.81 6.13 -1.84
N PRO A 67 14.65 5.23 -2.34
CA PRO A 67 15.16 4.07 -1.55
C PRO A 67 16.23 4.47 -0.52
N GLY A 68 16.03 5.58 0.17
CA GLY A 68 16.97 6.03 1.22
C GLY A 68 18.34 6.32 0.68
N VAL A 69 18.39 6.43 -0.59
CA VAL A 69 19.57 6.69 -1.31
C VAL A 69 19.23 7.73 -2.33
N THR A 70 19.94 8.79 -2.32
CA THR A 70 19.72 9.81 -3.26
C THR A 70 20.96 10.02 -4.11
N GLY A 71 22.14 9.89 -3.50
CA GLY A 71 23.36 10.07 -4.23
C GLY A 71 24.40 9.04 -3.87
N VAL A 72 24.00 7.95 -3.23
CA VAL A 72 24.97 6.89 -2.91
C VAL A 72 25.35 6.12 -4.18
N SER A 73 24.44 5.28 -4.63
CA SER A 73 24.67 4.46 -5.79
C SER A 73 23.37 3.81 -6.24
N GLY A 74 22.92 2.85 -5.47
CA GLY A 74 21.73 2.14 -5.78
C GLY A 74 20.82 2.00 -4.58
N PRO A 75 19.59 1.51 -4.78
CA PRO A 75 18.58 1.31 -3.71
C PRO A 75 19.06 0.40 -2.58
N HIS A 76 19.03 0.93 -1.38
CA HIS A 76 19.44 0.22 -0.16
C HIS A 76 18.66 0.83 0.99
N ASN A 77 19.10 0.58 2.21
CA ASN A 77 18.59 1.28 3.40
C ASN A 77 17.10 1.00 3.73
N GLU A 78 16.20 1.75 3.11
CA GLU A 78 14.74 1.71 3.33
C GLU A 78 14.19 2.90 2.57
N TYR A 79 12.89 2.99 2.41
CA TYR A 79 12.34 4.09 1.64
C TYR A 79 12.21 5.38 2.42
N VAL A 80 12.66 6.42 1.80
CA VAL A 80 12.51 7.76 2.26
C VAL A 80 11.53 8.42 1.33
N GLU A 81 10.71 9.25 1.84
CA GLU A 81 9.70 9.81 1.01
C GLU A 81 9.82 11.30 0.96
N VAL A 82 9.78 11.82 -0.22
CA VAL A 82 9.84 13.23 -0.42
C VAL A 82 8.48 13.72 -0.83
N THR A 83 7.89 14.53 -0.02
CA THR A 83 6.62 15.09 -0.34
C THR A 83 6.79 16.56 -0.73
N SER A 84 7.95 17.10 -0.45
CA SER A 84 8.23 18.48 -0.74
C SER A 84 8.81 18.65 -2.14
N GLU A 85 8.23 19.58 -2.88
CA GLU A 85 8.57 19.81 -4.27
C GLU A 85 10.03 20.10 -4.49
N ALA A 86 10.61 20.93 -3.64
CA ALA A 86 12.02 21.34 -3.79
C ALA A 86 12.96 20.15 -3.93
N ALA A 87 12.74 19.14 -3.12
CA ALA A 87 13.59 17.98 -3.14
C ALA A 87 13.24 17.09 -4.33
N ILE A 88 11.97 17.09 -4.74
CA ILE A 88 11.53 16.31 -5.88
C ILE A 88 12.12 16.91 -7.15
N VAL A 89 12.10 18.23 -7.24
CA VAL A 89 12.68 18.97 -8.36
C VAL A 89 14.14 18.59 -8.55
N ALA A 90 14.87 18.57 -7.46
CA ALA A 90 16.27 18.21 -7.48
C ALA A 90 16.45 16.73 -7.87
N GLN A 91 15.68 15.87 -7.21
CA GLN A 91 15.74 14.42 -7.43
C GLN A 91 15.44 14.07 -8.89
N LEU A 92 14.36 14.61 -9.42
CA LEU A 92 13.95 14.35 -10.80
C LEU A 92 15.00 14.77 -11.81
N PHE A 93 15.61 15.91 -11.61
CA PHE A 93 16.67 16.35 -12.50
C PHE A 93 17.84 15.40 -12.54
N GLU A 94 18.31 14.97 -11.38
CA GLU A 94 19.42 14.03 -11.33
C GLU A 94 19.01 12.64 -11.81
N LEU A 95 17.75 12.28 -11.61
CA LEU A 95 17.21 11.01 -12.10
C LEU A 95 17.13 11.01 -13.63
N LEU A 96 16.60 12.10 -14.18
CA LEU A 96 16.40 12.17 -15.63
C LEU A 96 17.64 12.56 -16.41
N GLY A 97 18.65 13.06 -15.73
CA GLY A 97 19.85 13.46 -16.41
C GLY A 97 19.61 14.72 -17.16
N SER A 98 19.31 15.75 -16.45
CA SER A 98 18.94 16.96 -17.06
C SER A 98 20.13 17.91 -17.24
N GLY A 99 20.77 18.29 -16.14
CA GLY A 99 21.85 19.26 -16.21
C GLY A 99 21.30 20.67 -16.42
N GLU A 100 20.02 20.80 -16.14
CA GLU A 100 19.31 22.04 -16.28
C GLU A 100 19.20 22.77 -14.95
N GLN A 101 18.73 24.00 -15.00
CA GLN A 101 18.47 24.82 -13.82
C GLN A 101 17.41 24.23 -12.92
N LYS A 102 17.20 24.80 -11.78
CA LYS A 102 16.05 24.38 -11.02
C LYS A 102 14.91 25.34 -11.27
N PRO A 103 13.76 24.81 -11.70
CA PRO A 103 12.58 25.61 -11.95
C PRO A 103 11.98 26.17 -10.64
N ALA A 104 11.22 25.35 -9.93
CA ALA A 104 10.61 25.71 -8.65
C ALA A 104 9.81 24.55 -8.13
N GLY A 105 8.80 24.18 -8.88
CA GLY A 105 7.92 23.12 -8.48
C GLY A 105 8.01 21.92 -9.38
N VAL A 106 7.36 20.85 -8.97
CA VAL A 106 7.41 19.57 -9.67
C VAL A 106 6.70 19.61 -11.02
N ALA A 107 5.62 20.37 -11.12
CA ALA A 107 4.84 20.42 -12.36
C ALA A 107 5.67 20.93 -13.54
N ALA A 108 6.61 21.81 -13.25
CA ALA A 108 7.48 22.34 -14.27
C ALA A 108 8.54 21.33 -14.68
N VAL A 109 9.01 20.52 -13.72
CA VAL A 109 10.06 19.53 -14.02
C VAL A 109 9.43 18.41 -14.81
N LEU A 110 8.17 18.18 -14.54
CA LEU A 110 7.40 17.15 -15.15
C LEU A 110 7.37 17.34 -16.66
N GLY A 111 7.01 18.55 -17.07
CA GLY A 111 6.97 18.89 -18.47
C GLY A 111 8.35 18.98 -19.07
N SER A 112 9.26 19.65 -18.37
CA SER A 112 10.61 19.89 -18.86
C SER A 112 11.40 18.58 -19.05
N LEU A 113 11.15 17.60 -18.21
CA LEU A 113 11.88 16.35 -18.30
C LEU A 113 11.08 15.31 -19.10
N LYS A 114 9.90 15.73 -19.58
CA LYS A 114 9.05 14.94 -20.50
C LYS A 114 8.55 13.66 -19.88
N LEU A 115 8.12 13.74 -18.64
CA LEU A 115 7.60 12.60 -17.93
C LEU A 115 6.16 12.38 -18.32
N GLN A 116 5.74 11.13 -18.29
CA GLN A 116 4.39 10.79 -18.66
C GLN A 116 3.68 10.19 -17.47
N GLU A 117 2.39 10.40 -17.39
CA GLU A 117 1.61 9.74 -16.44
C GLU A 117 1.40 8.32 -16.91
N VAL A 118 1.94 7.43 -16.13
CA VAL A 118 1.97 6.04 -16.47
C VAL A 118 0.73 5.34 -15.96
N ALA A 119 0.19 5.84 -14.86
CA ALA A 119 -0.99 5.26 -14.28
C ALA A 119 -1.75 6.26 -13.47
N SER A 120 -3.00 6.36 -13.76
CA SER A 120 -3.91 7.20 -13.05
C SER A 120 -5.14 6.39 -12.71
N PHE A 121 -5.39 6.24 -11.44
CA PHE A 121 -6.44 5.36 -10.97
C PHE A 121 -6.97 5.77 -9.61
N ILE A 122 -8.17 5.33 -9.32
CA ILE A 122 -8.88 5.69 -8.10
C ILE A 122 -8.44 4.82 -6.93
N THR A 123 -8.20 5.45 -5.80
CA THR A 123 -7.85 4.81 -4.60
C THR A 123 -8.99 4.95 -3.57
N THR A 124 -9.59 3.85 -3.24
CA THR A 124 -10.58 3.80 -2.22
C THR A 124 -9.99 3.00 -1.08
N ARG A 125 -9.66 3.65 0.00
CA ARG A 125 -9.03 3.01 1.12
C ARG A 125 -9.89 3.23 2.34
N SER A 126 -10.28 2.16 2.97
CA SER A 126 -11.20 2.22 4.06
C SER A 126 -10.73 1.32 5.22
N SER A 127 -10.75 1.85 6.41
CA SER A 127 -10.35 1.10 7.56
C SER A 127 -11.59 0.74 8.40
N TRP A 128 -11.74 -0.54 8.68
CA TRP A 128 -12.90 -1.09 9.37
C TRP A 128 -12.43 -1.82 10.59
N LYS A 129 -13.26 -1.91 11.56
CA LYS A 129 -13.00 -2.71 12.73
C LYS A 129 -14.23 -3.46 13.14
N LEU A 130 -14.04 -4.68 13.53
CA LEU A 130 -15.15 -5.55 13.80
C LEU A 130 -14.92 -6.23 15.14
N ALA A 131 -15.90 -6.11 16.02
CA ALA A 131 -15.85 -6.74 17.32
C ALA A 131 -16.49 -8.10 17.27
N LEU A 132 -15.71 -9.12 17.57
CA LEU A 132 -16.23 -10.46 17.61
C LEU A 132 -16.76 -10.73 19.01
N SER A 133 -17.77 -11.55 19.12
CA SER A 133 -18.37 -11.84 20.40
C SER A 133 -19.18 -13.11 20.31
N GLY A 134 -19.01 -13.99 21.25
CA GLY A 134 -19.75 -15.21 21.28
C GLY A 134 -18.95 -16.31 21.90
N ALA A 135 -19.43 -17.55 21.77
CA ALA A 135 -18.77 -18.75 22.31
C ALA A 135 -18.71 -18.71 23.83
N HIS A 136 -19.57 -17.87 24.42
CA HIS A 136 -19.60 -17.59 25.85
C HIS A 136 -18.30 -16.95 26.28
N GLY A 137 -18.18 -15.68 26.01
CA GLY A 137 -17.00 -14.94 26.33
C GLY A 137 -16.78 -13.81 25.34
N GLN A 138 -15.82 -12.99 25.59
CA GLN A 138 -15.54 -11.87 24.73
C GLN A 138 -14.41 -12.18 23.78
N GLU A 139 -14.69 -12.13 22.51
CA GLU A 139 -13.70 -12.31 21.50
C GLU A 139 -13.12 -10.93 21.16
N PRO A 140 -11.91 -10.85 20.58
CA PRO A 140 -11.25 -9.56 20.33
C PRO A 140 -11.94 -8.72 19.25
N GLN A 141 -11.61 -7.45 19.23
CA GLN A 141 -12.09 -6.56 18.23
C GLN A 141 -10.91 -6.22 17.35
N LEU A 142 -11.01 -6.57 16.11
CA LEU A 142 -9.91 -6.43 15.22
C LEU A 142 -10.17 -5.41 14.13
N THR A 143 -9.13 -4.87 13.59
CA THR A 143 -9.24 -3.87 12.56
C THR A 143 -8.81 -4.44 11.19
N ILE A 144 -9.58 -4.09 10.19
CA ILE A 144 -9.43 -4.53 8.83
C ILE A 144 -9.18 -3.30 7.95
N ASP A 145 -8.05 -3.25 7.33
CA ASP A 145 -7.72 -2.11 6.50
C ASP A 145 -7.88 -2.49 5.03
N LEU A 146 -8.81 -1.86 4.34
CA LEU A 146 -9.06 -2.20 2.94
C LEU A 146 -8.55 -1.14 2.00
N ASP A 147 -7.81 -1.53 1.01
CA ASP A 147 -7.38 -0.62 -0.04
C ASP A 147 -7.82 -1.14 -1.39
N SER A 148 -8.47 -0.32 -2.17
CA SER A 148 -8.87 -0.75 -3.49
C SER A 148 -8.48 0.28 -4.57
N ALA A 149 -8.07 -0.23 -5.71
CA ALA A 149 -7.77 0.58 -6.87
C ALA A 149 -8.79 0.30 -7.93
N ASP A 150 -8.93 1.20 -8.87
CA ASP A 150 -9.90 1.04 -9.95
C ASP A 150 -9.52 -0.14 -10.87
N PHE A 151 -8.22 -0.40 -11.03
CA PHE A 151 -7.77 -1.49 -11.88
C PHE A 151 -7.80 -2.85 -11.17
N GLY A 152 -9.03 -3.35 -10.94
CA GLY A 152 -9.28 -4.70 -10.41
C GLY A 152 -8.44 -5.07 -9.21
N TYR A 153 -8.50 -4.27 -8.18
CA TYR A 153 -7.69 -4.48 -7.00
C TYR A 153 -8.38 -4.03 -5.74
N ALA A 154 -8.40 -4.92 -4.80
CA ALA A 154 -8.86 -4.67 -3.46
C ALA A 154 -8.04 -5.53 -2.53
N VAL A 155 -7.50 -4.94 -1.50
CA VAL A 155 -6.70 -5.67 -0.53
C VAL A 155 -7.34 -5.46 0.83
N GLY A 156 -7.09 -6.37 1.71
CA GLY A 156 -7.54 -6.24 3.05
C GLY A 156 -6.45 -6.65 3.97
N GLU A 157 -6.28 -5.94 5.03
CA GLU A 157 -5.25 -6.23 5.97
C GLU A 157 -5.96 -6.44 7.31
N VAL A 158 -5.82 -7.59 7.92
CA VAL A 158 -6.50 -7.83 9.18
C VAL A 158 -5.51 -7.81 10.30
N GLU A 159 -5.73 -6.95 11.23
CA GLU A 159 -4.91 -6.86 12.35
C GLU A 159 -5.75 -7.01 13.59
N ALA A 160 -5.46 -8.02 14.35
CA ALA A 160 -6.12 -8.29 15.60
C ALA A 160 -5.09 -8.38 16.67
N MET A 161 -5.40 -7.91 17.85
CA MET A 161 -4.49 -8.07 18.92
C MET A 161 -5.17 -8.77 20.07
N VAL A 162 -4.55 -9.81 20.52
CA VAL A 162 -5.07 -10.63 21.58
C VAL A 162 -4.23 -10.47 22.82
N HIS A 163 -4.87 -10.35 23.96
CA HIS A 163 -4.17 -10.03 25.20
C HIS A 163 -3.56 -11.31 25.78
N GLU A 164 -4.02 -12.40 25.28
CA GLU A 164 -3.49 -13.67 25.63
C GLU A 164 -3.09 -14.39 24.35
N LYS A 165 -1.89 -14.95 24.35
CA LYS A 165 -1.39 -15.64 23.17
C LYS A 165 -2.22 -16.90 22.86
N ALA A 166 -2.92 -17.39 23.87
CA ALA A 166 -3.79 -18.53 23.73
C ALA A 166 -4.92 -18.27 22.69
N GLU A 167 -5.26 -17.00 22.47
CA GLU A 167 -6.31 -16.64 21.52
C GLU A 167 -5.79 -16.44 20.11
N VAL A 168 -4.47 -16.44 19.94
CA VAL A 168 -3.85 -16.20 18.61
C VAL A 168 -4.38 -17.19 17.54
N PRO A 169 -4.25 -18.54 17.74
CA PRO A 169 -4.73 -19.53 16.77
C PRO A 169 -6.24 -19.42 16.49
N ALA A 170 -6.99 -19.14 17.53
CA ALA A 170 -8.44 -19.03 17.43
C ALA A 170 -8.83 -17.82 16.61
N ALA A 171 -8.26 -16.66 16.96
CA ALA A 171 -8.55 -15.42 16.27
C ALA A 171 -8.11 -15.51 14.82
N LEU A 172 -6.93 -16.08 14.61
CA LEU A 172 -6.36 -16.23 13.28
C LEU A 172 -7.28 -17.02 12.36
N GLU A 173 -7.87 -18.09 12.88
CA GLU A 173 -8.76 -18.87 12.05
C GLU A 173 -10.02 -18.13 11.68
N LYS A 174 -10.55 -17.29 12.60
CA LYS A 174 -11.69 -16.44 12.21
C LYS A 174 -11.26 -15.48 11.13
N ILE A 175 -10.05 -14.96 11.27
CA ILE A 175 -9.49 -14.04 10.29
C ILE A 175 -9.47 -14.67 8.89
N ILE A 176 -8.96 -15.89 8.81
CA ILE A 176 -8.86 -16.56 7.52
C ILE A 176 -10.25 -16.91 6.99
N THR A 177 -11.14 -17.32 7.90
CA THR A 177 -12.50 -17.65 7.55
C THR A 177 -13.23 -16.40 6.98
N VAL A 178 -13.04 -15.26 7.65
CA VAL A 178 -13.63 -14.00 7.19
C VAL A 178 -13.01 -13.54 5.88
N SER A 179 -11.71 -13.72 5.75
CA SER A 179 -11.00 -13.38 4.51
C SER A 179 -11.55 -14.21 3.36
N SER A 180 -11.78 -15.48 3.60
CA SER A 180 -12.33 -16.39 2.62
C SER A 180 -13.79 -16.02 2.31
N MET A 181 -14.45 -15.39 3.27
CA MET A 181 -15.83 -14.96 3.10
C MET A 181 -15.89 -13.65 2.30
N LEU A 182 -14.84 -12.85 2.36
CA LEU A 182 -14.78 -11.62 1.59
C LEU A 182 -14.09 -11.85 0.25
N GLY A 183 -13.43 -12.98 0.12
CA GLY A 183 -12.71 -13.32 -1.09
C GLY A 183 -11.76 -14.44 -0.84
N VAL A 184 -10.48 -14.17 -0.96
CA VAL A 184 -9.45 -15.16 -0.73
C VAL A 184 -8.36 -14.54 0.16
N PRO A 185 -7.69 -15.33 1.00
CA PRO A 185 -6.61 -14.81 1.84
C PRO A 185 -5.37 -14.42 1.00
N ALA A 186 -4.60 -13.46 1.48
CA ALA A 186 -3.39 -13.02 0.85
C ALA A 186 -2.23 -13.22 1.81
N GLN A 187 -1.13 -12.58 1.54
CA GLN A 187 0.08 -12.74 2.29
C GLN A 187 0.71 -11.37 2.55
N GLU A 188 1.92 -11.35 3.11
CA GLU A 188 2.65 -10.11 3.50
C GLU A 188 2.86 -9.10 2.38
N GLU A 189 2.66 -9.54 1.12
CA GLU A 189 2.85 -8.74 -0.08
C GLU A 189 2.44 -7.28 0.11
N ALA A 190 1.14 -7.07 0.38
CA ALA A 190 0.54 -5.73 0.51
C ALA A 190 0.96 -4.86 -0.64
N PRO A 191 0.30 -5.01 -1.76
CA PRO A 191 0.68 -4.32 -2.94
C PRO A 191 0.41 -2.86 -2.82
N ALA A 192 1.46 -2.07 -3.00
CA ALA A 192 1.29 -0.66 -3.11
C ALA A 192 0.47 -0.41 -4.35
N LYS A 193 -0.25 0.67 -4.39
CA LYS A 193 -1.20 0.97 -5.46
C LYS A 193 -0.53 0.83 -6.84
N LEU A 194 0.54 1.57 -7.03
CA LEU A 194 1.24 1.56 -8.29
C LEU A 194 1.94 0.19 -8.52
N MET A 195 2.21 -0.51 -7.44
CA MET A 195 2.80 -1.82 -7.55
C MET A 195 1.76 -2.80 -8.15
N VAL A 196 0.51 -2.53 -7.86
CA VAL A 196 -0.63 -3.25 -8.46
C VAL A 196 -0.66 -3.01 -9.94
N TYR A 197 -0.35 -1.76 -10.34
CA TYR A 197 -0.22 -1.43 -11.75
C TYR A 197 0.73 -2.39 -12.41
N LEU A 198 1.80 -2.71 -11.70
CA LEU A 198 2.70 -3.67 -12.22
C LEU A 198 2.05 -5.04 -12.30
N GLN A 199 1.46 -5.52 -11.22
CA GLN A 199 0.85 -6.89 -11.20
C GLN A 199 -0.11 -7.10 -12.35
N ARG A 200 -0.91 -6.11 -12.55
CA ARG A 200 -1.96 -6.15 -13.55
C ARG A 200 -1.43 -6.11 -15.00
N PHE A 201 -0.47 -5.24 -15.27
CA PHE A 201 0.01 -5.05 -16.64
C PHE A 201 1.36 -5.74 -16.94
N ARG A 202 2.14 -5.94 -15.92
CA ARG A 202 3.51 -6.42 -16.01
C ARG A 202 3.89 -7.28 -14.77
N PRO A 203 3.38 -8.53 -14.71
CA PRO A 203 3.52 -9.39 -13.53
C PRO A 203 4.95 -9.85 -13.27
N LEU A 204 5.73 -10.02 -14.31
CA LEU A 204 7.11 -10.43 -14.12
C LEU A 204 7.91 -9.33 -13.55
N ASP A 205 7.62 -8.14 -14.02
CA ASP A 205 8.28 -6.94 -13.56
C ASP A 205 7.98 -6.80 -12.07
N TYR A 206 6.71 -6.97 -11.75
CA TYR A 206 6.23 -6.95 -10.39
C TYR A 206 6.90 -8.03 -9.50
N GLN A 207 6.91 -9.29 -9.93
CA GLN A 207 7.51 -10.36 -9.13
C GLN A 207 8.97 -10.14 -8.83
N ARG A 208 9.69 -9.70 -9.83
CA ARG A 208 11.12 -9.46 -9.69
C ARG A 208 11.39 -8.45 -8.56
N LEU A 209 10.56 -7.43 -8.49
CA LEU A 209 10.58 -6.48 -7.37
C LEU A 209 10.02 -7.11 -6.08
N LEU A 210 8.84 -7.73 -6.18
CA LEU A 210 8.14 -8.27 -5.05
C LEU A 210 8.93 -9.30 -4.28
N GLU A 211 9.44 -10.29 -4.98
CA GLU A 211 10.17 -11.39 -4.36
C GLU A 211 11.36 -10.91 -3.56
N ALA A 212 11.89 -9.79 -3.97
CA ALA A 212 13.00 -9.20 -3.27
C ALA A 212 12.52 -8.36 -2.08
N ALA A 213 11.33 -7.79 -2.18
CA ALA A 213 10.80 -6.89 -1.17
C ALA A 213 9.96 -7.63 -0.13
N SER A 214 9.26 -8.67 -0.54
CA SER A 214 8.40 -9.43 0.33
C SER A 214 9.23 -10.27 1.31
N SER A 215 9.53 -9.66 2.41
CA SER A 215 10.28 -10.26 3.47
C SER A 215 9.54 -11.47 4.10
N GLY A 216 8.22 -11.43 4.12
CA GLY A 216 7.47 -12.54 4.72
C GLY A 216 6.61 -12.10 5.88
N GLU A 217 5.57 -12.89 6.16
CA GLU A 217 4.58 -12.58 7.21
C GLU A 217 5.24 -12.55 8.58
N ALA A 218 4.76 -11.68 9.46
CA ALA A 218 5.31 -11.59 10.80
C ALA A 218 4.74 -12.67 11.72
N THR A 219 3.47 -12.99 11.52
CA THR A 219 2.83 -14.04 12.28
C THR A 219 3.35 -15.41 11.81
N GLY A 220 3.99 -16.14 12.71
CA GLY A 220 4.57 -17.43 12.37
C GLY A 220 3.58 -18.55 12.41
N ASP A 221 2.47 -18.29 13.07
CA ASP A 221 1.40 -19.25 13.19
C ASP A 221 0.70 -19.39 11.86
N SER A 222 0.74 -20.57 11.32
CA SER A 222 0.20 -20.82 10.01
C SER A 222 -1.24 -21.31 10.03
N ALA A 223 -2.09 -20.62 9.31
CA ALA A 223 -3.49 -21.00 9.17
C ALA A 223 -3.97 -20.59 7.81
N SER A 224 -4.18 -21.55 6.95
CA SER A 224 -4.63 -21.34 5.59
C SER A 224 -5.30 -22.61 5.10
N SER A 1 8.25 -7.69 17.82
CA SER A 1 7.86 -8.21 19.12
C SER A 1 6.74 -7.37 19.73
N ALA A 2 5.87 -8.00 20.49
CA ALA A 2 4.77 -7.33 21.13
C ALA A 2 4.80 -7.57 22.62
N GLN A 3 4.37 -6.60 23.36
CA GLN A 3 4.34 -6.70 24.81
C GLN A 3 2.89 -6.69 25.31
N GLY A 4 1.97 -6.36 24.42
CA GLY A 4 0.60 -6.30 24.81
C GLY A 4 -0.17 -7.45 24.30
N LEU A 5 -1.03 -7.15 23.37
CA LEU A 5 -1.85 -8.13 22.80
C LEU A 5 -1.15 -8.68 21.59
N ILE A 6 -1.17 -9.95 21.51
CA ILE A 6 -0.54 -10.70 20.44
C ILE A 6 -1.23 -10.39 19.11
N GLU A 7 -0.46 -9.88 18.18
CA GLU A 7 -0.97 -9.53 16.88
C GLU A 7 -1.04 -10.77 16.00
N VAL A 8 -2.22 -11.13 15.62
CA VAL A 8 -2.43 -12.21 14.71
C VAL A 8 -3.09 -11.65 13.46
N GLU A 9 -2.61 -12.01 12.32
CA GLU A 9 -3.15 -11.46 11.11
C GLU A 9 -3.23 -12.45 9.99
N ARG A 10 -4.01 -12.07 9.01
CA ARG A 10 -4.12 -12.72 7.75
C ARG A 10 -4.71 -11.76 6.77
N LYS A 11 -4.68 -12.12 5.54
CA LYS A 11 -5.09 -11.23 4.51
C LYS A 11 -6.05 -11.94 3.60
N PHE A 12 -6.88 -11.19 2.93
CA PHE A 12 -7.88 -11.75 2.07
C PHE A 12 -8.09 -10.89 0.84
N ALA A 13 -8.68 -11.48 -0.16
CA ALA A 13 -9.06 -10.80 -1.37
C ALA A 13 -10.57 -10.58 -1.32
N PRO A 14 -10.99 -9.34 -1.04
CA PRO A 14 -12.41 -9.00 -0.89
C PRO A 14 -13.19 -9.05 -2.20
N GLY A 15 -14.50 -9.19 -2.06
CA GLY A 15 -15.40 -9.15 -3.19
C GLY A 15 -15.94 -7.74 -3.37
N PRO A 16 -16.86 -7.53 -4.33
CA PRO A 16 -17.39 -6.18 -4.63
C PRO A 16 -18.18 -5.56 -3.47
N ASP A 17 -18.84 -6.38 -2.69
CA ASP A 17 -19.70 -5.85 -1.61
C ASP A 17 -19.07 -5.95 -0.25
N THR A 18 -17.77 -6.08 -0.18
CA THR A 18 -17.09 -6.21 1.07
C THR A 18 -17.37 -5.04 2.02
N GLU A 19 -17.20 -3.82 1.54
CA GLU A 19 -17.43 -2.63 2.37
C GLU A 19 -18.86 -2.62 2.92
N GLU A 20 -19.79 -2.98 2.06
CA GLU A 20 -21.19 -2.99 2.39
C GLU A 20 -21.50 -4.12 3.37
N ARG A 21 -20.94 -5.29 3.09
CA ARG A 21 -21.14 -6.44 3.91
C ARG A 21 -20.51 -6.23 5.28
N LEU A 22 -19.40 -5.49 5.34
CA LEU A 22 -18.76 -5.09 6.59
C LEU A 22 -19.70 -4.32 7.47
N GLN A 23 -20.42 -3.40 6.87
CA GLN A 23 -21.42 -2.61 7.57
C GLN A 23 -22.46 -3.57 8.19
N GLU A 24 -22.91 -4.53 7.38
CA GLU A 24 -23.87 -5.56 7.81
C GLU A 24 -23.29 -6.44 8.92
N LEU A 25 -22.02 -6.78 8.79
CA LEU A 25 -21.31 -7.60 9.77
C LEU A 25 -21.12 -6.83 11.07
N GLY A 26 -21.13 -5.53 10.95
CA GLY A 26 -21.00 -4.69 12.08
C GLY A 26 -19.62 -4.09 12.23
N ALA A 27 -18.84 -4.09 11.16
CA ALA A 27 -17.55 -3.48 11.23
C ALA A 27 -17.72 -1.98 11.22
N THR A 28 -17.10 -1.34 12.15
CA THR A 28 -17.19 0.06 12.28
C THR A 28 -16.13 0.70 11.40
N LEU A 29 -16.58 1.46 10.41
CA LEU A 29 -15.68 2.20 9.55
C LEU A 29 -14.99 3.25 10.38
N GLU A 30 -13.73 3.08 10.61
CA GLU A 30 -13.04 3.97 11.48
C GLU A 30 -12.36 5.07 10.71
N HIS A 31 -11.87 4.73 9.54
CA HIS A 31 -11.21 5.67 8.64
C HIS A 31 -11.27 5.16 7.24
N ARG A 32 -11.47 6.05 6.32
CA ARG A 32 -11.33 5.74 4.93
C ARG A 32 -10.83 6.92 4.18
N VAL A 33 -10.00 6.68 3.24
CA VAL A 33 -9.46 7.70 2.40
C VAL A 33 -9.57 7.28 0.95
N THR A 34 -10.07 8.16 0.14
CA THR A 34 -10.19 7.93 -1.25
C THR A 34 -9.55 9.07 -2.01
N PHE A 35 -8.61 8.75 -2.86
CA PHE A 35 -7.89 9.74 -3.60
C PHE A 35 -7.46 9.20 -4.94
N ARG A 36 -7.33 10.09 -5.89
CA ARG A 36 -7.00 9.76 -7.26
C ARG A 36 -5.50 9.88 -7.49
N ASP A 37 -4.90 8.83 -7.96
CA ASP A 37 -3.46 8.81 -8.19
C ASP A 37 -3.11 8.76 -9.64
N THR A 38 -2.03 9.40 -9.96
CA THR A 38 -1.50 9.42 -11.29
C THR A 38 0.01 9.19 -11.27
N TYR A 39 0.47 8.14 -11.92
CA TYR A 39 1.87 7.87 -12.03
C TYR A 39 2.41 8.36 -13.31
N TYR A 40 3.53 9.01 -13.22
CA TYR A 40 4.21 9.57 -14.34
C TYR A 40 5.52 8.87 -14.48
N ASP A 41 5.99 8.82 -15.68
CA ASP A 41 7.18 8.13 -16.01
C ASP A 41 7.60 8.64 -17.37
N THR A 42 8.76 8.32 -17.73
CA THR A 42 9.34 8.62 -18.98
C THR A 42 8.65 7.68 -20.04
N SER A 43 8.82 7.96 -21.31
CA SER A 43 8.20 7.19 -22.37
C SER A 43 8.55 5.67 -22.34
N GLU A 44 9.73 5.33 -21.82
CA GLU A 44 10.17 3.94 -21.79
C GLU A 44 9.88 3.27 -20.45
N LEU A 45 9.20 3.99 -19.53
CA LEU A 45 9.01 3.52 -18.13
C LEU A 45 10.33 3.32 -17.45
N SER A 46 11.24 4.20 -17.80
CA SER A 46 12.55 4.25 -17.28
C SER A 46 12.53 4.70 -15.83
N LEU A 47 11.57 5.54 -15.47
CA LEU A 47 11.52 6.12 -14.15
C LEU A 47 11.24 5.00 -13.13
N MET A 48 10.12 4.27 -13.35
CA MET A 48 9.71 3.16 -12.47
C MET A 48 10.76 2.10 -12.42
N LEU A 49 11.19 1.73 -13.60
CA LEU A 49 12.13 0.62 -13.80
C LEU A 49 13.49 0.92 -13.13
N SER A 50 13.70 2.17 -12.75
CA SER A 50 14.90 2.61 -12.07
C SER A 50 14.67 2.84 -10.58
N ASP A 51 13.56 2.30 -10.05
CA ASP A 51 13.20 2.37 -8.60
C ASP A 51 12.67 3.74 -8.20
N HIS A 52 12.26 4.53 -9.17
CA HIS A 52 11.76 5.87 -8.87
C HIS A 52 10.31 5.93 -9.20
N TRP A 53 9.48 5.88 -8.19
CA TRP A 53 8.06 5.82 -8.42
C TRP A 53 7.45 7.19 -8.09
N LEU A 54 6.88 7.85 -9.08
CA LEU A 54 6.37 9.22 -8.91
C LEU A 54 4.88 9.27 -9.06
N ARG A 55 4.21 9.86 -8.11
CA ARG A 55 2.78 9.94 -8.19
C ARG A 55 2.30 11.32 -7.76
N GLN A 56 1.27 11.75 -8.41
CA GLN A 56 0.58 12.96 -8.06
C GLN A 56 -0.80 12.55 -7.62
N ARG A 57 -1.12 12.74 -6.38
CA ARG A 57 -2.39 12.34 -5.97
C ARG A 57 -3.34 13.48 -5.95
N GLU A 58 -4.14 13.52 -7.00
CA GLU A 58 -5.14 14.56 -7.30
C GLU A 58 -4.68 16.01 -7.14
N GLY A 59 -3.40 16.23 -7.39
CA GLY A 59 -2.83 17.57 -7.26
C GLY A 59 -2.77 17.99 -5.82
N SER A 60 -2.85 17.01 -4.98
CA SER A 60 -2.86 17.14 -3.59
C SER A 60 -1.54 16.64 -3.00
N GLY A 61 -0.50 16.66 -3.79
CA GLY A 61 0.79 16.28 -3.28
C GLY A 61 1.55 15.41 -4.23
N TRP A 62 2.78 15.77 -4.47
CA TRP A 62 3.67 14.98 -5.25
C TRP A 62 4.42 14.03 -4.35
N GLU A 63 4.49 12.80 -4.76
CA GLU A 63 5.14 11.78 -4.00
C GLU A 63 6.15 11.06 -4.86
N LEU A 64 7.36 10.94 -4.37
CA LEU A 64 8.41 10.28 -5.12
C LEU A 64 9.04 9.20 -4.28
N LYS A 65 8.96 8.01 -4.76
CA LYS A 65 9.46 6.86 -4.10
C LYS A 65 10.83 6.55 -4.69
N CYS A 66 11.82 6.60 -3.87
CA CYS A 66 13.17 6.32 -4.27
C CYS A 66 13.70 5.08 -3.54
N PRO A 67 14.75 4.42 -4.08
CA PRO A 67 15.40 3.21 -3.47
C PRO A 67 16.10 3.50 -2.12
N GLY A 68 15.53 4.39 -1.35
CA GLY A 68 16.04 4.73 -0.05
C GLY A 68 17.13 5.75 -0.14
N VAL A 69 18.15 5.38 -0.83
CA VAL A 69 19.29 6.19 -1.01
C VAL A 69 18.98 7.21 -2.11
N THR A 70 19.18 8.49 -1.81
CA THR A 70 18.81 9.56 -2.72
C THR A 70 19.71 9.62 -3.95
N GLY A 71 21.01 9.64 -3.74
CA GLY A 71 21.95 9.73 -4.86
C GLY A 71 22.42 8.37 -5.31
N VAL A 72 21.90 7.36 -4.64
CA VAL A 72 22.22 5.96 -4.86
C VAL A 72 23.71 5.70 -5.01
N SER A 73 24.36 5.73 -3.92
CA SER A 73 25.75 5.44 -3.86
C SER A 73 25.94 4.41 -2.79
N GLY A 74 26.42 3.28 -3.17
CA GLY A 74 26.57 2.22 -2.22
C GLY A 74 25.45 1.22 -2.34
N PRO A 75 24.76 0.91 -1.23
CA PRO A 75 23.70 -0.08 -1.22
C PRO A 75 22.30 0.53 -1.50
N HIS A 76 21.32 -0.34 -1.44
CA HIS A 76 19.92 0.01 -1.62
C HIS A 76 19.24 -0.16 -0.26
N ASN A 77 18.85 0.94 0.32
CA ASN A 77 18.32 0.95 1.67
C ASN A 77 16.82 1.21 1.68
N GLU A 78 16.04 0.13 1.59
CA GLU A 78 14.56 0.18 1.60
C GLU A 78 14.04 1.08 0.47
N TYR A 79 12.81 1.51 0.63
CA TYR A 79 12.24 2.50 -0.22
C TYR A 79 11.85 3.70 0.61
N VAL A 80 12.37 4.84 0.24
CA VAL A 80 12.12 6.09 0.93
C VAL A 80 11.47 7.04 -0.05
N GLU A 81 10.53 7.79 0.41
CA GLU A 81 9.79 8.69 -0.43
C GLU A 81 9.88 10.12 0.02
N VAL A 82 10.29 10.96 -0.88
CA VAL A 82 10.38 12.36 -0.62
C VAL A 82 9.16 13.05 -1.20
N THR A 83 8.50 13.82 -0.39
CA THR A 83 7.31 14.50 -0.82
C THR A 83 7.55 15.99 -0.98
N SER A 84 8.74 16.43 -0.62
CA SER A 84 9.09 17.81 -0.76
C SER A 84 9.34 18.09 -2.25
N GLU A 85 8.59 19.05 -2.80
CA GLU A 85 8.68 19.34 -4.22
C GLU A 85 10.03 19.76 -4.69
N ALA A 86 10.68 20.66 -3.99
CA ALA A 86 12.00 21.14 -4.40
C ALA A 86 13.02 20.00 -4.47
N ALA A 87 12.86 19.02 -3.59
CA ALA A 87 13.72 17.86 -3.57
C ALA A 87 13.41 17.00 -4.79
N ILE A 88 12.13 16.85 -5.07
CA ILE A 88 11.67 16.07 -6.21
C ILE A 88 12.12 16.75 -7.52
N VAL A 89 12.04 18.07 -7.55
CA VAL A 89 12.48 18.87 -8.69
C VAL A 89 13.95 18.60 -9.02
N ALA A 90 14.78 18.64 -8.00
CA ALA A 90 16.20 18.40 -8.17
C ALA A 90 16.44 16.95 -8.59
N GLN A 91 15.69 16.05 -7.97
CA GLN A 91 15.80 14.64 -8.22
C GLN A 91 15.41 14.29 -9.66
N LEU A 92 14.24 14.76 -10.09
CA LEU A 92 13.75 14.50 -11.46
C LEU A 92 14.72 15.00 -12.52
N PHE A 93 15.35 16.13 -12.26
CA PHE A 93 16.38 16.63 -13.16
C PHE A 93 17.52 15.64 -13.31
N GLU A 94 18.02 15.09 -12.23
CA GLU A 94 19.10 14.13 -12.35
C GLU A 94 18.60 12.79 -12.87
N LEU A 95 17.36 12.44 -12.56
CA LEU A 95 16.77 11.19 -13.02
C LEU A 95 16.57 11.19 -14.52
N LEU A 96 16.11 12.31 -15.06
CA LEU A 96 15.87 12.39 -16.50
C LEU A 96 17.08 12.83 -17.28
N GLY A 97 18.08 13.33 -16.59
CA GLY A 97 19.26 13.77 -17.27
C GLY A 97 19.09 15.16 -17.79
N SER A 98 18.52 15.99 -16.98
CA SER A 98 18.21 17.32 -17.36
C SER A 98 19.30 18.28 -16.96
N GLY A 99 19.53 19.23 -17.80
CA GLY A 99 20.42 20.29 -17.54
C GLY A 99 19.75 21.55 -17.98
N GLU A 100 18.44 21.57 -17.79
CA GLU A 100 17.62 22.65 -18.21
C GLU A 100 17.50 23.64 -17.03
N GLN A 101 16.65 24.64 -17.16
CA GLN A 101 16.47 25.61 -16.08
C GLN A 101 15.73 24.96 -14.93
N LYS A 102 16.19 25.19 -13.72
CA LYS A 102 15.56 24.63 -12.59
C LYS A 102 14.28 25.44 -12.30
N PRO A 103 13.12 24.80 -12.23
CA PRO A 103 11.87 25.48 -11.98
C PRO A 103 11.60 25.77 -10.49
N ALA A 104 10.78 24.93 -9.82
CA ALA A 104 10.42 25.13 -8.41
C ALA A 104 9.50 24.01 -7.93
N GLY A 105 8.47 23.76 -8.70
CA GLY A 105 7.53 22.72 -8.37
C GLY A 105 7.63 21.57 -9.32
N VAL A 106 7.11 20.43 -8.89
CA VAL A 106 7.23 19.20 -9.66
C VAL A 106 6.41 19.27 -10.96
N ALA A 107 5.30 20.00 -10.92
CA ALA A 107 4.45 20.14 -12.10
C ALA A 107 5.18 20.85 -13.24
N ALA A 108 6.16 21.66 -12.89
CA ALA A 108 6.94 22.35 -13.87
C ALA A 108 7.98 21.43 -14.50
N VAL A 109 8.65 20.60 -13.68
CA VAL A 109 9.65 19.66 -14.23
C VAL A 109 8.94 18.61 -15.06
N LEU A 110 7.72 18.34 -14.66
CA LEU A 110 6.86 17.40 -15.31
C LEU A 110 6.64 17.82 -16.76
N GLY A 111 6.37 19.11 -16.94
CA GLY A 111 6.13 19.65 -18.24
C GLY A 111 7.40 19.68 -19.08
N SER A 112 8.48 20.15 -18.48
CA SER A 112 9.75 20.30 -19.15
C SER A 112 10.35 18.95 -19.58
N LEU A 113 10.27 17.96 -18.72
CA LEU A 113 10.91 16.68 -18.97
C LEU A 113 9.97 15.72 -19.70
N LYS A 114 8.74 16.19 -19.93
CA LYS A 114 7.71 15.43 -20.66
C LYS A 114 7.36 14.12 -19.98
N LEU A 115 7.10 14.21 -18.73
CA LEU A 115 6.74 13.04 -17.96
C LEU A 115 5.25 12.83 -18.10
N GLN A 116 4.89 11.75 -18.69
CA GLN A 116 3.51 11.47 -18.96
C GLN A 116 2.92 10.57 -17.91
N GLU A 117 1.67 10.77 -17.59
CA GLU A 117 0.97 9.90 -16.75
C GLU A 117 0.74 8.63 -17.52
N VAL A 118 1.34 7.59 -17.04
CA VAL A 118 1.33 6.32 -17.71
C VAL A 118 0.39 5.34 -16.98
N ALA A 119 0.01 5.67 -15.77
CA ALA A 119 -0.91 4.85 -15.02
C ALA A 119 -1.75 5.71 -14.09
N SER A 120 -3.04 5.55 -14.16
CA SER A 120 -3.95 6.29 -13.31
C SER A 120 -4.94 5.34 -12.64
N PHE A 121 -5.21 5.60 -11.39
CA PHE A 121 -6.13 4.82 -10.58
C PHE A 121 -6.60 5.62 -9.39
N ILE A 122 -7.49 5.05 -8.64
CA ILE A 122 -7.99 5.65 -7.44
C ILE A 122 -7.62 4.73 -6.30
N THR A 123 -7.13 5.29 -5.23
CA THR A 123 -6.79 4.51 -4.08
C THR A 123 -7.90 4.58 -3.06
N THR A 124 -8.57 3.47 -2.86
CA THR A 124 -9.58 3.38 -1.86
C THR A 124 -9.01 2.57 -0.72
N ARG A 125 -8.75 3.23 0.37
CA ARG A 125 -8.13 2.62 1.52
C ARG A 125 -9.09 2.86 2.67
N SER A 126 -9.62 1.80 3.23
CA SER A 126 -10.65 1.91 4.26
C SER A 126 -10.45 0.90 5.37
N SER A 127 -10.40 1.38 6.58
CA SER A 127 -10.18 0.57 7.73
C SER A 127 -11.47 0.40 8.56
N TRP A 128 -11.84 -0.85 8.74
CA TRP A 128 -13.06 -1.27 9.40
C TRP A 128 -12.74 -2.14 10.60
N LYS A 129 -13.14 -1.74 11.75
CA LYS A 129 -12.88 -2.51 12.97
C LYS A 129 -14.13 -3.14 13.53
N LEU A 130 -13.99 -4.35 13.99
CA LEU A 130 -15.13 -5.16 14.38
C LEU A 130 -14.78 -5.99 15.63
N ALA A 131 -15.70 -6.00 16.57
CA ALA A 131 -15.58 -6.81 17.77
C ALA A 131 -16.07 -8.21 17.49
N LEU A 132 -15.16 -9.16 17.46
CA LEU A 132 -15.49 -10.53 17.13
C LEU A 132 -16.20 -11.22 18.28
N SER A 133 -17.30 -11.84 17.96
CA SER A 133 -18.06 -12.56 18.91
C SER A 133 -17.66 -14.04 18.87
N GLY A 134 -16.90 -14.47 19.87
CA GLY A 134 -16.51 -15.85 19.93
C GLY A 134 -17.39 -16.64 20.88
N ALA A 135 -17.49 -16.15 22.08
CA ALA A 135 -18.29 -16.77 23.12
C ALA A 135 -19.56 -15.97 23.32
N HIS A 136 -20.08 -15.42 22.21
CA HIS A 136 -21.28 -14.53 22.19
C HIS A 136 -20.89 -13.13 22.64
N GLY A 137 -20.14 -13.04 23.70
CA GLY A 137 -19.62 -11.79 24.14
C GLY A 137 -18.50 -11.37 23.23
N GLN A 138 -18.62 -10.19 22.66
CA GLN A 138 -17.63 -9.70 21.75
C GLN A 138 -16.44 -9.23 22.55
N GLU A 139 -15.34 -9.91 22.39
CA GLU A 139 -14.15 -9.62 23.16
C GLU A 139 -12.98 -9.20 22.27
N PRO A 140 -12.43 -10.11 21.42
CA PRO A 140 -11.35 -9.74 20.53
C PRO A 140 -11.81 -8.79 19.41
N GLN A 141 -11.47 -7.55 19.54
CA GLN A 141 -11.80 -6.58 18.53
C GLN A 141 -10.64 -6.49 17.57
N LEU A 142 -10.94 -6.48 16.31
CA LEU A 142 -9.93 -6.50 15.31
C LEU A 142 -10.22 -5.47 14.23
N THR A 143 -9.21 -5.03 13.54
CA THR A 143 -9.36 -4.04 12.50
C THR A 143 -9.01 -4.64 11.13
N ILE A 144 -9.87 -4.42 10.19
CA ILE A 144 -9.73 -4.90 8.84
C ILE A 144 -9.49 -3.71 7.94
N ASP A 145 -8.40 -3.70 7.25
CA ASP A 145 -8.12 -2.60 6.35
C ASP A 145 -8.20 -3.04 4.92
N LEU A 146 -9.04 -2.41 4.18
CA LEU A 146 -9.18 -2.69 2.77
C LEU A 146 -8.44 -1.67 1.94
N ASP A 147 -7.48 -2.14 1.22
CA ASP A 147 -6.71 -1.31 0.32
C ASP A 147 -7.03 -1.72 -1.10
N SER A 148 -7.62 -0.84 -1.84
CA SER A 148 -8.05 -1.15 -3.17
C SER A 148 -7.64 -0.10 -4.19
N ALA A 149 -7.70 -0.48 -5.44
CA ALA A 149 -7.33 0.36 -6.54
C ALA A 149 -8.37 0.30 -7.61
N ASP A 150 -8.45 1.35 -8.39
CA ASP A 150 -9.29 1.35 -9.59
C ASP A 150 -8.78 0.31 -10.58
N PHE A 151 -7.47 0.07 -10.53
CA PHE A 151 -6.82 -0.88 -11.40
C PHE A 151 -6.98 -2.30 -10.81
N GLY A 152 -8.22 -2.83 -10.89
CA GLY A 152 -8.56 -4.25 -10.54
C GLY A 152 -8.38 -4.71 -9.05
N TYR A 153 -7.33 -4.28 -8.45
CA TYR A 153 -6.89 -4.71 -7.12
C TYR A 153 -7.72 -4.22 -5.95
N ALA A 154 -7.95 -5.13 -5.01
CA ALA A 154 -8.60 -4.87 -3.76
C ALA A 154 -8.09 -5.89 -2.76
N VAL A 155 -7.52 -5.42 -1.68
CA VAL A 155 -6.99 -6.31 -0.68
C VAL A 155 -7.69 -6.03 0.64
N GLY A 156 -7.67 -6.99 1.52
CA GLY A 156 -8.19 -6.80 2.83
C GLY A 156 -7.23 -7.38 3.82
N GLU A 157 -6.95 -6.66 4.86
CA GLU A 157 -6.01 -7.13 5.84
C GLU A 157 -6.71 -7.20 7.17
N VAL A 158 -6.66 -8.33 7.81
CA VAL A 158 -7.31 -8.49 9.08
C VAL A 158 -6.28 -8.49 10.17
N GLU A 159 -6.36 -7.50 11.03
CA GLU A 159 -5.47 -7.36 12.13
C GLU A 159 -6.25 -7.60 13.40
N ALA A 160 -5.85 -8.58 14.14
CA ALA A 160 -6.45 -8.86 15.40
C ALA A 160 -5.39 -9.00 16.45
N MET A 161 -5.53 -8.31 17.54
CA MET A 161 -4.62 -8.52 18.61
C MET A 161 -5.36 -9.11 19.77
N VAL A 162 -4.87 -10.20 20.26
CA VAL A 162 -5.48 -10.91 21.35
C VAL A 162 -4.65 -10.78 22.58
N HIS A 163 -5.25 -10.48 23.67
CA HIS A 163 -4.49 -10.19 24.87
C HIS A 163 -3.99 -11.46 25.54
N GLU A 164 -4.51 -12.57 25.12
CA GLU A 164 -4.03 -13.83 25.61
C GLU A 164 -3.84 -14.77 24.45
N LYS A 165 -2.84 -15.60 24.56
CA LYS A 165 -2.44 -16.50 23.51
C LYS A 165 -3.50 -17.60 23.25
N ALA A 166 -4.34 -17.86 24.23
CA ALA A 166 -5.38 -18.87 24.11
C ALA A 166 -6.38 -18.54 22.99
N GLU A 167 -6.47 -17.27 22.64
CA GLU A 167 -7.40 -16.85 21.60
C GLU A 167 -6.73 -16.86 20.22
N VAL A 168 -5.41 -17.06 20.18
CA VAL A 168 -4.64 -17.02 18.92
C VAL A 168 -5.16 -17.99 17.83
N PRO A 169 -5.25 -19.34 18.10
CA PRO A 169 -5.69 -20.30 17.08
C PRO A 169 -7.13 -20.04 16.65
N ALA A 170 -7.96 -19.75 17.64
CA ALA A 170 -9.37 -19.49 17.42
C ALA A 170 -9.56 -18.26 16.55
N ALA A 171 -8.90 -17.18 16.92
CA ALA A 171 -9.02 -15.92 16.20
C ALA A 171 -8.52 -16.03 14.79
N LEU A 172 -7.39 -16.71 14.60
CA LEU A 172 -6.78 -16.86 13.28
C LEU A 172 -7.77 -17.52 12.31
N GLU A 173 -8.41 -18.59 12.75
CA GLU A 173 -9.37 -19.28 11.92
C GLU A 173 -10.62 -18.44 11.68
N LYS A 174 -11.03 -17.69 12.70
CA LYS A 174 -12.17 -16.80 12.55
C LYS A 174 -11.84 -15.70 11.56
N ILE A 175 -10.58 -15.27 11.54
CA ILE A 175 -10.08 -14.33 10.55
C ILE A 175 -10.30 -14.89 9.15
N ILE A 176 -9.89 -16.14 8.96
CA ILE A 176 -10.03 -16.82 7.67
C ILE A 176 -11.52 -16.97 7.33
N THR A 177 -12.32 -17.20 8.36
CA THR A 177 -13.76 -17.34 8.22
C THR A 177 -14.33 -16.03 7.63
N VAL A 178 -13.94 -14.91 8.23
CA VAL A 178 -14.40 -13.60 7.78
C VAL A 178 -13.84 -13.30 6.39
N SER A 179 -12.59 -13.70 6.17
CA SER A 179 -11.94 -13.54 4.89
C SER A 179 -12.73 -14.24 3.79
N SER A 180 -13.13 -15.47 4.05
CA SER A 180 -13.89 -16.26 3.09
C SER A 180 -15.32 -15.71 2.93
N MET A 181 -15.80 -15.06 3.97
CA MET A 181 -17.14 -14.49 3.96
C MET A 181 -17.17 -13.20 3.15
N LEU A 182 -16.08 -12.49 3.14
CA LEU A 182 -15.98 -11.28 2.39
C LEU A 182 -15.34 -11.50 1.03
N GLY A 183 -14.65 -12.59 0.90
CA GLY A 183 -13.99 -12.90 -0.36
C GLY A 183 -13.26 -14.22 -0.32
N VAL A 184 -11.98 -14.18 -0.57
CA VAL A 184 -11.13 -15.38 -0.57
C VAL A 184 -9.87 -15.09 0.24
N PRO A 185 -9.45 -16.00 1.17
CA PRO A 185 -8.21 -15.81 1.94
C PRO A 185 -6.99 -15.67 1.01
N ALA A 186 -6.10 -14.77 1.36
CA ALA A 186 -4.94 -14.47 0.54
C ALA A 186 -3.67 -14.49 1.38
N GLN A 187 -2.63 -13.89 0.85
CA GLN A 187 -1.32 -13.86 1.46
C GLN A 187 -0.81 -12.44 1.41
N GLU A 188 -0.48 -12.05 0.18
CA GLU A 188 -0.02 -10.72 -0.28
C GLU A 188 0.85 -9.96 0.72
N GLU A 189 2.05 -9.66 0.36
CA GLU A 189 2.93 -8.85 1.22
C GLU A 189 2.58 -7.35 1.10
N ALA A 190 1.36 -7.11 0.58
CA ALA A 190 0.71 -5.84 0.41
C ALA A 190 1.31 -5.04 -0.73
N PRO A 191 0.79 -5.27 -1.93
CA PRO A 191 1.26 -4.60 -3.11
C PRO A 191 0.74 -3.18 -3.18
N ALA A 192 1.64 -2.27 -3.45
CA ALA A 192 1.26 -0.90 -3.68
C ALA A 192 0.35 -0.85 -4.92
N LYS A 193 -0.45 0.21 -5.04
CA LYS A 193 -1.38 0.35 -6.19
C LYS A 193 -0.62 0.17 -7.49
N LEU A 194 0.44 0.90 -7.60
CA LEU A 194 1.25 0.94 -8.79
C LEU A 194 1.97 -0.41 -9.00
N MET A 195 2.15 -1.16 -7.94
CA MET A 195 2.67 -2.51 -8.05
C MET A 195 1.68 -3.42 -8.75
N VAL A 196 0.42 -3.12 -8.56
CA VAL A 196 -0.63 -3.84 -9.24
C VAL A 196 -0.51 -3.60 -10.73
N TYR A 197 -0.18 -2.36 -11.06
CA TYR A 197 0.14 -1.98 -12.42
C TYR A 197 1.27 -2.87 -12.92
N LEU A 198 2.21 -3.17 -12.04
CA LEU A 198 3.31 -3.96 -12.45
C LEU A 198 2.93 -5.43 -12.56
N GLN A 199 2.32 -6.02 -11.55
CA GLN A 199 1.98 -7.47 -11.63
C GLN A 199 1.12 -7.79 -12.85
N ARG A 200 0.29 -6.84 -13.24
CA ARG A 200 -0.51 -6.97 -14.44
C ARG A 200 0.35 -6.82 -15.72
N PHE A 201 1.13 -5.73 -15.79
CA PHE A 201 1.91 -5.43 -17.00
C PHE A 201 3.41 -5.78 -16.94
N ARG A 202 4.08 -5.34 -15.89
CA ARG A 202 5.54 -5.56 -15.70
C ARG A 202 5.79 -6.52 -14.55
N PRO A 203 5.71 -7.85 -14.79
CA PRO A 203 5.85 -8.82 -13.72
C PRO A 203 7.25 -8.86 -13.17
N LEU A 204 8.22 -8.60 -14.01
CA LEU A 204 9.59 -8.59 -13.58
C LEU A 204 9.83 -7.33 -12.77
N ASP A 205 9.30 -6.17 -13.25
CA ASP A 205 9.53 -4.92 -12.53
C ASP A 205 8.87 -5.01 -11.15
N TYR A 206 7.71 -5.66 -11.15
CA TYR A 206 6.94 -6.00 -9.95
C TYR A 206 7.77 -6.84 -8.98
N GLN A 207 8.30 -7.91 -9.47
CA GLN A 207 9.11 -8.84 -8.70
C GLN A 207 10.29 -8.14 -8.01
N ARG A 208 11.01 -7.30 -8.73
CA ARG A 208 12.16 -6.61 -8.15
C ARG A 208 11.72 -5.64 -7.07
N LEU A 209 10.71 -4.86 -7.39
CA LEU A 209 10.11 -3.92 -6.47
C LEU A 209 9.61 -4.66 -5.23
N LEU A 210 8.98 -5.79 -5.46
CA LEU A 210 8.37 -6.62 -4.46
C LEU A 210 9.32 -6.98 -3.35
N GLU A 211 10.52 -7.41 -3.71
CA GLU A 211 11.51 -7.87 -2.74
C GLU A 211 11.74 -6.81 -1.68
N ALA A 212 11.84 -5.61 -2.13
CA ALA A 212 12.17 -4.50 -1.26
C ALA A 212 10.92 -3.86 -0.65
N ALA A 213 9.85 -3.87 -1.42
CA ALA A 213 8.57 -3.29 -1.01
C ALA A 213 7.73 -4.31 -0.27
N SER A 214 8.37 -5.38 0.14
CA SER A 214 7.74 -6.48 0.85
C SER A 214 7.33 -6.06 2.27
N SER A 215 7.80 -4.90 2.67
CA SER A 215 7.44 -4.36 3.93
C SER A 215 6.15 -3.60 3.79
N GLY A 216 5.07 -4.33 3.89
CA GLY A 216 3.75 -3.77 3.83
C GLY A 216 2.88 -4.45 4.84
N GLU A 217 3.30 -4.35 6.07
CA GLU A 217 2.60 -4.98 7.15
C GLU A 217 1.46 -4.11 7.64
N ALA A 218 0.35 -4.76 7.95
CA ALA A 218 -0.87 -4.09 8.35
C ALA A 218 -0.71 -3.37 9.67
N THR A 219 -1.36 -2.25 9.75
CA THR A 219 -1.42 -1.48 10.95
C THR A 219 -2.80 -0.85 11.01
N GLY A 220 -3.68 -1.48 11.72
CA GLY A 220 -5.05 -1.03 11.77
C GLY A 220 -5.30 0.02 12.82
N ASP A 221 -5.62 -0.43 14.02
CA ASP A 221 -6.02 0.47 15.10
C ASP A 221 -6.14 -0.29 16.40
N SER A 222 -5.89 0.38 17.50
CA SER A 222 -6.07 -0.20 18.80
C SER A 222 -7.57 -0.30 19.04
N ALA A 223 -8.11 -1.47 18.82
CA ALA A 223 -9.52 -1.68 18.85
C ALA A 223 -10.06 -1.81 20.26
N SER A 224 -10.29 -0.66 20.85
CA SER A 224 -10.89 -0.51 22.14
C SER A 224 -11.03 0.99 22.38
N SER A 1 6.88 -5.29 20.12
CA SER A 1 5.63 -5.93 20.49
C SER A 1 4.96 -5.13 21.60
N ALA A 2 3.67 -4.87 21.44
CA ALA A 2 2.89 -4.16 22.42
C ALA A 2 2.55 -5.10 23.58
N GLN A 3 2.26 -4.54 24.71
CA GLN A 3 1.99 -5.34 25.89
C GLN A 3 0.64 -6.03 25.88
N GLY A 4 0.69 -7.32 26.12
CA GLY A 4 -0.50 -8.11 26.28
C GLY A 4 -1.07 -8.60 24.97
N LEU A 5 -1.67 -7.71 24.25
CA LEU A 5 -2.37 -8.04 23.04
C LEU A 5 -1.44 -8.26 21.84
N ILE A 6 -1.33 -9.51 21.46
CA ILE A 6 -0.51 -9.99 20.38
C ILE A 6 -1.24 -9.75 19.06
N GLU A 7 -0.54 -9.17 18.10
CA GLU A 7 -1.13 -8.90 16.80
C GLU A 7 -0.93 -10.08 15.88
N VAL A 8 -2.00 -10.62 15.40
CA VAL A 8 -1.98 -11.69 14.44
C VAL A 8 -2.78 -11.25 13.24
N GLU A 9 -2.34 -11.60 12.05
CA GLU A 9 -3.01 -11.12 10.87
C GLU A 9 -2.92 -12.11 9.73
N ARG A 10 -3.88 -12.01 8.84
CA ARG A 10 -3.88 -12.69 7.62
C ARG A 10 -4.52 -11.76 6.63
N LYS A 11 -4.22 -11.94 5.40
CA LYS A 11 -4.67 -11.08 4.40
C LYS A 11 -5.73 -11.79 3.59
N PHE A 12 -6.54 -11.06 2.89
CA PHE A 12 -7.57 -11.65 2.10
C PHE A 12 -7.83 -10.81 0.87
N ALA A 13 -8.26 -11.45 -0.18
CA ALA A 13 -8.65 -10.79 -1.39
C ALA A 13 -10.16 -10.84 -1.47
N PRO A 14 -10.82 -9.74 -1.08
CA PRO A 14 -12.26 -9.67 -1.00
C PRO A 14 -12.94 -9.25 -2.30
N GLY A 15 -14.25 -9.43 -2.34
CA GLY A 15 -15.02 -9.01 -3.49
C GLY A 15 -15.43 -7.54 -3.40
N PRO A 16 -16.20 -7.02 -4.35
CA PRO A 16 -16.62 -5.62 -4.35
C PRO A 16 -17.68 -5.29 -3.29
N ASP A 17 -18.33 -6.31 -2.74
CA ASP A 17 -19.42 -6.08 -1.79
C ASP A 17 -18.92 -6.10 -0.35
N THR A 18 -17.62 -6.19 -0.17
CA THR A 18 -17.00 -6.28 1.13
C THR A 18 -17.42 -5.15 2.08
N GLU A 19 -17.36 -3.88 1.65
CA GLU A 19 -17.79 -2.78 2.52
C GLU A 19 -19.23 -2.95 2.96
N GLU A 20 -20.06 -3.36 2.03
CA GLU A 20 -21.47 -3.58 2.28
C GLU A 20 -21.67 -4.72 3.27
N ARG A 21 -20.98 -5.83 3.01
CA ARG A 21 -21.08 -6.99 3.82
C ARG A 21 -20.58 -6.69 5.24
N LEU A 22 -19.46 -5.97 5.34
CA LEU A 22 -18.87 -5.56 6.63
C LEU A 22 -19.86 -4.82 7.49
N GLN A 23 -20.61 -3.93 6.87
CA GLN A 23 -21.62 -3.15 7.56
C GLN A 23 -22.64 -4.10 8.20
N GLU A 24 -23.05 -5.11 7.46
CA GLU A 24 -23.95 -6.13 7.97
C GLU A 24 -23.28 -7.08 8.97
N LEU A 25 -22.01 -7.39 8.75
CA LEU A 25 -21.26 -8.32 9.62
C LEU A 25 -21.04 -7.72 11.00
N GLY A 26 -21.01 -6.41 11.06
CA GLY A 26 -20.82 -5.77 12.31
C GLY A 26 -19.52 -5.01 12.39
N ALA A 27 -18.82 -4.92 11.27
CA ALA A 27 -17.61 -4.16 11.27
C ALA A 27 -17.96 -2.70 11.11
N THR A 28 -17.44 -1.90 11.97
CA THR A 28 -17.69 -0.51 11.93
C THR A 28 -16.59 0.18 11.15
N LEU A 29 -16.99 1.04 10.26
CA LEU A 29 -16.10 1.79 9.43
C LEU A 29 -15.56 2.94 10.22
N GLU A 30 -14.27 3.04 10.29
CA GLU A 30 -13.70 4.12 11.04
C GLU A 30 -13.20 5.23 10.14
N HIS A 31 -12.56 4.87 9.05
CA HIS A 31 -11.99 5.86 8.13
C HIS A 31 -11.96 5.34 6.72
N ARG A 32 -12.41 6.14 5.79
CA ARG A 32 -12.26 5.81 4.41
C ARG A 32 -12.01 7.05 3.60
N VAL A 33 -11.09 6.96 2.65
CA VAL A 33 -10.71 8.12 1.87
C VAL A 33 -10.65 7.74 0.39
N THR A 34 -10.91 8.68 -0.47
CA THR A 34 -10.86 8.46 -1.90
C THR A 34 -10.13 9.62 -2.60
N PHE A 35 -9.14 9.30 -3.40
CA PHE A 35 -8.38 10.30 -4.12
C PHE A 35 -7.76 9.70 -5.35
N ARG A 36 -7.24 10.55 -6.22
CA ARG A 36 -6.69 10.09 -7.48
C ARG A 36 -5.17 10.08 -7.43
N ASP A 37 -4.58 8.99 -7.82
CA ASP A 37 -3.15 8.85 -7.87
C ASP A 37 -2.72 8.83 -9.31
N THR A 38 -1.72 9.59 -9.61
CA THR A 38 -1.21 9.67 -10.93
C THR A 38 0.30 9.42 -10.94
N TYR A 39 0.74 8.36 -11.59
CA TYR A 39 2.13 8.11 -11.71
C TYR A 39 2.67 8.59 -13.01
N TYR A 40 3.81 9.20 -12.92
CA TYR A 40 4.51 9.73 -14.04
C TYR A 40 5.80 9.02 -14.18
N ASP A 41 6.24 8.90 -15.37
CA ASP A 41 7.42 8.18 -15.72
C ASP A 41 7.79 8.63 -17.11
N THR A 42 8.95 8.30 -17.49
CA THR A 42 9.49 8.54 -18.80
C THR A 42 8.75 7.65 -19.83
N SER A 43 8.98 7.88 -21.11
CA SER A 43 8.29 7.18 -22.17
C SER A 43 8.48 5.64 -22.16
N GLU A 44 9.60 5.16 -21.64
CA GLU A 44 9.83 3.73 -21.58
C GLU A 44 9.73 3.17 -20.15
N LEU A 45 9.26 3.98 -19.22
CA LEU A 45 9.19 3.61 -17.79
C LEU A 45 10.54 3.31 -17.20
N SER A 46 11.46 4.16 -17.51
CA SER A 46 12.76 4.09 -17.01
C SER A 46 12.76 4.48 -15.52
N LEU A 47 11.87 5.40 -15.15
CA LEU A 47 11.83 5.95 -13.80
C LEU A 47 11.52 4.84 -12.77
N MET A 48 10.38 4.16 -12.97
CA MET A 48 9.92 3.08 -12.05
C MET A 48 10.90 1.97 -12.01
N LEU A 49 11.36 1.59 -13.19
CA LEU A 49 12.23 0.43 -13.35
C LEU A 49 13.64 0.71 -12.75
N SER A 50 13.87 1.97 -12.39
CA SER A 50 15.11 2.41 -11.76
C SER A 50 14.92 2.65 -10.25
N ASP A 51 13.82 2.10 -9.69
CA ASP A 51 13.52 2.19 -8.23
C ASP A 51 13.06 3.57 -7.81
N HIS A 52 12.60 4.34 -8.77
CA HIS A 52 12.13 5.70 -8.49
C HIS A 52 10.68 5.84 -8.88
N TRP A 53 9.88 6.36 -7.99
CA TRP A 53 8.43 6.36 -8.18
C TRP A 53 7.88 7.76 -8.04
N LEU A 54 7.10 8.22 -8.99
CA LEU A 54 6.58 9.58 -8.94
C LEU A 54 5.09 9.60 -9.07
N ARG A 55 4.44 10.20 -8.10
CA ARG A 55 3.01 10.29 -8.12
C ARG A 55 2.53 11.64 -7.64
N GLN A 56 1.43 12.07 -8.15
CA GLN A 56 0.72 13.22 -7.67
C GLN A 56 -0.58 12.71 -7.10
N ARG A 57 -0.77 12.83 -5.81
CA ARG A 57 -2.03 12.44 -5.28
C ARG A 57 -2.92 13.66 -5.32
N GLU A 58 -4.03 13.53 -6.06
CA GLU A 58 -4.95 14.61 -6.38
C GLU A 58 -4.19 15.86 -6.89
N GLY A 59 -3.92 16.74 -5.99
CA GLY A 59 -3.05 17.86 -6.20
C GLY A 59 -2.62 18.31 -4.86
N SER A 60 -2.60 17.34 -3.98
CA SER A 60 -2.33 17.51 -2.57
C SER A 60 -0.84 17.61 -2.37
N GLY A 61 -0.12 16.95 -3.24
CA GLY A 61 1.30 16.94 -3.12
C GLY A 61 1.88 15.89 -3.97
N TRP A 62 3.08 16.10 -4.39
CA TRP A 62 3.78 15.16 -5.19
C TRP A 62 4.55 14.23 -4.32
N GLU A 63 4.87 13.08 -4.82
CA GLU A 63 5.61 12.14 -4.05
C GLU A 63 6.58 11.46 -4.98
N LEU A 64 7.79 11.41 -4.60
CA LEU A 64 8.79 10.72 -5.36
C LEU A 64 9.54 9.81 -4.44
N LYS A 65 9.47 8.55 -4.72
CA LYS A 65 10.09 7.58 -3.89
C LYS A 65 11.41 7.19 -4.48
N CYS A 66 12.37 7.23 -3.66
CA CYS A 66 13.74 6.98 -4.00
C CYS A 66 14.21 5.76 -3.23
N PRO A 67 15.21 5.03 -3.73
CA PRO A 67 15.74 3.85 -3.03
C PRO A 67 16.74 4.23 -1.93
N GLY A 68 16.47 5.35 -1.27
CA GLY A 68 17.33 5.83 -0.19
C GLY A 68 18.59 6.44 -0.73
N VAL A 69 18.53 6.78 -1.97
CA VAL A 69 19.61 7.36 -2.67
C VAL A 69 19.17 8.63 -3.34
N THR A 70 19.86 9.70 -3.06
CA THR A 70 19.63 10.92 -3.73
C THR A 70 20.96 11.61 -4.04
N GLY A 71 21.35 11.60 -5.28
CA GLY A 71 22.54 12.31 -5.72
C GLY A 71 23.81 11.52 -5.54
N VAL A 72 23.91 10.86 -4.41
CA VAL A 72 25.08 10.06 -4.07
C VAL A 72 25.30 8.89 -5.03
N SER A 73 24.19 8.39 -5.60
CA SER A 73 24.20 7.32 -6.60
C SER A 73 24.86 6.02 -6.09
N GLY A 74 24.82 5.81 -4.80
CA GLY A 74 25.38 4.60 -4.24
C GLY A 74 24.36 3.47 -4.20
N PRO A 75 24.57 2.47 -3.34
CA PRO A 75 23.67 1.32 -3.25
C PRO A 75 22.35 1.72 -2.61
N HIS A 76 21.31 0.98 -2.91
CA HIS A 76 20.01 1.29 -2.36
C HIS A 76 19.98 1.15 -0.84
N ASN A 77 19.47 2.17 -0.22
CA ASN A 77 19.49 2.37 1.22
C ASN A 77 18.06 2.33 1.78
N GLU A 78 17.20 1.51 1.16
CA GLU A 78 15.75 1.40 1.50
C GLU A 78 14.99 2.60 0.98
N TYR A 79 13.76 2.41 0.60
CA TYR A 79 12.98 3.48 0.01
C TYR A 79 12.73 4.67 0.94
N VAL A 80 12.86 5.84 0.36
CA VAL A 80 12.63 7.11 1.00
C VAL A 80 11.71 7.91 0.08
N GLU A 81 10.72 8.55 0.62
CA GLU A 81 9.81 9.27 -0.25
C GLU A 81 9.93 10.74 -0.01
N VAL A 82 10.36 11.45 -1.01
CA VAL A 82 10.44 12.87 -0.93
C VAL A 82 9.18 13.48 -1.53
N THR A 83 8.56 14.35 -0.79
CA THR A 83 7.35 14.97 -1.23
C THR A 83 7.52 16.48 -1.43
N SER A 84 8.62 17.01 -0.97
CA SER A 84 8.90 18.42 -1.14
C SER A 84 9.22 18.68 -2.61
N GLU A 85 8.56 19.66 -3.21
CA GLU A 85 8.72 19.97 -4.64
C GLU A 85 10.18 20.16 -5.02
N ALA A 86 10.90 20.93 -4.23
CA ALA A 86 12.31 21.21 -4.51
C ALA A 86 13.15 19.93 -4.51
N ALA A 87 12.80 19.03 -3.60
CA ALA A 87 13.50 17.76 -3.46
C ALA A 87 13.22 16.87 -4.66
N ILE A 88 12.00 16.92 -5.15
CA ILE A 88 11.57 16.14 -6.30
C ILE A 88 12.18 16.71 -7.57
N VAL A 89 12.20 18.03 -7.66
CA VAL A 89 12.83 18.73 -8.76
C VAL A 89 14.31 18.35 -8.85
N ALA A 90 14.95 18.31 -7.70
CA ALA A 90 16.36 17.93 -7.61
C ALA A 90 16.55 16.50 -8.07
N GLN A 91 15.69 15.62 -7.59
CA GLN A 91 15.77 14.22 -7.90
C GLN A 91 15.46 13.96 -9.38
N LEU A 92 14.41 14.59 -9.92
CA LEU A 92 14.09 14.36 -11.32
C LEU A 92 15.17 14.85 -12.26
N PHE A 93 15.85 15.92 -11.87
CA PHE A 93 16.96 16.41 -12.64
C PHE A 93 18.08 15.39 -12.76
N GLU A 94 18.44 14.77 -11.65
CA GLU A 94 19.47 13.73 -11.71
C GLU A 94 18.91 12.46 -12.39
N LEU A 95 17.61 12.23 -12.24
CA LEU A 95 16.96 11.07 -12.79
C LEU A 95 16.85 11.09 -14.29
N LEU A 96 16.36 12.17 -14.86
CA LEU A 96 16.20 12.16 -16.30
C LEU A 96 17.40 12.78 -17.00
N GLY A 97 18.21 13.51 -16.28
CA GLY A 97 19.32 14.16 -16.92
C GLY A 97 18.87 15.42 -17.55
N SER A 98 18.22 16.21 -16.77
CA SER A 98 17.61 17.40 -17.21
C SER A 98 18.62 18.47 -17.60
N GLY A 99 19.62 18.67 -16.78
CA GLY A 99 20.47 19.80 -16.94
C GLY A 99 19.65 21.00 -16.57
N GLU A 100 19.29 21.80 -17.57
CA GLU A 100 18.29 22.86 -17.41
C GLU A 100 18.53 23.84 -16.25
N GLN A 101 17.49 24.58 -15.98
CA GLN A 101 17.40 25.51 -14.90
C GLN A 101 16.41 24.94 -13.89
N LYS A 102 16.58 25.22 -12.63
CA LYS A 102 15.62 24.75 -11.66
C LYS A 102 14.36 25.63 -11.69
N PRO A 103 13.19 25.01 -11.89
CA PRO A 103 11.88 25.67 -11.82
C PRO A 103 11.31 25.67 -10.41
N ALA A 104 11.81 24.73 -9.61
CA ALA A 104 11.43 24.50 -8.20
C ALA A 104 10.08 23.80 -8.04
N GLY A 105 9.32 23.72 -9.11
CA GLY A 105 8.04 23.07 -9.06
C GLY A 105 8.06 21.78 -9.84
N VAL A 106 7.48 20.75 -9.28
CA VAL A 106 7.44 19.43 -9.91
C VAL A 106 6.63 19.50 -11.19
N ALA A 107 5.51 20.19 -11.13
CA ALA A 107 4.63 20.30 -12.29
C ALA A 107 5.33 21.04 -13.41
N ALA A 108 6.21 21.95 -13.04
CA ALA A 108 6.98 22.69 -14.00
C ALA A 108 8.03 21.79 -14.67
N VAL A 109 8.76 20.99 -13.87
CA VAL A 109 9.78 20.08 -14.44
C VAL A 109 9.09 18.99 -15.24
N LEU A 110 7.88 18.66 -14.82
CA LEU A 110 7.09 17.63 -15.40
C LEU A 110 6.83 17.96 -16.86
N GLY A 111 6.35 19.18 -17.10
CA GLY A 111 6.06 19.65 -18.44
C GLY A 111 7.32 19.90 -19.25
N SER A 112 8.40 20.25 -18.56
CA SER A 112 9.67 20.54 -19.20
C SER A 112 10.33 19.24 -19.70
N LEU A 113 10.33 18.24 -18.86
CA LEU A 113 10.96 16.97 -19.17
C LEU A 113 10.00 16.06 -19.93
N LYS A 114 8.72 16.47 -19.96
CA LYS A 114 7.65 15.78 -20.68
C LYS A 114 7.38 14.40 -20.13
N LEU A 115 7.32 14.31 -18.82
CA LEU A 115 7.02 13.06 -18.17
C LEU A 115 5.53 12.76 -18.31
N GLN A 116 5.23 11.58 -18.78
CA GLN A 116 3.87 11.19 -19.04
C GLN A 116 3.23 10.61 -17.80
N GLU A 117 1.94 10.86 -17.65
CA GLU A 117 1.15 10.24 -16.65
C GLU A 117 0.82 8.87 -17.20
N VAL A 118 1.60 7.91 -16.83
CA VAL A 118 1.48 6.58 -17.38
C VAL A 118 0.35 5.81 -16.73
N ALA A 119 0.10 6.07 -15.47
CA ALA A 119 -0.95 5.37 -14.78
C ALA A 119 -1.72 6.31 -13.90
N SER A 120 -3.01 6.30 -14.06
CA SER A 120 -3.88 7.10 -13.26
C SER A 120 -5.08 6.31 -12.78
N PHE A 121 -5.18 6.22 -11.50
CA PHE A 121 -6.18 5.44 -10.80
C PHE A 121 -6.64 6.14 -9.54
N ILE A 122 -7.59 5.57 -8.87
CA ILE A 122 -8.13 6.16 -7.67
C ILE A 122 -7.91 5.21 -6.50
N THR A 123 -7.47 5.76 -5.39
CA THR A 123 -7.30 5.02 -4.20
C THR A 123 -8.55 5.06 -3.38
N THR A 124 -9.14 3.92 -3.21
CA THR A 124 -10.23 3.79 -2.35
C THR A 124 -9.70 3.13 -1.08
N ARG A 125 -9.63 3.88 -0.06
CA ARG A 125 -9.08 3.46 1.19
C ARG A 125 -10.21 3.27 2.15
N SER A 126 -10.28 2.15 2.84
CA SER A 126 -11.37 1.93 3.76
C SER A 126 -10.90 1.06 4.95
N SER A 127 -11.07 1.55 6.15
CA SER A 127 -10.63 0.87 7.35
C SER A 127 -11.80 0.53 8.26
N TRP A 128 -11.92 -0.74 8.59
CA TRP A 128 -13.02 -1.26 9.37
C TRP A 128 -12.49 -2.01 10.54
N LYS A 129 -13.21 -2.03 11.60
CA LYS A 129 -12.86 -2.85 12.71
C LYS A 129 -14.09 -3.42 13.39
N LEU A 130 -13.90 -4.41 14.19
CA LEU A 130 -15.03 -5.15 14.73
C LEU A 130 -14.65 -5.72 16.09
N ALA A 131 -15.50 -5.50 17.06
CA ALA A 131 -15.28 -5.99 18.41
C ALA A 131 -15.99 -7.31 18.61
N LEU A 132 -15.21 -8.37 18.78
CA LEU A 132 -15.76 -9.69 19.03
C LEU A 132 -16.02 -9.83 20.51
N SER A 133 -17.04 -10.55 20.86
CA SER A 133 -17.36 -10.76 22.26
C SER A 133 -18.04 -12.13 22.44
N GLY A 134 -18.98 -12.44 21.58
CA GLY A 134 -19.70 -13.69 21.65
C GLY A 134 -20.82 -13.59 22.66
N ALA A 135 -20.57 -14.12 23.83
CA ALA A 135 -21.52 -14.04 24.90
C ALA A 135 -20.92 -13.22 26.03
N HIS A 136 -19.86 -13.74 26.62
CA HIS A 136 -19.16 -13.05 27.70
C HIS A 136 -17.68 -13.33 27.61
N GLY A 137 -16.90 -12.60 28.38
CA GLY A 137 -15.48 -12.77 28.39
C GLY A 137 -14.76 -11.53 27.94
N GLN A 138 -13.55 -11.68 27.47
CA GLN A 138 -12.79 -10.57 26.97
C GLN A 138 -13.22 -10.25 25.56
N GLU A 139 -12.95 -9.08 25.11
CA GLU A 139 -13.40 -8.67 23.81
C GLU A 139 -12.23 -8.25 22.91
N PRO A 140 -11.82 -9.13 22.02
CA PRO A 140 -10.79 -8.84 21.07
C PRO A 140 -11.36 -8.08 19.87
N GLN A 141 -11.02 -6.84 19.76
CA GLN A 141 -11.42 -6.04 18.64
C GLN A 141 -10.36 -6.12 17.58
N LEU A 142 -10.73 -6.58 16.43
CA LEU A 142 -9.80 -6.74 15.37
C LEU A 142 -10.07 -5.71 14.28
N THR A 143 -9.08 -5.39 13.51
CA THR A 143 -9.20 -4.39 12.48
C THR A 143 -9.05 -5.03 11.10
N ILE A 144 -9.90 -4.64 10.20
CA ILE A 144 -9.90 -5.10 8.84
C ILE A 144 -9.54 -3.93 7.95
N ASP A 145 -8.45 -4.05 7.28
CA ASP A 145 -7.91 -2.99 6.47
C ASP A 145 -8.20 -3.27 5.00
N LEU A 146 -8.98 -2.41 4.35
CA LEU A 146 -9.23 -2.54 2.92
C LEU A 146 -8.58 -1.44 2.11
N ASP A 147 -7.77 -1.83 1.17
CA ASP A 147 -7.12 -0.90 0.28
C ASP A 147 -7.49 -1.26 -1.17
N SER A 148 -8.19 -0.38 -1.83
CA SER A 148 -8.70 -0.66 -3.16
C SER A 148 -8.23 0.40 -4.19
N ALA A 149 -8.16 -0.01 -5.45
CA ALA A 149 -7.74 0.84 -6.54
C ALA A 149 -8.71 0.75 -7.69
N ASP A 150 -8.63 1.73 -8.57
CA ASP A 150 -9.48 1.78 -9.75
C ASP A 150 -9.16 0.65 -10.73
N PHE A 151 -7.89 0.30 -10.88
CA PHE A 151 -7.52 -0.77 -11.82
C PHE A 151 -7.70 -2.16 -11.21
N GLY A 152 -8.96 -2.52 -10.91
CA GLY A 152 -9.33 -3.85 -10.41
C GLY A 152 -8.48 -4.35 -9.25
N TYR A 153 -8.55 -3.67 -8.13
CA TYR A 153 -7.77 -4.05 -6.97
C TYR A 153 -8.47 -3.72 -5.67
N ALA A 154 -8.52 -4.70 -4.80
CA ALA A 154 -9.06 -4.57 -3.47
C ALA A 154 -8.36 -5.56 -2.56
N VAL A 155 -7.60 -5.07 -1.61
CA VAL A 155 -6.91 -5.94 -0.69
C VAL A 155 -7.56 -5.79 0.68
N GLY A 156 -7.47 -6.80 1.49
CA GLY A 156 -7.93 -6.73 2.81
C GLY A 156 -6.96 -7.40 3.73
N GLU A 157 -6.80 -6.89 4.92
CA GLU A 157 -5.90 -7.47 5.88
C GLU A 157 -6.65 -7.53 7.20
N VAL A 158 -6.69 -8.68 7.85
CA VAL A 158 -7.39 -8.77 9.11
C VAL A 158 -6.38 -8.84 10.21
N GLU A 159 -6.40 -7.87 11.08
CA GLU A 159 -5.49 -7.82 12.18
C GLU A 159 -6.28 -8.05 13.44
N ALA A 160 -5.96 -9.08 14.14
CA ALA A 160 -6.61 -9.40 15.39
C ALA A 160 -5.60 -9.34 16.50
N MET A 161 -6.05 -8.97 17.68
CA MET A 161 -5.15 -8.90 18.79
C MET A 161 -5.68 -9.78 19.91
N VAL A 162 -4.86 -10.71 20.33
CA VAL A 162 -5.22 -11.64 21.39
C VAL A 162 -4.38 -11.37 22.62
N HIS A 163 -4.96 -11.55 23.76
CA HIS A 163 -4.25 -11.25 24.98
C HIS A 163 -3.50 -12.49 25.42
N GLU A 164 -4.03 -13.61 25.01
CA GLU A 164 -3.48 -14.88 25.28
C GLU A 164 -2.99 -15.53 23.98
N LYS A 165 -1.80 -16.11 24.01
CA LYS A 165 -1.21 -16.73 22.82
C LYS A 165 -1.97 -17.99 22.44
N ALA A 166 -2.60 -18.59 23.41
CA ALA A 166 -3.46 -19.77 23.17
C ALA A 166 -4.66 -19.40 22.29
N GLU A 167 -4.98 -18.11 22.21
CA GLU A 167 -6.07 -17.64 21.38
C GLU A 167 -5.60 -17.45 19.94
N VAL A 168 -4.28 -17.42 19.75
CA VAL A 168 -3.65 -17.21 18.43
C VAL A 168 -4.17 -18.19 17.33
N PRO A 169 -4.12 -19.55 17.55
CA PRO A 169 -4.63 -20.51 16.55
C PRO A 169 -6.10 -20.24 16.21
N ALA A 170 -6.90 -19.96 17.24
CA ALA A 170 -8.32 -19.69 17.08
C ALA A 170 -8.54 -18.41 16.31
N ALA A 171 -7.79 -17.38 16.66
CA ALA A 171 -7.90 -16.09 16.03
C ALA A 171 -7.50 -16.15 14.57
N LEU A 172 -6.39 -16.84 14.30
CA LEU A 172 -5.91 -16.96 12.92
C LEU A 172 -6.94 -17.66 12.04
N GLU A 173 -7.51 -18.75 12.54
CA GLU A 173 -8.54 -19.47 11.80
C GLU A 173 -9.83 -18.63 11.68
N LYS A 174 -10.13 -17.85 12.74
CA LYS A 174 -11.26 -16.96 12.76
C LYS A 174 -11.11 -15.95 11.62
N ILE A 175 -9.90 -15.43 11.49
CA ILE A 175 -9.55 -14.50 10.43
C ILE A 175 -9.81 -15.10 9.06
N ILE A 176 -9.30 -16.31 8.85
CA ILE A 176 -9.46 -17.01 7.57
C ILE A 176 -10.94 -17.19 7.26
N THR A 177 -11.71 -17.52 8.29
CA THR A 177 -13.14 -17.70 8.17
C THR A 177 -13.81 -16.41 7.65
N VAL A 178 -13.49 -15.28 8.27
CA VAL A 178 -14.05 -13.99 7.85
C VAL A 178 -13.56 -13.64 6.45
N SER A 179 -12.31 -13.98 6.17
CA SER A 179 -11.71 -13.73 4.89
C SER A 179 -12.44 -14.50 3.78
N SER A 180 -12.78 -15.75 4.06
CA SER A 180 -13.50 -16.58 3.10
C SER A 180 -14.94 -16.09 2.95
N MET A 181 -15.46 -15.48 3.98
CA MET A 181 -16.80 -14.95 3.97
C MET A 181 -16.88 -13.68 3.13
N LEU A 182 -15.78 -12.94 3.07
CA LEU A 182 -15.73 -11.72 2.28
C LEU A 182 -15.08 -11.95 0.92
N GLY A 183 -14.53 -13.12 0.73
CA GLY A 183 -13.86 -13.44 -0.50
C GLY A 183 -12.96 -14.63 -0.35
N VAL A 184 -11.69 -14.45 -0.66
CA VAL A 184 -10.72 -15.54 -0.56
C VAL A 184 -9.53 -15.10 0.29
N PRO A 185 -9.13 -15.91 1.29
CA PRO A 185 -7.97 -15.61 2.13
C PRO A 185 -6.68 -15.59 1.32
N ALA A 186 -5.92 -14.54 1.49
CA ALA A 186 -4.70 -14.33 0.75
C ALA A 186 -3.51 -14.51 1.69
N GLN A 187 -2.38 -13.95 1.32
CA GLN A 187 -1.17 -14.16 2.07
C GLN A 187 -0.43 -12.85 2.19
N GLU A 188 0.80 -12.88 2.67
CA GLU A 188 1.61 -11.67 2.80
C GLU A 188 2.05 -11.07 1.47
N GLU A 189 1.15 -10.31 0.90
CA GLU A 189 1.38 -9.53 -0.26
C GLU A 189 0.59 -8.23 -0.12
N ALA A 190 1.23 -7.19 0.32
CA ALA A 190 0.59 -5.89 0.37
C ALA A 190 1.15 -4.99 -0.74
N PRO A 191 0.46 -4.93 -1.88
CA PRO A 191 0.87 -4.11 -2.98
C PRO A 191 0.31 -2.72 -2.86
N ALA A 192 1.06 -1.79 -3.31
CA ALA A 192 0.57 -0.45 -3.44
C ALA A 192 -0.25 -0.41 -4.73
N LYS A 193 -0.97 0.67 -4.98
CA LYS A 193 -1.82 0.79 -6.17
C LYS A 193 -1.01 0.58 -7.41
N LEU A 194 0.06 1.31 -7.47
CA LEU A 194 0.94 1.32 -8.60
C LEU A 194 1.64 -0.04 -8.75
N MET A 195 1.73 -0.76 -7.67
CA MET A 195 2.32 -2.08 -7.73
C MET A 195 1.38 -3.04 -8.44
N VAL A 196 0.09 -2.81 -8.31
CA VAL A 196 -0.92 -3.56 -9.03
C VAL A 196 -0.75 -3.29 -10.51
N TYR A 197 -0.43 -2.04 -10.83
CA TYR A 197 -0.09 -1.66 -12.20
C TYR A 197 1.05 -2.54 -12.69
N LEU A 198 1.96 -2.84 -11.80
CA LEU A 198 3.05 -3.67 -12.14
C LEU A 198 2.60 -5.13 -12.28
N GLN A 199 1.80 -5.63 -11.34
CA GLN A 199 1.33 -7.03 -11.40
C GLN A 199 0.72 -7.32 -12.75
N ARG A 200 -0.07 -6.40 -13.17
CA ARG A 200 -0.74 -6.47 -14.44
C ARG A 200 0.18 -6.27 -15.66
N PHE A 201 0.93 -5.17 -15.67
CA PHE A 201 1.71 -4.79 -16.86
C PHE A 201 3.22 -5.11 -16.80
N ARG A 202 3.76 -5.22 -15.62
CA ARG A 202 5.21 -5.42 -15.39
C ARG A 202 5.42 -6.45 -14.31
N PRO A 203 5.26 -7.73 -14.63
CA PRO A 203 5.32 -8.79 -13.63
C PRO A 203 6.68 -8.88 -13.01
N LEU A 204 7.70 -8.63 -13.80
CA LEU A 204 9.03 -8.69 -13.29
C LEU A 204 9.28 -7.46 -12.41
N ASP A 205 8.78 -6.28 -12.84
CA ASP A 205 9.00 -5.07 -12.03
C ASP A 205 8.25 -5.27 -10.70
N TYR A 206 7.06 -5.84 -10.82
CA TYR A 206 6.25 -6.26 -9.69
C TYR A 206 7.03 -7.15 -8.73
N GLN A 207 7.63 -8.21 -9.26
CA GLN A 207 8.46 -9.12 -8.46
C GLN A 207 9.53 -8.41 -7.68
N ARG A 208 10.17 -7.43 -8.29
CA ARG A 208 11.22 -6.69 -7.64
C ARG A 208 10.72 -6.09 -6.35
N LEU A 209 9.58 -5.47 -6.42
CA LEU A 209 8.94 -4.91 -5.25
C LEU A 209 8.36 -6.02 -4.34
N LEU A 210 7.69 -6.98 -4.96
CA LEU A 210 7.03 -8.05 -4.25
C LEU A 210 7.96 -8.84 -3.38
N GLU A 211 9.06 -9.30 -3.96
CA GLU A 211 10.01 -10.14 -3.25
C GLU A 211 10.58 -9.40 -2.04
N ALA A 212 10.64 -8.10 -2.16
CA ALA A 212 11.12 -7.25 -1.08
C ALA A 212 10.02 -7.05 -0.04
N ALA A 213 8.78 -7.03 -0.50
CA ALA A 213 7.62 -6.80 0.35
C ALA A 213 7.03 -8.12 0.81
N SER A 214 7.73 -9.20 0.51
CA SER A 214 7.34 -10.49 0.99
C SER A 214 7.75 -10.58 2.45
N SER A 215 6.88 -10.07 3.27
CA SER A 215 7.10 -9.93 4.68
C SER A 215 6.92 -11.22 5.49
N GLY A 216 6.10 -12.15 5.05
CA GLY A 216 5.85 -13.28 5.89
C GLY A 216 5.36 -14.51 5.18
N GLU A 217 4.33 -15.13 5.75
CA GLU A 217 3.79 -16.39 5.27
C GLU A 217 3.19 -16.32 3.89
N ALA A 218 3.62 -17.24 3.06
CA ALA A 218 3.04 -17.42 1.78
C ALA A 218 2.07 -18.57 1.87
N THR A 219 0.91 -18.28 2.39
CA THR A 219 -0.13 -19.24 2.57
C THR A 219 -1.46 -18.53 2.36
N GLY A 220 -2.22 -18.99 1.41
CA GLY A 220 -3.47 -18.38 1.06
C GLY A 220 -3.65 -18.51 -0.42
N ASP A 221 -4.72 -18.00 -0.96
CA ASP A 221 -4.96 -18.13 -2.38
C ASP A 221 -5.38 -16.80 -2.96
N SER A 222 -4.88 -16.49 -4.14
CA SER A 222 -5.20 -15.25 -4.79
C SER A 222 -6.62 -15.27 -5.34
N ALA A 223 -6.91 -16.28 -6.18
CA ALA A 223 -8.19 -16.47 -6.89
C ALA A 223 -8.39 -15.40 -7.97
N SER A 224 -8.32 -14.15 -7.56
CA SER A 224 -8.44 -12.99 -8.43
C SER A 224 -9.78 -13.00 -9.18
N SER A 1 10.99 -3.99 20.39
CA SER A 1 10.34 -4.89 21.34
C SER A 1 8.89 -5.11 20.92
N ALA A 2 8.56 -6.33 20.57
CA ALA A 2 7.22 -6.65 20.17
C ALA A 2 6.57 -7.54 21.22
N GLN A 3 5.95 -6.90 22.18
CA GLN A 3 5.29 -7.60 23.26
C GLN A 3 3.95 -6.96 23.54
N GLY A 4 3.21 -7.55 24.43
CA GLY A 4 1.88 -7.10 24.71
C GLY A 4 0.91 -8.05 24.14
N LEU A 5 0.12 -7.57 23.23
CA LEU A 5 -0.77 -8.42 22.55
C LEU A 5 -0.16 -8.76 21.22
N ILE A 6 -0.14 -10.00 20.95
CA ILE A 6 0.43 -10.56 19.75
C ILE A 6 -0.44 -10.15 18.58
N GLU A 7 0.16 -9.56 17.59
CA GLU A 7 -0.56 -9.15 16.43
C GLU A 7 -0.68 -10.29 15.47
N VAL A 8 -1.83 -10.85 15.44
CA VAL A 8 -2.12 -11.89 14.51
C VAL A 8 -2.95 -11.28 13.40
N GLU A 9 -2.46 -11.38 12.23
CA GLU A 9 -3.04 -10.70 11.11
C GLU A 9 -3.04 -11.57 9.89
N ARG A 10 -3.90 -11.26 8.97
CA ARG A 10 -3.95 -11.89 7.70
C ARG A 10 -4.58 -10.94 6.75
N LYS A 11 -4.18 -11.04 5.54
CA LYS A 11 -4.67 -10.20 4.54
C LYS A 11 -5.62 -10.99 3.67
N PHE A 12 -6.58 -10.34 3.07
CA PHE A 12 -7.53 -11.00 2.21
C PHE A 12 -7.83 -10.15 0.98
N ALA A 13 -8.37 -10.77 -0.02
CA ALA A 13 -8.78 -10.13 -1.23
C ALA A 13 -10.30 -10.23 -1.32
N PRO A 14 -10.99 -9.17 -0.94
CA PRO A 14 -12.45 -9.17 -0.88
C PRO A 14 -13.13 -8.87 -2.21
N GLY A 15 -14.42 -9.11 -2.26
CA GLY A 15 -15.21 -8.82 -3.42
C GLY A 15 -15.67 -7.37 -3.45
N PRO A 16 -16.59 -7.02 -4.35
CA PRO A 16 -17.05 -5.63 -4.51
C PRO A 16 -17.95 -5.15 -3.36
N ASP A 17 -18.78 -6.01 -2.84
CA ASP A 17 -19.77 -5.61 -1.82
C ASP A 17 -19.28 -5.84 -0.38
N THR A 18 -17.97 -5.93 -0.21
CA THR A 18 -17.38 -6.13 1.09
C THR A 18 -17.79 -5.04 2.09
N GLU A 19 -17.71 -3.76 1.70
CA GLU A 19 -18.14 -2.67 2.58
C GLU A 19 -19.60 -2.85 2.98
N GLU A 20 -20.42 -3.20 2.00
CA GLU A 20 -21.83 -3.42 2.21
C GLU A 20 -22.05 -4.56 3.19
N ARG A 21 -21.39 -5.68 2.90
CA ARG A 21 -21.46 -6.86 3.69
C ARG A 21 -20.98 -6.57 5.13
N LEU A 22 -19.89 -5.82 5.25
CA LEU A 22 -19.31 -5.43 6.55
C LEU A 22 -20.29 -4.69 7.41
N GLN A 23 -21.00 -3.77 6.81
CA GLN A 23 -22.04 -3.02 7.51
C GLN A 23 -23.09 -3.97 8.07
N GLU A 24 -23.45 -4.96 7.27
CA GLU A 24 -24.41 -5.98 7.66
C GLU A 24 -23.81 -6.96 8.70
N LEU A 25 -22.50 -7.23 8.57
CA LEU A 25 -21.76 -8.11 9.50
C LEU A 25 -21.60 -7.40 10.85
N GLY A 26 -21.61 -6.09 10.80
CA GLY A 26 -21.51 -5.29 11.98
C GLY A 26 -20.17 -4.65 12.16
N ALA A 27 -19.34 -4.61 11.11
CA ALA A 27 -18.06 -3.97 11.23
C ALA A 27 -18.23 -2.47 11.24
N THR A 28 -17.62 -1.82 12.19
CA THR A 28 -17.72 -0.40 12.38
C THR A 28 -16.70 0.32 11.49
N LEU A 29 -17.17 1.28 10.73
CA LEU A 29 -16.32 2.04 9.85
C LEU A 29 -15.55 3.11 10.65
N GLU A 30 -14.25 2.98 10.65
CA GLU A 30 -13.37 3.88 11.35
C GLU A 30 -13.09 5.09 10.53
N HIS A 31 -12.55 4.85 9.37
CA HIS A 31 -12.09 5.92 8.50
C HIS A 31 -12.40 5.48 7.12
N ARG A 32 -12.63 6.41 6.24
CA ARG A 32 -12.83 6.08 4.87
C ARG A 32 -12.28 7.21 4.04
N VAL A 33 -11.35 6.92 3.15
CA VAL A 33 -10.77 8.02 2.36
C VAL A 33 -10.93 7.73 0.87
N THR A 34 -11.13 8.75 0.10
CA THR A 34 -11.25 8.59 -1.32
C THR A 34 -10.49 9.68 -2.06
N PHE A 35 -9.58 9.29 -2.93
CA PHE A 35 -8.80 10.22 -3.73
C PHE A 35 -8.21 9.46 -4.90
N ARG A 36 -7.60 10.13 -5.82
CA ARG A 36 -7.00 9.49 -6.97
C ARG A 36 -5.48 9.63 -6.92
N ASP A 37 -4.79 8.62 -7.36
CA ASP A 37 -3.33 8.66 -7.40
C ASP A 37 -2.89 8.60 -8.84
N THR A 38 -1.93 9.41 -9.17
CA THR A 38 -1.43 9.49 -10.52
C THR A 38 0.07 9.24 -10.54
N TYR A 39 0.47 8.22 -11.24
CA TYR A 39 1.85 7.87 -11.36
C TYR A 39 2.41 8.37 -12.63
N TYR A 40 3.57 8.94 -12.51
CA TYR A 40 4.27 9.50 -13.64
C TYR A 40 5.54 8.76 -13.86
N ASP A 41 5.95 8.76 -15.09
CA ASP A 41 7.09 8.06 -15.55
C ASP A 41 7.42 8.65 -16.89
N THR A 42 8.54 8.32 -17.37
CA THR A 42 8.99 8.67 -18.67
C THR A 42 8.13 7.88 -19.69
N SER A 43 8.34 8.14 -20.94
CA SER A 43 7.57 7.49 -21.97
C SER A 43 7.90 5.98 -22.08
N GLU A 44 9.04 5.58 -21.54
CA GLU A 44 9.50 4.21 -21.71
C GLU A 44 9.45 3.41 -20.39
N LEU A 45 8.83 4.00 -19.37
CA LEU A 45 8.78 3.40 -18.00
C LEU A 45 10.16 3.14 -17.44
N SER A 46 11.06 3.99 -17.84
CA SER A 46 12.42 3.98 -17.40
C SER A 46 12.50 4.38 -15.93
N LEU A 47 11.58 5.25 -15.51
CA LEU A 47 11.59 5.78 -14.15
C LEU A 47 11.25 4.66 -13.16
N MET A 48 10.09 4.05 -13.40
CA MET A 48 9.49 2.99 -12.58
C MET A 48 10.44 1.81 -12.46
N LEU A 49 10.94 1.35 -13.61
CA LEU A 49 11.77 0.14 -13.70
C LEU A 49 13.14 0.38 -13.05
N SER A 50 13.42 1.61 -12.73
CA SER A 50 14.68 2.01 -12.14
C SER A 50 14.52 2.25 -10.63
N ASP A 51 13.40 1.75 -10.06
CA ASP A 51 13.11 1.90 -8.60
C ASP A 51 12.70 3.31 -8.25
N HIS A 52 12.24 4.07 -9.22
CA HIS A 52 11.83 5.44 -8.97
C HIS A 52 10.34 5.52 -9.15
N TRP A 53 9.62 5.67 -8.08
CA TRP A 53 8.19 5.65 -8.15
C TRP A 53 7.66 7.05 -7.87
N LEU A 54 6.95 7.63 -8.82
CA LEU A 54 6.52 9.01 -8.71
C LEU A 54 5.05 9.08 -8.72
N ARG A 55 4.51 9.60 -7.69
CA ARG A 55 3.11 9.59 -7.54
C ARG A 55 2.58 10.89 -6.99
N GLN A 56 1.65 11.42 -7.69
CA GLN A 56 0.95 12.64 -7.33
C GLN A 56 -0.45 12.24 -6.99
N ARG A 57 -0.91 12.62 -5.84
CA ARG A 57 -2.20 12.22 -5.45
C ARG A 57 -3.19 13.33 -5.38
N GLU A 58 -4.04 13.35 -6.38
CA GLU A 58 -5.17 14.28 -6.53
C GLU A 58 -4.68 15.74 -6.78
N GLY A 59 -3.40 15.89 -7.07
CA GLY A 59 -2.84 17.21 -7.22
C GLY A 59 -2.54 17.81 -5.87
N SER A 60 -2.66 16.97 -4.87
CA SER A 60 -2.49 17.32 -3.50
C SER A 60 -1.02 17.25 -3.05
N GLY A 61 -0.18 16.63 -3.85
CA GLY A 61 1.22 16.59 -3.49
C GLY A 61 2.00 15.52 -4.23
N TRP A 62 3.22 15.86 -4.57
CA TRP A 62 4.11 14.98 -5.28
C TRP A 62 4.91 14.17 -4.32
N GLU A 63 4.91 12.89 -4.52
CA GLU A 63 5.58 11.98 -3.66
C GLU A 63 6.54 11.16 -4.54
N LEU A 64 7.78 11.05 -4.16
CA LEU A 64 8.70 10.26 -4.94
C LEU A 64 9.40 9.25 -4.09
N LYS A 65 9.43 8.04 -4.57
CA LYS A 65 10.10 6.98 -3.91
C LYS A 65 11.44 6.83 -4.59
N CYS A 66 12.47 6.97 -3.85
CA CYS A 66 13.80 6.83 -4.37
C CYS A 66 14.39 5.54 -3.83
N PRO A 67 15.32 4.91 -4.56
CA PRO A 67 15.90 3.62 -4.14
C PRO A 67 16.99 3.78 -3.09
N GLY A 68 16.87 4.82 -2.27
CA GLY A 68 17.86 5.11 -1.24
C GLY A 68 19.08 5.74 -1.82
N VAL A 69 19.02 5.87 -3.10
CA VAL A 69 20.04 6.42 -3.87
C VAL A 69 19.71 7.85 -4.17
N THR A 70 20.60 8.72 -3.82
CA THR A 70 20.50 10.09 -4.12
C THR A 70 21.81 10.53 -4.77
N GLY A 71 21.82 10.55 -6.09
CA GLY A 71 23.00 10.92 -6.83
C GLY A 71 24.11 9.87 -6.78
N VAL A 72 23.77 8.66 -6.36
CA VAL A 72 24.78 7.61 -6.23
C VAL A 72 24.86 6.75 -7.50
N SER A 73 23.70 6.34 -8.00
CA SER A 73 23.58 5.49 -9.19
C SER A 73 24.14 4.07 -8.94
N GLY A 74 23.26 3.11 -8.82
CA GLY A 74 23.67 1.75 -8.56
C GLY A 74 22.52 0.92 -8.07
N PRO A 75 22.76 0.02 -7.09
CA PRO A 75 21.71 -0.80 -6.51
C PRO A 75 20.90 -0.02 -5.48
N HIS A 76 19.77 -0.54 -5.11
CA HIS A 76 18.91 0.15 -4.17
C HIS A 76 19.33 -0.08 -2.70
N ASN A 77 19.42 1.01 -1.98
CA ASN A 77 19.80 1.08 -0.55
C ASN A 77 18.55 1.14 0.30
N GLU A 78 17.52 0.42 -0.13
CA GLU A 78 16.17 0.47 0.45
C GLU A 78 15.49 1.79 0.03
N TYR A 79 14.20 1.86 0.07
CA TYR A 79 13.52 3.03 -0.44
C TYR A 79 13.47 4.20 0.53
N VAL A 80 13.80 5.36 0.01
CA VAL A 80 13.73 6.62 0.71
C VAL A 80 12.63 7.45 0.06
N GLU A 81 11.93 8.24 0.83
CA GLU A 81 10.78 8.95 0.30
C GLU A 81 10.91 10.46 0.40
N VAL A 82 10.97 11.10 -0.74
CA VAL A 82 11.03 12.54 -0.79
C VAL A 82 9.67 13.06 -1.22
N THR A 83 9.15 14.01 -0.51
CA THR A 83 7.82 14.50 -0.79
C THR A 83 7.77 16.01 -1.02
N SER A 84 8.90 16.67 -0.86
CA SER A 84 8.98 18.09 -1.09
C SER A 84 9.36 18.32 -2.54
N GLU A 85 8.69 19.28 -3.19
CA GLU A 85 8.92 19.56 -4.62
C GLU A 85 10.37 19.79 -4.97
N ALA A 86 11.08 20.52 -4.14
CA ALA A 86 12.50 20.80 -4.38
C ALA A 86 13.30 19.51 -4.48
N ALA A 87 12.92 18.54 -3.66
CA ALA A 87 13.57 17.25 -3.64
C ALA A 87 13.17 16.47 -4.88
N ILE A 88 11.89 16.56 -5.25
CA ILE A 88 11.37 15.88 -6.41
C ILE A 88 12.13 16.39 -7.64
N VAL A 89 12.17 17.71 -7.78
CA VAL A 89 12.83 18.39 -8.89
C VAL A 89 14.31 17.97 -9.03
N ALA A 90 15.02 18.00 -7.92
CA ALA A 90 16.42 17.58 -7.91
C ALA A 90 16.56 16.11 -8.29
N GLN A 91 15.70 15.26 -7.74
CA GLN A 91 15.74 13.85 -8.04
C GLN A 91 15.43 13.56 -9.49
N LEU A 92 14.32 14.09 -10.01
CA LEU A 92 13.92 13.87 -11.42
C LEU A 92 15.06 14.21 -12.40
N PHE A 93 15.81 15.25 -12.08
CA PHE A 93 16.96 15.62 -12.90
C PHE A 93 18.03 14.56 -12.93
N GLU A 94 18.42 14.06 -11.78
CA GLU A 94 19.45 13.01 -11.74
C GLU A 94 18.89 11.68 -12.22
N LEU A 95 17.61 11.45 -11.98
CA LEU A 95 16.96 10.23 -12.39
C LEU A 95 16.86 10.13 -13.89
N LEU A 96 16.46 11.21 -14.52
CA LEU A 96 16.32 11.20 -15.97
C LEU A 96 17.56 11.57 -16.70
N GLY A 97 18.45 12.30 -16.06
CA GLY A 97 19.57 12.79 -16.78
C GLY A 97 19.10 13.93 -17.60
N SER A 98 18.64 14.92 -16.93
CA SER A 98 18.00 16.01 -17.55
C SER A 98 18.96 16.95 -18.26
N GLY A 99 19.81 17.61 -17.47
CA GLY A 99 20.69 18.62 -18.03
C GLY A 99 19.91 19.87 -18.41
N GLU A 100 18.70 19.91 -17.93
CA GLU A 100 17.78 20.97 -18.22
C GLU A 100 17.90 22.06 -17.17
N GLN A 101 17.17 23.12 -17.36
CA GLN A 101 17.14 24.22 -16.43
C GLN A 101 16.42 23.79 -15.16
N LYS A 102 17.02 24.07 -14.02
CA LYS A 102 16.40 23.80 -12.76
C LYS A 102 15.22 24.71 -12.49
N PRO A 103 14.08 24.11 -12.22
CA PRO A 103 12.95 24.79 -11.66
C PRO A 103 12.94 24.58 -10.13
N ALA A 104 11.80 24.70 -9.53
CA ALA A 104 11.63 24.45 -8.11
C ALA A 104 10.31 23.73 -7.86
N GLY A 105 9.47 23.71 -8.88
CA GLY A 105 8.22 23.04 -8.81
C GLY A 105 8.20 21.85 -9.74
N VAL A 106 7.52 20.82 -9.34
CA VAL A 106 7.50 19.56 -10.07
C VAL A 106 6.80 19.68 -11.43
N ALA A 107 5.79 20.53 -11.52
CA ALA A 107 5.04 20.72 -12.77
C ALA A 107 5.97 21.14 -13.92
N ALA A 108 6.99 21.90 -13.59
CA ALA A 108 7.93 22.36 -14.59
C ALA A 108 8.83 21.23 -15.05
N VAL A 109 9.26 20.36 -14.13
CA VAL A 109 10.14 19.25 -14.51
C VAL A 109 9.32 18.23 -15.26
N LEU A 110 8.07 18.13 -14.89
CA LEU A 110 7.13 17.24 -15.46
C LEU A 110 6.99 17.53 -16.95
N GLY A 111 6.76 18.79 -17.26
CA GLY A 111 6.64 19.23 -18.64
C GLY A 111 7.96 19.17 -19.38
N SER A 112 9.02 19.68 -18.75
CA SER A 112 10.34 19.77 -19.38
C SER A 112 10.95 18.40 -19.69
N LEU A 113 10.65 17.43 -18.85
CA LEU A 113 11.18 16.10 -19.03
C LEU A 113 10.19 15.20 -19.74
N LYS A 114 9.01 15.77 -20.04
CA LYS A 114 7.97 15.09 -20.83
C LYS A 114 7.46 13.85 -20.13
N LEU A 115 7.29 13.94 -18.84
CA LEU A 115 6.79 12.84 -18.04
C LEU A 115 5.31 12.65 -18.31
N GLN A 116 4.87 11.44 -18.29
CA GLN A 116 3.49 11.13 -18.57
C GLN A 116 2.89 10.45 -17.37
N GLU A 117 1.60 10.62 -17.18
CA GLU A 117 0.91 9.87 -16.24
C GLU A 117 0.64 8.52 -16.84
N VAL A 118 1.41 7.58 -16.37
CA VAL A 118 1.42 6.25 -16.89
C VAL A 118 0.34 5.41 -16.23
N ALA A 119 0.02 5.73 -14.99
CA ALA A 119 -0.98 5.00 -14.26
C ALA A 119 -1.79 5.91 -13.39
N SER A 120 -3.07 5.82 -13.49
CA SER A 120 -3.97 6.59 -12.70
C SER A 120 -5.08 5.71 -12.15
N PHE A 121 -5.24 5.74 -10.87
CA PHE A 121 -6.20 4.92 -10.19
C PHE A 121 -6.81 5.60 -9.00
N ILE A 122 -8.03 5.24 -8.72
CA ILE A 122 -8.77 5.76 -7.59
C ILE A 122 -8.41 4.95 -6.36
N THR A 123 -8.17 5.59 -5.25
CA THR A 123 -7.90 4.93 -4.02
C THR A 123 -9.04 5.15 -3.04
N THR A 124 -9.75 4.09 -2.73
CA THR A 124 -10.81 4.11 -1.76
C THR A 124 -10.40 3.30 -0.55
N ARG A 125 -10.16 3.98 0.54
CA ARG A 125 -9.71 3.33 1.76
C ARG A 125 -10.86 3.28 2.71
N SER A 126 -11.08 2.16 3.31
CA SER A 126 -12.11 2.04 4.27
C SER A 126 -11.64 1.12 5.40
N SER A 127 -11.65 1.61 6.60
CA SER A 127 -11.18 0.85 7.72
C SER A 127 -12.36 0.46 8.58
N TRP A 128 -12.43 -0.78 8.93
CA TRP A 128 -13.55 -1.33 9.65
C TRP A 128 -13.06 -2.12 10.84
N LYS A 129 -13.83 -2.22 11.86
CA LYS A 129 -13.52 -3.09 13.00
C LYS A 129 -14.75 -3.76 13.53
N LEU A 130 -14.61 -5.01 13.86
CA LEU A 130 -15.75 -5.80 14.28
C LEU A 130 -15.43 -6.43 15.64
N ALA A 131 -16.37 -6.36 16.54
CA ALA A 131 -16.21 -6.90 17.88
C ALA A 131 -16.98 -8.18 18.02
N LEU A 132 -16.28 -9.25 18.31
CA LEU A 132 -16.93 -10.53 18.49
C LEU A 132 -17.42 -10.67 19.92
N SER A 133 -18.51 -11.35 20.10
CA SER A 133 -19.08 -11.54 21.39
C SER A 133 -20.05 -12.71 21.38
N GLY A 134 -20.21 -13.34 22.52
CA GLY A 134 -21.12 -14.44 22.63
C GLY A 134 -22.07 -14.24 23.78
N ALA A 135 -23.12 -13.45 23.52
CA ALA A 135 -24.16 -13.11 24.50
C ALA A 135 -23.63 -12.23 25.64
N HIS A 136 -22.98 -12.83 26.60
CA HIS A 136 -22.41 -12.11 27.72
C HIS A 136 -20.88 -12.17 27.65
N GLY A 137 -20.38 -13.12 26.87
CA GLY A 137 -18.95 -13.25 26.73
C GLY A 137 -18.44 -12.34 25.65
N GLN A 138 -17.18 -11.97 25.70
CA GLN A 138 -16.61 -11.06 24.73
C GLN A 138 -15.36 -11.63 24.13
N GLU A 139 -15.31 -11.64 22.83
CA GLU A 139 -14.18 -12.09 22.09
C GLU A 139 -13.49 -10.85 21.50
N PRO A 140 -12.22 -10.96 21.07
CA PRO A 140 -11.45 -9.81 20.55
C PRO A 140 -12.15 -9.02 19.43
N GLN A 141 -11.83 -7.75 19.38
CA GLN A 141 -12.29 -6.89 18.33
C GLN A 141 -11.17 -6.80 17.32
N LEU A 142 -11.44 -7.11 16.09
CA LEU A 142 -10.40 -7.08 15.12
C LEU A 142 -10.70 -6.05 14.04
N THR A 143 -9.68 -5.43 13.55
CA THR A 143 -9.83 -4.36 12.59
C THR A 143 -9.54 -4.88 11.19
N ILE A 144 -10.43 -4.59 10.31
CA ILE A 144 -10.40 -5.01 8.94
C ILE A 144 -10.15 -3.76 8.09
N ASP A 145 -9.06 -3.71 7.40
CA ASP A 145 -8.71 -2.52 6.64
C ASP A 145 -8.76 -2.78 5.15
N LEU A 146 -9.64 -2.09 4.45
CA LEU A 146 -9.82 -2.27 3.01
C LEU A 146 -9.33 -1.08 2.19
N ASP A 147 -8.55 -1.35 1.18
CA ASP A 147 -8.18 -0.31 0.20
C ASP A 147 -8.59 -0.82 -1.17
N SER A 148 -9.06 0.02 -2.03
CA SER A 148 -9.45 -0.39 -3.35
C SER A 148 -8.93 0.57 -4.41
N ALA A 149 -8.78 0.08 -5.63
CA ALA A 149 -8.26 0.86 -6.72
C ALA A 149 -9.07 0.68 -7.96
N ASP A 150 -9.04 1.71 -8.78
CA ASP A 150 -9.65 1.69 -10.12
C ASP A 150 -9.08 0.54 -10.95
N PHE A 151 -7.79 0.27 -10.74
CA PHE A 151 -7.07 -0.74 -11.48
C PHE A 151 -7.34 -2.15 -10.88
N GLY A 152 -8.63 -2.58 -10.98
CA GLY A 152 -9.09 -3.93 -10.55
C GLY A 152 -8.47 -4.44 -9.26
N TYR A 153 -8.62 -3.70 -8.19
CA TYR A 153 -7.97 -4.06 -6.96
C TYR A 153 -8.75 -3.68 -5.72
N ALA A 154 -8.88 -4.61 -4.82
CA ALA A 154 -9.50 -4.43 -3.53
C ALA A 154 -8.76 -5.31 -2.53
N VAL A 155 -8.28 -4.73 -1.47
CA VAL A 155 -7.52 -5.49 -0.49
C VAL A 155 -8.18 -5.37 0.88
N GLY A 156 -7.97 -6.34 1.70
CA GLY A 156 -8.42 -6.31 3.05
C GLY A 156 -7.32 -6.79 3.94
N GLU A 157 -7.28 -6.32 5.14
CA GLU A 157 -6.25 -6.66 6.08
C GLU A 157 -6.97 -6.85 7.41
N VAL A 158 -6.71 -7.90 8.14
CA VAL A 158 -7.40 -8.05 9.41
C VAL A 158 -6.39 -8.17 10.53
N GLU A 159 -6.48 -7.23 11.44
CA GLU A 159 -5.57 -7.12 12.55
C GLU A 159 -6.27 -7.52 13.83
N ALA A 160 -5.75 -8.51 14.50
CA ALA A 160 -6.26 -8.93 15.78
C ALA A 160 -5.11 -9.04 16.75
N MET A 161 -5.27 -8.52 17.92
CA MET A 161 -4.22 -8.61 18.90
C MET A 161 -4.69 -9.43 20.05
N VAL A 162 -3.97 -10.48 20.33
CA VAL A 162 -4.32 -11.37 21.41
C VAL A 162 -3.29 -11.25 22.50
N HIS A 163 -3.73 -11.14 23.71
CA HIS A 163 -2.83 -10.84 24.81
C HIS A 163 -2.16 -12.11 25.34
N GLU A 164 -2.52 -13.22 24.76
CA GLU A 164 -1.90 -14.48 25.05
C GLU A 164 -1.74 -15.26 23.77
N LYS A 165 -0.70 -16.05 23.72
CA LYS A 165 -0.37 -16.82 22.54
C LYS A 165 -1.36 -17.98 22.33
N ALA A 166 -2.03 -18.37 23.39
CA ALA A 166 -2.99 -19.48 23.37
C ALA A 166 -4.08 -19.30 22.31
N GLU A 167 -4.56 -18.09 22.12
CA GLU A 167 -5.64 -17.88 21.18
C GLU A 167 -5.18 -17.27 19.84
N VAL A 168 -3.86 -17.28 19.60
CA VAL A 168 -3.31 -16.80 18.31
C VAL A 168 -3.88 -17.62 17.12
N PRO A 169 -3.71 -18.99 17.11
CA PRO A 169 -4.25 -19.84 16.04
C PRO A 169 -5.76 -19.65 15.87
N ALA A 170 -6.46 -19.50 16.99
CA ALA A 170 -7.90 -19.31 17.00
C ALA A 170 -8.28 -18.06 16.23
N ALA A 171 -7.63 -16.95 16.57
CA ALA A 171 -7.89 -15.69 15.93
C ALA A 171 -7.49 -15.74 14.46
N LEU A 172 -6.37 -16.38 14.17
CA LEU A 172 -5.88 -16.49 12.80
C LEU A 172 -6.89 -17.21 11.91
N GLU A 173 -7.33 -18.37 12.35
CA GLU A 173 -8.30 -19.14 11.59
C GLU A 173 -9.63 -18.42 11.47
N LYS A 174 -10.00 -17.69 12.53
CA LYS A 174 -11.17 -16.86 12.54
C LYS A 174 -11.06 -15.83 11.41
N ILE A 175 -9.90 -15.18 11.33
CA ILE A 175 -9.61 -14.19 10.31
C ILE A 175 -9.74 -14.78 8.91
N ILE A 176 -9.18 -15.96 8.71
CA ILE A 176 -9.21 -16.60 7.38
C ILE A 176 -10.66 -16.94 7.01
N THR A 177 -11.45 -17.27 8.02
CA THR A 177 -12.86 -17.55 7.84
C THR A 177 -13.58 -16.28 7.33
N VAL A 178 -13.31 -15.15 8.00
CA VAL A 178 -13.87 -13.86 7.60
C VAL A 178 -13.40 -13.49 6.20
N SER A 179 -12.15 -13.76 5.93
CA SER A 179 -11.54 -13.52 4.65
C SER A 179 -12.26 -14.28 3.54
N SER A 180 -12.63 -15.51 3.83
CA SER A 180 -13.27 -16.38 2.86
C SER A 180 -14.73 -15.98 2.60
N MET A 181 -15.40 -15.43 3.60
CA MET A 181 -16.79 -15.02 3.39
C MET A 181 -16.88 -13.66 2.70
N LEU A 182 -15.82 -12.89 2.80
CA LEU A 182 -15.79 -11.62 2.10
C LEU A 182 -15.06 -11.74 0.77
N GLY A 183 -14.45 -12.88 0.54
CA GLY A 183 -13.74 -13.09 -0.69
C GLY A 183 -12.76 -14.24 -0.59
N VAL A 184 -11.51 -13.96 -0.84
CA VAL A 184 -10.47 -14.98 -0.83
C VAL A 184 -9.31 -14.47 0.03
N PRO A 185 -8.74 -15.30 0.92
CA PRO A 185 -7.58 -14.90 1.72
C PRO A 185 -6.38 -14.53 0.82
N ALA A 186 -5.66 -13.49 1.19
CA ALA A 186 -4.53 -13.04 0.44
C ALA A 186 -3.27 -13.44 1.18
N GLN A 187 -2.19 -12.77 0.92
CA GLN A 187 -0.93 -13.14 1.50
C GLN A 187 -0.27 -11.94 2.12
N GLU A 188 0.83 -12.14 2.78
CA GLU A 188 1.59 -11.06 3.36
C GLU A 188 2.33 -10.38 2.24
N GLU A 189 1.82 -9.27 1.80
CA GLU A 189 2.37 -8.54 0.74
C GLU A 189 1.74 -7.16 0.68
N ALA A 190 0.41 -7.17 0.49
CA ALA A 190 -0.38 -5.94 0.27
C ALA A 190 0.10 -5.26 -0.97
N PRO A 191 -0.42 -5.68 -2.13
CA PRO A 191 -0.01 -5.12 -3.38
C PRO A 191 -0.30 -3.64 -3.43
N ALA A 192 0.75 -2.84 -3.36
CA ALA A 192 0.63 -1.40 -3.53
C ALA A 192 -0.05 -1.11 -4.86
N LYS A 193 -0.47 0.10 -5.07
CA LYS A 193 -1.21 0.41 -6.28
C LYS A 193 -0.44 0.09 -7.55
N LEU A 194 0.81 0.50 -7.62
CA LEU A 194 1.62 0.06 -8.74
C LEU A 194 1.95 -1.40 -8.71
N MET A 195 1.95 -2.01 -7.56
CA MET A 195 2.23 -3.43 -7.47
C MET A 195 1.20 -4.21 -8.25
N VAL A 196 -0.04 -3.75 -8.19
CA VAL A 196 -1.13 -4.34 -8.96
C VAL A 196 -0.89 -4.07 -10.46
N TYR A 197 -0.47 -2.82 -10.75
CA TYR A 197 -0.12 -2.40 -12.11
C TYR A 197 0.93 -3.33 -12.68
N LEU A 198 1.89 -3.61 -11.88
CA LEU A 198 3.00 -4.38 -12.26
C LEU A 198 2.66 -5.87 -12.35
N GLN A 199 1.84 -6.40 -11.44
CA GLN A 199 1.46 -7.83 -11.53
C GLN A 199 0.88 -8.14 -12.88
N ARG A 200 0.03 -7.28 -13.29
CA ARG A 200 -0.60 -7.37 -14.60
C ARG A 200 0.37 -7.03 -15.77
N PHE A 201 1.03 -5.89 -15.69
CA PHE A 201 1.85 -5.40 -16.80
C PHE A 201 3.36 -5.78 -16.74
N ARG A 202 3.95 -5.72 -15.58
CA ARG A 202 5.41 -5.86 -15.41
C ARG A 202 5.76 -6.86 -14.32
N PRO A 203 5.87 -8.15 -14.68
CA PRO A 203 6.11 -9.21 -13.71
C PRO A 203 7.46 -9.07 -13.04
N LEU A 204 8.44 -8.69 -13.79
CA LEU A 204 9.73 -8.52 -13.24
C LEU A 204 9.76 -7.24 -12.41
N ASP A 205 9.13 -6.16 -12.91
CA ASP A 205 9.24 -4.87 -12.24
C ASP A 205 8.61 -4.91 -10.85
N TYR A 206 7.48 -5.64 -10.70
CA TYR A 206 6.84 -5.76 -9.39
C TYR A 206 7.78 -6.40 -8.41
N GLN A 207 8.57 -7.37 -8.87
CA GLN A 207 9.51 -8.07 -7.99
C GLN A 207 10.56 -7.17 -7.44
N ARG A 208 11.07 -6.29 -8.29
CA ARG A 208 12.09 -5.34 -7.86
C ARG A 208 11.59 -4.50 -6.70
N LEU A 209 10.37 -4.08 -6.82
CA LEU A 209 9.69 -3.35 -5.78
C LEU A 209 9.34 -4.29 -4.59
N LEU A 210 8.72 -5.42 -4.90
CA LEU A 210 8.24 -6.37 -3.91
C LEU A 210 9.33 -6.93 -3.04
N GLU A 211 10.37 -7.48 -3.65
CA GLU A 211 11.45 -8.16 -2.94
C GLU A 211 12.13 -7.21 -1.96
N ALA A 212 12.13 -5.97 -2.31
CA ALA A 212 12.74 -4.94 -1.49
C ALA A 212 11.79 -4.53 -0.37
N ALA A 213 10.51 -4.48 -0.70
CA ALA A 213 9.49 -4.10 0.27
C ALA A 213 9.06 -5.27 1.15
N SER A 214 9.60 -6.46 0.86
CA SER A 214 9.27 -7.68 1.61
C SER A 214 9.83 -7.66 3.04
N SER A 215 10.61 -6.65 3.37
CA SER A 215 11.08 -6.48 4.70
C SER A 215 9.99 -5.79 5.51
N GLY A 216 9.10 -6.58 6.02
CA GLY A 216 7.98 -6.08 6.77
C GLY A 216 6.75 -6.12 5.92
N GLU A 217 5.71 -5.44 6.37
CA GLU A 217 4.44 -5.38 5.65
C GLU A 217 3.56 -4.38 6.43
N ALA A 218 2.61 -3.77 5.78
CA ALA A 218 1.81 -2.75 6.39
C ALA A 218 0.54 -3.31 7.02
N THR A 219 0.59 -3.50 8.31
CA THR A 219 -0.55 -3.95 9.08
C THR A 219 -1.47 -2.73 9.31
N GLY A 220 -2.76 -2.97 9.47
CA GLY A 220 -3.74 -1.92 9.62
C GLY A 220 -3.47 -0.90 10.74
N ASP A 221 -3.84 -1.28 12.00
CA ASP A 221 -3.82 -0.34 13.19
C ASP A 221 -4.73 0.86 12.90
N SER A 222 -5.63 0.63 11.95
CA SER A 222 -6.54 1.63 11.44
C SER A 222 -7.53 2.12 12.50
N ALA A 223 -7.58 1.44 13.61
CA ALA A 223 -8.42 1.85 14.69
C ALA A 223 -7.69 2.89 15.50
N SER A 224 -8.19 4.10 15.51
CA SER A 224 -7.58 5.16 16.24
C SER A 224 -8.45 5.50 17.44
N SER A 1 7.94 -6.17 16.43
CA SER A 1 8.19 -6.42 17.83
C SER A 1 7.02 -5.94 18.69
N ALA A 2 6.41 -6.84 19.44
CA ALA A 2 5.26 -6.53 20.26
C ALA A 2 5.31 -7.31 21.55
N GLN A 3 4.74 -6.76 22.58
CA GLN A 3 4.65 -7.39 23.87
C GLN A 3 3.25 -7.17 24.39
N GLY A 4 2.69 -8.15 25.08
CA GLY A 4 1.34 -8.02 25.58
C GLY A 4 0.33 -8.22 24.49
N LEU A 5 0.14 -7.21 23.68
CA LEU A 5 -0.72 -7.30 22.53
C LEU A 5 0.10 -7.75 21.34
N ILE A 6 -0.11 -8.99 20.95
CA ILE A 6 0.58 -9.61 19.83
C ILE A 6 -0.07 -9.13 18.53
N GLU A 7 0.75 -8.65 17.60
CA GLU A 7 0.27 -8.16 16.32
C GLU A 7 0.04 -9.33 15.36
N VAL A 8 -1.21 -9.67 15.16
CA VAL A 8 -1.59 -10.76 14.30
C VAL A 8 -2.41 -10.25 13.13
N GLU A 9 -1.87 -10.40 11.96
CA GLU A 9 -2.55 -9.96 10.79
C GLU A 9 -2.49 -11.02 9.72
N ARG A 10 -3.31 -10.89 8.75
CA ARG A 10 -3.30 -11.74 7.61
C ARG A 10 -3.70 -10.84 6.48
N LYS A 11 -3.35 -11.17 5.31
CA LYS A 11 -3.75 -10.37 4.22
C LYS A 11 -4.89 -11.08 3.55
N PHE A 12 -5.63 -10.38 2.74
CA PHE A 12 -6.68 -11.01 1.99
C PHE A 12 -6.98 -10.20 0.74
N ALA A 13 -7.30 -10.86 -0.33
CA ALA A 13 -7.68 -10.21 -1.55
C ALA A 13 -9.21 -10.29 -1.64
N PRO A 14 -9.89 -9.17 -1.40
CA PRO A 14 -11.34 -9.13 -1.33
C PRO A 14 -12.04 -9.09 -2.70
N GLY A 15 -13.34 -9.32 -2.67
CA GLY A 15 -14.17 -9.28 -3.84
C GLY A 15 -14.72 -7.88 -4.09
N PRO A 16 -15.84 -7.75 -4.83
CA PRO A 16 -16.40 -6.44 -5.20
C PRO A 16 -17.20 -5.73 -4.08
N ASP A 17 -18.10 -6.45 -3.45
CA ASP A 17 -19.03 -5.85 -2.45
C ASP A 17 -18.52 -6.04 -1.03
N THR A 18 -17.22 -6.21 -0.88
CA THR A 18 -16.58 -6.42 0.40
C THR A 18 -16.99 -5.37 1.44
N GLU A 19 -16.93 -4.09 1.08
CA GLU A 19 -17.30 -3.00 1.97
C GLU A 19 -18.74 -3.16 2.44
N GLU A 20 -19.60 -3.49 1.52
CA GLU A 20 -21.00 -3.64 1.80
C GLU A 20 -21.23 -4.90 2.63
N ARG A 21 -20.50 -5.97 2.31
CA ARG A 21 -20.63 -7.19 2.99
C ARG A 21 -20.03 -7.09 4.40
N LEU A 22 -19.04 -6.22 4.58
CA LEU A 22 -18.47 -5.89 5.90
C LEU A 22 -19.51 -5.32 6.81
N GLN A 23 -20.31 -4.43 6.28
CA GLN A 23 -21.41 -3.84 7.01
C GLN A 23 -22.36 -4.94 7.47
N GLU A 24 -22.59 -5.90 6.58
CA GLU A 24 -23.44 -7.05 6.84
C GLU A 24 -22.78 -7.94 7.92
N LEU A 25 -21.47 -8.11 7.83
CA LEU A 25 -20.70 -8.91 8.78
C LEU A 25 -20.65 -8.25 10.15
N GLY A 26 -20.75 -6.95 10.16
CA GLY A 26 -20.73 -6.25 11.40
C GLY A 26 -19.47 -5.48 11.62
N ALA A 27 -18.73 -5.21 10.54
CA ALA A 27 -17.56 -4.40 10.68
C ALA A 27 -17.96 -2.95 10.61
N THR A 28 -17.55 -2.20 11.58
CA THR A 28 -17.88 -0.82 11.63
C THR A 28 -16.82 -0.02 10.89
N LEU A 29 -17.27 0.85 10.04
CA LEU A 29 -16.41 1.69 9.25
C LEU A 29 -15.89 2.82 10.12
N GLU A 30 -14.58 2.90 10.29
CA GLU A 30 -14.06 3.97 11.13
C GLU A 30 -13.54 5.13 10.30
N HIS A 31 -13.07 4.87 9.11
CA HIS A 31 -12.49 5.93 8.32
C HIS A 31 -12.59 5.57 6.84
N ARG A 32 -13.03 6.51 6.02
CA ARG A 32 -13.23 6.26 4.60
C ARG A 32 -12.63 7.45 3.85
N VAL A 33 -11.71 7.17 2.94
CA VAL A 33 -10.94 8.19 2.22
C VAL A 33 -10.85 7.83 0.73
N THR A 34 -10.87 8.83 -0.12
CA THR A 34 -10.72 8.62 -1.55
C THR A 34 -9.72 9.62 -2.08
N PHE A 35 -8.82 9.20 -2.95
CA PHE A 35 -7.91 10.14 -3.56
C PHE A 35 -7.46 9.66 -4.90
N ARG A 36 -7.26 10.57 -5.77
CA ARG A 36 -6.76 10.28 -7.10
C ARG A 36 -5.26 10.05 -6.99
N ASP A 37 -4.81 8.89 -7.38
CA ASP A 37 -3.39 8.55 -7.34
C ASP A 37 -2.89 8.54 -8.77
N THR A 38 -1.80 9.18 -9.01
CA THR A 38 -1.32 9.30 -10.34
C THR A 38 0.19 9.16 -10.41
N TYR A 39 0.66 8.15 -11.13
CA TYR A 39 2.05 7.90 -11.30
C TYR A 39 2.60 8.41 -12.57
N TYR A 40 3.76 8.98 -12.45
CA TYR A 40 4.55 9.46 -13.54
C TYR A 40 5.82 8.69 -13.58
N ASP A 41 6.39 8.63 -14.72
CA ASP A 41 7.55 7.86 -14.96
C ASP A 41 8.13 8.38 -16.25
N THR A 42 9.31 7.99 -16.50
CA THR A 42 10.00 8.30 -17.69
C THR A 42 9.29 7.49 -18.82
N SER A 43 9.51 7.86 -20.05
CA SER A 43 8.86 7.25 -21.20
C SER A 43 9.09 5.70 -21.28
N GLU A 44 10.20 5.25 -20.76
CA GLU A 44 10.57 3.85 -20.83
C GLU A 44 10.40 3.13 -19.47
N LEU A 45 9.75 3.81 -18.52
CA LEU A 45 9.60 3.32 -17.14
C LEU A 45 10.91 3.10 -16.43
N SER A 46 11.77 4.05 -16.63
CA SER A 46 13.04 4.08 -15.97
C SER A 46 12.86 4.46 -14.50
N LEU A 47 11.87 5.28 -14.21
CA LEU A 47 11.68 5.87 -12.89
C LEU A 47 11.21 4.80 -11.89
N MET A 48 10.10 4.15 -12.23
CA MET A 48 9.45 3.13 -11.38
C MET A 48 10.40 1.98 -11.10
N LEU A 49 11.11 1.56 -12.13
CA LEU A 49 12.04 0.44 -12.02
C LEU A 49 13.35 0.85 -11.37
N SER A 50 13.53 2.11 -11.15
CA SER A 50 14.71 2.60 -10.49
C SER A 50 14.37 2.81 -9.00
N ASP A 51 13.24 2.23 -8.57
CA ASP A 51 12.76 2.28 -7.18
C ASP A 51 12.28 3.68 -6.82
N HIS A 52 12.03 4.50 -7.82
CA HIS A 52 11.54 5.83 -7.57
C HIS A 52 10.08 5.92 -7.94
N TRP A 53 9.24 5.87 -6.95
CA TRP A 53 7.82 5.87 -7.17
C TRP A 53 7.29 7.29 -7.04
N LEU A 54 6.77 7.82 -8.12
CA LEU A 54 6.31 9.20 -8.15
C LEU A 54 4.84 9.27 -8.33
N ARG A 55 4.18 9.93 -7.43
CA ARG A 55 2.78 10.06 -7.53
C ARG A 55 2.31 11.44 -7.14
N GLN A 56 1.26 11.85 -7.75
CA GLN A 56 0.54 13.05 -7.40
C GLN A 56 -0.81 12.58 -6.94
N ARG A 57 -1.22 12.96 -5.77
CA ARG A 57 -2.48 12.55 -5.30
C ARG A 57 -3.44 13.70 -5.34
N GLU A 58 -4.27 13.73 -6.38
CA GLU A 58 -5.30 14.79 -6.63
C GLU A 58 -4.81 16.24 -6.53
N GLY A 59 -3.51 16.44 -6.65
CA GLY A 59 -2.95 17.77 -6.51
C GLY A 59 -2.89 18.18 -5.07
N SER A 60 -2.97 17.18 -4.24
CA SER A 60 -2.94 17.29 -2.82
C SER A 60 -1.56 16.92 -2.27
N GLY A 61 -0.59 16.88 -3.15
CA GLY A 61 0.74 16.59 -2.72
C GLY A 61 1.43 15.63 -3.63
N TRP A 62 2.64 15.96 -3.97
CA TRP A 62 3.49 15.09 -4.72
C TRP A 62 4.21 14.17 -3.78
N GLU A 63 4.51 12.99 -4.24
CA GLU A 63 5.14 11.98 -3.44
C GLU A 63 6.16 11.23 -4.26
N LEU A 64 7.35 11.11 -3.72
CA LEU A 64 8.39 10.37 -4.39
C LEU A 64 9.02 9.39 -3.42
N LYS A 65 8.94 8.15 -3.78
CA LYS A 65 9.45 7.07 -3.02
C LYS A 65 10.82 6.72 -3.59
N CYS A 66 11.78 6.60 -2.75
CA CYS A 66 13.14 6.29 -3.13
C CYS A 66 13.65 5.11 -2.29
N PRO A 67 14.68 4.34 -2.76
CA PRO A 67 15.20 3.15 -2.04
C PRO A 67 16.09 3.51 -0.83
N GLY A 68 16.10 4.77 -0.47
CA GLY A 68 16.89 5.22 0.66
C GLY A 68 18.22 5.71 0.22
N VAL A 69 18.77 5.04 -0.76
CA VAL A 69 19.98 5.45 -1.36
C VAL A 69 19.64 6.69 -2.19
N THR A 70 20.35 7.77 -1.98
CA THR A 70 20.06 8.97 -2.73
C THR A 70 20.86 8.98 -4.04
N GLY A 71 22.18 8.94 -3.93
CA GLY A 71 23.04 8.90 -5.09
C GLY A 71 24.34 8.22 -4.76
N VAL A 72 24.28 7.29 -3.82
CA VAL A 72 25.46 6.62 -3.31
C VAL A 72 25.84 5.45 -4.22
N SER A 73 24.85 4.92 -4.94
CA SER A 73 25.00 3.72 -5.76
C SER A 73 25.26 2.50 -4.87
N GLY A 74 24.21 1.79 -4.57
CA GLY A 74 24.30 0.65 -3.72
C GLY A 74 23.00 -0.11 -3.73
N PRO A 75 22.82 -1.09 -2.83
CA PRO A 75 21.60 -1.89 -2.79
C PRO A 75 20.38 -1.06 -2.40
N HIS A 76 20.28 -0.72 -1.12
CA HIS A 76 19.19 0.08 -0.58
C HIS A 76 19.41 0.32 0.89
N ASN A 77 18.74 1.30 1.45
CA ASN A 77 18.86 1.61 2.87
C ASN A 77 17.59 2.24 3.40
N GLU A 78 16.52 1.42 3.37
CA GLU A 78 15.16 1.81 3.78
C GLU A 78 14.55 2.79 2.80
N TYR A 79 13.41 2.44 2.27
CA TYR A 79 12.74 3.30 1.33
C TYR A 79 12.35 4.62 1.97
N VAL A 80 12.83 5.69 1.38
CA VAL A 80 12.60 7.03 1.83
C VAL A 80 11.66 7.74 0.88
N GLU A 81 10.74 8.49 1.41
CA GLU A 81 9.81 9.25 0.59
C GLU A 81 9.83 10.72 0.90
N VAL A 82 9.95 11.51 -0.14
CA VAL A 82 9.97 12.95 -0.02
C VAL A 82 8.69 13.54 -0.62
N THR A 83 8.15 14.53 0.04
CA THR A 83 6.91 15.16 -0.39
C THR A 83 7.08 16.62 -0.75
N SER A 84 8.09 17.27 -0.21
CA SER A 84 8.31 18.68 -0.45
C SER A 84 8.73 18.90 -1.91
N GLU A 85 7.98 19.76 -2.63
CA GLU A 85 8.22 20.00 -4.06
C GLU A 85 9.66 20.34 -4.34
N ALA A 86 10.24 21.25 -3.57
CA ALA A 86 11.63 21.68 -3.76
C ALA A 86 12.61 20.50 -3.77
N ALA A 87 12.35 19.50 -2.93
CA ALA A 87 13.20 18.34 -2.83
C ALA A 87 12.99 17.44 -4.02
N ILE A 88 11.74 17.37 -4.46
CA ILE A 88 11.36 16.55 -5.58
C ILE A 88 11.89 17.17 -6.88
N VAL A 89 11.86 18.49 -6.98
CA VAL A 89 12.40 19.22 -8.14
C VAL A 89 13.87 18.90 -8.34
N ALA A 90 14.62 18.98 -7.25
CA ALA A 90 16.03 18.68 -7.27
C ALA A 90 16.25 17.22 -7.63
N GLN A 91 15.47 16.37 -7.01
CA GLN A 91 15.59 14.94 -7.19
C GLN A 91 15.27 14.54 -8.63
N LEU A 92 14.14 14.99 -9.15
CA LEU A 92 13.71 14.67 -10.52
C LEU A 92 14.73 15.09 -11.55
N PHE A 93 15.35 16.23 -11.35
CA PHE A 93 16.42 16.68 -12.25
C PHE A 93 17.60 15.73 -12.25
N GLU A 94 17.98 15.25 -11.10
CA GLU A 94 19.09 14.34 -11.05
C GLU A 94 18.68 12.94 -11.49
N LEU A 95 17.43 12.60 -11.26
CA LEU A 95 16.87 11.33 -11.70
C LEU A 95 16.78 11.27 -13.21
N LEU A 96 16.27 12.33 -13.84
CA LEU A 96 16.10 12.32 -15.28
C LEU A 96 17.36 12.66 -16.04
N GLY A 97 18.34 13.20 -15.34
CA GLY A 97 19.57 13.49 -15.99
C GLY A 97 19.60 14.85 -16.57
N SER A 98 19.28 15.81 -15.78
CA SER A 98 19.21 17.14 -16.24
C SER A 98 20.17 18.06 -15.49
N GLY A 99 20.74 18.98 -16.23
CA GLY A 99 21.59 20.00 -15.64
C GLY A 99 20.96 21.33 -15.90
N GLU A 100 19.68 21.26 -16.25
CA GLU A 100 18.86 22.40 -16.57
C GLU A 100 18.58 23.26 -15.35
N GLN A 101 17.97 24.38 -15.58
CA GLN A 101 17.63 25.32 -14.54
C GLN A 101 16.49 24.75 -13.71
N LYS A 102 16.50 25.02 -12.44
CA LYS A 102 15.41 24.57 -11.61
C LYS A 102 14.24 25.50 -11.73
N PRO A 103 13.08 24.96 -12.06
CA PRO A 103 11.87 25.73 -12.19
C PRO A 103 11.37 26.26 -10.85
N ALA A 104 10.65 25.42 -10.11
CA ALA A 104 10.10 25.81 -8.83
C ALA A 104 9.42 24.62 -8.19
N GLY A 105 8.38 24.15 -8.84
CA GLY A 105 7.62 23.06 -8.33
C GLY A 105 7.71 21.85 -9.22
N VAL A 106 7.13 20.76 -8.75
CA VAL A 106 7.18 19.48 -9.45
C VAL A 106 6.36 19.56 -10.74
N ALA A 107 5.30 20.36 -10.70
CA ALA A 107 4.40 20.54 -11.85
C ALA A 107 5.16 21.03 -13.08
N ALA A 108 6.19 21.82 -12.85
CA ALA A 108 6.99 22.34 -13.93
C ALA A 108 7.99 21.32 -14.41
N VAL A 109 8.67 20.64 -13.46
CA VAL A 109 9.69 19.64 -13.85
C VAL A 109 9.06 18.50 -14.61
N LEU A 110 7.80 18.26 -14.27
CA LEU A 110 6.99 17.24 -14.86
C LEU A 110 6.90 17.47 -16.37
N GLY A 111 6.55 18.70 -16.71
CA GLY A 111 6.46 19.09 -18.10
C GLY A 111 7.81 19.18 -18.75
N SER A 112 8.75 19.81 -18.06
CA SER A 112 10.10 20.06 -18.58
C SER A 112 10.88 18.78 -18.86
N LEU A 113 10.75 17.79 -18.01
CA LEU A 113 11.50 16.55 -18.16
C LEU A 113 10.73 15.55 -19.02
N LYS A 114 9.50 15.93 -19.39
CA LYS A 114 8.65 15.16 -20.31
C LYS A 114 8.28 13.81 -19.72
N LEU A 115 7.79 13.81 -18.51
CA LEU A 115 7.36 12.59 -17.87
C LEU A 115 5.98 12.22 -18.38
N GLN A 116 5.63 10.98 -18.24
CA GLN A 116 4.33 10.53 -18.69
C GLN A 116 3.51 10.07 -17.50
N GLU A 117 2.23 10.34 -17.54
CA GLU A 117 1.33 9.81 -16.56
C GLU A 117 1.07 8.37 -16.95
N VAL A 118 1.90 7.51 -16.41
CA VAL A 118 1.91 6.11 -16.78
C VAL A 118 0.73 5.36 -16.19
N ALA A 119 0.28 5.77 -15.02
CA ALA A 119 -0.85 5.14 -14.39
C ALA A 119 -1.66 6.15 -13.63
N SER A 120 -2.94 6.02 -13.68
CA SER A 120 -3.84 6.93 -13.04
C SER A 120 -5.12 6.20 -12.59
N PHE A 121 -5.32 6.17 -11.31
CA PHE A 121 -6.45 5.53 -10.70
C PHE A 121 -6.82 6.25 -9.42
N ILE A 122 -8.00 6.01 -8.93
CA ILE A 122 -8.36 6.55 -7.66
C ILE A 122 -8.19 5.48 -6.62
N THR A 123 -7.55 5.83 -5.55
CA THR A 123 -7.31 4.96 -4.49
C THR A 123 -8.34 5.22 -3.40
N THR A 124 -9.11 4.21 -3.10
CA THR A 124 -10.13 4.29 -2.11
C THR A 124 -9.68 3.56 -0.86
N ARG A 125 -9.40 4.32 0.14
CA ARG A 125 -8.96 3.87 1.40
C ARG A 125 -10.18 3.76 2.34
N SER A 126 -10.35 2.63 2.93
CA SER A 126 -11.47 2.41 3.79
C SER A 126 -11.07 1.44 4.91
N SER A 127 -11.08 1.92 6.12
CA SER A 127 -10.69 1.11 7.25
C SER A 127 -11.92 0.74 8.11
N TRP A 128 -12.08 -0.54 8.33
CA TRP A 128 -13.21 -1.14 9.05
C TRP A 128 -12.71 -1.87 10.26
N LYS A 129 -13.50 -2.01 11.26
CA LYS A 129 -13.14 -2.78 12.43
C LYS A 129 -14.31 -3.59 12.94
N LEU A 130 -14.03 -4.77 13.42
CA LEU A 130 -15.07 -5.69 13.80
C LEU A 130 -14.71 -6.29 15.16
N ALA A 131 -15.70 -6.40 16.03
CA ALA A 131 -15.51 -6.93 17.36
C ALA A 131 -15.77 -8.42 17.38
N LEU A 132 -14.78 -9.19 17.79
CA LEU A 132 -14.94 -10.63 17.85
C LEU A 132 -15.50 -11.04 19.17
N SER A 133 -16.44 -11.93 19.15
CA SER A 133 -17.00 -12.43 20.36
C SER A 133 -17.43 -13.88 20.20
N GLY A 134 -16.48 -14.74 20.43
CA GLY A 134 -16.71 -16.17 20.44
C GLY A 134 -16.95 -16.57 21.86
N ALA A 135 -16.49 -15.68 22.75
CA ALA A 135 -16.70 -15.69 24.16
C ALA A 135 -15.68 -16.42 25.01
N HIS A 136 -14.54 -15.79 25.23
CA HIS A 136 -13.61 -16.19 26.28
C HIS A 136 -14.05 -15.35 27.44
N GLY A 137 -14.30 -14.13 27.07
CA GLY A 137 -14.85 -13.11 27.89
C GLY A 137 -15.40 -12.11 26.93
N GLN A 138 -14.55 -11.23 26.50
CA GLN A 138 -14.84 -10.33 25.40
C GLN A 138 -13.56 -10.20 24.60
N GLU A 139 -13.59 -10.65 23.36
CA GLU A 139 -12.42 -10.60 22.52
C GLU A 139 -12.23 -9.20 21.96
N PRO A 140 -11.00 -8.86 21.52
CA PRO A 140 -10.69 -7.52 21.01
C PRO A 140 -11.35 -7.22 19.65
N GLN A 141 -11.32 -5.96 19.30
CA GLN A 141 -11.83 -5.51 18.03
C GLN A 141 -10.66 -5.44 17.10
N LEU A 142 -10.77 -6.05 15.96
CA LEU A 142 -9.71 -6.01 15.00
C LEU A 142 -10.07 -5.12 13.85
N THR A 143 -9.10 -4.61 13.17
CA THR A 143 -9.34 -3.70 12.11
C THR A 143 -9.01 -4.32 10.74
N ILE A 144 -9.93 -4.17 9.84
CA ILE A 144 -9.84 -4.66 8.50
C ILE A 144 -9.71 -3.46 7.61
N ASP A 145 -8.64 -3.36 6.94
CA ASP A 145 -8.37 -2.23 6.11
C ASP A 145 -8.47 -2.59 4.65
N LEU A 146 -9.20 -1.79 3.90
CA LEU A 146 -9.34 -2.00 2.46
C LEU A 146 -8.84 -0.81 1.68
N ASP A 147 -7.97 -1.05 0.74
CA ASP A 147 -7.47 0.00 -0.14
C ASP A 147 -7.74 -0.44 -1.59
N SER A 148 -8.60 0.26 -2.29
CA SER A 148 -8.97 -0.15 -3.65
C SER A 148 -8.52 0.83 -4.74
N ALA A 149 -8.32 0.32 -5.94
CA ALA A 149 -7.88 1.09 -7.08
C ALA A 149 -8.93 1.09 -8.17
N ASP A 150 -9.09 2.23 -8.81
CA ASP A 150 -9.98 2.39 -10.00
C ASP A 150 -9.66 1.41 -11.11
N PHE A 151 -8.42 0.93 -11.14
CA PHE A 151 -7.94 0.04 -12.18
C PHE A 151 -8.67 -1.33 -12.08
N GLY A 152 -9.32 -1.59 -10.95
CA GLY A 152 -10.07 -2.81 -10.78
C GLY A 152 -9.40 -3.75 -9.81
N TYR A 153 -9.00 -3.23 -8.68
CA TYR A 153 -8.35 -4.02 -7.66
C TYR A 153 -8.65 -3.49 -6.26
N ALA A 154 -8.71 -4.38 -5.30
CA ALA A 154 -8.89 -4.00 -3.92
C ALA A 154 -8.03 -4.89 -3.04
N VAL A 155 -7.38 -4.30 -2.06
CA VAL A 155 -6.57 -5.07 -1.12
C VAL A 155 -7.25 -5.03 0.23
N GLY A 156 -7.08 -6.07 1.00
CA GLY A 156 -7.58 -6.08 2.33
C GLY A 156 -6.54 -6.55 3.30
N GLU A 157 -6.57 -6.03 4.49
CA GLU A 157 -5.65 -6.39 5.52
C GLU A 157 -6.41 -6.52 6.82
N VAL A 158 -6.32 -7.65 7.44
CA VAL A 158 -7.00 -7.84 8.71
C VAL A 158 -5.96 -7.79 9.78
N GLU A 159 -6.06 -6.82 10.65
CA GLU A 159 -5.08 -6.61 11.67
C GLU A 159 -5.72 -6.66 13.05
N ALA A 160 -5.23 -7.57 13.86
CA ALA A 160 -5.67 -7.71 15.21
C ALA A 160 -4.46 -7.71 16.14
N MET A 161 -4.68 -7.34 17.37
CA MET A 161 -3.66 -7.43 18.38
C MET A 161 -4.31 -8.09 19.58
N VAL A 162 -3.77 -9.20 19.99
CA VAL A 162 -4.33 -9.99 21.08
C VAL A 162 -3.46 -9.93 22.29
N HIS A 163 -4.07 -9.84 23.45
CA HIS A 163 -3.32 -9.71 24.69
C HIS A 163 -3.01 -11.09 25.25
N GLU A 164 -3.68 -12.08 24.71
CA GLU A 164 -3.46 -13.43 25.05
C GLU A 164 -2.87 -14.15 23.84
N LYS A 165 -1.73 -14.76 24.01
CA LYS A 165 -1.08 -15.50 22.94
C LYS A 165 -1.87 -16.77 22.62
N ALA A 166 -2.52 -17.29 23.62
CA ALA A 166 -3.36 -18.47 23.46
C ALA A 166 -4.55 -18.22 22.51
N GLU A 167 -4.94 -16.97 22.31
CA GLU A 167 -6.04 -16.66 21.41
C GLU A 167 -5.53 -16.23 20.03
N VAL A 168 -4.20 -16.25 19.87
CA VAL A 168 -3.57 -15.96 18.58
C VAL A 168 -4.14 -16.83 17.44
N PRO A 169 -4.12 -18.20 17.56
CA PRO A 169 -4.69 -19.06 16.54
C PRO A 169 -6.18 -18.80 16.34
N ALA A 170 -6.89 -18.62 17.45
CA ALA A 170 -8.33 -18.40 17.42
C ALA A 170 -8.67 -17.14 16.62
N ALA A 171 -7.99 -16.04 16.93
CA ALA A 171 -8.18 -14.80 16.24
C ALA A 171 -7.81 -14.94 14.78
N LEU A 172 -6.64 -15.52 14.54
CA LEU A 172 -6.11 -15.70 13.19
C LEU A 172 -7.05 -16.54 12.32
N GLU A 173 -7.61 -17.60 12.88
CA GLU A 173 -8.54 -18.44 12.15
C GLU A 173 -9.81 -17.71 11.79
N LYS A 174 -10.34 -16.90 12.72
CA LYS A 174 -11.49 -16.05 12.40
C LYS A 174 -11.13 -15.06 11.31
N ILE A 175 -9.90 -14.57 11.38
CA ILE A 175 -9.38 -13.69 10.36
C ILE A 175 -9.45 -14.37 8.99
N ILE A 176 -9.02 -15.63 8.93
CA ILE A 176 -9.03 -16.37 7.67
C ILE A 176 -10.46 -16.61 7.22
N THR A 177 -11.33 -16.92 8.16
CA THR A 177 -12.75 -17.11 7.86
C THR A 177 -13.30 -15.85 7.18
N VAL A 178 -13.06 -14.68 7.79
CA VAL A 178 -13.51 -13.42 7.21
C VAL A 178 -12.87 -13.18 5.85
N SER A 179 -11.57 -13.40 5.79
CA SER A 179 -10.80 -13.22 4.57
C SER A 179 -11.33 -14.09 3.43
N SER A 180 -11.68 -15.33 3.74
CA SER A 180 -12.15 -16.26 2.74
C SER A 180 -13.59 -15.95 2.33
N MET A 181 -14.39 -15.41 3.25
CA MET A 181 -15.75 -15.06 2.90
C MET A 181 -15.82 -13.73 2.19
N LEU A 182 -14.81 -12.91 2.34
CA LEU A 182 -14.75 -11.67 1.62
C LEU A 182 -13.88 -11.76 0.38
N GLY A 183 -13.25 -12.89 0.19
CA GLY A 183 -12.40 -13.07 -0.95
C GLY A 183 -11.47 -14.23 -0.80
N VAL A 184 -10.20 -14.00 -1.00
CA VAL A 184 -9.20 -15.04 -0.90
C VAL A 184 -8.07 -14.58 0.02
N PRO A 185 -7.75 -15.37 1.05
CA PRO A 185 -6.67 -15.07 1.98
C PRO A 185 -5.32 -14.90 1.27
N ALA A 186 -4.49 -14.07 1.82
CA ALA A 186 -3.17 -13.79 1.31
C ALA A 186 -2.21 -13.73 2.50
N GLN A 187 -0.97 -13.35 2.28
CA GLN A 187 -0.01 -13.40 3.37
C GLN A 187 0.18 -12.08 4.10
N GLU A 188 0.97 -11.20 3.54
CA GLU A 188 1.29 -9.98 4.20
C GLU A 188 2.03 -9.07 3.22
N GLU A 189 1.86 -9.36 1.92
CA GLU A 189 2.59 -8.64 0.87
C GLU A 189 2.17 -7.19 0.90
N ALA A 190 0.85 -7.00 0.91
CA ALA A 190 0.20 -5.69 0.88
C ALA A 190 0.66 -4.88 -0.31
N PRO A 191 0.13 -5.18 -1.49
CA PRO A 191 0.51 -4.50 -2.67
C PRO A 191 -0.16 -3.16 -2.81
N ALA A 192 0.64 -2.11 -2.85
CA ALA A 192 0.13 -0.79 -3.14
C ALA A 192 -0.53 -0.87 -4.50
N LYS A 193 -1.50 -0.03 -4.74
CA LYS A 193 -2.30 -0.15 -5.96
C LYS A 193 -1.40 -0.08 -7.22
N LEU A 194 -0.39 0.76 -7.17
CA LEU A 194 0.53 0.91 -8.28
C LEU A 194 1.39 -0.38 -8.49
N MET A 195 1.63 -1.11 -7.41
CA MET A 195 2.34 -2.41 -7.48
C MET A 195 1.47 -3.40 -8.24
N VAL A 196 0.19 -3.19 -8.11
CA VAL A 196 -0.84 -3.96 -8.79
C VAL A 196 -0.86 -3.61 -10.26
N TYR A 197 -0.63 -2.33 -10.56
CA TYR A 197 -0.46 -1.89 -11.94
C TYR A 197 0.58 -2.76 -12.62
N LEU A 198 1.62 -3.07 -11.87
CA LEU A 198 2.61 -3.95 -12.37
C LEU A 198 2.04 -5.33 -12.60
N GLN A 199 1.31 -5.87 -11.63
CA GLN A 199 0.70 -7.22 -11.76
C GLN A 199 -0.08 -7.34 -13.05
N ARG A 200 -0.81 -6.32 -13.31
CA ARG A 200 -1.68 -6.25 -14.47
C ARG A 200 -0.94 -6.12 -15.82
N PHE A 201 -0.03 -5.18 -15.93
CA PHE A 201 0.66 -4.93 -17.21
C PHE A 201 2.04 -5.56 -17.34
N ARG A 202 2.62 -5.94 -16.25
CA ARG A 202 4.00 -6.40 -16.21
C ARG A 202 4.25 -7.36 -15.02
N PRO A 203 3.75 -8.61 -15.14
CA PRO A 203 3.78 -9.59 -14.05
C PRO A 203 5.18 -9.96 -13.58
N LEU A 204 6.12 -10.12 -14.50
CA LEU A 204 7.48 -10.47 -14.10
C LEU A 204 8.13 -9.33 -13.43
N ASP A 205 7.84 -8.15 -13.92
CA ASP A 205 8.37 -6.91 -13.37
C ASP A 205 7.88 -6.82 -11.93
N TYR A 206 6.60 -7.10 -11.76
CA TYR A 206 5.95 -7.19 -10.48
C TYR A 206 6.56 -8.27 -9.58
N GLN A 207 6.67 -9.50 -10.07
CA GLN A 207 7.21 -10.62 -9.30
C GLN A 207 8.60 -10.34 -8.78
N ARG A 208 9.43 -9.81 -9.63
CA ARG A 208 10.80 -9.49 -9.28
C ARG A 208 10.84 -8.52 -8.09
N LEU A 209 9.94 -7.57 -8.09
CA LEU A 209 9.76 -6.68 -6.95
C LEU A 209 9.10 -7.42 -5.77
N LEU A 210 8.07 -8.21 -6.08
CA LEU A 210 7.28 -8.93 -5.10
C LEU A 210 8.08 -9.91 -4.29
N GLU A 211 8.91 -10.69 -4.95
CA GLU A 211 9.73 -11.70 -4.28
C GLU A 211 10.61 -11.08 -3.21
N ALA A 212 10.98 -9.86 -3.45
CA ALA A 212 11.80 -9.10 -2.52
C ALA A 212 10.95 -8.45 -1.42
N ALA A 213 9.75 -8.02 -1.78
CA ALA A 213 8.84 -7.35 -0.85
C ALA A 213 7.70 -8.28 -0.45
N SER A 214 7.99 -9.57 -0.48
CA SER A 214 7.01 -10.61 -0.26
C SER A 214 6.40 -10.56 1.13
N SER A 215 7.26 -10.30 2.12
CA SER A 215 6.85 -10.25 3.52
C SER A 215 6.32 -11.64 3.94
N GLY A 216 6.87 -12.67 3.31
CA GLY A 216 6.44 -14.02 3.57
C GLY A 216 7.23 -14.65 4.69
N GLU A 217 7.27 -13.97 5.80
CA GLU A 217 7.95 -14.43 6.97
C GLU A 217 6.85 -14.59 8.03
N ALA A 218 7.05 -15.44 8.98
CA ALA A 218 6.03 -15.69 9.98
C ALA A 218 6.03 -14.61 11.05
N THR A 219 4.91 -13.95 11.20
CA THR A 219 4.78 -12.95 12.22
C THR A 219 3.77 -13.39 13.26
N GLY A 220 4.12 -13.22 14.51
CA GLY A 220 3.28 -13.62 15.60
C GLY A 220 4.14 -14.03 16.75
N ASP A 221 5.14 -13.22 17.00
CA ASP A 221 6.10 -13.51 18.03
C ASP A 221 6.02 -12.47 19.10
N SER A 222 6.15 -12.92 20.33
CA SER A 222 6.10 -12.07 21.48
C SER A 222 6.43 -12.91 22.70
N ALA A 223 7.08 -12.32 23.66
CA ALA A 223 7.39 -13.00 24.87
C ALA A 223 6.48 -12.48 25.96
N SER A 224 5.36 -13.10 26.10
CA SER A 224 4.40 -12.72 27.09
C SER A 224 3.66 -13.96 27.58
N SER A 1 6.65 -11.58 20.20
CA SER A 1 6.16 -10.30 19.75
C SER A 1 4.96 -9.88 20.62
N ALA A 2 4.67 -10.66 21.66
CA ALA A 2 3.54 -10.42 22.52
C ALA A 2 3.94 -9.61 23.74
N GLN A 3 3.25 -8.52 23.96
CA GLN A 3 3.46 -7.70 25.14
C GLN A 3 2.16 -7.71 25.94
N GLY A 4 1.12 -7.11 25.39
CA GLY A 4 -0.18 -7.11 26.05
C GLY A 4 -1.22 -7.70 25.16
N LEU A 5 -1.70 -6.91 24.25
CA LEU A 5 -2.60 -7.37 23.23
C LEU A 5 -1.80 -7.90 22.06
N ILE A 6 -1.85 -9.18 21.90
CA ILE A 6 -1.13 -9.90 20.88
C ILE A 6 -1.74 -9.59 19.52
N GLU A 7 -0.94 -9.05 18.65
CA GLU A 7 -1.39 -8.74 17.33
C GLU A 7 -1.23 -9.95 16.45
N VAL A 8 -2.33 -10.57 16.17
CA VAL A 8 -2.38 -11.67 15.29
C VAL A 8 -3.13 -11.22 14.05
N GLU A 9 -2.53 -11.36 12.93
CA GLU A 9 -3.10 -10.85 11.73
C GLU A 9 -2.99 -11.80 10.58
N ARG A 10 -3.78 -11.53 9.57
CA ARG A 10 -3.72 -12.21 8.30
C ARG A 10 -4.31 -11.35 7.23
N LYS A 11 -3.78 -11.48 6.07
CA LYS A 11 -4.16 -10.69 4.96
C LYS A 11 -5.08 -11.47 4.05
N PHE A 12 -5.89 -10.77 3.29
CA PHE A 12 -6.80 -11.40 2.38
C PHE A 12 -6.96 -10.58 1.11
N ALA A 13 -7.42 -11.21 0.08
CA ALA A 13 -7.73 -10.57 -1.16
C ALA A 13 -9.23 -10.67 -1.36
N PRO A 14 -9.94 -9.62 -1.02
CA PRO A 14 -11.39 -9.61 -1.08
C PRO A 14 -11.95 -9.27 -2.45
N GLY A 15 -13.23 -9.47 -2.61
CA GLY A 15 -13.89 -9.11 -3.82
C GLY A 15 -14.35 -7.67 -3.77
N PRO A 16 -14.97 -7.16 -4.83
CA PRO A 16 -15.43 -5.77 -4.89
C PRO A 16 -16.67 -5.49 -4.02
N ASP A 17 -17.24 -6.50 -3.39
CA ASP A 17 -18.47 -6.31 -2.60
C ASP A 17 -18.20 -6.41 -1.10
N THR A 18 -16.93 -6.47 -0.74
CA THR A 18 -16.50 -6.62 0.62
C THR A 18 -17.03 -5.54 1.58
N GLU A 19 -17.03 -4.27 1.16
CA GLU A 19 -17.53 -3.19 2.03
C GLU A 19 -18.99 -3.40 2.35
N GLU A 20 -19.74 -3.84 1.36
CA GLU A 20 -21.16 -4.11 1.51
C GLU A 20 -21.35 -5.25 2.49
N ARG A 21 -20.56 -6.31 2.30
CA ARG A 21 -20.61 -7.48 3.14
C ARG A 21 -20.27 -7.08 4.58
N LEU A 22 -19.18 -6.31 4.75
CA LEU A 22 -18.72 -5.81 6.06
C LEU A 22 -19.79 -5.08 6.83
N GLN A 23 -20.50 -4.19 6.17
CA GLN A 23 -21.59 -3.44 6.80
C GLN A 23 -22.66 -4.39 7.33
N GLU A 24 -22.95 -5.42 6.56
CA GLU A 24 -23.91 -6.45 6.91
C GLU A 24 -23.31 -7.36 8.03
N LEU A 25 -22.01 -7.63 7.95
CA LEU A 25 -21.31 -8.46 8.95
C LEU A 25 -21.26 -7.74 10.27
N GLY A 26 -21.30 -6.44 10.22
CA GLY A 26 -21.26 -5.66 11.41
C GLY A 26 -19.94 -4.96 11.63
N ALA A 27 -19.09 -4.92 10.60
CA ALA A 27 -17.86 -4.20 10.75
C ALA A 27 -18.15 -2.72 10.68
N THR A 28 -17.58 -1.97 11.56
CA THR A 28 -17.82 -0.57 11.64
C THR A 28 -16.80 0.17 10.79
N LEU A 29 -17.29 0.99 9.89
CA LEU A 29 -16.43 1.80 9.07
C LEU A 29 -15.86 2.94 9.88
N GLU A 30 -14.57 3.04 9.87
CA GLU A 30 -13.87 4.08 10.57
C GLU A 30 -13.82 5.30 9.72
N HIS A 31 -13.13 5.16 8.63
CA HIS A 31 -12.87 6.23 7.70
C HIS A 31 -12.64 5.63 6.36
N ARG A 32 -12.96 6.35 5.34
CA ARG A 32 -12.79 5.86 4.02
C ARG A 32 -12.19 6.96 3.18
N VAL A 33 -11.12 6.65 2.52
CA VAL A 33 -10.47 7.61 1.67
C VAL A 33 -10.55 7.19 0.25
N THR A 34 -10.86 8.11 -0.60
CA THR A 34 -10.75 7.86 -1.98
C THR A 34 -9.98 9.00 -2.59
N PHE A 35 -8.90 8.68 -3.21
CA PHE A 35 -8.04 9.64 -3.82
C PHE A 35 -7.20 9.02 -4.91
N ARG A 36 -6.99 9.77 -5.92
CA ARG A 36 -6.31 9.33 -7.12
C ARG A 36 -4.83 9.62 -7.09
N ASP A 37 -4.07 8.69 -7.59
CA ASP A 37 -2.66 8.88 -7.71
C ASP A 37 -2.36 9.07 -9.16
N THR A 38 -1.84 10.21 -9.48
CA THR A 38 -1.39 10.48 -10.80
C THR A 38 0.09 10.17 -10.81
N TYR A 39 0.45 9.21 -11.56
CA TYR A 39 1.77 8.72 -11.51
C TYR A 39 2.48 9.05 -12.77
N TYR A 40 3.66 9.57 -12.63
CA TYR A 40 4.41 10.02 -13.76
C TYR A 40 5.68 9.26 -13.89
N ASP A 41 6.08 9.10 -15.11
CA ASP A 41 7.23 8.34 -15.48
C ASP A 41 7.55 8.76 -16.89
N THR A 42 8.68 8.39 -17.33
CA THR A 42 9.11 8.60 -18.66
C THR A 42 8.29 7.66 -19.58
N SER A 43 8.41 7.81 -20.87
CA SER A 43 7.67 7.00 -21.82
C SER A 43 8.00 5.49 -21.71
N GLU A 44 9.22 5.17 -21.29
CA GLU A 44 9.69 3.79 -21.24
C GLU A 44 9.67 3.23 -19.82
N LEU A 45 9.01 3.94 -18.90
CA LEU A 45 8.94 3.54 -17.47
C LEU A 45 10.30 3.34 -16.85
N SER A 46 11.21 4.16 -17.24
CA SER A 46 12.54 4.10 -16.73
C SER A 46 12.54 4.58 -15.28
N LEU A 47 11.66 5.52 -14.97
CA LEU A 47 11.61 6.12 -13.64
C LEU A 47 11.23 5.01 -12.64
N MET A 48 10.15 4.28 -13.00
CA MET A 48 9.57 3.19 -12.23
C MET A 48 10.65 2.13 -11.93
N LEU A 49 11.30 1.66 -13.00
CA LEU A 49 12.30 0.60 -12.91
C LEU A 49 13.64 1.06 -12.34
N SER A 50 13.81 2.36 -12.22
CA SER A 50 15.00 2.90 -11.61
C SER A 50 14.77 3.22 -10.14
N ASP A 51 13.63 2.73 -9.61
CA ASP A 51 13.26 2.91 -8.19
C ASP A 51 12.95 4.37 -7.87
N HIS A 52 12.64 5.13 -8.89
CA HIS A 52 12.29 6.52 -8.70
C HIS A 52 10.79 6.65 -8.89
N TRP A 53 10.09 6.67 -7.80
CA TRP A 53 8.65 6.58 -7.83
C TRP A 53 7.99 7.95 -7.68
N LEU A 54 7.56 8.54 -8.77
CA LEU A 54 6.92 9.85 -8.71
C LEU A 54 5.42 9.76 -8.79
N ARG A 55 4.75 10.31 -7.81
CA ARG A 55 3.31 10.33 -7.80
C ARG A 55 2.80 11.66 -7.29
N GLN A 56 1.65 12.00 -7.71
CA GLN A 56 0.92 13.15 -7.23
C GLN A 56 -0.44 12.69 -6.83
N ARG A 57 -0.73 12.78 -5.56
CA ARG A 57 -1.99 12.34 -5.06
C ARG A 57 -3.03 13.44 -5.18
N GLU A 58 -3.60 13.50 -6.36
CA GLU A 58 -4.57 14.50 -6.80
C GLU A 58 -4.38 15.94 -6.29
N GLY A 59 -3.42 16.65 -6.88
CA GLY A 59 -3.13 18.05 -6.56
C GLY A 59 -3.01 18.31 -5.08
N SER A 60 -2.56 17.35 -4.34
CA SER A 60 -2.47 17.45 -2.93
C SER A 60 -1.02 17.50 -2.49
N GLY A 61 -0.17 16.88 -3.25
CA GLY A 61 1.22 16.87 -2.93
C GLY A 61 1.97 15.85 -3.70
N TRP A 62 3.17 16.18 -4.05
CA TRP A 62 4.01 15.32 -4.80
C TRP A 62 4.80 14.39 -3.90
N GLU A 63 5.11 13.25 -4.44
CA GLU A 63 5.86 12.24 -3.76
C GLU A 63 6.78 11.56 -4.69
N LEU A 64 8.00 11.45 -4.28
CA LEU A 64 8.98 10.77 -5.06
C LEU A 64 9.74 9.85 -4.16
N LYS A 65 9.66 8.58 -4.43
CA LYS A 65 10.35 7.63 -3.65
C LYS A 65 11.60 7.23 -4.39
N CYS A 66 12.63 7.11 -3.66
CA CYS A 66 13.93 6.80 -4.18
C CYS A 66 14.49 5.59 -3.47
N PRO A 67 15.46 4.87 -4.08
CA PRO A 67 16.08 3.66 -3.50
C PRO A 67 17.03 4.00 -2.34
N GLY A 68 16.71 5.05 -1.62
CA GLY A 68 17.48 5.45 -0.48
C GLY A 68 18.66 6.29 -0.84
N VAL A 69 19.05 6.21 -2.07
CA VAL A 69 20.12 6.95 -2.57
C VAL A 69 19.62 7.94 -3.59
N THR A 70 19.93 9.18 -3.37
CA THR A 70 19.61 10.21 -4.29
C THR A 70 20.81 10.49 -5.17
N GLY A 71 21.85 11.05 -4.57
CA GLY A 71 23.07 11.33 -5.26
C GLY A 71 24.26 10.91 -4.43
N VAL A 72 24.11 9.81 -3.72
CA VAL A 72 25.18 9.30 -2.86
C VAL A 72 26.06 8.32 -3.65
N SER A 73 25.57 7.96 -4.85
CA SER A 73 26.24 7.01 -5.76
C SER A 73 26.30 5.57 -5.18
N GLY A 74 25.57 5.35 -4.10
CA GLY A 74 25.51 4.03 -3.49
C GLY A 74 24.51 3.14 -4.20
N PRO A 75 24.49 1.83 -3.90
CA PRO A 75 23.56 0.88 -4.53
C PRO A 75 22.10 1.21 -4.20
N HIS A 76 21.77 1.09 -2.93
CA HIS A 76 20.46 1.41 -2.42
C HIS A 76 20.52 1.45 -0.91
N ASN A 77 19.59 2.12 -0.31
CA ASN A 77 19.56 2.29 1.13
C ASN A 77 18.10 2.42 1.58
N GLU A 78 17.37 1.29 1.51
CA GLU A 78 15.92 1.23 1.83
C GLU A 78 15.16 2.22 0.88
N TYR A 79 13.92 2.54 1.13
CA TYR A 79 13.25 3.54 0.32
C TYR A 79 13.09 4.85 1.05
N VAL A 80 13.59 5.89 0.43
CA VAL A 80 13.45 7.24 0.94
C VAL A 80 12.40 7.94 0.12
N GLU A 81 11.58 8.69 0.77
CA GLU A 81 10.51 9.36 0.10
C GLU A 81 10.66 10.85 0.26
N VAL A 82 10.98 11.52 -0.81
CA VAL A 82 11.13 12.94 -0.77
C VAL A 82 9.78 13.58 -1.14
N THR A 83 9.27 14.38 -0.24
CA THR A 83 7.96 14.99 -0.41
C THR A 83 8.05 16.49 -0.67
N SER A 84 9.19 17.06 -0.36
CA SER A 84 9.41 18.46 -0.58
C SER A 84 9.61 18.70 -2.07
N GLU A 85 8.84 19.64 -2.65
CA GLU A 85 8.95 19.93 -4.08
C GLU A 85 10.36 20.29 -4.45
N ALA A 86 11.00 21.12 -3.64
CA ALA A 86 12.37 21.55 -3.89
C ALA A 86 13.31 20.37 -4.14
N ALA A 87 13.11 19.29 -3.38
CA ALA A 87 13.90 18.10 -3.51
C ALA A 87 13.54 17.38 -4.80
N ILE A 88 12.24 17.24 -5.04
CA ILE A 88 11.74 16.55 -6.19
C ILE A 88 12.14 17.27 -7.48
N VAL A 89 12.11 18.58 -7.45
CA VAL A 89 12.51 19.43 -8.57
C VAL A 89 13.95 19.12 -8.98
N ALA A 90 14.85 19.18 -8.01
CA ALA A 90 16.26 18.94 -8.26
C ALA A 90 16.48 17.48 -8.65
N GLN A 91 15.77 16.60 -7.98
CA GLN A 91 15.85 15.17 -8.18
C GLN A 91 15.42 14.79 -9.61
N LEU A 92 14.27 15.30 -10.05
CA LEU A 92 13.75 15.03 -11.41
C LEU A 92 14.70 15.47 -12.49
N PHE A 93 15.29 16.64 -12.34
CA PHE A 93 16.24 17.16 -13.30
C PHE A 93 17.43 16.24 -13.50
N GLU A 94 18.02 15.81 -12.43
CA GLU A 94 19.17 14.91 -12.53
C GLU A 94 18.74 13.52 -13.03
N LEU A 95 17.52 13.13 -12.71
CA LEU A 95 16.98 11.84 -13.15
C LEU A 95 16.74 11.81 -14.65
N LEU A 96 16.18 12.89 -15.20
CA LEU A 96 15.89 12.89 -16.63
C LEU A 96 16.95 13.55 -17.48
N GLY A 97 17.95 14.13 -16.85
CA GLY A 97 19.00 14.76 -17.61
C GLY A 97 18.54 16.04 -18.20
N SER A 98 18.48 17.05 -17.41
CA SER A 98 17.99 18.26 -17.88
C SER A 98 19.12 19.26 -18.15
N GLY A 99 19.77 19.74 -17.12
CA GLY A 99 20.80 20.75 -17.28
C GLY A 99 20.21 22.13 -17.26
N GLU A 100 18.91 22.16 -17.12
CA GLU A 100 18.13 23.37 -17.05
C GLU A 100 18.13 23.91 -15.63
N GLN A 101 17.70 25.14 -15.50
CA GLN A 101 17.53 25.83 -14.21
C GLN A 101 16.59 25.11 -13.28
N LYS A 102 16.58 25.46 -12.04
CA LYS A 102 15.53 24.97 -11.22
C LYS A 102 14.34 25.89 -11.36
N PRO A 103 13.19 25.35 -11.73
CA PRO A 103 11.99 26.12 -11.93
C PRO A 103 11.39 26.68 -10.64
N ALA A 104 10.70 25.84 -9.89
CA ALA A 104 10.07 26.26 -8.64
C ALA A 104 9.44 25.08 -7.98
N GLY A 105 8.47 24.52 -8.64
CA GLY A 105 7.75 23.41 -8.10
C GLY A 105 7.80 22.25 -9.02
N VAL A 106 7.22 21.15 -8.60
CA VAL A 106 7.25 19.93 -9.37
C VAL A 106 6.43 20.05 -10.65
N ALA A 107 5.39 20.87 -10.59
CA ALA A 107 4.51 21.10 -11.73
C ALA A 107 5.30 21.54 -12.98
N ALA A 108 6.29 22.40 -12.78
CA ALA A 108 7.10 22.89 -13.88
C ALA A 108 8.03 21.81 -14.40
N VAL A 109 8.65 21.05 -13.49
CA VAL A 109 9.60 20.02 -13.92
C VAL A 109 8.86 18.93 -14.68
N LEU A 110 7.62 18.75 -14.30
CA LEU A 110 6.76 17.79 -14.89
C LEU A 110 6.55 18.13 -16.37
N GLY A 111 6.20 19.38 -16.62
CA GLY A 111 5.96 19.83 -17.96
C GLY A 111 7.23 19.96 -18.79
N SER A 112 8.25 20.56 -18.20
CA SER A 112 9.50 20.83 -18.89
C SER A 112 10.29 19.54 -19.21
N LEU A 113 10.13 18.51 -18.41
CA LEU A 113 10.86 17.28 -18.67
C LEU A 113 9.98 16.28 -19.41
N LYS A 114 8.73 16.68 -19.64
CA LYS A 114 7.74 15.93 -20.44
C LYS A 114 7.36 14.60 -19.80
N LEU A 115 7.20 14.61 -18.51
CA LEU A 115 6.76 13.41 -17.81
C LEU A 115 5.31 13.13 -18.11
N GLN A 116 5.05 11.90 -18.46
CA GLN A 116 3.72 11.50 -18.77
C GLN A 116 3.13 10.73 -17.62
N GLU A 117 1.87 10.91 -17.39
CA GLU A 117 1.18 10.14 -16.45
C GLU A 117 0.96 8.76 -17.03
N VAL A 118 1.67 7.82 -16.46
CA VAL A 118 1.66 6.45 -16.90
C VAL A 118 0.60 5.67 -16.14
N ALA A 119 0.23 6.18 -15.00
CA ALA A 119 -0.75 5.56 -14.19
C ALA A 119 -1.55 6.62 -13.46
N SER A 120 -2.80 6.40 -13.39
CA SER A 120 -3.70 7.27 -12.70
C SER A 120 -4.84 6.42 -12.30
N PHE A 121 -5.03 6.26 -11.04
CA PHE A 121 -6.06 5.41 -10.55
C PHE A 121 -6.52 5.80 -9.19
N ILE A 122 -7.75 5.44 -8.90
CA ILE A 122 -8.38 5.80 -7.66
C ILE A 122 -7.96 4.84 -6.57
N THR A 123 -7.39 5.38 -5.55
CA THR A 123 -7.07 4.65 -4.36
C THR A 123 -8.23 4.79 -3.38
N THR A 124 -8.89 3.70 -3.15
CA THR A 124 -9.94 3.65 -2.20
C THR A 124 -9.49 2.85 -1.01
N ARG A 125 -9.26 3.48 0.07
CA ARG A 125 -8.84 2.80 1.22
C ARG A 125 -9.91 2.97 2.27
N SER A 126 -10.45 1.90 2.68
CA SER A 126 -11.56 1.90 3.57
C SER A 126 -11.15 1.12 4.83
N SER A 127 -11.25 1.75 5.97
CA SER A 127 -10.80 1.15 7.21
C SER A 127 -12.02 0.76 8.05
N TRP A 128 -12.10 -0.50 8.45
CA TRP A 128 -13.22 -1.06 9.18
C TRP A 128 -12.71 -1.74 10.41
N LYS A 129 -13.50 -1.82 11.45
CA LYS A 129 -13.11 -2.69 12.55
C LYS A 129 -14.32 -3.50 12.91
N LEU A 130 -14.11 -4.66 13.43
CA LEU A 130 -15.19 -5.51 13.82
C LEU A 130 -14.88 -6.00 15.22
N ALA A 131 -15.74 -5.66 16.14
CA ALA A 131 -15.55 -6.02 17.51
C ALA A 131 -16.21 -7.35 17.77
N LEU A 132 -15.42 -8.37 18.03
CA LEU A 132 -15.97 -9.66 18.34
C LEU A 132 -16.33 -9.69 19.79
N SER A 133 -17.56 -9.99 20.04
CA SER A 133 -18.11 -10.08 21.35
C SER A 133 -19.58 -10.42 21.21
N GLY A 134 -20.02 -11.43 21.94
CA GLY A 134 -21.41 -11.81 21.96
C GLY A 134 -22.27 -10.68 22.49
N ALA A 135 -21.71 -9.96 23.44
CA ALA A 135 -22.36 -8.80 23.99
C ALA A 135 -21.30 -7.81 24.43
N HIS A 136 -20.66 -8.08 25.58
CA HIS A 136 -19.57 -7.25 26.12
C HIS A 136 -18.63 -8.07 26.96
N GLY A 137 -18.60 -9.36 26.70
CA GLY A 137 -17.72 -10.24 27.42
C GLY A 137 -16.32 -10.17 26.87
N GLN A 138 -15.37 -10.82 27.51
CA GLN A 138 -14.00 -10.75 27.07
C GLN A 138 -13.82 -11.53 25.78
N GLU A 139 -13.53 -10.81 24.73
CA GLU A 139 -13.32 -11.31 23.37
C GLU A 139 -12.47 -10.29 22.61
N PRO A 140 -11.86 -10.66 21.46
CA PRO A 140 -10.97 -9.77 20.72
C PRO A 140 -11.67 -8.80 19.75
N GLN A 141 -11.29 -7.55 19.81
CA GLN A 141 -11.78 -6.57 18.86
C GLN A 141 -10.73 -6.41 17.76
N LEU A 142 -11.12 -6.59 16.52
CA LEU A 142 -10.15 -6.56 15.44
C LEU A 142 -10.49 -5.51 14.39
N THR A 143 -9.50 -5.08 13.66
CA THR A 143 -9.66 -4.07 12.64
C THR A 143 -9.29 -4.64 11.25
N ILE A 144 -10.02 -4.24 10.22
CA ILE A 144 -9.86 -4.72 8.86
C ILE A 144 -9.61 -3.51 7.94
N ASP A 145 -8.54 -3.52 7.20
CA ASP A 145 -8.25 -2.39 6.32
C ASP A 145 -8.24 -2.84 4.86
N LEU A 146 -9.08 -2.20 4.05
CA LEU A 146 -9.17 -2.51 2.63
C LEU A 146 -8.59 -1.38 1.78
N ASP A 147 -7.76 -1.74 0.83
CA ASP A 147 -7.23 -0.78 -0.15
C ASP A 147 -7.57 -1.26 -1.55
N SER A 148 -8.28 -0.46 -2.27
CA SER A 148 -8.75 -0.81 -3.58
C SER A 148 -8.27 0.21 -4.62
N ALA A 149 -8.01 -0.26 -5.83
CA ALA A 149 -7.59 0.60 -6.92
C ALA A 149 -8.46 0.40 -8.13
N ASP A 150 -8.60 1.45 -8.91
CA ASP A 150 -9.44 1.48 -10.12
C ASP A 150 -9.10 0.40 -11.17
N PHE A 151 -7.83 -0.02 -11.24
CA PHE A 151 -7.44 -1.05 -12.22
C PHE A 151 -7.79 -2.49 -11.81
N GLY A 152 -8.59 -2.64 -10.77
CA GLY A 152 -8.98 -3.97 -10.36
C GLY A 152 -8.12 -4.49 -9.26
N TYR A 153 -8.22 -3.87 -8.12
CA TYR A 153 -7.44 -4.22 -6.97
C TYR A 153 -8.20 -3.96 -5.71
N ALA A 154 -8.13 -4.89 -4.81
CA ALA A 154 -8.70 -4.79 -3.50
C ALA A 154 -7.89 -5.66 -2.56
N VAL A 155 -7.24 -5.06 -1.60
CA VAL A 155 -6.49 -5.82 -0.63
C VAL A 155 -7.21 -5.72 0.71
N GLY A 156 -7.08 -6.72 1.51
CA GLY A 156 -7.65 -6.70 2.81
C GLY A 156 -6.60 -7.04 3.82
N GLU A 157 -6.71 -6.47 4.97
CA GLU A 157 -5.73 -6.64 6.00
C GLU A 157 -6.52 -6.79 7.30
N VAL A 158 -6.37 -7.90 8.01
CA VAL A 158 -7.11 -8.08 9.25
C VAL A 158 -6.17 -8.14 10.41
N GLU A 159 -6.31 -7.21 11.32
CA GLU A 159 -5.50 -7.14 12.47
C GLU A 159 -6.37 -7.42 13.69
N ALA A 160 -6.06 -8.46 14.40
CA ALA A 160 -6.76 -8.81 15.61
C ALA A 160 -5.81 -8.73 16.77
N MET A 161 -6.31 -8.34 17.91
CA MET A 161 -5.48 -8.23 19.08
C MET A 161 -6.17 -8.94 20.22
N VAL A 162 -5.50 -9.91 20.77
CA VAL A 162 -6.02 -10.67 21.90
C VAL A 162 -5.18 -10.35 23.12
N HIS A 163 -5.77 -10.31 24.26
CA HIS A 163 -5.01 -9.93 25.44
C HIS A 163 -4.43 -11.17 26.08
N GLU A 164 -5.01 -12.28 25.74
CA GLU A 164 -4.56 -13.55 26.19
C GLU A 164 -4.10 -14.38 24.99
N LYS A 165 -3.00 -15.05 25.14
CA LYS A 165 -2.40 -15.81 24.05
C LYS A 165 -3.24 -17.06 23.71
N ALA A 166 -4.08 -17.46 24.63
CA ALA A 166 -4.96 -18.60 24.42
C ALA A 166 -5.96 -18.34 23.28
N GLU A 167 -6.29 -17.07 23.04
CA GLU A 167 -7.25 -16.73 21.99
C GLU A 167 -6.59 -16.54 20.63
N VAL A 168 -5.25 -16.61 20.59
CA VAL A 168 -4.49 -16.41 19.35
C VAL A 168 -4.93 -17.37 18.20
N PRO A 169 -4.92 -18.72 18.40
CA PRO A 169 -5.32 -19.68 17.35
C PRO A 169 -6.77 -19.45 16.88
N ALA A 170 -7.63 -19.18 17.85
CA ALA A 170 -9.05 -18.96 17.58
C ALA A 170 -9.25 -17.71 16.73
N ALA A 171 -8.57 -16.63 17.10
CA ALA A 171 -8.66 -15.38 16.39
C ALA A 171 -8.07 -15.48 14.99
N LEU A 172 -6.94 -16.16 14.87
CA LEU A 172 -6.26 -16.33 13.59
C LEU A 172 -7.15 -17.04 12.59
N GLU A 173 -7.77 -18.13 13.01
CA GLU A 173 -8.63 -18.88 12.13
C GLU A 173 -9.90 -18.11 11.83
N LYS A 174 -10.40 -17.36 12.81
CA LYS A 174 -11.55 -16.56 12.66
C LYS A 174 -11.30 -15.56 11.52
N ILE A 175 -10.08 -14.99 11.51
CA ILE A 175 -9.64 -14.09 10.46
C ILE A 175 -9.72 -14.78 9.09
N ILE A 176 -9.14 -15.97 9.01
CA ILE A 176 -9.11 -16.74 7.76
C ILE A 176 -10.52 -17.02 7.24
N THR A 177 -11.39 -17.47 8.12
CA THR A 177 -12.76 -17.77 7.75
C THR A 177 -13.51 -16.50 7.27
N VAL A 178 -13.23 -15.36 7.88
CA VAL A 178 -13.81 -14.10 7.41
C VAL A 178 -13.18 -13.72 6.06
N SER A 179 -11.90 -13.99 5.91
CA SER A 179 -11.17 -13.70 4.70
C SER A 179 -11.73 -14.48 3.51
N SER A 180 -12.01 -15.75 3.71
CA SER A 180 -12.57 -16.59 2.67
C SER A 180 -14.01 -16.20 2.36
N MET A 181 -14.68 -15.65 3.34
CA MET A 181 -16.04 -15.17 3.19
C MET A 181 -16.08 -13.89 2.34
N LEU A 182 -15.11 -13.03 2.54
CA LEU A 182 -15.06 -11.78 1.81
C LEU A 182 -14.36 -11.95 0.45
N GLY A 183 -13.59 -13.01 0.33
CA GLY A 183 -12.88 -13.28 -0.89
C GLY A 183 -11.95 -14.46 -0.76
N VAL A 184 -10.67 -14.22 -0.88
CA VAL A 184 -9.67 -15.27 -0.77
C VAL A 184 -8.57 -14.86 0.22
N PRO A 185 -8.26 -15.72 1.21
CA PRO A 185 -7.17 -15.46 2.17
C PRO A 185 -5.83 -15.31 1.45
N ALA A 186 -5.06 -14.33 1.83
CA ALA A 186 -3.81 -14.02 1.18
C ALA A 186 -2.64 -14.31 2.11
N GLN A 187 -1.51 -13.73 1.82
CA GLN A 187 -0.29 -13.92 2.57
C GLN A 187 0.44 -12.59 2.62
N GLU A 188 1.70 -12.60 3.02
CA GLU A 188 2.46 -11.37 3.09
C GLU A 188 2.87 -10.81 1.75
N GLU A 189 1.93 -10.19 1.12
CA GLU A 189 2.13 -9.44 -0.03
C GLU A 189 1.20 -8.27 0.09
N ALA A 190 1.70 -7.18 0.61
CA ALA A 190 0.93 -5.99 0.64
C ALA A 190 1.35 -5.15 -0.53
N PRO A 191 0.58 -5.18 -1.62
CA PRO A 191 0.96 -4.46 -2.78
C PRO A 191 0.76 -3.00 -2.59
N ALA A 192 1.76 -2.26 -2.95
CA ALA A 192 1.66 -0.84 -2.97
C ALA A 192 0.81 -0.50 -4.14
N LYS A 193 0.28 0.68 -4.21
CA LYS A 193 -0.60 1.01 -5.28
C LYS A 193 0.12 0.83 -6.64
N LEU A 194 1.31 1.34 -6.77
CA LEU A 194 2.11 1.08 -7.97
C LEU A 194 2.60 -0.34 -8.10
N MET A 195 2.83 -0.99 -6.99
CA MET A 195 3.25 -2.39 -7.00
C MET A 195 2.13 -3.24 -7.59
N VAL A 196 0.89 -2.85 -7.32
CA VAL A 196 -0.23 -3.56 -7.84
C VAL A 196 -0.39 -3.29 -9.36
N TYR A 197 -0.11 -2.02 -9.77
CA TYR A 197 -0.11 -1.63 -11.18
C TYR A 197 0.79 -2.55 -11.95
N LEU A 198 1.90 -2.87 -11.34
CA LEU A 198 2.84 -3.70 -11.96
C LEU A 198 2.35 -5.15 -12.04
N GLN A 199 1.94 -5.75 -10.94
CA GLN A 199 1.46 -7.16 -10.99
C GLN A 199 0.29 -7.35 -11.94
N ARG A 200 -0.53 -6.34 -12.10
CA ARG A 200 -1.65 -6.38 -12.93
C ARG A 200 -1.19 -6.40 -14.42
N PHE A 201 -0.35 -5.44 -14.80
CA PHE A 201 0.03 -5.25 -16.22
C PHE A 201 1.42 -5.82 -16.62
N ARG A 202 2.27 -6.01 -15.65
CA ARG A 202 3.67 -6.40 -15.86
C ARG A 202 4.18 -7.32 -14.72
N PRO A 203 3.86 -8.62 -14.81
CA PRO A 203 4.13 -9.61 -13.74
C PRO A 203 5.61 -9.83 -13.41
N LEU A 204 6.49 -9.90 -14.40
CA LEU A 204 7.92 -10.09 -14.10
C LEU A 204 8.52 -8.87 -13.53
N ASP A 205 7.99 -7.75 -13.93
CA ASP A 205 8.43 -6.46 -13.46
C ASP A 205 8.09 -6.42 -11.97
N TYR A 206 6.87 -6.81 -11.70
CA TYR A 206 6.36 -6.96 -10.36
C TYR A 206 7.15 -7.97 -9.51
N GLN A 207 7.33 -9.18 -10.01
CA GLN A 207 8.05 -10.22 -9.27
C GLN A 207 9.46 -9.85 -8.92
N ARG A 208 10.18 -9.32 -9.87
CA ARG A 208 11.56 -8.92 -9.64
C ARG A 208 11.67 -7.90 -8.51
N LEU A 209 10.70 -7.03 -8.43
CA LEU A 209 10.56 -6.12 -7.30
C LEU A 209 10.09 -6.87 -6.03
N LEU A 210 8.99 -7.63 -6.17
CA LEU A 210 8.33 -8.31 -5.07
C LEU A 210 9.23 -9.28 -4.35
N GLU A 211 9.83 -10.17 -5.09
CA GLU A 211 10.66 -11.25 -4.55
C GLU A 211 11.79 -10.71 -3.69
N ALA A 212 12.22 -9.53 -4.01
CA ALA A 212 13.27 -8.87 -3.25
C ALA A 212 12.67 -8.11 -2.05
N ALA A 213 11.45 -7.61 -2.21
CA ALA A 213 10.77 -6.81 -1.17
C ALA A 213 9.93 -7.65 -0.19
N SER A 214 9.65 -8.89 -0.54
CA SER A 214 8.82 -9.78 0.26
C SER A 214 9.57 -10.42 1.44
N SER A 215 10.50 -9.68 2.01
CA SER A 215 11.27 -10.15 3.13
C SER A 215 10.41 -10.04 4.40
N GLY A 216 9.79 -11.14 4.77
CA GLY A 216 8.96 -11.18 5.94
C GLY A 216 8.34 -12.54 6.08
N GLU A 217 7.72 -12.78 7.21
CA GLU A 217 7.11 -14.08 7.47
C GLU A 217 5.66 -13.94 7.88
N ALA A 218 5.44 -13.25 9.01
CA ALA A 218 4.13 -13.11 9.66
C ALA A 218 3.64 -14.47 10.19
N THR A 219 3.07 -15.28 9.34
CA THR A 219 2.64 -16.61 9.71
C THR A 219 3.02 -17.61 8.64
N GLY A 220 3.28 -18.82 9.03
CA GLY A 220 3.62 -19.86 8.10
C GLY A 220 2.61 -20.97 8.15
N ASP A 221 1.44 -20.65 8.63
CA ASP A 221 0.37 -21.61 8.81
C ASP A 221 -0.94 -20.95 8.36
N SER A 222 -1.78 -21.69 7.66
CA SER A 222 -3.00 -21.14 7.10
C SER A 222 -4.22 -21.43 7.98
N ALA A 223 -3.97 -21.87 9.22
CA ALA A 223 -5.02 -22.22 10.18
C ALA A 223 -5.82 -23.42 9.71
N SER A 224 -5.31 -24.58 10.00
CA SER A 224 -5.90 -25.82 9.61
C SER A 224 -6.13 -26.66 10.86
N SER A 1 8.62 -7.88 20.19
CA SER A 1 8.04 -8.19 21.48
C SER A 1 6.62 -7.64 21.60
N ALA A 2 5.65 -8.51 21.45
CA ALA A 2 4.26 -8.13 21.55
C ALA A 2 3.82 -8.22 23.00
N GLN A 3 3.63 -7.09 23.61
CA GLN A 3 3.24 -7.02 25.00
C GLN A 3 1.81 -6.52 25.11
N GLY A 4 1.09 -7.03 26.09
CA GLY A 4 -0.28 -6.63 26.28
C GLY A 4 -1.17 -7.28 25.27
N LEU A 5 -1.77 -6.49 24.43
CA LEU A 5 -2.57 -6.98 23.34
C LEU A 5 -1.66 -7.30 22.16
N ILE A 6 -1.62 -8.55 21.82
CA ILE A 6 -0.83 -9.06 20.72
C ILE A 6 -1.56 -8.78 19.43
N GLU A 7 -0.91 -8.10 18.54
CA GLU A 7 -1.49 -7.76 17.27
C GLU A 7 -1.25 -8.91 16.28
N VAL A 8 -2.28 -9.65 16.02
CA VAL A 8 -2.20 -10.76 15.09
C VAL A 8 -2.69 -10.29 13.75
N GLU A 9 -2.07 -10.76 12.72
CA GLU A 9 -2.32 -10.26 11.40
C GLU A 9 -2.39 -11.36 10.35
N ARG A 10 -3.19 -11.09 9.35
CA ARG A 10 -3.29 -11.84 8.11
C ARG A 10 -3.95 -10.99 7.07
N LYS A 11 -3.92 -11.45 5.86
CA LYS A 11 -4.32 -10.62 4.77
C LYS A 11 -5.22 -11.40 3.84
N PHE A 12 -5.96 -10.71 3.00
CA PHE A 12 -6.85 -11.35 2.06
C PHE A 12 -7.08 -10.51 0.82
N ALA A 13 -7.54 -11.16 -0.20
CA ALA A 13 -7.91 -10.53 -1.43
C ALA A 13 -9.43 -10.52 -1.48
N PRO A 14 -10.03 -9.36 -1.28
CA PRO A 14 -11.48 -9.21 -1.21
C PRO A 14 -12.15 -9.09 -2.59
N GLY A 15 -13.44 -9.32 -2.59
CA GLY A 15 -14.21 -9.16 -3.80
C GLY A 15 -14.65 -7.72 -3.98
N PRO A 16 -15.44 -7.42 -5.01
CA PRO A 16 -15.84 -6.06 -5.32
C PRO A 16 -17.00 -5.55 -4.47
N ASP A 17 -17.57 -6.43 -3.67
CA ASP A 17 -18.69 -6.04 -2.83
C ASP A 17 -18.36 -6.19 -1.36
N THR A 18 -17.08 -6.40 -1.05
CA THR A 18 -16.60 -6.57 0.29
C THR A 18 -17.05 -5.43 1.21
N GLU A 19 -16.99 -4.20 0.73
CA GLU A 19 -17.40 -3.04 1.52
C GLU A 19 -18.86 -3.19 1.96
N GLU A 20 -19.70 -3.59 1.03
CA GLU A 20 -21.12 -3.76 1.27
C GLU A 20 -21.35 -4.97 2.18
N ARG A 21 -20.62 -6.04 1.88
CA ARG A 21 -20.66 -7.27 2.62
C ARG A 21 -20.33 -6.99 4.08
N LEU A 22 -19.24 -6.24 4.30
CA LEU A 22 -18.76 -5.83 5.63
C LEU A 22 -19.82 -5.13 6.42
N GLN A 23 -20.54 -4.24 5.78
CA GLN A 23 -21.63 -3.51 6.42
C GLN A 23 -22.64 -4.48 7.02
N GLU A 24 -23.05 -5.43 6.21
CA GLU A 24 -24.04 -6.42 6.60
C GLU A 24 -23.42 -7.40 7.63
N LEU A 25 -22.14 -7.70 7.47
CA LEU A 25 -21.43 -8.58 8.40
C LEU A 25 -21.29 -7.94 9.77
N GLY A 26 -21.31 -6.64 9.81
CA GLY A 26 -21.25 -5.96 11.07
C GLY A 26 -19.97 -5.19 11.27
N ALA A 27 -19.18 -5.02 10.22
CA ALA A 27 -17.99 -4.24 10.35
C ALA A 27 -18.34 -2.77 10.23
N THR A 28 -17.94 -2.01 11.19
CA THR A 28 -18.25 -0.62 11.19
C THR A 28 -17.12 0.13 10.49
N LEU A 29 -17.49 1.04 9.64
CA LEU A 29 -16.55 1.82 8.89
C LEU A 29 -15.93 2.84 9.79
N GLU A 30 -14.63 2.76 10.00
CA GLU A 30 -14.04 3.76 10.86
C GLU A 30 -13.56 4.94 10.07
N HIS A 31 -12.89 4.67 8.99
CA HIS A 31 -12.29 5.72 8.17
C HIS A 31 -12.17 5.24 6.76
N ARG A 32 -12.34 6.14 5.84
CA ARG A 32 -12.06 5.85 4.46
C ARG A 32 -11.57 7.06 3.74
N VAL A 33 -10.53 6.87 3.02
CA VAL A 33 -9.88 7.94 2.28
C VAL A 33 -9.93 7.64 0.80
N THR A 34 -10.06 8.67 0.02
CA THR A 34 -10.09 8.55 -1.41
C THR A 34 -9.26 9.68 -2.04
N PHE A 35 -8.37 9.33 -2.94
CA PHE A 35 -7.52 10.32 -3.60
C PHE A 35 -7.41 9.95 -5.04
N ARG A 36 -7.13 10.90 -5.86
CA ARG A 36 -6.85 10.60 -7.24
C ARG A 36 -5.34 10.59 -7.37
N ASP A 37 -4.81 9.49 -7.76
CA ASP A 37 -3.37 9.36 -7.86
C ASP A 37 -2.96 9.37 -9.29
N THR A 38 -2.19 10.34 -9.65
CA THR A 38 -1.61 10.40 -10.94
C THR A 38 -0.15 10.03 -10.87
N TYR A 39 0.19 8.93 -11.49
CA TYR A 39 1.54 8.43 -11.50
C TYR A 39 2.25 8.78 -12.75
N TYR A 40 3.44 9.28 -12.59
CA TYR A 40 4.25 9.70 -13.69
C TYR A 40 5.48 8.89 -13.76
N ASP A 41 5.99 8.79 -14.94
CA ASP A 41 7.14 8.02 -15.23
C ASP A 41 7.59 8.52 -16.57
N THR A 42 8.75 8.15 -16.94
CA THR A 42 9.29 8.42 -18.21
C THR A 42 8.51 7.57 -19.25
N SER A 43 8.62 7.91 -20.53
CA SER A 43 7.87 7.20 -21.56
C SER A 43 8.15 5.68 -21.60
N GLU A 44 9.34 5.27 -21.19
CA GLU A 44 9.70 3.85 -21.21
C GLU A 44 9.59 3.17 -19.83
N LEU A 45 9.07 3.90 -18.85
CA LEU A 45 8.88 3.39 -17.47
C LEU A 45 10.19 3.04 -16.77
N SER A 46 11.15 3.89 -16.96
CA SER A 46 12.43 3.75 -16.32
C SER A 46 12.33 4.09 -14.83
N LEU A 47 11.43 5.02 -14.49
CA LEU A 47 11.32 5.55 -13.15
C LEU A 47 10.82 4.46 -12.18
N MET A 48 9.67 3.89 -12.53
CA MET A 48 8.95 2.88 -11.76
C MET A 48 9.82 1.66 -11.46
N LEU A 49 10.52 1.20 -12.47
CA LEU A 49 11.38 0.01 -12.33
C LEU A 49 12.71 0.32 -11.67
N SER A 50 12.96 1.60 -11.46
CA SER A 50 14.17 2.04 -10.79
C SER A 50 13.86 2.19 -9.28
N ASP A 51 12.63 1.72 -8.88
CA ASP A 51 12.12 1.80 -7.49
C ASP A 51 11.79 3.22 -7.10
N HIS A 52 11.76 4.09 -8.08
CA HIS A 52 11.44 5.44 -7.83
C HIS A 52 10.05 5.72 -8.33
N TRP A 53 9.17 5.84 -7.43
CA TRP A 53 7.79 6.06 -7.74
C TRP A 53 7.50 7.57 -7.62
N LEU A 54 6.63 8.11 -8.46
CA LEU A 54 6.24 9.52 -8.38
C LEU A 54 4.77 9.69 -8.61
N ARG A 55 4.09 10.19 -7.63
CA ARG A 55 2.66 10.30 -7.72
C ARG A 55 2.22 11.66 -7.20
N GLN A 56 1.15 12.12 -7.72
CA GLN A 56 0.51 13.34 -7.28
C GLN A 56 -0.83 12.95 -6.69
N ARG A 57 -1.00 13.15 -5.39
CA ARG A 57 -2.26 12.89 -4.77
C ARG A 57 -3.14 14.05 -4.98
N GLU A 58 -4.07 13.93 -5.92
CA GLU A 58 -5.10 14.96 -6.19
C GLU A 58 -4.69 16.44 -6.05
N GLY A 59 -3.47 16.77 -6.48
CA GLY A 59 -2.93 18.12 -6.37
C GLY A 59 -2.82 18.55 -4.93
N SER A 60 -2.55 17.61 -4.11
CA SER A 60 -2.46 17.72 -2.71
C SER A 60 -1.13 17.19 -2.20
N GLY A 61 -0.17 17.12 -3.06
CA GLY A 61 1.11 16.68 -2.65
C GLY A 61 1.74 15.73 -3.61
N TRP A 62 2.90 16.09 -4.05
CA TRP A 62 3.71 15.24 -4.86
C TRP A 62 4.47 14.32 -3.95
N GLU A 63 4.54 13.08 -4.30
CA GLU A 63 5.19 12.15 -3.45
C GLU A 63 6.16 11.38 -4.27
N LEU A 64 7.37 11.27 -3.81
CA LEU A 64 8.32 10.50 -4.53
C LEU A 64 8.84 9.42 -3.62
N LYS A 65 8.97 8.25 -4.12
CA LYS A 65 9.51 7.18 -3.36
C LYS A 65 10.87 6.83 -3.98
N CYS A 66 11.85 6.69 -3.16
CA CYS A 66 13.17 6.26 -3.57
C CYS A 66 13.51 4.93 -2.92
N PRO A 67 14.33 4.09 -3.56
CA PRO A 67 14.77 2.79 -3.01
C PRO A 67 15.77 2.93 -1.85
N GLY A 68 15.63 3.99 -1.07
CA GLY A 68 16.57 4.30 0.01
C GLY A 68 17.76 4.99 -0.56
N VAL A 69 18.23 4.44 -1.64
CA VAL A 69 19.23 5.00 -2.44
C VAL A 69 18.62 6.18 -3.17
N THR A 70 19.23 7.30 -3.03
CA THR A 70 18.77 8.47 -3.69
C THR A 70 19.67 8.80 -4.87
N GLY A 71 20.93 9.08 -4.61
CA GLY A 71 21.86 9.38 -5.67
C GLY A 71 23.21 8.75 -5.43
N VAL A 72 23.24 7.68 -4.67
CA VAL A 72 24.51 7.00 -4.35
C VAL A 72 24.77 5.81 -5.27
N SER A 73 23.87 5.60 -6.24
CA SER A 73 24.00 4.54 -7.27
C SER A 73 24.04 3.12 -6.67
N GLY A 74 23.54 2.98 -5.46
CA GLY A 74 23.52 1.70 -4.79
C GLY A 74 22.27 0.91 -5.11
N PRO A 75 22.11 -0.27 -4.53
CA PRO A 75 20.95 -1.11 -4.77
C PRO A 75 19.80 -0.78 -3.82
N HIS A 76 18.62 -1.24 -4.18
CA HIS A 76 17.42 -1.07 -3.38
C HIS A 76 17.64 -1.57 -1.95
N ASN A 77 17.76 -0.62 -1.05
CA ASN A 77 18.10 -0.89 0.35
C ASN A 77 16.86 -0.80 1.24
N GLU A 78 15.89 -0.02 0.80
CA GLU A 78 14.69 0.26 1.59
C GLU A 78 13.83 1.14 0.70
N TYR A 79 12.85 1.81 1.25
CA TYR A 79 12.16 2.86 0.56
C TYR A 79 12.13 4.10 1.40
N VAL A 80 12.56 5.17 0.82
CA VAL A 80 12.57 6.46 1.45
C VAL A 80 11.74 7.41 0.60
N GLU A 81 10.89 8.16 1.20
CA GLU A 81 10.02 9.03 0.46
C GLU A 81 10.15 10.48 0.85
N VAL A 82 10.14 11.33 -0.15
CA VAL A 82 10.15 12.76 0.04
C VAL A 82 9.03 13.41 -0.71
N THR A 83 8.31 14.24 -0.03
CA THR A 83 7.18 14.92 -0.61
C THR A 83 7.47 16.40 -0.83
N SER A 84 8.62 16.85 -0.36
CA SER A 84 8.99 18.24 -0.51
C SER A 84 9.39 18.50 -1.96
N GLU A 85 8.70 19.46 -2.60
CA GLU A 85 8.90 19.75 -4.02
C GLU A 85 10.34 20.03 -4.38
N ALA A 86 11.02 20.79 -3.54
CA ALA A 86 12.41 21.18 -3.82
C ALA A 86 13.32 19.96 -3.98
N ALA A 87 13.09 18.95 -3.14
CA ALA A 87 13.88 17.74 -3.18
C ALA A 87 13.50 16.93 -4.40
N ILE A 88 12.24 17.03 -4.78
CA ILE A 88 11.73 16.29 -5.91
C ILE A 88 12.26 16.88 -7.22
N VAL A 89 12.27 18.22 -7.30
CA VAL A 89 12.79 18.94 -8.47
C VAL A 89 14.23 18.54 -8.74
N ALA A 90 15.02 18.51 -7.68
CA ALA A 90 16.43 18.14 -7.78
C ALA A 90 16.57 16.69 -8.18
N GLN A 91 15.80 15.84 -7.53
CA GLN A 91 15.82 14.41 -7.75
C GLN A 91 15.45 14.04 -9.19
N LEU A 92 14.36 14.59 -9.67
CA LEU A 92 13.90 14.31 -11.03
C LEU A 92 14.94 14.68 -12.08
N PHE A 93 15.60 15.80 -11.89
CA PHE A 93 16.67 16.21 -12.80
C PHE A 93 17.84 15.25 -12.79
N GLU A 94 18.29 14.85 -11.62
CA GLU A 94 19.42 13.95 -11.53
C GLU A 94 19.05 12.55 -12.01
N LEU A 95 17.79 12.16 -11.80
CA LEU A 95 17.31 10.87 -12.27
C LEU A 95 17.27 10.82 -13.78
N LEU A 96 16.67 11.82 -14.40
CA LEU A 96 16.52 11.78 -15.85
C LEU A 96 17.75 12.24 -16.59
N GLY A 97 18.63 12.93 -15.92
CA GLY A 97 19.82 13.36 -16.58
C GLY A 97 19.67 14.71 -17.15
N SER A 98 19.33 15.63 -16.32
CA SER A 98 19.09 16.94 -16.76
C SER A 98 19.90 17.97 -16.05
N GLY A 99 20.77 18.59 -16.80
CA GLY A 99 21.53 19.71 -16.32
C GLY A 99 20.80 20.98 -16.69
N GLU A 100 19.57 20.78 -17.14
CA GLU A 100 18.64 21.84 -17.51
C GLU A 100 18.41 22.83 -16.38
N GLN A 101 17.86 23.94 -16.74
CA GLN A 101 17.54 24.98 -15.81
C GLN A 101 16.45 24.50 -14.86
N LYS A 102 16.65 24.73 -13.58
CA LYS A 102 15.66 24.38 -12.60
C LYS A 102 14.42 25.24 -12.77
N PRO A 103 13.24 24.62 -12.88
CA PRO A 103 12.02 25.35 -13.05
C PRO A 103 11.54 26.01 -11.77
N ALA A 104 10.98 25.21 -10.87
CA ALA A 104 10.46 25.70 -9.61
C ALA A 104 9.90 24.56 -8.80
N GLY A 105 8.84 23.99 -9.29
CA GLY A 105 8.17 22.92 -8.59
C GLY A 105 8.12 21.67 -9.41
N VAL A 106 7.50 20.65 -8.86
CA VAL A 106 7.44 19.35 -9.50
C VAL A 106 6.60 19.39 -10.77
N ALA A 107 5.50 20.12 -10.74
CA ALA A 107 4.63 20.25 -11.89
C ALA A 107 5.38 20.94 -13.02
N ALA A 108 6.29 21.80 -12.66
CA ALA A 108 7.11 22.49 -13.61
C ALA A 108 8.19 21.56 -14.20
N VAL A 109 8.80 20.70 -13.36
CA VAL A 109 9.83 19.76 -13.88
C VAL A 109 9.17 18.69 -14.71
N LEU A 110 7.92 18.44 -14.39
CA LEU A 110 7.10 17.44 -15.03
C LEU A 110 7.00 17.74 -16.53
N GLY A 111 6.64 18.98 -16.85
CA GLY A 111 6.55 19.40 -18.23
C GLY A 111 7.91 19.54 -18.87
N SER A 112 8.87 20.01 -18.09
CA SER A 112 10.21 20.25 -18.57
C SER A 112 10.91 18.95 -18.96
N LEU A 113 10.75 17.92 -18.16
CA LEU A 113 11.39 16.65 -18.43
C LEU A 113 10.51 15.76 -19.29
N LYS A 114 9.28 16.22 -19.51
CA LYS A 114 8.30 15.53 -20.35
C LYS A 114 7.91 14.19 -19.74
N LEU A 115 7.55 14.24 -18.49
CA LEU A 115 7.07 13.09 -17.78
C LEU A 115 5.61 12.89 -18.13
N GLN A 116 5.20 11.67 -18.20
CA GLN A 116 3.85 11.39 -18.58
C GLN A 116 3.17 10.57 -17.54
N GLU A 117 1.91 10.89 -17.30
CA GLU A 117 1.12 10.14 -16.42
C GLU A 117 0.78 8.81 -17.08
N VAL A 118 1.36 7.80 -16.51
CA VAL A 118 1.28 6.45 -17.02
C VAL A 118 0.17 5.69 -16.30
N ALA A 119 -0.22 6.18 -15.15
CA ALA A 119 -1.26 5.54 -14.39
C ALA A 119 -2.03 6.58 -13.62
N SER A 120 -3.31 6.53 -13.76
CA SER A 120 -4.18 7.42 -13.07
C SER A 120 -5.30 6.58 -12.48
N PHE A 121 -5.36 6.56 -11.19
CA PHE A 121 -6.33 5.76 -10.46
C PHE A 121 -6.72 6.43 -9.17
N ILE A 122 -7.65 5.85 -8.47
CA ILE A 122 -8.10 6.39 -7.22
C ILE A 122 -7.72 5.45 -6.09
N THR A 123 -7.12 5.98 -5.05
CA THR A 123 -6.84 5.20 -3.90
C THR A 123 -8.03 5.27 -2.99
N THR A 124 -8.69 4.17 -2.85
CA THR A 124 -9.77 4.08 -1.95
C THR A 124 -9.32 3.19 -0.82
N ARG A 125 -9.11 3.77 0.29
CA ARG A 125 -8.64 3.03 1.42
C ARG A 125 -9.66 3.15 2.53
N SER A 126 -10.27 2.07 2.85
CA SER A 126 -11.37 2.05 3.74
C SER A 126 -11.12 1.03 4.85
N SER A 127 -11.21 1.46 6.08
CA SER A 127 -10.94 0.62 7.21
C SER A 127 -12.27 0.25 7.91
N TRP A 128 -12.54 -1.03 8.00
CA TRP A 128 -13.76 -1.57 8.58
C TRP A 128 -13.41 -2.39 9.76
N LYS A 129 -13.89 -2.03 10.87
CA LYS A 129 -13.54 -2.67 12.05
C LYS A 129 -14.78 -3.36 12.62
N LEU A 130 -14.65 -4.60 12.98
CA LEU A 130 -15.79 -5.39 13.37
C LEU A 130 -15.61 -5.84 14.82
N ALA A 131 -16.62 -5.63 15.62
CA ALA A 131 -16.61 -6.02 17.00
C ALA A 131 -17.30 -7.36 17.16
N LEU A 132 -16.55 -8.38 17.50
CA LEU A 132 -17.12 -9.70 17.68
C LEU A 132 -17.63 -9.86 19.10
N SER A 133 -18.62 -10.70 19.25
CA SER A 133 -19.22 -10.98 20.52
C SER A 133 -18.66 -12.28 21.07
N GLY A 134 -18.38 -12.30 22.36
CA GLY A 134 -17.84 -13.49 22.98
C GLY A 134 -18.27 -13.59 24.42
N ALA A 135 -19.51 -13.19 24.68
CA ALA A 135 -20.14 -13.18 26.02
C ALA A 135 -19.45 -12.18 26.95
N HIS A 136 -18.29 -12.54 27.45
CA HIS A 136 -17.48 -11.71 28.30
C HIS A 136 -16.14 -12.37 28.48
N GLY A 137 -15.12 -11.66 28.17
CA GLY A 137 -13.77 -12.18 28.25
C GLY A 137 -12.99 -11.62 27.12
N GLN A 138 -12.92 -12.34 26.04
CA GLN A 138 -12.30 -11.82 24.87
C GLN A 138 -13.32 -11.62 23.80
N GLU A 139 -13.52 -10.39 23.45
CA GLU A 139 -14.40 -10.01 22.38
C GLU A 139 -13.61 -9.06 21.52
N PRO A 140 -12.97 -9.56 20.49
CA PRO A 140 -12.06 -8.76 19.70
C PRO A 140 -12.73 -7.78 18.74
N GLN A 141 -12.37 -6.52 18.85
CA GLN A 141 -12.75 -5.55 17.87
C GLN A 141 -11.62 -5.51 16.89
N LEU A 142 -11.75 -6.21 15.81
CA LEU A 142 -10.65 -6.34 14.91
C LEU A 142 -10.89 -5.51 13.67
N THR A 143 -9.83 -5.01 13.13
CA THR A 143 -9.91 -4.08 12.07
C THR A 143 -9.55 -4.74 10.75
N ILE A 144 -10.31 -4.46 9.75
CA ILE A 144 -10.10 -4.92 8.42
C ILE A 144 -9.86 -3.72 7.55
N ASP A 145 -8.72 -3.64 6.98
CA ASP A 145 -8.38 -2.48 6.22
C ASP A 145 -8.39 -2.83 4.75
N LEU A 146 -9.23 -2.17 3.99
CA LEU A 146 -9.27 -2.39 2.56
C LEU A 146 -8.63 -1.25 1.83
N ASP A 147 -7.59 -1.53 1.12
CA ASP A 147 -6.93 -0.53 0.32
C ASP A 147 -7.09 -0.92 -1.13
N SER A 148 -7.81 -0.14 -1.87
CA SER A 148 -8.11 -0.49 -3.22
C SER A 148 -7.65 0.56 -4.23
N ALA A 149 -7.61 0.14 -5.46
CA ALA A 149 -7.27 0.97 -6.58
C ALA A 149 -8.37 0.86 -7.56
N ASP A 150 -8.93 1.97 -7.93
CA ASP A 150 -10.05 2.03 -8.90
C ASP A 150 -9.72 1.32 -10.23
N PHE A 151 -8.41 1.18 -10.54
CA PHE A 151 -7.98 0.54 -11.77
C PHE A 151 -8.42 -0.94 -11.79
N GLY A 152 -8.47 -1.57 -10.61
CA GLY A 152 -8.88 -2.97 -10.52
C GLY A 152 -8.11 -3.74 -9.46
N TYR A 153 -8.04 -3.20 -8.27
CA TYR A 153 -7.31 -3.80 -7.17
C TYR A 153 -7.94 -3.48 -5.84
N ALA A 154 -7.91 -4.43 -4.92
CA ALA A 154 -8.38 -4.25 -3.56
C ALA A 154 -7.60 -5.21 -2.65
N VAL A 155 -7.11 -4.72 -1.53
CA VAL A 155 -6.43 -5.58 -0.59
C VAL A 155 -7.16 -5.53 0.74
N GLY A 156 -7.10 -6.60 1.48
CA GLY A 156 -7.68 -6.63 2.77
C GLY A 156 -6.66 -7.02 3.81
N GLU A 157 -6.56 -6.23 4.82
CA GLU A 157 -5.61 -6.44 5.91
C GLU A 157 -6.45 -6.69 7.15
N VAL A 158 -6.13 -7.69 7.93
CA VAL A 158 -6.90 -7.93 9.13
C VAL A 158 -6.01 -7.85 10.36
N GLU A 159 -6.42 -7.02 11.28
CA GLU A 159 -5.74 -6.77 12.51
C GLU A 159 -6.64 -7.17 13.67
N ALA A 160 -6.19 -8.10 14.45
CA ALA A 160 -6.89 -8.48 15.66
C ALA A 160 -5.91 -8.42 16.82
N MET A 161 -6.39 -8.11 18.00
CA MET A 161 -5.51 -7.98 19.13
C MET A 161 -6.05 -8.78 20.31
N VAL A 162 -5.26 -9.72 20.77
CA VAL A 162 -5.61 -10.55 21.91
C VAL A 162 -4.76 -10.21 23.09
N HIS A 163 -5.29 -10.34 24.27
CA HIS A 163 -4.51 -9.95 25.43
C HIS A 163 -3.78 -11.17 25.96
N GLU A 164 -4.24 -12.34 25.58
CA GLU A 164 -3.58 -13.56 25.97
C GLU A 164 -2.91 -14.14 24.78
N LYS A 165 -1.77 -14.68 24.99
CA LYS A 165 -1.05 -15.35 23.96
C LYS A 165 -1.69 -16.73 23.70
N ALA A 166 -2.48 -17.17 24.66
CA ALA A 166 -3.13 -18.48 24.58
C ALA A 166 -4.26 -18.49 23.53
N GLU A 167 -4.74 -17.32 23.19
CA GLU A 167 -5.86 -17.16 22.27
C GLU A 167 -5.40 -16.67 20.89
N VAL A 168 -4.08 -16.58 20.72
CA VAL A 168 -3.46 -16.15 19.45
C VAL A 168 -3.83 -17.07 18.25
N PRO A 169 -3.61 -18.44 18.33
CA PRO A 169 -3.97 -19.35 17.22
C PRO A 169 -5.44 -19.25 16.82
N ALA A 170 -6.29 -19.03 17.80
CA ALA A 170 -7.72 -18.92 17.59
C ALA A 170 -8.05 -17.66 16.81
N ALA A 171 -7.45 -16.56 17.21
CA ALA A 171 -7.67 -15.27 16.55
C ALA A 171 -7.17 -15.30 15.11
N LEU A 172 -6.06 -15.98 14.89
CA LEU A 172 -5.46 -16.10 13.56
C LEU A 172 -6.43 -16.76 12.58
N GLU A 173 -7.04 -17.86 13.01
CA GLU A 173 -7.98 -18.57 12.16
C GLU A 173 -9.25 -17.81 11.94
N LYS A 174 -9.66 -17.06 12.96
CA LYS A 174 -10.85 -16.23 12.90
C LYS A 174 -10.68 -15.26 11.74
N ILE A 175 -9.48 -14.71 11.63
CA ILE A 175 -9.11 -13.83 10.55
C ILE A 175 -9.28 -14.50 9.19
N ILE A 176 -8.72 -15.69 9.07
CA ILE A 176 -8.74 -16.44 7.81
C ILE A 176 -10.18 -16.77 7.39
N THR A 177 -11.01 -17.14 8.35
CA THR A 177 -12.40 -17.44 8.07
C THR A 177 -13.14 -16.18 7.54
N VAL A 178 -12.89 -15.03 8.16
CA VAL A 178 -13.48 -13.77 7.70
C VAL A 178 -12.98 -13.45 6.29
N SER A 179 -11.71 -13.68 6.07
CA SER A 179 -11.07 -13.46 4.81
C SER A 179 -11.73 -14.31 3.70
N SER A 180 -12.04 -15.54 4.03
CA SER A 180 -12.61 -16.47 3.07
C SER A 180 -14.06 -16.09 2.72
N MET A 181 -14.77 -15.44 3.64
CA MET A 181 -16.14 -15.04 3.33
C MET A 181 -16.17 -13.75 2.53
N LEU A 182 -15.10 -12.98 2.60
CA LEU A 182 -15.01 -11.75 1.82
C LEU A 182 -14.23 -11.97 0.52
N GLY A 183 -13.71 -13.17 0.37
CA GLY A 183 -12.94 -13.47 -0.81
C GLY A 183 -12.00 -14.62 -0.58
N VAL A 184 -10.73 -14.41 -0.81
CA VAL A 184 -9.72 -15.44 -0.66
C VAL A 184 -8.57 -14.91 0.19
N PRO A 185 -8.13 -15.66 1.22
CA PRO A 185 -7.01 -15.26 2.07
C PRO A 185 -5.70 -15.07 1.27
N ALA A 186 -4.92 -14.11 1.69
CA ALA A 186 -3.68 -13.76 1.04
C ALA A 186 -2.53 -13.88 2.04
N GLN A 187 -1.43 -13.21 1.74
CA GLN A 187 -0.23 -13.29 2.56
C GLN A 187 0.37 -11.90 2.78
N GLU A 188 1.53 -11.83 3.45
CA GLU A 188 2.15 -10.55 3.92
C GLU A 188 2.39 -9.49 2.86
N GLU A 189 2.60 -9.91 1.61
CA GLU A 189 3.00 -9.03 0.47
C GLU A 189 2.63 -7.55 0.60
N ALA A 190 1.32 -7.27 0.61
CA ALA A 190 0.80 -5.89 0.63
C ALA A 190 1.32 -5.11 -0.58
N PRO A 191 0.70 -5.31 -1.73
CA PRO A 191 1.13 -4.68 -2.92
C PRO A 191 0.79 -3.20 -2.96
N ALA A 192 1.79 -2.42 -3.30
CA ALA A 192 1.59 -1.02 -3.54
C ALA A 192 0.71 -0.88 -4.77
N LYS A 193 0.04 0.24 -4.91
CA LYS A 193 -0.90 0.46 -6.01
C LYS A 193 -0.27 0.19 -7.37
N LEU A 194 0.83 0.85 -7.67
CA LEU A 194 1.51 0.56 -8.91
C LEU A 194 2.12 -0.82 -8.98
N MET A 195 2.40 -1.41 -7.84
CA MET A 195 2.95 -2.76 -7.82
C MET A 195 1.92 -3.70 -8.46
N VAL A 196 0.66 -3.39 -8.23
CA VAL A 196 -0.46 -4.13 -8.81
C VAL A 196 -0.61 -3.78 -10.27
N TYR A 197 -0.38 -2.50 -10.61
CA TYR A 197 -0.36 -2.04 -12.01
C TYR A 197 0.58 -2.91 -12.80
N LEU A 198 1.69 -3.24 -12.17
CA LEU A 198 2.61 -4.11 -12.80
C LEU A 198 2.05 -5.54 -12.85
N GLN A 199 1.56 -6.07 -11.71
CA GLN A 199 1.00 -7.46 -11.66
C GLN A 199 -0.03 -7.69 -12.75
N ARG A 200 -0.83 -6.71 -12.92
CA ARG A 200 -1.89 -6.69 -13.90
C ARG A 200 -1.37 -6.58 -15.37
N PHE A 201 -0.52 -5.60 -15.64
CA PHE A 201 -0.12 -5.31 -17.02
C PHE A 201 1.26 -5.85 -17.42
N ARG A 202 2.17 -5.84 -16.49
CA ARG A 202 3.57 -6.15 -16.72
C ARG A 202 4.14 -6.89 -15.50
N PRO A 203 3.80 -8.20 -15.40
CA PRO A 203 4.05 -9.00 -14.22
C PRO A 203 5.51 -9.37 -14.01
N LEU A 204 6.26 -9.45 -15.06
CA LEU A 204 7.65 -9.84 -14.90
C LEU A 204 8.40 -8.67 -14.24
N ASP A 205 7.98 -7.47 -14.57
CA ASP A 205 8.62 -6.28 -14.02
C ASP A 205 8.28 -6.20 -12.53
N TYR A 206 7.05 -6.57 -12.23
CA TYR A 206 6.59 -6.64 -10.87
C TYR A 206 7.43 -7.62 -10.07
N GLN A 207 7.71 -8.78 -10.65
CA GLN A 207 8.57 -9.79 -10.03
C GLN A 207 9.91 -9.25 -9.61
N ARG A 208 10.53 -8.44 -10.48
CA ARG A 208 11.86 -7.88 -10.20
C ARG A 208 11.81 -7.13 -8.89
N LEU A 209 10.81 -6.30 -8.77
CA LEU A 209 10.59 -5.51 -7.59
C LEU A 209 10.08 -6.38 -6.41
N LEU A 210 9.20 -7.32 -6.70
CA LEU A 210 8.58 -8.19 -5.72
C LEU A 210 9.58 -9.03 -4.96
N GLU A 211 10.43 -9.74 -5.69
CA GLU A 211 11.40 -10.64 -5.09
C GLU A 211 12.31 -9.89 -4.14
N ALA A 212 12.54 -8.65 -4.46
CA ALA A 212 13.36 -7.77 -3.64
C ALA A 212 12.56 -7.20 -2.45
N ALA A 213 11.30 -6.89 -2.69
CA ALA A 213 10.42 -6.32 -1.66
C ALA A 213 9.63 -7.40 -0.92
N SER A 214 10.14 -8.63 -0.98
CA SER A 214 9.47 -9.80 -0.40
C SER A 214 9.30 -9.67 1.15
N SER A 215 10.10 -8.83 1.77
CA SER A 215 10.02 -8.66 3.22
C SER A 215 9.15 -7.44 3.58
N GLY A 216 8.33 -6.99 2.62
CA GLY A 216 7.46 -5.83 2.81
C GLY A 216 6.53 -5.95 4.00
N GLU A 217 6.37 -4.86 4.72
CA GLU A 217 5.53 -4.82 5.89
C GLU A 217 4.53 -3.68 5.81
N ALA A 218 3.26 -4.02 5.87
CA ALA A 218 2.17 -3.05 5.86
C ALA A 218 0.89 -3.75 6.22
N THR A 219 0.19 -3.26 7.24
CA THR A 219 -1.09 -3.81 7.67
C THR A 219 -1.95 -2.72 8.33
N GLY A 220 -2.61 -1.93 7.47
CA GLY A 220 -3.57 -0.88 7.87
C GLY A 220 -3.21 -0.10 9.13
N ASP A 221 -4.23 0.06 9.96
CA ASP A 221 -4.17 0.69 11.28
C ASP A 221 -5.60 0.80 11.76
N SER A 222 -5.81 1.32 12.93
CA SER A 222 -7.14 1.50 13.44
C SER A 222 -7.21 2.69 14.39
N ALA A 223 -8.23 3.49 14.24
CA ALA A 223 -8.41 4.67 15.06
C ALA A 223 -9.89 4.94 15.26
N SER A 224 -10.20 5.99 15.97
CA SER A 224 -11.56 6.38 16.15
C SER A 224 -11.86 7.49 15.13
N SER A 1 7.82 -8.64 16.97
CA SER A 1 7.77 -7.26 17.44
C SER A 1 6.35 -6.86 17.81
N ALA A 2 6.03 -7.00 19.09
CA ALA A 2 4.74 -6.67 19.64
C ALA A 2 4.85 -6.66 21.16
N GLN A 3 3.99 -5.91 21.81
CA GLN A 3 4.00 -5.81 23.26
C GLN A 3 2.58 -5.53 23.76
N GLY A 4 2.22 -6.18 24.87
CA GLY A 4 0.89 -6.01 25.44
C GLY A 4 -0.15 -6.63 24.56
N LEU A 5 -0.77 -5.83 23.76
CA LEU A 5 -1.67 -6.28 22.75
C LEU A 5 -0.85 -6.62 21.50
N ILE A 6 -0.72 -7.89 21.24
CA ILE A 6 0.06 -8.42 20.16
C ILE A 6 -0.61 -8.10 18.85
N GLU A 7 0.11 -7.40 18.01
CA GLU A 7 -0.37 -7.05 16.70
C GLU A 7 -0.15 -8.24 15.78
N VAL A 8 -1.23 -8.74 15.26
CA VAL A 8 -1.18 -9.83 14.34
C VAL A 8 -2.11 -9.51 13.18
N GLU A 9 -1.65 -9.70 11.99
CA GLU A 9 -2.43 -9.35 10.85
C GLU A 9 -2.45 -10.46 9.83
N ARG A 10 -3.51 -10.51 9.13
CA ARG A 10 -3.63 -11.28 7.95
C ARG A 10 -4.26 -10.47 6.91
N LYS A 11 -4.19 -10.89 5.73
CA LYS A 11 -4.53 -10.05 4.67
C LYS A 11 -5.31 -10.85 3.71
N PHE A 12 -6.03 -10.22 2.81
CA PHE A 12 -6.86 -10.95 1.89
C PHE A 12 -7.21 -10.16 0.67
N ALA A 13 -7.47 -10.88 -0.39
CA ALA A 13 -7.94 -10.33 -1.61
C ALA A 13 -9.45 -10.56 -1.63
N PRO A 14 -10.22 -9.50 -1.41
CA PRO A 14 -11.66 -9.59 -1.27
C PRO A 14 -12.40 -9.60 -2.61
N GLY A 15 -13.68 -9.93 -2.55
CA GLY A 15 -14.53 -9.96 -3.71
C GLY A 15 -15.06 -8.57 -4.07
N PRO A 16 -16.01 -8.47 -5.00
CA PRO A 16 -16.51 -7.18 -5.46
C PRO A 16 -17.55 -6.53 -4.52
N ASP A 17 -18.03 -7.28 -3.53
CA ASP A 17 -19.08 -6.76 -2.64
C ASP A 17 -18.70 -6.90 -1.19
N THR A 18 -17.41 -6.92 -0.93
CA THR A 18 -16.89 -7.03 0.40
C THR A 18 -17.42 -5.93 1.32
N GLU A 19 -17.43 -4.69 0.85
CA GLU A 19 -17.93 -3.55 1.62
C GLU A 19 -19.40 -3.78 1.99
N GLU A 20 -20.15 -4.30 1.05
CA GLU A 20 -21.55 -4.61 1.25
C GLU A 20 -21.72 -5.70 2.29
N ARG A 21 -20.97 -6.78 2.08
CA ARG A 21 -20.99 -7.92 2.95
C ARG A 21 -20.60 -7.50 4.37
N LEU A 22 -19.56 -6.66 4.49
CA LEU A 22 -19.08 -6.13 5.78
C LEU A 22 -20.15 -5.41 6.56
N GLN A 23 -20.90 -4.56 5.88
CA GLN A 23 -22.00 -3.84 6.51
C GLN A 23 -22.98 -4.84 7.13
N GLU A 24 -23.31 -5.85 6.36
CA GLU A 24 -24.20 -6.90 6.81
C GLU A 24 -23.55 -7.86 7.83
N LEU A 25 -22.22 -8.02 7.74
CA LEU A 25 -21.45 -8.85 8.68
C LEU A 25 -21.36 -8.18 10.03
N GLY A 26 -21.46 -6.88 10.03
CA GLY A 26 -21.43 -6.16 11.26
C GLY A 26 -20.16 -5.35 11.42
N ALA A 27 -19.37 -5.22 10.36
CA ALA A 27 -18.17 -4.43 10.46
C ALA A 27 -18.55 -2.97 10.31
N THR A 28 -18.14 -2.18 11.26
CA THR A 28 -18.47 -0.80 11.26
C THR A 28 -17.46 0.02 10.46
N LEU A 29 -17.96 0.84 9.54
CA LEU A 29 -17.11 1.71 8.74
C LEU A 29 -16.62 2.82 9.60
N GLU A 30 -15.35 2.87 9.79
CA GLU A 30 -14.79 3.86 10.68
C GLU A 30 -14.50 5.13 9.93
N HIS A 31 -13.81 4.99 8.84
CA HIS A 31 -13.44 6.12 8.00
C HIS A 31 -13.14 5.60 6.64
N ARG A 32 -13.14 6.49 5.70
CA ARG A 32 -12.78 6.15 4.37
C ARG A 32 -12.02 7.28 3.74
N VAL A 33 -11.03 6.91 3.02
CA VAL A 33 -10.10 7.85 2.43
C VAL A 33 -10.13 7.68 0.92
N THR A 34 -10.43 8.73 0.24
CA THR A 34 -10.49 8.70 -1.19
C THR A 34 -9.62 9.79 -1.76
N PHE A 35 -8.75 9.42 -2.66
CA PHE A 35 -7.87 10.34 -3.32
C PHE A 35 -7.44 9.71 -4.61
N ARG A 36 -6.84 10.46 -5.48
CA ARG A 36 -6.33 9.91 -6.70
C ARG A 36 -4.83 9.73 -6.58
N ASP A 37 -4.35 8.57 -6.92
CA ASP A 37 -2.93 8.28 -6.83
C ASP A 37 -2.44 8.27 -8.23
N THR A 38 -1.55 9.16 -8.52
CA THR A 38 -1.16 9.41 -9.86
C THR A 38 0.34 9.19 -10.08
N TYR A 39 0.67 8.19 -10.87
CA TYR A 39 2.04 7.88 -11.22
C TYR A 39 2.44 8.44 -12.53
N TYR A 40 3.62 8.95 -12.53
CA TYR A 40 4.25 9.48 -13.69
C TYR A 40 5.45 8.66 -13.98
N ASP A 41 5.90 8.73 -15.19
CA ASP A 41 6.99 7.94 -15.66
C ASP A 41 7.46 8.62 -16.92
N THR A 42 8.58 8.25 -17.37
CA THR A 42 9.12 8.68 -18.62
C THR A 42 8.29 8.01 -19.74
N SER A 43 8.41 8.48 -20.95
CA SER A 43 7.72 7.90 -22.07
C SER A 43 8.18 6.45 -22.34
N GLU A 44 9.33 6.08 -21.80
CA GLU A 44 9.92 4.77 -21.99
C GLU A 44 9.69 3.83 -20.79
N LEU A 45 9.01 4.33 -19.75
CA LEU A 45 8.77 3.55 -18.50
C LEU A 45 10.07 3.25 -17.79
N SER A 46 11.05 4.06 -18.05
CA SER A 46 12.35 3.93 -17.47
C SER A 46 12.28 4.24 -15.96
N LEU A 47 11.37 5.14 -15.57
CA LEU A 47 11.27 5.57 -14.18
C LEU A 47 10.80 4.39 -13.31
N MET A 48 9.71 3.74 -13.76
CA MET A 48 9.06 2.61 -13.05
C MET A 48 10.10 1.50 -12.83
N LEU A 49 10.72 1.09 -13.91
CA LEU A 49 11.69 -0.01 -13.92
C LEU A 49 13.01 0.32 -13.19
N SER A 50 13.19 1.57 -12.80
CA SER A 50 14.40 1.99 -12.12
C SER A 50 14.18 2.19 -10.62
N ASP A 51 13.05 1.67 -10.09
CA ASP A 51 12.76 1.70 -8.63
C ASP A 51 12.44 3.09 -8.14
N HIS A 52 12.20 3.99 -9.05
CA HIS A 52 11.88 5.35 -8.68
C HIS A 52 10.43 5.60 -8.95
N TRP A 53 9.65 5.42 -7.93
CA TRP A 53 8.21 5.48 -8.03
C TRP A 53 7.75 6.90 -7.72
N LEU A 54 7.09 7.55 -8.65
CA LEU A 54 6.68 8.94 -8.45
C LEU A 54 5.20 9.06 -8.49
N ARG A 55 4.65 9.66 -7.48
CA ARG A 55 3.23 9.83 -7.42
C ARG A 55 2.85 11.19 -6.88
N GLN A 56 1.67 11.60 -7.23
CA GLN A 56 1.01 12.75 -6.67
C GLN A 56 -0.36 12.30 -6.20
N ARG A 57 -0.57 12.37 -4.92
CA ARG A 57 -1.81 11.94 -4.36
C ARG A 57 -2.80 13.09 -4.22
N GLU A 58 -3.68 13.22 -5.23
CA GLU A 58 -4.78 14.20 -5.24
C GLU A 58 -4.33 15.68 -5.35
N GLY A 59 -3.07 15.92 -5.12
CA GLY A 59 -2.59 17.27 -5.07
C GLY A 59 -2.24 17.63 -3.65
N SER A 60 -2.19 16.60 -2.82
CA SER A 60 -1.86 16.73 -1.42
C SER A 60 -0.33 16.83 -1.29
N GLY A 61 0.36 16.17 -2.19
CA GLY A 61 1.78 16.18 -2.17
C GLY A 61 2.36 15.09 -3.00
N TRP A 62 3.54 15.34 -3.47
CA TRP A 62 4.26 14.43 -4.28
C TRP A 62 4.98 13.44 -3.42
N GLU A 63 5.31 12.32 -3.99
CA GLU A 63 6.05 11.35 -3.28
C GLU A 63 6.92 10.65 -4.28
N LEU A 64 8.16 10.54 -3.97
CA LEU A 64 9.05 9.80 -4.79
C LEU A 64 9.67 8.74 -3.97
N LYS A 65 9.60 7.56 -4.46
CA LYS A 65 10.13 6.47 -3.77
C LYS A 65 11.47 6.19 -4.36
N CYS A 66 12.43 6.05 -3.54
CA CYS A 66 13.75 5.74 -3.97
C CYS A 66 14.17 4.44 -3.33
N PRO A 67 15.07 3.65 -3.99
CA PRO A 67 15.55 2.34 -3.49
C PRO A 67 15.90 2.35 -2.01
N GLY A 68 16.41 3.48 -1.55
CA GLY A 68 16.77 3.64 -0.16
C GLY A 68 18.13 4.23 -0.02
N VAL A 69 18.90 4.05 -1.04
CA VAL A 69 20.20 4.58 -1.11
C VAL A 69 20.14 5.66 -2.16
N THR A 70 20.56 6.84 -1.82
CA THR A 70 20.44 7.95 -2.72
C THR A 70 21.73 8.26 -3.46
N GLY A 71 21.93 7.56 -4.56
CA GLY A 71 23.08 7.81 -5.41
C GLY A 71 24.39 7.44 -4.75
N VAL A 72 24.36 6.42 -3.94
CA VAL A 72 25.55 5.99 -3.24
C VAL A 72 26.04 4.66 -3.80
N SER A 73 25.07 3.85 -4.26
CA SER A 73 25.31 2.52 -4.81
C SER A 73 25.61 1.50 -3.69
N GLY A 74 24.77 0.50 -3.58
CA GLY A 74 24.89 -0.51 -2.57
C GLY A 74 23.55 -1.10 -2.27
N PRO A 75 23.44 -2.02 -1.28
CA PRO A 75 22.16 -2.64 -0.89
C PRO A 75 21.13 -1.57 -0.63
N HIS A 76 20.00 -1.68 -1.32
CA HIS A 76 18.94 -0.67 -1.28
C HIS A 76 18.41 -0.37 0.12
N ASN A 77 18.59 -1.31 1.06
CA ASN A 77 18.18 -1.13 2.48
C ASN A 77 16.66 -1.23 2.65
N GLU A 78 15.96 -0.23 2.19
CA GLU A 78 14.52 -0.11 2.27
C GLU A 78 14.16 1.10 1.47
N TYR A 79 13.03 1.07 0.82
CA TYR A 79 12.59 2.19 0.02
C TYR A 79 12.38 3.42 0.88
N VAL A 80 13.00 4.49 0.47
CA VAL A 80 12.89 5.76 1.13
C VAL A 80 11.87 6.60 0.41
N GLU A 81 11.05 7.28 1.17
CA GLU A 81 10.00 8.09 0.63
C GLU A 81 10.32 9.55 0.79
N VAL A 82 10.65 10.21 -0.28
CA VAL A 82 10.89 11.62 -0.22
C VAL A 82 9.66 12.34 -0.72
N THR A 83 9.08 13.17 0.10
CA THR A 83 7.86 13.85 -0.27
C THR A 83 8.08 15.36 -0.44
N SER A 84 9.21 15.84 0.04
CA SER A 84 9.55 17.23 -0.09
C SER A 84 9.84 17.53 -1.57
N GLU A 85 9.13 18.50 -2.15
CA GLU A 85 9.26 18.83 -3.57
C GLU A 85 10.69 19.16 -3.94
N ALA A 86 11.40 19.85 -3.06
CA ALA A 86 12.80 20.20 -3.31
C ALA A 86 13.66 18.95 -3.56
N ALA A 87 13.35 17.88 -2.84
CA ALA A 87 14.06 16.64 -2.99
C ALA A 87 13.64 15.95 -4.27
N ILE A 88 12.34 16.04 -4.59
CA ILE A 88 11.78 15.44 -5.79
C ILE A 88 12.47 16.07 -6.99
N VAL A 89 12.50 17.40 -7.00
CA VAL A 89 13.10 18.19 -8.07
C VAL A 89 14.55 17.78 -8.32
N ALA A 90 15.32 17.67 -7.25
CA ALA A 90 16.71 17.24 -7.33
C ALA A 90 16.82 15.82 -7.91
N GLN A 91 16.04 14.91 -7.35
CA GLN A 91 16.03 13.53 -7.78
C GLN A 91 15.62 13.39 -9.24
N LEU A 92 14.52 14.01 -9.62
CA LEU A 92 14.04 13.96 -11.00
C LEU A 92 15.07 14.46 -12.00
N PHE A 93 15.87 15.44 -11.60
CA PHE A 93 16.94 15.92 -12.45
C PHE A 93 18.00 14.87 -12.71
N GLU A 94 18.37 14.11 -11.68
CA GLU A 94 19.36 13.05 -11.90
C GLU A 94 18.72 11.86 -12.63
N LEU A 95 17.43 11.63 -12.36
CA LEU A 95 16.71 10.50 -12.95
C LEU A 95 16.49 10.72 -14.44
N LEU A 96 16.13 11.93 -14.80
CA LEU A 96 15.85 12.26 -16.21
C LEU A 96 17.08 12.69 -16.94
N GLY A 97 18.11 13.08 -16.22
CA GLY A 97 19.27 13.59 -16.88
C GLY A 97 19.02 14.98 -17.34
N SER A 98 18.72 15.82 -16.42
CA SER A 98 18.30 17.13 -16.75
C SER A 98 19.40 18.15 -16.53
N GLY A 99 19.77 18.82 -17.61
CA GLY A 99 20.70 19.92 -17.52
C GLY A 99 19.93 21.22 -17.51
N GLU A 100 18.62 21.08 -17.36
CA GLU A 100 17.68 22.17 -17.32
C GLU A 100 17.86 22.99 -16.05
N GLN A 101 17.24 24.14 -16.02
CA GLN A 101 17.31 25.05 -14.89
C GLN A 101 16.60 24.47 -13.67
N LYS A 102 17.26 24.50 -12.51
CA LYS A 102 16.64 24.08 -11.28
C LYS A 102 15.45 24.96 -10.87
N PRO A 103 14.30 24.34 -10.66
CA PRO A 103 13.17 24.96 -10.02
C PRO A 103 13.16 24.60 -8.52
N ALA A 104 12.01 24.57 -7.92
CA ALA A 104 11.86 24.21 -6.52
C ALA A 104 10.66 23.30 -6.33
N GLY A 105 9.70 23.40 -7.24
CA GLY A 105 8.52 22.62 -7.15
C GLY A 105 8.45 21.56 -8.21
N VAL A 106 7.79 20.47 -7.90
CA VAL A 106 7.69 19.32 -8.78
C VAL A 106 6.88 19.62 -10.02
N ALA A 107 5.85 20.44 -9.88
CA ALA A 107 4.97 20.78 -11.00
C ALA A 107 5.77 21.38 -12.16
N ALA A 108 6.79 22.12 -11.82
CA ALA A 108 7.67 22.73 -12.79
C ALA A 108 8.49 21.67 -13.54
N VAL A 109 9.09 20.74 -12.79
CA VAL A 109 9.95 19.72 -13.41
C VAL A 109 9.10 18.74 -14.19
N LEU A 110 7.91 18.51 -13.71
CA LEU A 110 6.99 17.59 -14.29
C LEU A 110 6.66 18.02 -15.72
N GLY A 111 6.37 19.29 -15.89
CA GLY A 111 6.09 19.83 -17.20
C GLY A 111 7.34 19.90 -18.07
N SER A 112 8.42 20.39 -17.48
CA SER A 112 9.67 20.60 -18.21
C SER A 112 10.30 19.28 -18.72
N LEU A 113 10.27 18.25 -17.89
CA LEU A 113 10.88 16.96 -18.23
C LEU A 113 9.93 16.06 -19.00
N LYS A 114 8.68 16.54 -19.16
CA LYS A 114 7.64 15.84 -19.93
C LYS A 114 7.30 14.48 -19.34
N LEU A 115 7.18 14.47 -18.04
CA LEU A 115 6.80 13.27 -17.33
C LEU A 115 5.32 13.07 -17.50
N GLN A 116 4.97 11.97 -18.07
CA GLN A 116 3.62 11.68 -18.38
C GLN A 116 3.01 10.81 -17.32
N GLU A 117 1.77 11.08 -16.99
CA GLU A 117 1.03 10.26 -16.12
C GLU A 117 0.72 8.97 -16.86
N VAL A 118 1.27 7.91 -16.34
CA VAL A 118 1.18 6.62 -16.96
C VAL A 118 0.12 5.77 -16.29
N ALA A 119 -0.16 6.09 -15.04
CA ALA A 119 -1.15 5.36 -14.29
C ALA A 119 -1.72 6.24 -13.23
N SER A 120 -3.01 6.31 -13.18
CA SER A 120 -3.65 7.06 -12.18
C SER A 120 -4.98 6.42 -11.85
N PHE A 121 -5.17 6.14 -10.61
CA PHE A 121 -6.39 5.55 -10.17
C PHE A 121 -6.90 6.25 -8.94
N ILE A 122 -8.17 6.11 -8.72
CA ILE A 122 -8.76 6.62 -7.52
C ILE A 122 -8.59 5.56 -6.47
N THR A 123 -7.93 5.91 -5.42
CA THR A 123 -7.62 5.01 -4.39
C THR A 123 -8.57 5.25 -3.22
N THR A 124 -9.40 4.28 -2.95
CA THR A 124 -10.39 4.37 -1.93
C THR A 124 -10.08 3.40 -0.77
N ARG A 125 -9.70 3.95 0.35
CA ARG A 125 -9.49 3.16 1.55
C ARG A 125 -10.67 3.28 2.42
N SER A 126 -11.09 2.22 2.91
CA SER A 126 -12.22 2.17 3.79
C SER A 126 -11.92 1.18 4.91
N SER A 127 -12.01 1.63 6.13
CA SER A 127 -11.66 0.80 7.24
C SER A 127 -12.93 0.37 7.96
N TRP A 128 -13.08 -0.92 8.09
CA TRP A 128 -14.22 -1.53 8.70
C TRP A 128 -13.75 -2.27 9.90
N LYS A 129 -14.23 -1.93 11.03
CA LYS A 129 -13.75 -2.52 12.21
C LYS A 129 -14.79 -3.54 12.70
N LEU A 130 -14.33 -4.73 12.98
CA LEU A 130 -15.16 -5.83 13.34
C LEU A 130 -14.77 -6.28 14.75
N ALA A 131 -15.73 -6.38 15.64
CA ALA A 131 -15.46 -6.74 17.01
C ALA A 131 -15.75 -8.20 17.26
N LEU A 132 -14.71 -8.94 17.56
CA LEU A 132 -14.86 -10.36 17.85
C LEU A 132 -14.82 -10.60 19.35
N SER A 133 -15.35 -11.71 19.75
CA SER A 133 -15.35 -12.07 21.13
C SER A 133 -14.53 -13.35 21.35
N GLY A 134 -13.35 -13.19 21.92
CA GLY A 134 -12.55 -14.35 22.25
C GLY A 134 -13.03 -14.94 23.53
N ALA A 135 -13.17 -14.09 24.51
CA ALA A 135 -13.68 -14.39 25.83
C ALA A 135 -13.70 -13.08 26.56
N HIS A 136 -14.22 -13.03 27.77
CA HIS A 136 -14.19 -11.80 28.51
C HIS A 136 -12.82 -11.57 29.11
N GLY A 137 -11.97 -11.05 28.31
CA GLY A 137 -10.63 -10.75 28.64
C GLY A 137 -9.97 -10.18 27.44
N GLN A 138 -9.82 -10.99 26.41
CA GLN A 138 -9.33 -10.50 25.16
C GLN A 138 -10.48 -10.42 24.19
N GLU A 139 -10.78 -9.22 23.81
CA GLU A 139 -11.79 -8.97 22.84
C GLU A 139 -11.22 -8.05 21.81
N PRO A 140 -10.81 -8.60 20.69
CA PRO A 140 -10.21 -7.82 19.66
C PRO A 140 -11.21 -7.11 18.78
N GLN A 141 -11.34 -5.81 18.99
CA GLN A 141 -12.05 -5.00 18.05
C GLN A 141 -11.06 -4.77 16.97
N LEU A 142 -11.17 -5.50 15.93
CA LEU A 142 -10.14 -5.52 14.97
C LEU A 142 -10.52 -4.76 13.72
N THR A 143 -9.58 -4.14 13.10
CA THR A 143 -9.87 -3.29 11.99
C THR A 143 -9.55 -4.01 10.68
N ILE A 144 -10.46 -3.97 9.76
CA ILE A 144 -10.26 -4.52 8.46
C ILE A 144 -10.18 -3.35 7.51
N ASP A 145 -9.07 -3.17 6.88
CA ASP A 145 -8.92 -2.05 6.00
C ASP A 145 -9.00 -2.49 4.57
N LEU A 146 -9.91 -1.89 3.85
CA LEU A 146 -10.06 -2.19 2.44
C LEU A 146 -9.56 -1.06 1.58
N ASP A 147 -8.57 -1.36 0.80
CA ASP A 147 -8.00 -0.44 -0.15
C ASP A 147 -8.51 -0.80 -1.53
N SER A 148 -9.14 0.11 -2.20
CA SER A 148 -9.71 -0.17 -3.52
C SER A 148 -9.28 0.88 -4.56
N ALA A 149 -9.28 0.51 -5.85
CA ALA A 149 -8.88 1.45 -6.89
C ALA A 149 -9.69 1.29 -8.16
N ASP A 150 -9.68 2.37 -8.94
CA ASP A 150 -10.41 2.49 -10.23
C ASP A 150 -10.09 1.38 -11.25
N PHE A 151 -8.89 0.80 -11.20
CA PHE A 151 -8.54 -0.27 -12.17
C PHE A 151 -9.21 -1.64 -11.84
N GLY A 152 -10.23 -1.61 -10.96
CA GLY A 152 -11.02 -2.80 -10.68
C GLY A 152 -10.38 -3.74 -9.71
N TYR A 153 -9.86 -3.23 -8.62
CA TYR A 153 -9.24 -4.07 -7.62
C TYR A 153 -9.37 -3.49 -6.21
N ALA A 154 -9.47 -4.38 -5.22
CA ALA A 154 -9.51 -4.02 -3.83
C ALA A 154 -8.70 -5.03 -3.02
N VAL A 155 -8.16 -4.61 -1.89
CA VAL A 155 -7.40 -5.49 -1.00
C VAL A 155 -7.94 -5.28 0.40
N GLY A 156 -7.85 -6.28 1.23
CA GLY A 156 -8.28 -6.14 2.58
C GLY A 156 -7.17 -6.58 3.50
N GLU A 157 -7.02 -5.93 4.61
CA GLU A 157 -6.00 -6.28 5.56
C GLU A 157 -6.66 -6.27 6.92
N VAL A 158 -6.48 -7.31 7.66
CA VAL A 158 -7.12 -7.43 8.94
C VAL A 158 -6.11 -7.21 10.04
N GLU A 159 -6.41 -6.28 10.90
CA GLU A 159 -5.58 -5.89 12.00
C GLU A 159 -6.24 -6.38 13.28
N ALA A 160 -5.57 -7.24 13.99
CA ALA A 160 -6.04 -7.73 15.27
C ALA A 160 -4.95 -7.61 16.33
N MET A 161 -5.34 -7.28 17.54
CA MET A 161 -4.40 -7.17 18.62
C MET A 161 -4.94 -7.94 19.83
N VAL A 162 -4.19 -8.93 20.27
CA VAL A 162 -4.59 -9.77 21.41
C VAL A 162 -3.68 -9.51 22.60
N HIS A 163 -4.23 -9.51 23.78
CA HIS A 163 -3.41 -9.18 24.97
C HIS A 163 -2.69 -10.44 25.47
N GLU A 164 -2.94 -11.52 24.81
CA GLU A 164 -2.31 -12.76 25.10
C GLU A 164 -1.76 -13.35 23.82
N LYS A 165 -0.47 -13.66 23.82
CA LYS A 165 0.18 -14.20 22.64
C LYS A 165 -0.20 -15.67 22.42
N ALA A 166 -0.69 -16.30 23.47
CA ALA A 166 -1.07 -17.70 23.41
C ALA A 166 -2.26 -17.94 22.49
N GLU A 167 -3.16 -16.95 22.39
CA GLU A 167 -4.35 -17.11 21.56
C GLU A 167 -4.17 -16.48 20.17
N VAL A 168 -2.95 -16.05 19.86
CA VAL A 168 -2.62 -15.48 18.55
C VAL A 168 -2.98 -16.45 17.40
N PRO A 169 -2.49 -17.73 17.42
CA PRO A 169 -2.82 -18.74 16.38
C PRO A 169 -4.34 -18.88 16.15
N ALA A 170 -5.12 -18.77 17.23
CA ALA A 170 -6.56 -18.88 17.16
C ALA A 170 -7.15 -17.68 16.43
N ALA A 171 -6.78 -16.48 16.87
CA ALA A 171 -7.26 -15.23 16.25
C ALA A 171 -6.81 -15.15 14.81
N LEU A 172 -5.59 -15.60 14.57
CA LEU A 172 -4.98 -15.62 13.25
C LEU A 172 -5.83 -16.42 12.26
N GLU A 173 -6.33 -17.56 12.70
CA GLU A 173 -7.11 -18.44 11.85
C GLU A 173 -8.51 -17.82 11.66
N LYS A 174 -9.02 -17.15 12.72
CA LYS A 174 -10.30 -16.44 12.64
C LYS A 174 -10.23 -15.37 11.55
N ILE A 175 -9.10 -14.67 11.51
CA ILE A 175 -8.85 -13.68 10.48
C ILE A 175 -8.91 -14.33 9.10
N ILE A 176 -8.23 -15.46 8.95
CA ILE A 176 -8.21 -16.22 7.70
C ILE A 176 -9.64 -16.65 7.32
N THR A 177 -10.43 -16.98 8.33
CA THR A 177 -11.81 -17.40 8.13
C THR A 177 -12.62 -16.27 7.46
N VAL A 178 -12.55 -15.07 8.04
CA VAL A 178 -13.24 -13.91 7.50
C VAL A 178 -12.71 -13.62 6.09
N SER A 179 -11.41 -13.74 5.94
CA SER A 179 -10.75 -13.52 4.68
C SER A 179 -11.27 -14.48 3.60
N SER A 180 -11.42 -15.74 3.95
CA SER A 180 -11.86 -16.75 3.00
C SER A 180 -13.33 -16.58 2.62
N MET A 181 -14.16 -16.01 3.49
CA MET A 181 -15.54 -15.81 3.13
C MET A 181 -15.71 -14.54 2.30
N LEU A 182 -14.87 -13.56 2.55
CA LEU A 182 -14.91 -12.33 1.78
C LEU A 182 -14.09 -12.44 0.50
N GLY A 183 -13.30 -13.49 0.39
CA GLY A 183 -12.50 -13.70 -0.80
C GLY A 183 -11.43 -14.74 -0.61
N VAL A 184 -10.20 -14.35 -0.80
CA VAL A 184 -9.06 -15.24 -0.69
C VAL A 184 -8.04 -14.66 0.27
N PRO A 185 -7.67 -15.40 1.33
CA PRO A 185 -6.67 -14.95 2.28
C PRO A 185 -5.28 -14.85 1.66
N ALA A 186 -4.63 -13.73 1.88
CA ALA A 186 -3.32 -13.48 1.38
C ALA A 186 -2.31 -13.78 2.51
N GLN A 187 -1.25 -13.06 2.52
CA GLN A 187 -0.17 -13.25 3.47
C GLN A 187 0.26 -11.86 3.84
N GLU A 188 1.54 -11.58 4.05
CA GLU A 188 1.88 -10.21 4.21
C GLU A 188 1.82 -9.52 2.84
N GLU A 189 2.97 -9.41 2.17
CA GLU A 189 3.15 -8.72 0.84
C GLU A 189 2.42 -7.36 0.68
N ALA A 190 1.11 -7.41 0.70
CA ALA A 190 0.21 -6.31 0.48
C ALA A 190 0.27 -5.84 -0.94
N PRO A 191 -0.59 -6.38 -1.80
CA PRO A 191 -0.64 -5.98 -3.15
C PRO A 191 -1.26 -4.60 -3.27
N ALA A 192 -0.40 -3.61 -3.15
CA ALA A 192 -0.78 -2.25 -3.29
C ALA A 192 -1.41 -2.07 -4.64
N LYS A 193 -2.18 -1.07 -4.78
CA LYS A 193 -2.85 -0.85 -6.03
C LYS A 193 -1.89 -0.59 -7.16
N LEU A 194 -0.85 0.16 -6.89
CA LEU A 194 0.16 0.44 -7.89
C LEU A 194 0.93 -0.88 -8.21
N MET A 195 0.98 -1.77 -7.21
CA MET A 195 1.54 -3.13 -7.36
C MET A 195 0.66 -3.94 -8.31
N VAL A 196 -0.64 -3.79 -8.15
CA VAL A 196 -1.61 -4.46 -9.00
C VAL A 196 -1.59 -3.88 -10.39
N TYR A 197 -1.40 -2.57 -10.47
CA TYR A 197 -1.15 -1.91 -11.72
C TYR A 197 0.03 -2.57 -12.40
N LEU A 198 1.06 -2.87 -11.64
CA LEU A 198 2.16 -3.56 -12.19
C LEU A 198 1.78 -5.00 -12.54
N GLN A 199 1.03 -5.69 -11.68
CA GLN A 199 0.56 -7.07 -12.00
C GLN A 199 -0.14 -7.11 -13.33
N ARG A 200 -0.95 -6.15 -13.51
CA ARG A 200 -1.75 -5.97 -14.69
C ARG A 200 -0.89 -5.70 -15.94
N PHE A 201 0.06 -4.79 -15.83
CA PHE A 201 0.87 -4.40 -16.99
C PHE A 201 2.28 -5.04 -17.05
N ARG A 202 2.96 -5.11 -15.93
CA ARG A 202 4.35 -5.62 -15.83
C ARG A 202 4.42 -6.87 -14.92
N PRO A 203 4.46 -8.07 -15.45
CA PRO A 203 4.57 -9.27 -14.61
C PRO A 203 5.93 -9.34 -13.91
N LEU A 204 6.96 -8.86 -14.57
CA LEU A 204 8.27 -8.84 -13.97
C LEU A 204 8.32 -7.70 -12.95
N ASP A 205 7.95 -6.47 -13.37
CA ASP A 205 8.14 -5.30 -12.53
C ASP A 205 7.37 -5.36 -11.22
N TYR A 206 6.19 -5.98 -11.22
CA TYR A 206 5.47 -6.08 -9.97
C TYR A 206 6.23 -6.99 -9.03
N GLN A 207 6.77 -8.09 -9.57
CA GLN A 207 7.41 -9.06 -8.74
C GLN A 207 8.77 -8.58 -8.24
N ARG A 208 9.53 -7.92 -9.09
CA ARG A 208 10.85 -7.40 -8.69
C ARG A 208 10.68 -6.44 -7.49
N LEU A 209 9.61 -5.66 -7.53
CA LEU A 209 9.23 -4.79 -6.44
C LEU A 209 8.72 -5.62 -5.27
N LEU A 210 7.91 -6.61 -5.59
CA LEU A 210 7.32 -7.52 -4.62
C LEU A 210 8.36 -8.24 -3.77
N GLU A 211 9.40 -8.76 -4.42
CA GLU A 211 10.44 -9.51 -3.69
C GLU A 211 11.14 -8.59 -2.68
N ALA A 212 11.19 -7.33 -3.04
CA ALA A 212 11.84 -6.32 -2.20
C ALA A 212 10.86 -5.73 -1.17
N ALA A 213 9.59 -5.91 -1.40
CA ALA A 213 8.53 -5.39 -0.56
C ALA A 213 7.62 -6.53 -0.08
N SER A 214 8.21 -7.69 0.14
CA SER A 214 7.45 -8.88 0.48
C SER A 214 6.80 -8.84 1.87
N SER A 215 7.14 -7.85 2.66
CA SER A 215 6.55 -7.72 3.94
C SER A 215 5.70 -6.46 4.04
N GLY A 216 4.51 -6.55 3.51
CA GLY A 216 3.56 -5.47 3.58
C GLY A 216 2.82 -5.50 4.89
N GLU A 217 3.50 -5.10 5.94
CA GLU A 217 2.97 -5.13 7.27
C GLU A 217 2.14 -3.89 7.54
N ALA A 218 0.89 -4.10 7.89
CA ALA A 218 -0.01 -3.04 8.23
C ALA A 218 0.10 -2.77 9.71
N THR A 219 0.55 -1.59 10.05
CA THR A 219 0.77 -1.21 11.43
C THR A 219 -0.56 -1.19 12.21
N GLY A 220 -0.54 -1.78 13.42
CA GLY A 220 -1.73 -1.84 14.24
C GLY A 220 -2.12 -0.48 14.72
N ASP A 221 -3.03 0.11 14.05
CA ASP A 221 -3.46 1.45 14.34
C ASP A 221 -4.95 1.50 14.21
N SER A 222 -5.61 1.52 15.34
CA SER A 222 -7.05 1.54 15.40
C SER A 222 -7.59 2.73 14.62
N ALA A 223 -8.44 2.45 13.65
CA ALA A 223 -9.06 3.47 12.82
C ALA A 223 -9.88 4.43 13.68
N SER A 224 -10.41 3.90 14.78
CA SER A 224 -11.13 4.64 15.78
C SER A 224 -11.13 3.81 17.07
N SER A 1 9.36 -9.96 20.18
CA SER A 1 7.99 -10.46 20.16
C SER A 1 7.04 -9.41 20.72
N ALA A 2 5.80 -9.46 20.30
CA ALA A 2 4.78 -8.56 20.82
C ALA A 2 4.26 -9.10 22.13
N GLN A 3 4.04 -8.23 23.07
CA GLN A 3 3.56 -8.61 24.38
C GLN A 3 2.43 -7.70 24.80
N GLY A 4 1.59 -8.17 25.66
CA GLY A 4 0.41 -7.44 26.00
C GLY A 4 -0.65 -7.76 25.00
N LEU A 5 -0.94 -6.82 24.14
CA LEU A 5 -1.81 -7.07 23.02
C LEU A 5 -0.96 -7.46 21.80
N ILE A 6 -0.95 -8.74 21.52
CA ILE A 6 -0.16 -9.32 20.43
C ILE A 6 -0.85 -9.09 19.09
N GLU A 7 -0.10 -8.56 18.15
CA GLU A 7 -0.61 -8.28 16.82
C GLU A 7 -0.62 -9.53 15.98
N VAL A 8 -1.79 -9.95 15.61
CA VAL A 8 -1.96 -11.03 14.69
C VAL A 8 -2.45 -10.46 13.36
N GLU A 9 -1.62 -10.57 12.36
CA GLU A 9 -1.90 -9.97 11.08
C GLU A 9 -2.02 -11.00 10.01
N ARG A 10 -3.03 -10.84 9.20
CA ARG A 10 -3.20 -11.55 7.97
C ARG A 10 -3.97 -10.77 6.99
N LYS A 11 -3.81 -11.12 5.78
CA LYS A 11 -4.26 -10.34 4.70
C LYS A 11 -5.13 -11.19 3.83
N PHE A 12 -5.93 -10.57 3.00
CA PHE A 12 -6.82 -11.29 2.13
C PHE A 12 -7.13 -10.48 0.89
N ALA A 13 -7.50 -11.17 -0.14
CA ALA A 13 -7.96 -10.57 -1.35
C ALA A 13 -9.47 -10.67 -1.35
N PRO A 14 -10.14 -9.55 -1.11
CA PRO A 14 -11.59 -9.51 -0.98
C PRO A 14 -12.31 -9.55 -2.32
N GLY A 15 -13.60 -9.77 -2.26
CA GLY A 15 -14.42 -9.75 -3.44
C GLY A 15 -14.93 -8.34 -3.71
N PRO A 16 -15.76 -8.15 -4.75
CA PRO A 16 -16.23 -6.83 -5.15
C PRO A 16 -17.32 -6.24 -4.25
N ASP A 17 -17.83 -7.02 -3.29
CA ASP A 17 -18.91 -6.53 -2.45
C ASP A 17 -18.54 -6.60 -0.97
N THR A 18 -17.26 -6.79 -0.71
CA THR A 18 -16.72 -6.90 0.63
C THR A 18 -17.12 -5.70 1.53
N GLU A 19 -17.00 -4.48 1.03
CA GLU A 19 -17.37 -3.28 1.80
C GLU A 19 -18.82 -3.38 2.25
N GLU A 20 -19.67 -3.74 1.31
CA GLU A 20 -21.08 -3.89 1.56
C GLU A 20 -21.33 -5.05 2.53
N ARG A 21 -20.62 -6.15 2.31
CA ARG A 21 -20.74 -7.32 3.12
C ARG A 21 -20.31 -7.01 4.56
N LEU A 22 -19.25 -6.22 4.71
CA LEU A 22 -18.77 -5.78 6.04
C LEU A 22 -19.84 -5.05 6.81
N GLN A 23 -20.57 -4.19 6.12
CA GLN A 23 -21.69 -3.47 6.72
C GLN A 23 -22.73 -4.46 7.24
N GLU A 24 -22.94 -5.52 6.49
CA GLU A 24 -23.86 -6.58 6.86
C GLU A 24 -23.29 -7.44 8.01
N LEU A 25 -21.99 -7.70 7.96
CA LEU A 25 -21.29 -8.49 8.98
C LEU A 25 -21.23 -7.74 10.30
N GLY A 26 -21.30 -6.43 10.21
CA GLY A 26 -21.31 -5.61 11.37
C GLY A 26 -19.99 -4.92 11.61
N ALA A 27 -19.14 -4.83 10.59
CA ALA A 27 -17.89 -4.14 10.74
C ALA A 27 -18.14 -2.66 10.66
N THR A 28 -17.61 -1.96 11.57
CA THR A 28 -17.79 -0.57 11.70
C THR A 28 -16.78 0.19 10.84
N LEU A 29 -17.29 0.87 9.83
CA LEU A 29 -16.49 1.72 9.00
C LEU A 29 -16.04 2.89 9.81
N GLU A 30 -14.77 2.94 10.12
CA GLU A 30 -14.29 4.01 10.95
C GLU A 30 -13.67 5.12 10.15
N HIS A 31 -12.93 4.77 9.15
CA HIS A 31 -12.19 5.74 8.38
C HIS A 31 -12.11 5.30 6.96
N ARG A 32 -12.16 6.24 6.07
CA ARG A 32 -12.01 5.97 4.68
C ARG A 32 -11.33 7.11 3.98
N VAL A 33 -10.52 6.78 3.03
CA VAL A 33 -9.75 7.76 2.31
C VAL A 33 -9.94 7.53 0.81
N THR A 34 -10.03 8.60 0.07
CA THR A 34 -10.18 8.54 -1.36
C THR A 34 -9.39 9.65 -2.02
N PHE A 35 -8.51 9.28 -2.93
CA PHE A 35 -7.70 10.24 -3.65
C PHE A 35 -7.22 9.59 -4.93
N ARG A 36 -6.93 10.39 -5.91
CA ARG A 36 -6.47 9.90 -7.18
C ARG A 36 -4.94 9.82 -7.19
N ASP A 37 -4.43 8.76 -7.71
CA ASP A 37 -2.99 8.57 -7.82
C ASP A 37 -2.62 8.68 -9.26
N THR A 38 -1.75 9.57 -9.55
CA THR A 38 -1.31 9.77 -10.88
C THR A 38 0.20 9.58 -10.96
N TYR A 39 0.61 8.56 -11.66
CA TYR A 39 2.00 8.27 -11.77
C TYR A 39 2.61 8.75 -13.03
N TYR A 40 3.81 9.25 -12.87
CA TYR A 40 4.61 9.75 -13.95
C TYR A 40 5.84 8.93 -14.07
N ASP A 41 6.39 8.93 -15.25
CA ASP A 41 7.52 8.16 -15.58
C ASP A 41 8.09 8.74 -16.86
N THR A 42 9.25 8.35 -17.20
CA THR A 42 9.91 8.73 -18.40
C THR A 42 9.19 7.97 -19.59
N SER A 43 9.56 8.24 -20.82
CA SER A 43 8.84 7.69 -21.98
C SER A 43 8.89 6.15 -22.10
N GLU A 44 9.88 5.53 -21.52
CA GLU A 44 10.06 4.09 -21.66
C GLU A 44 9.82 3.38 -20.34
N LEU A 45 9.32 4.11 -19.35
CA LEU A 45 9.11 3.59 -17.99
C LEU A 45 10.39 3.18 -17.32
N SER A 46 11.40 3.97 -17.55
CA SER A 46 12.66 3.80 -16.93
C SER A 46 12.59 4.18 -15.45
N LEU A 47 11.74 5.17 -15.14
CA LEU A 47 11.67 5.78 -13.81
C LEU A 47 11.16 4.76 -12.78
N MET A 48 9.98 4.21 -13.05
CA MET A 48 9.27 3.25 -12.18
C MET A 48 10.08 1.98 -12.07
N LEU A 49 10.73 1.63 -13.14
CA LEU A 49 11.47 0.40 -13.22
C LEU A 49 12.82 0.54 -12.51
N SER A 50 13.13 1.76 -12.12
CA SER A 50 14.37 2.11 -11.46
C SER A 50 14.15 2.29 -9.94
N ASP A 51 13.00 1.80 -9.44
CA ASP A 51 12.61 1.88 -8.00
C ASP A 51 12.18 3.28 -7.62
N HIS A 52 12.06 4.16 -8.59
CA HIS A 52 11.61 5.48 -8.30
C HIS A 52 10.17 5.65 -8.73
N TRP A 53 9.37 6.05 -7.81
CA TRP A 53 7.98 6.22 -8.03
C TRP A 53 7.66 7.70 -7.94
N LEU A 54 6.82 8.20 -8.81
CA LEU A 54 6.38 9.58 -8.73
C LEU A 54 4.91 9.66 -8.92
N ARG A 55 4.25 10.25 -7.96
CA ARG A 55 2.82 10.35 -8.02
C ARG A 55 2.34 11.70 -7.53
N GLN A 56 1.36 12.23 -8.19
CA GLN A 56 0.64 13.37 -7.70
C GLN A 56 -0.57 12.77 -7.04
N ARG A 57 -0.67 12.91 -5.74
CA ARG A 57 -1.76 12.35 -5.05
C ARG A 57 -2.88 13.36 -4.98
N GLU A 58 -3.82 13.17 -5.91
CA GLU A 58 -4.95 14.04 -6.16
C GLU A 58 -4.46 15.44 -6.64
N GLY A 59 -4.00 16.19 -5.72
CA GLY A 59 -3.42 17.48 -5.93
C GLY A 59 -3.05 18.01 -4.60
N SER A 60 -2.71 17.05 -3.77
CA SER A 60 -2.43 17.27 -2.38
C SER A 60 -0.94 17.35 -2.21
N GLY A 61 -0.25 17.37 -3.31
CA GLY A 61 1.15 17.42 -3.28
C GLY A 61 1.73 16.30 -4.08
N TRP A 62 2.92 16.49 -4.51
CA TRP A 62 3.61 15.51 -5.26
C TRP A 62 4.34 14.61 -4.33
N GLU A 63 4.44 13.37 -4.67
CA GLU A 63 5.05 12.44 -3.80
C GLU A 63 5.93 11.56 -4.62
N LEU A 64 7.07 11.24 -4.11
CA LEU A 64 7.91 10.35 -4.81
C LEU A 64 8.48 9.34 -3.87
N LYS A 65 8.50 8.12 -4.29
CA LYS A 65 9.08 7.10 -3.51
C LYS A 65 10.38 6.70 -4.15
N CYS A 66 11.36 6.48 -3.35
CA CYS A 66 12.67 6.16 -3.83
C CYS A 66 13.16 5.01 -2.97
N PRO A 67 14.13 4.19 -3.43
CA PRO A 67 14.68 3.05 -2.65
C PRO A 67 15.47 3.46 -1.39
N GLY A 68 15.23 4.67 -0.91
CA GLY A 68 15.89 5.19 0.28
C GLY A 68 17.13 5.95 -0.04
N VAL A 69 17.56 5.78 -1.24
CA VAL A 69 18.66 6.51 -1.74
C VAL A 69 18.15 7.87 -2.14
N THR A 70 18.76 8.83 -1.59
CA THR A 70 18.44 10.19 -1.79
C THR A 70 19.70 11.00 -1.45
N GLY A 71 20.55 11.10 -2.43
CA GLY A 71 21.84 11.72 -2.21
C GLY A 71 22.84 10.66 -1.79
N VAL A 72 22.48 9.93 -0.75
CA VAL A 72 23.26 8.81 -0.28
C VAL A 72 23.08 7.59 -1.20
N SER A 73 24.03 7.43 -2.09
CA SER A 73 24.04 6.37 -3.08
C SER A 73 24.45 5.02 -2.46
N GLY A 74 23.76 4.64 -1.40
CA GLY A 74 24.03 3.39 -0.74
C GLY A 74 23.30 2.23 -1.40
N PRO A 75 23.55 0.98 -0.96
CA PRO A 75 22.87 -0.19 -1.51
C PRO A 75 21.46 -0.29 -0.94
N HIS A 76 20.63 0.63 -1.41
CA HIS A 76 19.24 0.89 -0.99
C HIS A 76 19.12 1.17 0.52
N ASN A 77 18.06 1.81 0.90
CA ASN A 77 17.97 2.31 2.26
C ASN A 77 16.50 2.35 2.70
N GLU A 78 15.73 1.36 2.20
CA GLU A 78 14.27 1.24 2.42
C GLU A 78 13.52 2.37 1.72
N TYR A 79 12.34 2.07 1.17
CA TYR A 79 11.63 3.07 0.38
C TYR A 79 11.24 4.30 1.19
N VAL A 80 11.70 5.42 0.71
CA VAL A 80 11.42 6.72 1.29
C VAL A 80 10.40 7.43 0.43
N GLU A 81 9.47 8.11 1.07
CA GLU A 81 8.41 8.78 0.36
C GLU A 81 8.40 10.27 0.69
N VAL A 82 8.84 11.08 -0.26
CA VAL A 82 8.87 12.52 -0.08
C VAL A 82 7.66 13.19 -0.71
N THR A 83 6.99 14.01 0.07
CA THR A 83 5.78 14.69 -0.35
C THR A 83 6.03 16.20 -0.56
N SER A 84 7.27 16.61 -0.46
CA SER A 84 7.60 18.02 -0.57
C SER A 84 8.20 18.34 -1.94
N GLU A 85 7.64 19.38 -2.60
CA GLU A 85 8.04 19.80 -3.97
C GLU A 85 9.54 20.03 -4.10
N ALA A 86 10.13 20.67 -3.12
CA ALA A 86 11.56 20.96 -3.15
C ALA A 86 12.39 19.69 -3.30
N ALA A 87 11.98 18.65 -2.58
CA ALA A 87 12.66 17.39 -2.64
C ALA A 87 12.40 16.70 -3.96
N ILE A 88 11.17 16.84 -4.46
CA ILE A 88 10.78 16.24 -5.73
C ILE A 88 11.67 16.80 -6.84
N VAL A 89 11.73 18.12 -6.90
CA VAL A 89 12.51 18.84 -7.90
C VAL A 89 13.98 18.44 -7.88
N ALA A 90 14.53 18.31 -6.69
CA ALA A 90 15.92 17.91 -6.52
C ALA A 90 16.14 16.50 -7.04
N GLN A 91 15.26 15.58 -6.65
CA GLN A 91 15.34 14.19 -7.08
C GLN A 91 15.18 14.07 -8.58
N LEU A 92 14.14 14.66 -9.14
CA LEU A 92 13.87 14.58 -10.58
C LEU A 92 15.03 15.07 -11.42
N PHE A 93 15.70 16.11 -10.95
CA PHE A 93 16.87 16.61 -11.63
C PHE A 93 18.03 15.65 -11.64
N GLU A 94 18.31 15.03 -10.52
CA GLU A 94 19.41 14.08 -10.48
C GLU A 94 19.04 12.76 -11.18
N LEU A 95 17.77 12.38 -11.09
CA LEU A 95 17.28 11.14 -11.68
C LEU A 95 17.32 11.20 -13.20
N LEU A 96 16.84 12.30 -13.76
CA LEU A 96 16.81 12.42 -15.21
C LEU A 96 18.08 13.05 -15.76
N GLY A 97 18.91 13.55 -14.88
CA GLY A 97 20.12 14.24 -15.31
C GLY A 97 19.82 15.69 -15.55
N SER A 98 18.83 15.91 -16.41
CA SER A 98 18.27 17.19 -16.69
C SER A 98 19.21 18.10 -17.48
N GLY A 99 20.17 18.71 -16.80
CA GLY A 99 21.04 19.67 -17.44
C GLY A 99 20.33 20.98 -17.70
N GLU A 100 19.10 21.04 -17.23
CA GLU A 100 18.23 22.17 -17.41
C GLU A 100 18.37 23.13 -16.26
N GLN A 101 17.57 24.16 -16.31
CA GLN A 101 17.48 25.14 -15.26
C GLN A 101 16.55 24.59 -14.20
N LYS A 102 16.87 24.73 -12.95
CA LYS A 102 16.02 24.19 -11.94
C LYS A 102 14.88 25.18 -11.65
N PRO A 103 13.61 24.72 -11.76
CA PRO A 103 12.42 25.59 -11.62
C PRO A 103 11.94 25.78 -10.18
N ALA A 104 12.23 24.79 -9.33
CA ALA A 104 11.82 24.76 -7.91
C ALA A 104 10.34 24.37 -7.72
N GLY A 105 9.71 23.91 -8.78
CA GLY A 105 8.35 23.42 -8.70
C GLY A 105 8.21 22.19 -9.56
N VAL A 106 7.42 21.24 -9.11
CA VAL A 106 7.32 19.95 -9.78
C VAL A 106 6.66 20.05 -11.15
N ALA A 107 5.59 20.85 -11.25
CA ALA A 107 4.85 20.99 -12.50
C ALA A 107 5.75 21.48 -13.62
N ALA A 108 6.71 22.31 -13.27
CA ALA A 108 7.65 22.82 -14.23
C ALA A 108 8.71 21.76 -14.59
N VAL A 109 9.23 21.01 -13.59
CA VAL A 109 10.26 19.97 -13.89
C VAL A 109 9.63 18.88 -14.73
N LEU A 110 8.35 18.67 -14.49
CA LEU A 110 7.57 17.68 -15.15
C LEU A 110 7.56 17.94 -16.65
N GLY A 111 7.26 19.17 -17.02
CA GLY A 111 7.23 19.58 -18.41
C GLY A 111 8.61 19.64 -19.02
N SER A 112 9.55 20.13 -18.24
CA SER A 112 10.93 20.29 -18.70
C SER A 112 11.55 18.93 -19.05
N LEU A 113 11.26 17.93 -18.24
CA LEU A 113 11.83 16.61 -18.43
C LEU A 113 10.91 15.73 -19.28
N LYS A 114 9.71 16.24 -19.55
CA LYS A 114 8.69 15.57 -20.38
C LYS A 114 8.24 14.26 -19.78
N LEU A 115 7.86 14.31 -18.54
CA LEU A 115 7.39 13.15 -17.83
C LEU A 115 5.93 12.93 -18.14
N GLN A 116 5.60 11.73 -18.50
CA GLN A 116 4.24 11.41 -18.87
C GLN A 116 3.52 10.81 -17.68
N GLU A 117 2.25 11.08 -17.59
CA GLU A 117 1.43 10.45 -16.61
C GLU A 117 1.06 9.11 -17.20
N VAL A 118 1.76 8.10 -16.76
CA VAL A 118 1.65 6.78 -17.31
C VAL A 118 0.45 6.03 -16.73
N ALA A 119 0.08 6.33 -15.51
CA ALA A 119 -1.04 5.65 -14.89
C ALA A 119 -1.79 6.56 -13.96
N SER A 120 -3.07 6.62 -14.14
CA SER A 120 -3.92 7.42 -13.32
C SER A 120 -5.12 6.58 -12.86
N PHE A 121 -5.23 6.44 -11.57
CA PHE A 121 -6.26 5.64 -10.92
C PHE A 121 -6.65 6.25 -9.59
N ILE A 122 -7.64 5.69 -8.95
CA ILE A 122 -8.14 6.22 -7.69
C ILE A 122 -7.98 5.20 -6.57
N THR A 123 -7.51 5.68 -5.42
CA THR A 123 -7.39 4.88 -4.24
C THR A 123 -8.64 5.02 -3.39
N THR A 124 -9.36 3.95 -3.27
CA THR A 124 -10.47 3.91 -2.39
C THR A 124 -10.09 2.98 -1.24
N ARG A 125 -9.88 3.53 -0.09
CA ARG A 125 -9.41 2.77 1.04
C ARG A 125 -10.32 3.03 2.23
N SER A 126 -10.73 2.00 2.90
CA SER A 126 -11.62 2.13 4.02
C SER A 126 -11.26 1.11 5.10
N SER A 127 -11.26 1.55 6.34
CA SER A 127 -10.93 0.70 7.46
C SER A 127 -12.21 0.37 8.22
N TRP A 128 -12.41 -0.90 8.44
CA TRP A 128 -13.58 -1.43 9.08
C TRP A 128 -13.18 -2.24 10.28
N LYS A 129 -13.61 -1.86 11.44
CA LYS A 129 -13.29 -2.64 12.61
C LYS A 129 -14.52 -3.28 13.16
N LEU A 130 -14.37 -4.37 13.80
CA LEU A 130 -15.48 -5.16 14.24
C LEU A 130 -15.12 -5.77 15.58
N ALA A 131 -16.06 -5.77 16.50
CA ALA A 131 -15.85 -6.41 17.77
C ALA A 131 -16.39 -7.82 17.68
N LEU A 132 -15.51 -8.79 17.67
CA LEU A 132 -15.92 -10.16 17.45
C LEU A 132 -16.36 -10.83 18.72
N SER A 133 -17.34 -11.67 18.57
CA SER A 133 -17.87 -12.45 19.64
C SER A 133 -18.77 -13.51 19.00
N GLY A 134 -18.14 -14.59 18.56
CA GLY A 134 -18.84 -15.67 17.92
C GLY A 134 -19.74 -16.44 18.85
N ALA A 135 -20.99 -15.98 18.94
CA ALA A 135 -22.05 -16.57 19.77
C ALA A 135 -21.80 -16.37 21.27
N HIS A 136 -20.71 -16.89 21.76
CA HIS A 136 -20.35 -16.79 23.15
C HIS A 136 -18.86 -16.56 23.28
N GLY A 137 -18.49 -15.77 24.25
CA GLY A 137 -17.09 -15.47 24.47
C GLY A 137 -16.67 -14.26 23.68
N GLN A 138 -15.79 -13.46 24.24
CA GLN A 138 -15.35 -12.26 23.58
C GLN A 138 -14.08 -12.51 22.81
N GLU A 139 -14.10 -12.11 21.58
CA GLU A 139 -12.97 -12.18 20.71
C GLU A 139 -12.44 -10.74 20.58
N PRO A 140 -11.23 -10.53 20.06
CA PRO A 140 -10.67 -9.17 19.95
C PRO A 140 -11.45 -8.22 19.02
N GLN A 141 -11.25 -6.94 19.25
CA GLN A 141 -11.81 -5.90 18.41
C GLN A 141 -10.77 -5.60 17.38
N LEU A 142 -10.95 -6.10 16.21
CA LEU A 142 -9.93 -6.00 15.22
C LEU A 142 -10.34 -5.07 14.09
N THR A 143 -9.36 -4.53 13.42
CA THR A 143 -9.61 -3.60 12.34
C THR A 143 -9.15 -4.20 11.00
N ILE A 144 -10.03 -4.14 10.03
CA ILE A 144 -9.82 -4.65 8.70
C ILE A 144 -9.72 -3.47 7.75
N ASP A 145 -8.61 -3.31 7.13
CA ASP A 145 -8.45 -2.19 6.21
C ASP A 145 -8.53 -2.66 4.79
N LEU A 146 -9.49 -2.12 4.06
CA LEU A 146 -9.65 -2.44 2.65
C LEU A 146 -9.13 -1.35 1.79
N ASP A 147 -8.32 -1.71 0.88
CA ASP A 147 -7.74 -0.80 -0.07
C ASP A 147 -8.08 -1.23 -1.48
N SER A 148 -8.46 -0.33 -2.32
CA SER A 148 -8.83 -0.67 -3.67
C SER A 148 -8.32 0.33 -4.71
N ALA A 149 -8.08 -0.17 -5.92
CA ALA A 149 -7.59 0.61 -7.03
C ALA A 149 -8.55 0.53 -8.18
N ASP A 150 -8.73 1.64 -8.85
CA ASP A 150 -9.63 1.76 -10.01
C ASP A 150 -9.44 0.67 -11.09
N PHE A 151 -8.18 0.32 -11.41
CA PHE A 151 -7.90 -0.66 -12.48
C PHE A 151 -8.30 -2.12 -12.18
N GLY A 152 -8.81 -2.39 -10.98
CA GLY A 152 -9.27 -3.74 -10.67
C GLY A 152 -8.46 -4.42 -9.58
N TYR A 153 -8.40 -3.79 -8.45
CA TYR A 153 -7.64 -4.30 -7.32
C TYR A 153 -8.26 -3.92 -6.01
N ALA A 154 -8.30 -4.85 -5.10
CA ALA A 154 -8.74 -4.62 -3.75
C ALA A 154 -7.98 -5.54 -2.83
N VAL A 155 -7.57 -5.05 -1.70
CA VAL A 155 -6.86 -5.82 -0.72
C VAL A 155 -7.50 -5.59 0.63
N GLY A 156 -7.38 -6.54 1.51
CA GLY A 156 -7.85 -6.38 2.84
C GLY A 156 -6.80 -6.82 3.81
N GLU A 157 -6.64 -6.10 4.89
CA GLU A 157 -5.66 -6.43 5.88
C GLU A 157 -6.35 -6.49 7.21
N VAL A 158 -6.22 -7.61 7.89
CA VAL A 158 -6.87 -7.78 9.15
C VAL A 158 -5.86 -7.66 10.25
N GLU A 159 -6.05 -6.71 11.11
CA GLU A 159 -5.17 -6.54 12.21
C GLU A 159 -5.95 -6.69 13.51
N ALA A 160 -5.56 -7.68 14.28
CA ALA A 160 -6.16 -7.97 15.57
C ALA A 160 -5.08 -8.05 16.61
N MET A 161 -5.39 -7.65 17.81
CA MET A 161 -4.45 -7.78 18.88
C MET A 161 -5.11 -8.48 20.05
N VAL A 162 -4.46 -9.50 20.50
CA VAL A 162 -4.96 -10.32 21.59
C VAL A 162 -4.10 -10.14 22.81
N HIS A 163 -4.70 -10.13 23.95
CA HIS A 163 -3.96 -9.85 25.16
C HIS A 163 -3.32 -11.13 25.70
N GLU A 164 -3.84 -12.26 25.31
CA GLU A 164 -3.27 -13.51 25.73
C GLU A 164 -2.76 -14.18 24.51
N LYS A 165 -1.67 -14.83 24.63
CA LYS A 165 -1.14 -15.56 23.50
C LYS A 165 -1.94 -16.85 23.30
N ALA A 166 -2.65 -17.24 24.33
CA ALA A 166 -3.45 -18.46 24.30
C ALA A 166 -4.63 -18.34 23.33
N GLU A 167 -5.06 -17.11 23.09
CA GLU A 167 -6.19 -16.90 22.20
C GLU A 167 -5.73 -16.57 20.77
N VAL A 168 -4.41 -16.56 20.56
CA VAL A 168 -3.83 -16.33 19.23
C VAL A 168 -4.38 -17.34 18.18
N PRO A 169 -4.31 -18.69 18.44
CA PRO A 169 -4.81 -19.71 17.49
C PRO A 169 -6.28 -19.47 17.12
N ALA A 170 -7.05 -19.05 18.10
CA ALA A 170 -8.48 -18.83 17.91
C ALA A 170 -8.73 -17.61 17.04
N ALA A 171 -8.11 -16.49 17.40
CA ALA A 171 -8.29 -15.24 16.66
C ALA A 171 -7.78 -15.40 15.24
N LEU A 172 -6.62 -16.02 15.10
CA LEU A 172 -5.94 -16.21 13.82
C LEU A 172 -6.88 -16.92 12.82
N GLU A 173 -7.43 -18.05 13.22
CA GLU A 173 -8.29 -18.79 12.31
C GLU A 173 -9.63 -18.12 12.08
N LYS A 174 -10.16 -17.45 13.10
CA LYS A 174 -11.37 -16.71 12.96
C LYS A 174 -11.18 -15.61 11.89
N ILE A 175 -10.01 -14.97 11.91
CA ILE A 175 -9.63 -13.99 10.91
C ILE A 175 -9.67 -14.60 9.53
N ILE A 176 -9.03 -15.74 9.38
CA ILE A 176 -8.94 -16.43 8.10
C ILE A 176 -10.31 -16.92 7.63
N THR A 177 -11.15 -17.31 8.57
CA THR A 177 -12.50 -17.72 8.25
C THR A 177 -13.27 -16.53 7.63
N VAL A 178 -13.20 -15.37 8.30
CA VAL A 178 -13.85 -14.18 7.80
C VAL A 178 -13.22 -13.72 6.47
N SER A 179 -11.92 -13.86 6.38
CA SER A 179 -11.19 -13.51 5.17
C SER A 179 -11.61 -14.40 3.99
N SER A 180 -11.85 -15.67 4.26
CA SER A 180 -12.26 -16.60 3.24
C SER A 180 -13.72 -16.32 2.86
N MET A 181 -14.48 -15.81 3.82
CA MET A 181 -15.87 -15.44 3.60
C MET A 181 -15.94 -14.15 2.77
N LEU A 182 -14.93 -13.33 2.87
CA LEU A 182 -14.87 -12.09 2.11
C LEU A 182 -14.00 -12.22 0.87
N GLY A 183 -13.45 -13.39 0.66
CA GLY A 183 -12.62 -13.60 -0.49
C GLY A 183 -11.65 -14.73 -0.28
N VAL A 184 -10.38 -14.46 -0.47
CA VAL A 184 -9.37 -15.47 -0.31
C VAL A 184 -8.16 -14.90 0.46
N PRO A 185 -7.64 -15.63 1.47
CA PRO A 185 -6.47 -15.19 2.25
C PRO A 185 -5.22 -14.90 1.40
N ALA A 186 -4.44 -13.95 1.84
CA ALA A 186 -3.22 -13.55 1.20
C ALA A 186 -2.07 -13.63 2.22
N GLN A 187 -0.92 -13.01 1.90
CA GLN A 187 0.28 -13.14 2.75
C GLN A 187 1.34 -12.09 2.36
N GLU A 188 1.18 -11.58 1.16
CA GLU A 188 2.10 -10.62 0.55
C GLU A 188 2.18 -9.30 1.32
N GLU A 189 3.12 -8.46 0.93
CA GLU A 189 3.36 -7.18 1.58
C GLU A 189 2.34 -6.12 1.21
N ALA A 190 1.37 -6.51 0.38
CA ALA A 190 0.31 -5.63 -0.13
C ALA A 190 0.89 -4.62 -1.12
N PRO A 191 0.53 -4.75 -2.38
CA PRO A 191 0.99 -3.86 -3.40
C PRO A 191 0.38 -2.50 -3.27
N ALA A 192 1.12 -1.50 -3.60
CA ALA A 192 0.56 -0.21 -3.71
C ALA A 192 -0.24 -0.20 -5.01
N LYS A 193 -1.08 0.80 -5.22
CA LYS A 193 -1.94 0.86 -6.44
C LYS A 193 -1.09 0.61 -7.69
N LEU A 194 -0.05 1.39 -7.78
CA LEU A 194 0.81 1.41 -8.92
C LEU A 194 1.62 0.10 -9.07
N MET A 195 1.81 -0.62 -7.98
CA MET A 195 2.48 -1.90 -8.07
C MET A 195 1.57 -2.92 -8.73
N VAL A 196 0.29 -2.74 -8.54
CA VAL A 196 -0.72 -3.53 -9.23
C VAL A 196 -0.65 -3.25 -10.71
N TYR A 197 -0.40 -1.98 -11.05
CA TYR A 197 -0.14 -1.60 -12.44
C TYR A 197 0.97 -2.46 -12.99
N LEU A 198 1.96 -2.74 -12.15
CA LEU A 198 2.97 -3.62 -12.58
C LEU A 198 2.47 -5.04 -12.68
N GLN A 199 1.80 -5.56 -11.67
CA GLN A 199 1.29 -6.97 -11.73
C GLN A 199 0.49 -7.21 -12.99
N ARG A 200 -0.35 -6.29 -13.28
CA ARG A 200 -1.21 -6.34 -14.43
C ARG A 200 -0.48 -6.17 -15.77
N PHE A 201 0.35 -5.13 -15.90
CA PHE A 201 0.97 -4.81 -17.20
C PHE A 201 2.44 -5.25 -17.32
N ARG A 202 3.11 -5.36 -16.21
CA ARG A 202 4.54 -5.70 -16.12
C ARG A 202 4.77 -6.71 -15.00
N PRO A 203 4.18 -7.92 -15.11
CA PRO A 203 4.24 -8.89 -14.03
C PRO A 203 5.65 -9.25 -13.67
N LEU A 204 6.50 -9.40 -14.64
CA LEU A 204 7.87 -9.68 -14.36
C LEU A 204 8.61 -8.52 -13.83
N ASP A 205 8.28 -7.32 -14.28
CA ASP A 205 8.99 -6.16 -13.74
C ASP A 205 8.58 -6.03 -12.28
N TYR A 206 7.33 -6.34 -12.02
CA TYR A 206 6.79 -6.42 -10.69
C TYR A 206 7.52 -7.49 -9.87
N GLN A 207 7.61 -8.70 -10.38
CA GLN A 207 8.28 -9.78 -9.69
C GLN A 207 9.73 -9.51 -9.42
N ARG A 208 10.44 -8.96 -10.39
CA ARG A 208 11.85 -8.62 -10.18
C ARG A 208 12.01 -7.66 -8.99
N LEU A 209 11.11 -6.72 -8.86
CA LEU A 209 11.07 -5.84 -7.68
C LEU A 209 10.58 -6.59 -6.42
N LEU A 210 9.43 -7.25 -6.56
CA LEU A 210 8.79 -7.91 -5.46
C LEU A 210 9.65 -8.97 -4.85
N GLU A 211 10.13 -9.88 -5.67
CA GLU A 211 10.87 -11.03 -5.21
C GLU A 211 12.22 -10.62 -4.64
N ALA A 212 12.73 -9.50 -5.12
CA ALA A 212 14.02 -9.00 -4.65
C ALA A 212 13.92 -8.54 -3.21
N ALA A 213 12.76 -8.01 -2.85
CA ALA A 213 12.51 -7.61 -1.49
C ALA A 213 11.90 -8.79 -0.75
N SER A 214 10.93 -9.39 -1.41
CA SER A 214 10.15 -10.49 -0.93
C SER A 214 9.38 -10.09 0.33
N SER A 215 10.02 -10.26 1.47
CA SER A 215 9.49 -9.96 2.82
C SER A 215 8.14 -10.71 3.19
N GLY A 216 7.24 -10.85 2.23
CA GLY A 216 5.92 -11.41 2.45
C GLY A 216 5.86 -12.90 2.67
N GLU A 217 6.41 -13.34 3.76
CA GLU A 217 6.28 -14.70 4.19
C GLU A 217 5.49 -14.71 5.49
N ALA A 218 4.23 -14.35 5.37
CA ALA A 218 3.35 -14.23 6.52
C ALA A 218 2.86 -15.58 6.99
N THR A 219 3.59 -16.12 7.93
CA THR A 219 3.25 -17.37 8.53
C THR A 219 4.18 -17.58 9.72
N GLY A 220 3.85 -18.53 10.51
CA GLY A 220 4.56 -18.89 11.69
C GLY A 220 3.65 -19.75 12.45
N ASP A 221 2.48 -19.19 12.66
CA ASP A 221 1.30 -19.87 13.16
C ASP A 221 1.51 -20.64 14.44
N SER A 222 1.29 -19.97 15.53
CA SER A 222 1.36 -20.60 16.80
C SER A 222 -0.02 -21.16 17.15
N ALA A 223 -0.25 -22.39 16.75
CA ALA A 223 -1.52 -23.06 16.94
C ALA A 223 -1.32 -24.55 16.93
N SER A 224 -0.90 -25.06 15.81
CA SER A 224 -0.63 -26.45 15.66
C SER A 224 0.72 -26.60 14.99
N SER A 1 8.60 -10.73 20.39
CA SER A 1 8.26 -11.31 21.67
C SER A 1 6.85 -11.89 21.63
N ALA A 2 6.48 -12.59 22.69
CA ALA A 2 5.17 -13.20 22.76
C ALA A 2 4.43 -12.75 24.01
N GLN A 3 5.16 -12.28 24.98
CA GLN A 3 4.54 -11.75 26.16
C GLN A 3 4.23 -10.27 25.97
N GLY A 4 3.10 -10.04 25.36
CA GLY A 4 2.65 -8.72 25.06
C GLY A 4 1.57 -8.83 24.04
N LEU A 5 1.19 -7.73 23.44
CA LEU A 5 0.18 -7.76 22.41
C LEU A 5 0.80 -8.09 21.06
N ILE A 6 0.55 -9.28 20.60
CA ILE A 6 1.02 -9.75 19.32
C ILE A 6 0.10 -9.21 18.27
N GLU A 7 0.66 -8.64 17.24
CA GLU A 7 -0.12 -8.19 16.13
C GLU A 7 -0.42 -9.38 15.28
N VAL A 8 -1.65 -9.72 15.19
CA VAL A 8 -2.03 -10.74 14.29
C VAL A 8 -2.75 -10.09 13.14
N GLU A 9 -2.14 -10.16 12.01
CA GLU A 9 -2.67 -9.55 10.86
C GLU A 9 -2.66 -10.51 9.72
N ARG A 10 -3.48 -10.26 8.76
CA ARG A 10 -3.49 -11.06 7.58
C ARG A 10 -3.96 -10.19 6.46
N LYS A 11 -3.69 -10.61 5.27
CA LYS A 11 -4.07 -9.93 4.10
C LYS A 11 -5.18 -10.73 3.46
N PHE A 12 -6.07 -10.07 2.81
CA PHE A 12 -7.05 -10.77 2.05
C PHE A 12 -7.35 -10.00 0.79
N ALA A 13 -7.60 -10.72 -0.28
CA ALA A 13 -7.94 -10.12 -1.54
C ALA A 13 -9.41 -10.37 -1.83
N PRO A 14 -10.26 -9.41 -1.50
CA PRO A 14 -11.69 -9.50 -1.68
C PRO A 14 -12.17 -8.89 -2.99
N GLY A 15 -13.41 -9.16 -3.33
CA GLY A 15 -13.99 -8.62 -4.53
C GLY A 15 -14.56 -7.23 -4.27
N PRO A 16 -14.81 -6.43 -5.34
CA PRO A 16 -15.25 -5.01 -5.26
C PRO A 16 -16.25 -4.64 -4.14
N ASP A 17 -17.21 -5.51 -3.87
CA ASP A 17 -18.26 -5.26 -2.85
C ASP A 17 -17.81 -5.63 -1.42
N THR A 18 -16.54 -5.41 -1.10
CA THR A 18 -16.01 -5.75 0.19
C THR A 18 -16.69 -4.92 1.30
N GLU A 19 -16.72 -3.59 1.15
CA GLU A 19 -17.34 -2.72 2.13
C GLU A 19 -18.80 -3.07 2.37
N GLU A 20 -19.52 -3.34 1.27
CA GLU A 20 -20.92 -3.70 1.37
C GLU A 20 -21.09 -4.98 2.17
N ARG A 21 -20.21 -5.93 1.91
CA ARG A 21 -20.23 -7.20 2.57
C ARG A 21 -19.92 -7.01 4.05
N LEU A 22 -18.92 -6.18 4.35
CA LEU A 22 -18.52 -5.85 5.72
C LEU A 22 -19.67 -5.32 6.54
N GLN A 23 -20.45 -4.44 5.95
CA GLN A 23 -21.63 -3.89 6.58
C GLN A 23 -22.57 -5.03 6.98
N GLU A 24 -22.78 -5.94 6.05
CA GLU A 24 -23.65 -7.07 6.27
C GLU A 24 -23.03 -8.10 7.24
N LEU A 25 -21.71 -8.25 7.19
CA LEU A 25 -21.01 -9.18 8.07
C LEU A 25 -20.97 -8.66 9.49
N GLY A 26 -21.05 -7.37 9.64
CA GLY A 26 -21.11 -6.79 10.95
C GLY A 26 -19.95 -5.88 11.32
N ALA A 27 -19.13 -5.49 10.36
CA ALA A 27 -18.05 -4.59 10.67
C ALA A 27 -18.55 -3.15 10.65
N THR A 28 -17.99 -2.33 11.51
CA THR A 28 -18.35 -0.95 11.59
C THR A 28 -17.32 -0.12 10.84
N LEU A 29 -17.71 1.02 10.37
CA LEU A 29 -16.83 1.86 9.59
C LEU A 29 -16.20 2.91 10.50
N GLU A 30 -14.88 2.99 10.50
CA GLU A 30 -14.22 4.01 11.29
C GLU A 30 -13.66 5.14 10.45
N HIS A 31 -13.21 4.84 9.23
CA HIS A 31 -12.58 5.84 8.38
C HIS A 31 -12.85 5.61 6.91
N ARG A 32 -12.85 6.70 6.15
CA ARG A 32 -13.09 6.71 4.70
C ARG A 32 -12.28 7.80 4.04
N VAL A 33 -11.45 7.43 3.10
CA VAL A 33 -10.66 8.37 2.31
C VAL A 33 -10.65 7.96 0.85
N THR A 34 -10.63 8.93 -0.02
CA THR A 34 -10.58 8.72 -1.46
C THR A 34 -9.65 9.74 -2.08
N PHE A 35 -8.78 9.31 -2.97
CA PHE A 35 -7.83 10.21 -3.62
C PHE A 35 -7.61 9.69 -5.00
N ARG A 36 -6.87 10.41 -5.78
CA ARG A 36 -6.46 9.95 -7.07
C ARG A 36 -4.95 9.84 -7.04
N ASP A 37 -4.43 8.72 -7.45
CA ASP A 37 -3.00 8.51 -7.46
C ASP A 37 -2.52 8.54 -8.87
N THR A 38 -1.70 9.50 -9.17
CA THR A 38 -1.17 9.62 -10.48
C THR A 38 0.33 9.34 -10.49
N TYR A 39 0.70 8.26 -11.12
CA TYR A 39 2.08 7.84 -11.20
C TYR A 39 2.70 8.24 -12.49
N TYR A 40 3.88 8.78 -12.37
CA TYR A 40 4.66 9.17 -13.51
C TYR A 40 5.91 8.38 -13.57
N ASP A 41 6.38 8.23 -14.76
CA ASP A 41 7.56 7.50 -15.07
C ASP A 41 7.92 7.94 -16.48
N THR A 42 9.08 7.62 -16.92
CA THR A 42 9.52 7.93 -18.24
C THR A 42 8.75 7.03 -19.22
N SER A 43 8.95 7.22 -20.49
CA SER A 43 8.31 6.40 -21.48
C SER A 43 8.81 4.95 -21.43
N GLU A 44 9.93 4.72 -20.76
CA GLU A 44 10.56 3.41 -20.75
C GLU A 44 10.37 2.74 -19.38
N LEU A 45 9.71 3.44 -18.47
CA LEU A 45 9.56 3.01 -17.08
C LEU A 45 10.89 2.83 -16.41
N SER A 46 11.71 3.83 -16.61
CA SER A 46 13.00 3.90 -16.05
C SER A 46 12.92 4.22 -14.55
N LEU A 47 11.93 5.03 -14.18
CA LEU A 47 11.81 5.59 -12.84
C LEU A 47 11.41 4.49 -11.85
N MET A 48 10.30 3.83 -12.16
CA MET A 48 9.65 2.81 -11.34
C MET A 48 10.61 1.67 -11.02
N LEU A 49 11.37 1.28 -12.02
CA LEU A 49 12.30 0.17 -11.89
C LEU A 49 13.63 0.59 -11.25
N SER A 50 13.82 1.88 -11.06
CA SER A 50 15.03 2.38 -10.42
C SER A 50 14.78 2.72 -8.95
N ASP A 51 13.66 2.20 -8.42
CA ASP A 51 13.26 2.40 -7.01
C ASP A 51 12.78 3.82 -6.73
N HIS A 52 12.55 4.59 -7.78
CA HIS A 52 12.03 5.92 -7.62
C HIS A 52 10.60 5.95 -8.08
N TRP A 53 9.72 5.91 -7.13
CA TRP A 53 8.29 5.86 -7.42
C TRP A 53 7.73 7.26 -7.29
N LEU A 54 6.95 7.74 -8.24
CA LEU A 54 6.45 9.09 -8.16
C LEU A 54 4.97 9.11 -8.29
N ARG A 55 4.28 9.54 -7.27
CA ARG A 55 2.85 9.59 -7.34
C ARG A 55 2.36 10.96 -6.84
N GLN A 56 1.41 11.50 -7.51
CA GLN A 56 0.74 12.68 -7.06
C GLN A 56 -0.62 12.29 -6.56
N ARG A 57 -0.87 12.52 -5.30
CA ARG A 57 -2.10 12.12 -4.74
C ARG A 57 -3.07 13.28 -4.71
N GLU A 58 -4.05 13.26 -5.62
CA GLU A 58 -5.17 14.26 -5.72
C GLU A 58 -4.71 15.71 -5.88
N GLY A 59 -3.46 15.92 -6.19
CA GLY A 59 -2.94 17.27 -6.29
C GLY A 59 -2.63 17.79 -4.90
N SER A 60 -2.52 16.87 -3.97
CA SER A 60 -2.26 17.16 -2.60
C SER A 60 -0.81 16.92 -2.23
N GLY A 61 -0.01 16.52 -3.18
CA GLY A 61 1.38 16.36 -2.90
C GLY A 61 2.05 15.39 -3.80
N TRP A 62 3.13 15.85 -4.39
CA TRP A 62 3.96 15.02 -5.21
C TRP A 62 4.83 14.18 -4.32
N GLU A 63 4.71 12.90 -4.45
CA GLU A 63 5.45 12.02 -3.62
C GLU A 63 6.48 11.33 -4.47
N LEU A 64 7.69 11.34 -4.05
CA LEU A 64 8.70 10.59 -4.72
C LEU A 64 9.30 9.66 -3.73
N LYS A 65 9.38 8.45 -4.11
CA LYS A 65 9.89 7.45 -3.28
C LYS A 65 11.32 7.22 -3.68
N CYS A 66 12.17 7.25 -2.73
CA CYS A 66 13.56 6.97 -2.97
C CYS A 66 14.00 5.95 -1.95
N PRO A 67 14.88 5.02 -2.33
CA PRO A 67 15.36 3.94 -1.42
C PRO A 67 16.31 4.47 -0.32
N GLY A 68 16.08 5.68 0.13
CA GLY A 68 16.91 6.29 1.13
C GLY A 68 18.09 6.93 0.51
N VAL A 69 18.89 6.13 -0.10
CA VAL A 69 20.02 6.59 -0.85
C VAL A 69 19.63 6.63 -2.32
N THR A 70 19.81 7.78 -2.92
CA THR A 70 19.35 7.97 -4.26
C THR A 70 20.41 7.53 -5.30
N GLY A 71 21.64 7.98 -5.13
CA GLY A 71 22.68 7.70 -6.10
C GLY A 71 23.31 6.35 -5.87
N VAL A 72 22.98 5.73 -4.77
CA VAL A 72 23.49 4.40 -4.47
C VAL A 72 22.52 3.35 -5.01
N SER A 73 21.24 3.74 -5.05
CA SER A 73 20.13 2.88 -5.49
C SER A 73 20.06 1.54 -4.74
N GLY A 74 19.32 1.52 -3.67
CA GLY A 74 19.17 0.33 -2.89
C GLY A 74 18.55 0.65 -1.57
N PRO A 75 17.53 -0.12 -1.13
CA PRO A 75 16.80 0.11 0.16
C PRO A 75 17.67 -0.11 1.44
N HIS A 76 18.93 0.26 1.38
CA HIS A 76 19.87 0.09 2.50
C HIS A 76 19.50 1.04 3.65
N ASN A 77 18.72 2.04 3.32
CA ASN A 77 18.34 3.07 4.28
C ASN A 77 16.79 3.14 4.37
N GLU A 78 16.13 2.10 3.81
CA GLU A 78 14.64 1.99 3.72
C GLU A 78 14.14 3.12 2.76
N TYR A 79 12.92 3.08 2.32
CA TYR A 79 12.45 4.08 1.40
C TYR A 79 12.09 5.37 2.11
N VAL A 80 12.72 6.42 1.71
CA VAL A 80 12.47 7.73 2.21
C VAL A 80 11.51 8.41 1.27
N GLU A 81 10.39 8.80 1.78
CA GLU A 81 9.36 9.40 0.98
C GLU A 81 9.52 10.90 0.99
N VAL A 82 9.91 11.46 -0.12
CA VAL A 82 10.02 12.89 -0.20
C VAL A 82 8.78 13.45 -0.88
N THR A 83 8.12 14.37 -0.23
CA THR A 83 6.91 14.95 -0.76
C THR A 83 7.04 16.45 -0.96
N SER A 84 8.16 17.00 -0.54
CA SER A 84 8.41 18.41 -0.72
C SER A 84 8.79 18.65 -2.19
N GLU A 85 8.06 19.54 -2.88
CA GLU A 85 8.31 19.82 -4.30
C GLU A 85 9.75 20.16 -4.61
N ALA A 86 10.36 20.94 -3.74
CA ALA A 86 11.76 21.34 -3.93
C ALA A 86 12.68 20.12 -3.97
N ALA A 87 12.32 19.10 -3.21
CA ALA A 87 13.08 17.88 -3.17
C ALA A 87 12.77 17.04 -4.40
N ILE A 88 11.49 17.04 -4.81
CA ILE A 88 11.05 16.29 -5.98
C ILE A 88 11.79 16.82 -7.19
N VAL A 89 11.73 18.13 -7.36
CA VAL A 89 12.35 18.83 -8.48
C VAL A 89 13.85 18.54 -8.55
N ALA A 90 14.51 18.58 -7.40
CA ALA A 90 15.93 18.28 -7.32
C ALA A 90 16.19 16.86 -7.81
N GLN A 91 15.46 15.90 -7.23
CA GLN A 91 15.59 14.49 -7.60
C GLN A 91 15.27 14.28 -9.07
N LEU A 92 14.14 14.78 -9.51
CA LEU A 92 13.67 14.60 -10.89
C LEU A 92 14.67 15.15 -11.91
N PHE A 93 15.22 16.30 -11.64
CA PHE A 93 16.24 16.87 -12.51
C PHE A 93 17.48 16.00 -12.59
N GLU A 94 17.96 15.51 -11.47
CA GLU A 94 19.15 14.69 -11.49
C GLU A 94 18.85 13.25 -11.98
N LEU A 95 17.63 12.76 -11.71
CA LEU A 95 17.21 11.43 -12.16
C LEU A 95 17.08 11.39 -13.67
N LEU A 96 16.51 12.45 -14.24
CA LEU A 96 16.31 12.49 -15.68
C LEU A 96 17.47 13.09 -16.43
N GLY A 97 18.36 13.76 -15.71
CA GLY A 97 19.47 14.39 -16.36
C GLY A 97 19.00 15.57 -17.14
N SER A 98 18.41 16.49 -16.45
CA SER A 98 17.81 17.62 -17.06
C SER A 98 18.81 18.74 -17.33
N GLY A 99 19.21 19.45 -16.28
CA GLY A 99 20.08 20.59 -16.44
C GLY A 99 19.32 21.80 -16.98
N GLU A 100 18.02 21.63 -17.15
CA GLU A 100 17.15 22.64 -17.69
C GLU A 100 16.79 23.68 -16.67
N GLN A 101 15.88 24.57 -17.05
CA GLN A 101 15.40 25.61 -16.17
C GLN A 101 14.77 24.94 -14.95
N LYS A 102 15.33 25.14 -13.77
CA LYS A 102 14.75 24.49 -12.65
C LYS A 102 13.57 25.32 -12.12
N PRO A 103 12.39 24.70 -12.06
CA PRO A 103 11.14 25.39 -11.68
C PRO A 103 10.88 25.47 -10.17
N ALA A 104 11.31 24.44 -9.46
CA ALA A 104 11.08 24.27 -7.99
C ALA A 104 9.65 23.78 -7.70
N GLY A 105 8.85 23.70 -8.73
CA GLY A 105 7.52 23.13 -8.65
C GLY A 105 7.48 21.91 -9.54
N VAL A 106 6.90 20.85 -9.08
CA VAL A 106 6.92 19.58 -9.80
C VAL A 106 6.11 19.63 -11.09
N ALA A 107 5.02 20.37 -11.10
CA ALA A 107 4.15 20.43 -12.27
C ALA A 107 4.90 20.92 -13.51
N ALA A 108 5.89 21.78 -13.29
CA ALA A 108 6.68 22.30 -14.37
C ALA A 108 7.78 21.31 -14.78
N VAL A 109 8.41 20.59 -13.81
CA VAL A 109 9.46 19.62 -14.16
C VAL A 109 8.85 18.47 -14.93
N LEU A 110 7.61 18.21 -14.60
CA LEU A 110 6.84 17.14 -15.14
C LEU A 110 6.75 17.29 -16.66
N GLY A 111 6.38 18.49 -17.09
CA GLY A 111 6.29 18.78 -18.49
C GLY A 111 7.64 18.87 -19.18
N SER A 112 8.63 19.40 -18.45
CA SER A 112 9.98 19.60 -18.98
C SER A 112 10.67 18.25 -19.19
N LEU A 113 10.43 17.33 -18.29
CA LEU A 113 11.04 16.02 -18.37
C LEU A 113 10.19 15.08 -19.22
N LYS A 114 8.96 15.53 -19.50
CA LYS A 114 8.00 14.84 -20.35
C LYS A 114 7.72 13.44 -19.76
N LEU A 115 7.40 13.42 -18.50
CA LEU A 115 7.07 12.18 -17.85
C LEU A 115 5.64 11.85 -18.13
N GLN A 116 5.38 10.60 -18.37
CA GLN A 116 4.06 10.18 -18.70
C GLN A 116 3.35 9.76 -17.45
N GLU A 117 2.08 10.07 -17.35
CA GLU A 117 1.30 9.58 -16.29
C GLU A 117 0.94 8.16 -16.67
N VAL A 118 1.80 7.26 -16.25
CA VAL A 118 1.77 5.89 -16.64
C VAL A 118 0.63 5.14 -15.96
N ALA A 119 0.24 5.60 -14.80
CA ALA A 119 -0.82 4.94 -14.08
C ALA A 119 -1.56 5.91 -13.23
N SER A 120 -2.87 5.88 -13.30
CA SER A 120 -3.69 6.71 -12.48
C SER A 120 -4.76 5.85 -11.83
N PHE A 121 -4.79 5.88 -10.53
CA PHE A 121 -5.72 5.08 -9.78
C PHE A 121 -6.55 6.01 -8.95
N ILE A 122 -7.68 5.57 -8.55
CA ILE A 122 -8.46 6.27 -7.58
C ILE A 122 -8.52 5.33 -6.41
N THR A 123 -8.29 5.79 -5.20
CA THR A 123 -8.35 4.88 -4.14
C THR A 123 -9.51 5.16 -3.25
N THR A 124 -10.18 4.14 -2.89
CA THR A 124 -11.18 4.22 -1.91
C THR A 124 -10.68 3.39 -0.74
N ARG A 125 -10.31 4.05 0.30
CA ARG A 125 -9.71 3.41 1.43
C ARG A 125 -10.62 3.60 2.60
N SER A 126 -10.90 2.55 3.27
CA SER A 126 -11.82 2.56 4.35
C SER A 126 -11.32 1.68 5.44
N SER A 127 -11.46 2.12 6.64
CA SER A 127 -11.04 1.33 7.75
C SER A 127 -12.28 0.84 8.49
N TRP A 128 -12.34 -0.44 8.71
CA TRP A 128 -13.47 -1.10 9.32
C TRP A 128 -13.06 -1.76 10.60
N LYS A 129 -13.97 -1.91 11.50
CA LYS A 129 -13.69 -2.58 12.76
C LYS A 129 -14.83 -3.46 13.20
N LEU A 130 -14.49 -4.57 13.75
CA LEU A 130 -15.47 -5.56 14.14
C LEU A 130 -15.06 -6.11 15.51
N ALA A 131 -15.96 -6.03 16.46
CA ALA A 131 -15.71 -6.53 17.80
C ALA A 131 -16.03 -8.01 17.85
N LEU A 132 -15.02 -8.82 18.06
CA LEU A 132 -15.20 -10.26 18.05
C LEU A 132 -15.51 -10.77 19.46
N SER A 133 -16.50 -11.63 19.57
CA SER A 133 -16.86 -12.27 20.83
C SER A 133 -17.69 -13.53 20.57
N GLY A 134 -17.02 -14.65 20.34
CA GLY A 134 -17.70 -15.90 20.11
C GLY A 134 -16.98 -17.09 20.71
N ALA A 135 -17.67 -17.81 21.59
CA ALA A 135 -17.19 -19.04 22.26
C ALA A 135 -16.06 -18.77 23.27
N HIS A 136 -15.79 -17.51 23.50
CA HIS A 136 -14.73 -17.12 24.44
C HIS A 136 -15.19 -16.04 25.38
N GLY A 137 -16.43 -15.65 25.26
CA GLY A 137 -16.97 -14.59 26.09
C GLY A 137 -16.63 -13.23 25.53
N GLN A 138 -15.35 -12.91 25.51
CA GLN A 138 -14.90 -11.63 25.01
C GLN A 138 -13.60 -11.88 24.24
N GLU A 139 -13.51 -11.38 23.03
CA GLU A 139 -12.35 -11.57 22.17
C GLU A 139 -11.89 -10.19 21.67
N PRO A 140 -10.77 -10.07 20.92
CA PRO A 140 -10.28 -8.76 20.47
C PRO A 140 -11.19 -8.05 19.47
N GLN A 141 -11.28 -6.75 19.64
CA GLN A 141 -11.93 -5.91 18.66
C GLN A 141 -10.89 -5.57 17.65
N LEU A 142 -11.12 -5.95 16.43
CA LEU A 142 -10.11 -5.79 15.46
C LEU A 142 -10.53 -4.87 14.32
N THR A 143 -9.57 -4.24 13.72
CA THR A 143 -9.79 -3.35 12.63
C THR A 143 -9.28 -3.96 11.30
N ILE A 144 -10.12 -3.85 10.30
CA ILE A 144 -9.88 -4.35 8.98
C ILE A 144 -9.73 -3.14 8.08
N ASP A 145 -8.60 -2.98 7.50
CA ASP A 145 -8.34 -1.82 6.68
C ASP A 145 -8.46 -2.19 5.22
N LEU A 146 -9.18 -1.40 4.46
CA LEU A 146 -9.38 -1.63 3.05
C LEU A 146 -8.88 -0.52 2.18
N ASP A 147 -8.06 -0.87 1.21
CA ASP A 147 -7.57 0.08 0.19
C ASP A 147 -7.95 -0.43 -1.20
N SER A 148 -8.66 0.36 -1.98
CA SER A 148 -9.04 -0.10 -3.30
C SER A 148 -8.58 0.85 -4.41
N ALA A 149 -7.94 0.29 -5.42
CA ALA A 149 -7.50 1.02 -6.60
C ALA A 149 -8.39 0.72 -7.79
N ASP A 150 -8.60 1.73 -8.62
CA ASP A 150 -9.44 1.68 -9.84
C ASP A 150 -9.18 0.46 -10.76
N PHE A 151 -7.92 0.02 -10.90
CA PHE A 151 -7.60 -1.14 -11.79
C PHE A 151 -8.10 -2.52 -11.27
N GLY A 152 -9.01 -2.49 -10.30
CA GLY A 152 -9.59 -3.73 -9.81
C GLY A 152 -8.79 -4.30 -8.69
N TYR A 153 -8.52 -3.49 -7.72
CA TYR A 153 -7.75 -3.88 -6.58
C TYR A 153 -8.37 -3.40 -5.31
N ALA A 154 -8.66 -4.31 -4.45
CA ALA A 154 -9.14 -4.02 -3.14
C ALA A 154 -8.36 -4.87 -2.19
N VAL A 155 -7.74 -4.27 -1.24
CA VAL A 155 -6.99 -5.02 -0.28
C VAL A 155 -7.69 -4.96 1.05
N GLY A 156 -7.59 -6.00 1.79
CA GLY A 156 -8.06 -5.98 3.11
C GLY A 156 -6.97 -6.40 4.04
N GLU A 157 -6.85 -5.72 5.13
CA GLU A 157 -5.84 -6.02 6.11
C GLU A 157 -6.53 -6.15 7.42
N VAL A 158 -6.42 -7.26 8.04
CA VAL A 158 -7.10 -7.46 9.31
C VAL A 158 -6.10 -7.40 10.41
N GLU A 159 -6.25 -6.46 11.32
CA GLU A 159 -5.34 -6.31 12.42
C GLU A 159 -6.04 -6.50 13.76
N ALA A 160 -5.59 -7.48 14.51
CA ALA A 160 -6.00 -7.71 15.88
C ALA A 160 -4.74 -7.83 16.73
N MET A 161 -4.79 -7.47 18.00
CA MET A 161 -3.63 -7.65 18.86
C MET A 161 -4.02 -8.48 20.05
N VAL A 162 -3.32 -9.56 20.24
CA VAL A 162 -3.61 -10.50 21.30
C VAL A 162 -2.50 -10.49 22.34
N HIS A 163 -2.86 -10.58 23.60
CA HIS A 163 -1.88 -10.42 24.68
C HIS A 163 -1.23 -11.76 25.03
N GLU A 164 -1.62 -12.79 24.33
CA GLU A 164 -1.02 -14.09 24.51
C GLU A 164 -0.99 -14.81 23.19
N LYS A 165 0.00 -15.65 23.00
CA LYS A 165 0.16 -16.35 21.74
C LYS A 165 -0.87 -17.49 21.60
N ALA A 166 -1.43 -17.90 22.72
CA ALA A 166 -2.40 -18.99 22.74
C ALA A 166 -3.65 -18.67 21.91
N GLU A 167 -4.07 -17.42 21.92
CA GLU A 167 -5.27 -17.04 21.21
C GLU A 167 -4.96 -16.56 19.79
N VAL A 168 -3.66 -16.60 19.41
CA VAL A 168 -3.24 -16.23 18.04
C VAL A 168 -3.94 -17.09 16.99
N PRO A 169 -3.81 -18.47 17.06
CA PRO A 169 -4.50 -19.35 16.11
C PRO A 169 -6.01 -19.12 16.09
N ALA A 170 -6.57 -18.84 17.26
CA ALA A 170 -7.98 -18.59 17.40
C ALA A 170 -8.39 -17.36 16.59
N ALA A 171 -7.74 -16.24 16.88
CA ALA A 171 -8.01 -15.00 16.20
C ALA A 171 -7.70 -15.11 14.71
N LEU A 172 -6.49 -15.56 14.41
CA LEU A 172 -6.00 -15.63 13.04
C LEU A 172 -6.86 -16.53 12.15
N GLU A 173 -7.22 -17.71 12.63
CA GLU A 173 -8.01 -18.60 11.80
C GLU A 173 -9.42 -18.07 11.55
N LYS A 174 -9.99 -17.37 12.53
CA LYS A 174 -11.29 -16.73 12.31
C LYS A 174 -11.16 -15.66 11.24
N ILE A 175 -10.04 -14.93 11.31
CA ILE A 175 -9.70 -13.90 10.32
C ILE A 175 -9.64 -14.51 8.92
N ILE A 176 -8.93 -15.62 8.78
CA ILE A 176 -8.76 -16.27 7.47
C ILE A 176 -10.11 -16.79 6.96
N THR A 177 -10.94 -17.24 7.88
CA THR A 177 -12.25 -17.75 7.54
C THR A 177 -13.12 -16.64 6.92
N VAL A 178 -13.14 -15.47 7.56
CA VAL A 178 -13.87 -14.32 7.04
C VAL A 178 -13.27 -13.89 5.72
N SER A 179 -11.96 -13.82 5.68
CA SER A 179 -11.23 -13.41 4.51
C SER A 179 -11.52 -14.33 3.31
N SER A 180 -11.67 -15.61 3.56
CA SER A 180 -11.89 -16.57 2.51
C SER A 180 -13.35 -16.52 1.99
N MET A 181 -14.28 -16.09 2.82
CA MET A 181 -15.65 -15.94 2.32
C MET A 181 -15.83 -14.60 1.64
N LEU A 182 -14.97 -13.68 1.98
CA LEU A 182 -15.01 -12.35 1.43
C LEU A 182 -14.10 -12.25 0.20
N GLY A 183 -13.30 -13.27 0.01
CA GLY A 183 -12.40 -13.31 -1.12
C GLY A 183 -11.38 -14.43 -0.98
N VAL A 184 -10.15 -14.11 -1.22
CA VAL A 184 -9.08 -15.08 -1.13
C VAL A 184 -8.06 -14.60 -0.10
N PRO A 185 -7.70 -15.46 0.87
CA PRO A 185 -6.70 -15.10 1.89
C PRO A 185 -5.31 -14.96 1.25
N ALA A 186 -4.56 -13.99 1.71
CA ALA A 186 -3.25 -13.72 1.16
C ALA A 186 -2.28 -13.44 2.29
N GLN A 187 -1.01 -13.32 1.97
CA GLN A 187 -0.01 -13.05 2.99
C GLN A 187 0.18 -11.57 3.06
N GLU A 188 0.74 -11.08 4.13
CA GLU A 188 0.88 -9.66 4.27
C GLU A 188 2.12 -9.20 3.48
N GLU A 189 1.93 -9.04 2.18
CA GLU A 189 2.95 -8.57 1.27
C GLU A 189 2.55 -7.20 0.74
N ALA A 190 1.37 -6.73 1.23
CA ALA A 190 0.75 -5.43 0.87
C ALA A 190 1.02 -4.95 -0.55
N PRO A 191 0.17 -5.32 -1.52
CA PRO A 191 0.37 -4.88 -2.87
C PRO A 191 0.09 -3.40 -3.01
N ALA A 192 1.14 -2.61 -3.05
CA ALA A 192 1.01 -1.19 -3.28
C ALA A 192 0.33 -0.97 -4.64
N LYS A 193 -0.14 0.24 -4.89
CA LYS A 193 -0.86 0.55 -6.14
C LYS A 193 -0.08 0.07 -7.35
N LEU A 194 1.19 0.43 -7.41
CA LEU A 194 2.01 -0.03 -8.50
C LEU A 194 2.32 -1.52 -8.51
N MET A 195 2.27 -2.18 -7.36
CA MET A 195 2.49 -3.64 -7.34
C MET A 195 1.32 -4.31 -8.04
N VAL A 196 0.17 -3.68 -7.94
CA VAL A 196 -1.02 -4.11 -8.63
C VAL A 196 -0.88 -3.79 -10.11
N TYR A 197 -0.38 -2.58 -10.38
CA TYR A 197 -0.10 -2.14 -11.74
C TYR A 197 0.80 -3.12 -12.42
N LEU A 198 1.84 -3.51 -11.72
CA LEU A 198 2.76 -4.41 -12.27
C LEU A 198 2.16 -5.80 -12.46
N GLN A 199 1.51 -6.36 -11.44
CA GLN A 199 0.97 -7.73 -11.61
C GLN A 199 -0.03 -7.83 -12.77
N ARG A 200 -0.81 -6.78 -12.97
CA ARG A 200 -1.75 -6.71 -14.04
C ARG A 200 -1.05 -6.55 -15.41
N PHE A 201 -0.19 -5.57 -15.52
CA PHE A 201 0.37 -5.18 -16.83
C PHE A 201 1.76 -5.78 -17.15
N ARG A 202 2.46 -6.23 -16.14
CA ARG A 202 3.84 -6.67 -16.25
C ARG A 202 4.22 -7.61 -15.08
N PRO A 203 3.65 -8.85 -15.10
CA PRO A 203 3.76 -9.82 -13.98
C PRO A 203 5.19 -10.19 -13.60
N LEU A 204 6.04 -10.37 -14.57
CA LEU A 204 7.41 -10.74 -14.28
C LEU A 204 8.15 -9.61 -13.69
N ASP A 205 7.90 -8.43 -14.20
CA ASP A 205 8.54 -7.22 -13.70
C ASP A 205 8.14 -7.06 -12.24
N TYR A 206 6.88 -7.30 -11.98
CA TYR A 206 6.30 -7.31 -10.65
C TYR A 206 6.97 -8.34 -9.73
N GLN A 207 7.04 -9.58 -10.16
CA GLN A 207 7.64 -10.64 -9.36
C GLN A 207 9.10 -10.42 -9.07
N ARG A 208 9.82 -9.96 -10.07
CA ARG A 208 11.24 -9.66 -9.93
C ARG A 208 11.49 -8.65 -8.81
N LEU A 209 10.61 -7.67 -8.73
CA LEU A 209 10.61 -6.71 -7.64
C LEU A 209 10.08 -7.34 -6.34
N LEU A 210 8.91 -7.94 -6.42
CA LEU A 210 8.17 -8.50 -5.27
C LEU A 210 8.92 -9.58 -4.52
N GLU A 211 9.54 -10.50 -5.24
CA GLU A 211 10.26 -11.60 -4.58
C GLU A 211 11.38 -11.06 -3.70
N ALA A 212 11.88 -9.92 -4.07
CA ALA A 212 12.91 -9.25 -3.30
C ALA A 212 12.23 -8.37 -2.24
N ALA A 213 11.27 -7.59 -2.67
CA ALA A 213 10.53 -6.71 -1.82
C ALA A 213 9.22 -7.34 -1.41
N SER A 214 9.28 -8.21 -0.44
CA SER A 214 8.09 -8.90 0.01
C SER A 214 7.32 -8.06 1.02
N SER A 215 8.01 -7.03 1.54
CA SER A 215 7.46 -6.09 2.53
C SER A 215 7.24 -6.77 3.89
N GLY A 216 6.27 -7.67 3.95
CA GLY A 216 6.00 -8.38 5.17
C GLY A 216 6.71 -9.70 5.18
N GLU A 217 6.67 -10.38 6.29
CA GLU A 217 7.32 -11.64 6.41
C GLU A 217 6.31 -12.78 6.39
N ALA A 218 6.53 -13.74 5.48
CA ALA A 218 5.61 -14.85 5.23
C ALA A 218 5.30 -15.64 6.49
N THR A 219 6.28 -15.81 7.34
CA THR A 219 6.08 -16.49 8.58
C THR A 219 6.99 -15.95 9.68
N GLY A 220 6.40 -15.20 10.58
CA GLY A 220 7.12 -14.65 11.69
C GLY A 220 6.34 -14.89 12.95
N ASP A 221 6.72 -15.93 13.66
CA ASP A 221 6.02 -16.28 14.89
C ASP A 221 6.38 -15.36 16.03
N SER A 222 7.66 -15.28 16.34
CA SER A 222 8.19 -14.44 17.42
C SER A 222 7.75 -14.98 18.80
N ALA A 223 8.69 -15.51 19.55
CA ALA A 223 8.40 -16.07 20.85
C ALA A 223 9.38 -15.56 21.90
N SER A 224 8.82 -15.03 22.96
CA SER A 224 9.53 -14.53 24.11
C SER A 224 8.47 -14.04 25.09
N SER A 1 7.60 -9.45 16.07
CA SER A 1 6.46 -10.33 16.01
C SER A 1 6.36 -11.16 17.28
N ALA A 2 5.11 -11.43 17.71
CA ALA A 2 4.78 -12.30 18.84
C ALA A 2 5.20 -11.74 20.21
N GLN A 3 5.59 -10.48 20.28
CA GLN A 3 6.00 -9.89 21.55
C GLN A 3 5.01 -8.81 22.00
N GLY A 4 4.44 -8.99 23.19
CA GLY A 4 3.47 -8.04 23.72
C GLY A 4 2.12 -8.30 23.13
N LEU A 5 1.54 -7.29 22.53
CA LEU A 5 0.34 -7.46 21.75
C LEU A 5 0.72 -8.08 20.44
N ILE A 6 0.43 -9.34 20.29
CA ILE A 6 0.77 -10.08 19.11
C ILE A 6 -0.11 -9.62 17.99
N GLU A 7 0.50 -9.14 16.95
CA GLU A 7 -0.21 -8.73 15.80
C GLU A 7 -0.54 -9.93 14.97
N VAL A 8 -1.76 -10.35 15.04
CA VAL A 8 -2.18 -11.43 14.24
C VAL A 8 -2.86 -10.85 13.05
N GLU A 9 -2.28 -11.05 11.94
CA GLU A 9 -2.80 -10.50 10.76
C GLU A 9 -2.86 -11.49 9.65
N ARG A 10 -3.92 -11.44 8.96
CA ARG A 10 -4.09 -12.16 7.77
C ARG A 10 -4.65 -11.28 6.76
N LYS A 11 -4.25 -11.51 5.61
CA LYS A 11 -4.54 -10.68 4.55
C LYS A 11 -5.48 -11.40 3.67
N PHE A 12 -6.19 -10.69 2.88
CA PHE A 12 -7.15 -11.30 2.02
C PHE A 12 -7.32 -10.45 0.79
N ALA A 13 -7.72 -11.09 -0.28
CA ALA A 13 -8.04 -10.42 -1.50
C ALA A 13 -9.55 -10.39 -1.64
N PRO A 14 -10.18 -9.27 -1.29
CA PRO A 14 -11.60 -9.12 -1.34
C PRO A 14 -12.10 -8.47 -2.64
N GLY A 15 -13.39 -8.53 -2.84
CA GLY A 15 -13.97 -7.88 -3.99
C GLY A 15 -14.38 -6.45 -3.63
N PRO A 16 -14.91 -5.67 -4.57
CA PRO A 16 -15.35 -4.28 -4.27
C PRO A 16 -16.54 -4.28 -3.30
N ASP A 17 -17.37 -5.29 -3.43
CA ASP A 17 -18.60 -5.46 -2.63
C ASP A 17 -18.29 -5.73 -1.15
N THR A 18 -17.04 -6.02 -0.85
CA THR A 18 -16.59 -6.28 0.48
C THR A 18 -16.91 -5.14 1.43
N GLU A 19 -16.80 -3.92 0.95
CA GLU A 19 -17.06 -2.75 1.76
C GLU A 19 -18.55 -2.76 2.22
N GLU A 20 -19.43 -3.11 1.28
CA GLU A 20 -20.85 -3.21 1.55
C GLU A 20 -21.13 -4.42 2.44
N ARG A 21 -20.48 -5.54 2.12
CA ARG A 21 -20.60 -6.76 2.87
C ARG A 21 -20.21 -6.52 4.33
N LEU A 22 -19.12 -5.80 4.56
CA LEU A 22 -18.64 -5.42 5.90
C LEU A 22 -19.68 -4.74 6.72
N GLN A 23 -20.37 -3.81 6.11
CA GLN A 23 -21.48 -3.12 6.77
C GLN A 23 -22.54 -4.13 7.24
N GLU A 24 -22.88 -5.06 6.36
CA GLU A 24 -23.85 -6.10 6.66
C GLU A 24 -23.30 -7.15 7.65
N LEU A 25 -21.98 -7.31 7.66
CA LEU A 25 -21.31 -8.24 8.59
C LEU A 25 -21.22 -7.63 9.97
N GLY A 26 -21.25 -6.32 10.01
CA GLY A 26 -21.25 -5.63 11.27
C GLY A 26 -19.97 -4.88 11.55
N ALA A 27 -19.16 -4.63 10.52
CA ALA A 27 -17.97 -3.86 10.74
C ALA A 27 -18.31 -2.37 10.70
N THR A 28 -17.62 -1.59 11.48
CA THR A 28 -17.85 -0.18 11.52
C THR A 28 -16.77 0.53 10.72
N LEU A 29 -17.18 1.51 9.95
CA LEU A 29 -16.25 2.25 9.15
C LEU A 29 -15.51 3.24 10.00
N GLU A 30 -14.24 3.04 10.12
CA GLU A 30 -13.41 3.92 10.89
C GLU A 30 -13.20 5.19 10.12
N HIS A 31 -12.54 5.04 9.01
CA HIS A 31 -12.13 6.15 8.18
C HIS A 31 -11.91 5.60 6.81
N ARG A 32 -12.09 6.41 5.82
CA ARG A 32 -11.79 6.00 4.48
C ARG A 32 -11.30 7.14 3.65
N VAL A 33 -10.41 6.86 2.71
CA VAL A 33 -9.88 7.89 1.86
C VAL A 33 -10.06 7.49 0.41
N THR A 34 -10.49 8.39 -0.39
CA THR A 34 -10.68 8.14 -1.78
C THR A 34 -9.95 9.17 -2.59
N PHE A 35 -9.07 8.73 -3.46
CA PHE A 35 -8.28 9.63 -4.23
C PHE A 35 -7.73 8.95 -5.45
N ARG A 36 -7.08 9.71 -6.29
CA ARG A 36 -6.46 9.18 -7.46
C ARG A 36 -4.95 9.23 -7.31
N ASP A 37 -4.29 8.16 -7.67
CA ASP A 37 -2.84 8.14 -7.65
C ASP A 37 -2.39 8.22 -9.05
N THR A 38 -1.70 9.25 -9.36
CA THR A 38 -1.20 9.46 -10.67
C THR A 38 0.31 9.36 -10.63
N TYR A 39 0.83 8.32 -11.23
CA TYR A 39 2.23 8.04 -11.20
C TYR A 39 2.89 8.40 -12.50
N TYR A 40 4.10 8.88 -12.40
CA TYR A 40 4.89 9.29 -13.52
C TYR A 40 6.23 8.61 -13.52
N ASP A 41 6.76 8.51 -14.70
CA ASP A 41 8.08 8.00 -14.95
C ASP A 41 8.48 8.59 -16.26
N THR A 42 9.69 8.51 -16.54
CA THR A 42 10.25 8.92 -17.74
C THR A 42 9.78 7.98 -18.86
N SER A 43 9.86 8.41 -20.06
CA SER A 43 9.49 7.60 -21.20
C SER A 43 10.48 6.45 -21.38
N GLU A 44 11.70 6.66 -20.85
CA GLU A 44 12.75 5.67 -20.90
C GLU A 44 12.50 4.62 -19.83
N LEU A 45 11.60 4.98 -18.91
CA LEU A 45 11.18 4.16 -17.76
C LEU A 45 12.38 3.91 -16.85
N SER A 46 13.29 4.86 -16.88
CA SER A 46 14.49 4.78 -16.10
C SER A 46 14.14 4.86 -14.62
N LEU A 47 13.28 5.80 -14.28
CA LEU A 47 12.93 6.11 -12.92
C LEU A 47 12.20 4.96 -12.19
N MET A 48 11.19 4.36 -12.83
CA MET A 48 10.42 3.25 -12.23
C MET A 48 11.30 2.05 -11.94
N LEU A 49 12.06 1.59 -12.93
CA LEU A 49 12.93 0.42 -12.66
C LEU A 49 14.13 0.78 -11.77
N SER A 50 14.36 2.07 -11.54
CA SER A 50 15.40 2.52 -10.64
C SER A 50 14.89 2.66 -9.20
N ASP A 51 13.69 2.09 -8.94
CA ASP A 51 13.10 1.99 -7.58
C ASP A 51 12.65 3.37 -7.05
N HIS A 52 12.52 4.31 -7.96
CA HIS A 52 11.99 5.61 -7.66
C HIS A 52 10.60 5.68 -8.25
N TRP A 53 9.64 6.22 -7.53
CA TRP A 53 8.26 6.22 -8.01
C TRP A 53 7.66 7.61 -7.77
N LEU A 54 7.16 8.26 -8.79
CA LEU A 54 6.58 9.59 -8.65
C LEU A 54 5.06 9.56 -8.68
N ARG A 55 4.43 10.27 -7.75
CA ARG A 55 2.99 10.29 -7.67
C ARG A 55 2.46 11.72 -7.47
N GLN A 56 1.35 11.98 -8.10
CA GLN A 56 0.55 13.17 -7.93
C GLN A 56 -0.82 12.69 -7.54
N ARG A 57 -1.27 13.04 -6.37
CA ARG A 57 -2.54 12.60 -5.93
C ARG A 57 -3.55 13.59 -6.30
N GLU A 58 -4.24 13.40 -7.42
CA GLU A 58 -5.35 14.30 -7.89
C GLU A 58 -5.05 15.83 -7.84
N GLY A 59 -3.78 16.20 -7.86
CA GLY A 59 -3.40 17.60 -7.76
C GLY A 59 -3.43 18.07 -6.32
N SER A 60 -3.46 17.11 -5.45
CA SER A 60 -3.54 17.29 -4.04
C SER A 60 -2.21 16.97 -3.37
N GLY A 61 -1.13 16.95 -4.14
CA GLY A 61 0.15 16.68 -3.56
C GLY A 61 1.00 15.80 -4.41
N TRP A 62 2.25 16.14 -4.49
CA TRP A 62 3.23 15.35 -5.20
C TRP A 62 4.06 14.55 -4.21
N GLU A 63 4.34 13.32 -4.53
CA GLU A 63 5.14 12.47 -3.68
C GLU A 63 6.12 11.73 -4.52
N LEU A 64 7.29 11.55 -4.02
CA LEU A 64 8.28 10.77 -4.70
C LEU A 64 8.75 9.70 -3.76
N LYS A 65 8.75 8.50 -4.23
CA LYS A 65 9.18 7.39 -3.46
C LYS A 65 10.62 7.12 -3.83
N CYS A 66 11.44 7.09 -2.85
CA CYS A 66 12.81 6.78 -3.03
C CYS A 66 13.17 5.63 -2.12
N PRO A 67 14.13 4.77 -2.55
CA PRO A 67 14.57 3.58 -1.79
C PRO A 67 14.82 3.86 -0.31
N GLY A 68 15.38 5.02 -0.04
CA GLY A 68 15.71 5.42 1.30
C GLY A 68 17.02 6.09 1.29
N VAL A 69 17.96 5.42 0.73
CA VAL A 69 19.25 5.98 0.48
C VAL A 69 19.18 6.73 -0.86
N THR A 70 19.65 7.96 -0.87
CA THR A 70 19.45 8.83 -2.03
C THR A 70 20.25 8.38 -3.27
N GLY A 71 21.56 8.45 -3.21
CA GLY A 71 22.37 8.05 -4.36
C GLY A 71 22.54 6.56 -4.43
N VAL A 72 22.01 5.90 -3.41
CA VAL A 72 22.02 4.47 -3.28
C VAL A 72 23.43 3.93 -3.03
N SER A 73 23.79 3.88 -1.77
CA SER A 73 25.04 3.31 -1.39
C SER A 73 24.89 1.79 -1.25
N GLY A 74 23.66 1.36 -1.05
CA GLY A 74 23.36 -0.03 -0.90
C GLY A 74 22.07 -0.24 -0.15
N PRO A 75 22.05 -1.13 0.87
CA PRO A 75 20.88 -1.37 1.74
C PRO A 75 20.69 -0.22 2.75
N HIS A 76 20.07 -0.53 3.90
CA HIS A 76 19.76 0.48 4.96
C HIS A 76 18.71 1.43 4.46
N ASN A 77 17.87 0.94 3.60
CA ASN A 77 16.94 1.79 3.00
C ASN A 77 15.49 1.40 3.28
N GLU A 78 14.84 2.23 4.04
CA GLU A 78 13.41 2.16 4.19
C GLU A 78 12.89 3.20 3.23
N TYR A 79 11.79 2.96 2.54
CA TYR A 79 11.37 3.91 1.52
C TYR A 79 11.05 5.27 2.07
N VAL A 80 11.76 6.22 1.54
CA VAL A 80 11.62 7.57 1.92
C VAL A 80 10.74 8.28 0.92
N GLU A 81 9.77 8.97 1.41
CA GLU A 81 8.84 9.64 0.57
C GLU A 81 8.97 11.12 0.71
N VAL A 82 9.32 11.76 -0.36
CA VAL A 82 9.42 13.18 -0.38
C VAL A 82 8.06 13.76 -0.70
N THR A 83 7.58 14.59 0.18
CA THR A 83 6.33 15.28 -0.04
C THR A 83 6.59 16.75 -0.32
N SER A 84 7.79 17.21 0.05
CA SER A 84 8.16 18.57 -0.17
C SER A 84 8.51 18.75 -1.64
N GLU A 85 7.83 19.68 -2.30
CA GLU A 85 7.98 19.90 -3.73
C GLU A 85 9.39 20.27 -4.11
N ALA A 86 10.04 21.07 -3.28
CA ALA A 86 11.41 21.50 -3.55
C ALA A 86 12.35 20.31 -3.69
N ALA A 87 12.17 19.29 -2.85
CA ALA A 87 13.03 18.14 -2.90
C ALA A 87 12.64 17.27 -4.08
N ILE A 88 11.34 17.28 -4.45
CA ILE A 88 10.89 16.54 -5.63
C ILE A 88 11.60 17.12 -6.84
N VAL A 89 11.52 18.45 -6.95
CA VAL A 89 12.13 19.20 -8.03
C VAL A 89 13.64 18.90 -8.14
N ALA A 90 14.30 18.89 -7.01
CA ALA A 90 15.73 18.58 -6.95
C ALA A 90 16.00 17.12 -7.37
N GLN A 91 15.25 16.19 -6.80
CA GLN A 91 15.38 14.77 -7.13
C GLN A 91 15.12 14.52 -8.61
N LEU A 92 14.05 15.06 -9.15
CA LEU A 92 13.71 14.91 -10.57
C LEU A 92 14.85 15.38 -11.49
N PHE A 93 15.48 16.47 -11.13
CA PHE A 93 16.61 16.96 -11.91
C PHE A 93 17.81 16.04 -11.89
N GLU A 94 18.14 15.50 -10.73
CA GLU A 94 19.24 14.57 -10.68
C GLU A 94 18.87 13.21 -11.27
N LEU A 95 17.63 12.78 -11.05
CA LEU A 95 17.16 11.50 -11.57
C LEU A 95 17.11 11.52 -13.09
N LEU A 96 16.59 12.62 -13.66
CA LEU A 96 16.47 12.68 -15.10
C LEU A 96 17.70 13.22 -15.79
N GLY A 97 18.60 13.83 -15.04
CA GLY A 97 19.85 14.21 -15.62
C GLY A 97 19.84 15.56 -16.25
N SER A 98 19.36 16.54 -15.56
CA SER A 98 19.29 17.84 -16.13
C SER A 98 20.22 18.82 -15.45
N GLY A 99 20.91 19.58 -16.26
CA GLY A 99 21.79 20.61 -15.77
C GLY A 99 21.11 21.94 -15.82
N GLU A 100 19.87 21.94 -15.41
CA GLU A 100 19.03 23.09 -15.44
C GLU A 100 18.74 23.64 -14.06
N GLN A 101 18.25 24.84 -14.06
CA GLN A 101 17.83 25.57 -12.88
C GLN A 101 16.60 24.91 -12.27
N LYS A 102 16.44 25.00 -10.96
CA LYS A 102 15.19 24.52 -10.39
C LYS A 102 14.09 25.47 -10.79
N PRO A 103 13.03 24.95 -11.43
CA PRO A 103 11.91 25.76 -11.91
C PRO A 103 11.11 26.43 -10.81
N ALA A 104 10.26 25.67 -10.16
CA ALA A 104 9.39 26.19 -9.13
C ALA A 104 8.70 25.05 -8.45
N GLY A 105 7.90 24.34 -9.19
CA GLY A 105 7.18 23.25 -8.64
C GLY A 105 7.33 22.01 -9.46
N VAL A 106 6.75 20.94 -9.00
CA VAL A 106 6.86 19.66 -9.64
C VAL A 106 6.12 19.66 -10.98
N ALA A 107 5.03 20.41 -11.06
CA ALA A 107 4.25 20.54 -12.28
C ALA A 107 5.11 21.14 -13.39
N ALA A 108 6.02 22.03 -12.99
CA ALA A 108 6.95 22.63 -13.91
C ALA A 108 7.99 21.63 -14.37
N VAL A 109 8.56 20.84 -13.43
CA VAL A 109 9.59 19.85 -13.79
C VAL A 109 8.97 18.77 -14.65
N LEU A 110 7.71 18.51 -14.40
CA LEU A 110 6.95 17.51 -15.10
C LEU A 110 6.92 17.85 -16.58
N GLY A 111 6.55 19.09 -16.86
CA GLY A 111 6.49 19.55 -18.21
C GLY A 111 7.86 19.70 -18.82
N SER A 112 8.77 20.30 -18.08
CA SER A 112 10.11 20.58 -18.56
C SER A 112 10.91 19.31 -18.84
N LEU A 113 10.87 18.35 -17.94
CA LEU A 113 11.69 17.17 -18.08
C LEU A 113 11.01 16.10 -18.94
N LYS A 114 9.74 16.36 -19.29
CA LYS A 114 8.97 15.50 -20.19
C LYS A 114 8.70 14.08 -19.68
N LEU A 115 8.14 13.97 -18.49
CA LEU A 115 7.77 12.64 -17.99
C LEU A 115 6.43 12.23 -18.54
N GLN A 116 6.06 11.00 -18.29
CA GLN A 116 4.80 10.48 -18.75
C GLN A 116 4.01 9.92 -17.57
N GLU A 117 2.71 10.11 -17.60
CA GLU A 117 1.84 9.56 -16.62
C GLU A 117 1.65 8.08 -16.96
N VAL A 118 2.33 7.24 -16.21
CA VAL A 118 2.34 5.81 -16.47
C VAL A 118 1.10 5.14 -15.94
N ALA A 119 0.59 5.67 -14.88
CA ALA A 119 -0.58 5.11 -14.26
C ALA A 119 -1.35 6.14 -13.52
N SER A 120 -2.61 6.12 -13.68
CA SER A 120 -3.48 6.96 -12.96
C SER A 120 -4.67 6.12 -12.62
N PHE A 121 -4.87 5.88 -11.37
CA PHE A 121 -5.91 5.01 -10.92
C PHE A 121 -6.46 5.41 -9.57
N ILE A 122 -7.73 5.12 -9.38
CA ILE A 122 -8.46 5.52 -8.19
C ILE A 122 -8.19 4.55 -7.06
N THR A 123 -7.94 5.08 -5.91
CA THR A 123 -7.75 4.31 -4.73
C THR A 123 -8.85 4.59 -3.73
N THR A 124 -9.41 3.55 -3.20
CA THR A 124 -10.39 3.64 -2.17
C THR A 124 -9.86 2.90 -0.95
N ARG A 125 -9.51 3.64 0.05
CA ARG A 125 -8.96 3.11 1.26
C ARG A 125 -10.02 3.18 2.30
N SER A 126 -10.40 2.09 2.85
CA SER A 126 -11.42 2.10 3.86
C SER A 126 -11.05 1.15 4.98
N SER A 127 -11.08 1.63 6.20
CA SER A 127 -10.75 0.81 7.32
C SER A 127 -12.04 0.48 8.09
N TRP A 128 -12.22 -0.77 8.36
CA TRP A 128 -13.40 -1.29 8.99
C TRP A 128 -13.02 -2.08 10.20
N LYS A 129 -13.48 -1.67 11.33
CA LYS A 129 -13.15 -2.31 12.53
C LYS A 129 -14.33 -3.15 12.96
N LEU A 130 -14.07 -4.31 13.47
CA LEU A 130 -15.11 -5.23 13.80
C LEU A 130 -14.83 -5.85 15.16
N ALA A 131 -15.78 -5.75 16.06
CA ALA A 131 -15.67 -6.36 17.36
C ALA A 131 -15.99 -7.82 17.23
N LEU A 132 -14.99 -8.64 17.37
CA LEU A 132 -15.14 -10.05 17.20
C LEU A 132 -15.78 -10.67 18.42
N SER A 133 -16.76 -11.52 18.20
CA SER A 133 -17.39 -12.21 19.29
C SER A 133 -16.38 -13.18 19.91
N GLY A 134 -15.88 -12.80 21.06
CA GLY A 134 -14.86 -13.56 21.69
C GLY A 134 -15.36 -14.82 22.34
N ALA A 135 -16.41 -14.69 23.18
CA ALA A 135 -16.95 -15.82 24.00
C ALA A 135 -15.82 -16.36 24.88
N HIS A 136 -14.89 -15.47 25.17
CA HIS A 136 -13.66 -15.82 25.86
C HIS A 136 -13.43 -14.85 27.03
N GLY A 137 -14.35 -13.92 27.21
CA GLY A 137 -14.21 -12.94 28.27
C GLY A 137 -13.47 -11.72 27.77
N GLN A 138 -13.18 -11.72 26.49
CA GLN A 138 -12.47 -10.66 25.83
C GLN A 138 -12.98 -10.57 24.42
N GLU A 139 -13.58 -9.47 24.10
CA GLU A 139 -14.04 -9.19 22.78
C GLU A 139 -12.96 -8.37 22.08
N PRO A 140 -12.28 -8.95 21.11
CA PRO A 140 -11.24 -8.25 20.41
C PRO A 140 -11.77 -7.38 19.29
N GLN A 141 -11.63 -6.08 19.44
CA GLN A 141 -12.00 -5.17 18.40
C GLN A 141 -10.86 -5.13 17.42
N LEU A 142 -11.01 -5.77 16.30
CA LEU A 142 -9.95 -5.84 15.35
C LEU A 142 -10.25 -4.98 14.14
N THR A 143 -9.23 -4.50 13.52
CA THR A 143 -9.38 -3.60 12.43
C THR A 143 -9.04 -4.27 11.09
N ILE A 144 -9.91 -4.08 10.15
CA ILE A 144 -9.76 -4.57 8.80
C ILE A 144 -9.53 -3.36 7.94
N ASP A 145 -8.65 -3.44 7.02
CA ASP A 145 -8.34 -2.32 6.20
C ASP A 145 -8.35 -2.71 4.74
N LEU A 146 -9.12 -1.99 3.95
CA LEU A 146 -9.22 -2.25 2.51
C LEU A 146 -8.61 -1.12 1.69
N ASP A 147 -7.73 -1.47 0.79
CA ASP A 147 -7.18 -0.50 -0.15
C ASP A 147 -7.44 -1.01 -1.56
N SER A 148 -8.25 -0.31 -2.30
CA SER A 148 -8.57 -0.76 -3.64
C SER A 148 -8.03 0.18 -4.70
N ALA A 149 -7.99 -0.31 -5.93
CA ALA A 149 -7.52 0.47 -7.06
C ALA A 149 -8.34 0.14 -8.28
N ASP A 150 -8.43 1.10 -9.18
CA ASP A 150 -9.16 0.96 -10.44
C ASP A 150 -8.71 -0.23 -11.28
N PHE A 151 -7.41 -0.49 -11.32
CA PHE A 151 -6.91 -1.61 -12.10
C PHE A 151 -6.98 -2.93 -11.37
N GLY A 152 -8.22 -3.43 -11.21
CA GLY A 152 -8.51 -4.75 -10.62
C GLY A 152 -7.74 -5.05 -9.36
N TYR A 153 -7.94 -4.25 -8.34
CA TYR A 153 -7.24 -4.45 -7.10
C TYR A 153 -8.03 -4.02 -5.90
N ALA A 154 -8.03 -4.87 -4.91
CA ALA A 154 -8.58 -4.60 -3.62
C ALA A 154 -7.82 -5.46 -2.64
N VAL A 155 -7.23 -4.85 -1.67
CA VAL A 155 -6.52 -5.61 -0.66
C VAL A 155 -7.29 -5.48 0.63
N GLY A 156 -7.23 -6.49 1.41
CA GLY A 156 -7.81 -6.45 2.70
C GLY A 156 -6.82 -6.97 3.67
N GLU A 157 -6.71 -6.33 4.79
CA GLU A 157 -5.79 -6.74 5.81
C GLU A 157 -6.54 -6.73 7.12
N VAL A 158 -6.58 -7.83 7.80
CA VAL A 158 -7.24 -7.89 9.08
C VAL A 158 -6.19 -7.92 10.14
N GLU A 159 -6.22 -6.96 11.01
CA GLU A 159 -5.23 -6.84 12.03
C GLU A 159 -5.88 -6.88 13.40
N ALA A 160 -5.52 -7.87 14.16
CA ALA A 160 -5.92 -8.00 15.54
C ALA A 160 -4.70 -8.12 16.40
N MET A 161 -4.71 -7.54 17.57
CA MET A 161 -3.56 -7.66 18.44
C MET A 161 -4.00 -8.27 19.75
N VAL A 162 -3.42 -9.39 20.08
CA VAL A 162 -3.77 -10.11 21.29
C VAL A 162 -2.64 -9.99 22.28
N HIS A 163 -2.95 -9.76 23.52
CA HIS A 163 -1.89 -9.57 24.50
C HIS A 163 -1.47 -10.91 25.06
N GLU A 164 -2.27 -11.88 24.80
CA GLU A 164 -2.00 -13.23 25.18
C GLU A 164 -1.82 -14.09 23.95
N LYS A 165 -0.69 -14.76 23.89
CA LYS A 165 -0.33 -15.66 22.78
C LYS A 165 -1.26 -16.86 22.76
N ALA A 166 -1.84 -17.12 23.90
CA ALA A 166 -2.75 -18.23 24.15
C ALA A 166 -3.92 -18.32 23.14
N GLU A 167 -4.31 -17.21 22.54
CA GLU A 167 -5.46 -17.23 21.62
C GLU A 167 -5.10 -16.77 20.22
N VAL A 168 -3.80 -16.70 19.94
CA VAL A 168 -3.29 -16.33 18.61
C VAL A 168 -3.92 -17.17 17.47
N PRO A 169 -3.83 -18.56 17.52
CA PRO A 169 -4.42 -19.41 16.47
C PRO A 169 -5.93 -19.21 16.34
N ALA A 170 -6.59 -18.91 17.44
CA ALA A 170 -8.03 -18.72 17.44
C ALA A 170 -8.41 -17.42 16.74
N ALA A 171 -7.71 -16.35 17.09
CA ALA A 171 -7.99 -15.04 16.51
C ALA A 171 -7.71 -15.04 15.02
N LEU A 172 -6.60 -15.63 14.63
CA LEU A 172 -6.20 -15.66 13.23
C LEU A 172 -7.15 -16.52 12.40
N GLU A 173 -7.68 -17.58 13.00
CA GLU A 173 -8.62 -18.44 12.30
C GLU A 173 -9.89 -17.67 11.96
N LYS A 174 -10.36 -16.87 12.89
CA LYS A 174 -11.55 -16.07 12.67
C LYS A 174 -11.32 -15.09 11.55
N ILE A 175 -10.10 -14.57 11.49
CA ILE A 175 -9.68 -13.69 10.43
C ILE A 175 -9.82 -14.38 9.07
N ILE A 176 -9.36 -15.63 9.00
CA ILE A 176 -9.45 -16.43 7.77
C ILE A 176 -10.88 -16.60 7.32
N THR A 177 -11.76 -16.84 8.27
CA THR A 177 -13.18 -16.97 7.97
C THR A 177 -13.73 -15.67 7.36
N VAL A 178 -13.39 -14.53 7.98
CA VAL A 178 -13.80 -13.23 7.45
C VAL A 178 -13.21 -13.02 6.05
N SER A 179 -11.94 -13.38 5.91
CA SER A 179 -11.22 -13.26 4.66
C SER A 179 -11.91 -14.03 3.53
N SER A 180 -12.30 -15.27 3.79
CA SER A 180 -12.92 -16.10 2.77
C SER A 180 -14.34 -15.62 2.45
N MET A 181 -15.04 -15.09 3.43
CA MET A 181 -16.39 -14.60 3.19
C MET A 181 -16.35 -13.34 2.33
N LEU A 182 -15.26 -12.61 2.42
CA LEU A 182 -15.12 -11.40 1.67
C LEU A 182 -14.37 -11.64 0.35
N GLY A 183 -13.63 -12.72 0.28
CA GLY A 183 -12.88 -13.02 -0.91
C GLY A 183 -11.99 -14.23 -0.74
N VAL A 184 -10.72 -14.06 -0.98
CA VAL A 184 -9.76 -15.14 -0.90
C VAL A 184 -8.62 -14.77 0.05
N PRO A 185 -8.31 -15.64 1.02
CA PRO A 185 -7.18 -15.43 1.95
C PRO A 185 -5.83 -15.22 1.24
N ALA A 186 -5.09 -14.23 1.69
CA ALA A 186 -3.79 -13.91 1.15
C ALA A 186 -2.74 -14.14 2.24
N GLN A 187 -1.53 -13.61 2.05
CA GLN A 187 -0.44 -13.88 3.01
C GLN A 187 0.74 -12.92 2.76
N GLU A 188 0.76 -12.33 1.57
CA GLU A 188 1.85 -11.48 1.09
C GLU A 188 2.08 -10.24 1.95
N GLU A 189 3.14 -9.52 1.63
CA GLU A 189 3.55 -8.32 2.36
C GLU A 189 2.79 -7.07 1.91
N ALA A 190 1.65 -7.29 1.25
CA ALA A 190 0.73 -6.26 0.74
C ALA A 190 1.26 -5.60 -0.52
N PRO A 191 0.50 -5.70 -1.61
CA PRO A 191 0.89 -5.11 -2.86
C PRO A 191 0.77 -3.60 -2.81
N ALA A 192 1.89 -2.92 -3.00
CA ALA A 192 1.87 -1.48 -3.13
C ALA A 192 1.05 -1.11 -4.36
N LYS A 193 0.61 0.11 -4.44
CA LYS A 193 -0.28 0.51 -5.50
C LYS A 193 0.37 0.31 -6.90
N LEU A 194 1.58 0.81 -7.10
CA LEU A 194 2.30 0.48 -8.34
C LEU A 194 2.70 -0.96 -8.46
N MET A 195 2.84 -1.63 -7.33
CA MET A 195 3.17 -3.06 -7.38
C MET A 195 2.04 -3.79 -8.10
N VAL A 196 0.84 -3.30 -7.91
CA VAL A 196 -0.36 -3.80 -8.57
C VAL A 196 -0.34 -3.41 -10.04
N TYR A 197 0.10 -2.18 -10.31
CA TYR A 197 0.29 -1.70 -11.68
C TYR A 197 1.18 -2.65 -12.42
N LEU A 198 2.21 -3.10 -11.75
CA LEU A 198 3.08 -4.04 -12.33
C LEU A 198 2.37 -5.39 -12.50
N GLN A 199 1.70 -5.89 -11.47
CA GLN A 199 0.99 -7.21 -11.55
C GLN A 199 0.08 -7.29 -12.77
N ARG A 200 -0.64 -6.24 -12.96
CA ARG A 200 -1.57 -6.13 -14.09
C ARG A 200 -0.87 -5.98 -15.45
N PHE A 201 0.03 -5.04 -15.55
CA PHE A 201 0.63 -4.68 -16.86
C PHE A 201 1.99 -5.34 -17.17
N ARG A 202 2.64 -5.87 -16.17
CA ARG A 202 4.00 -6.38 -16.29
C ARG A 202 4.32 -7.34 -15.11
N PRO A 203 3.73 -8.55 -15.15
CA PRO A 203 3.81 -9.52 -14.04
C PRO A 203 5.22 -10.01 -13.73
N LEU A 204 6.02 -10.23 -14.74
CA LEU A 204 7.38 -10.70 -14.51
C LEU A 204 8.22 -9.61 -13.96
N ASP A 205 7.96 -8.41 -14.41
CA ASP A 205 8.65 -7.24 -13.94
C ASP A 205 8.32 -7.06 -12.45
N TYR A 206 7.06 -7.32 -12.13
CA TYR A 206 6.56 -7.31 -10.78
C TYR A 206 7.16 -8.41 -9.91
N GLN A 207 7.10 -9.65 -10.35
CA GLN A 207 7.59 -10.78 -9.55
C GLN A 207 9.06 -10.69 -9.26
N ARG A 208 9.84 -10.37 -10.27
CA ARG A 208 11.28 -10.26 -10.13
C ARG A 208 11.62 -9.16 -9.13
N LEU A 209 10.83 -8.10 -9.14
CA LEU A 209 10.94 -7.04 -8.17
C LEU A 209 10.45 -7.52 -6.79
N LEU A 210 9.26 -8.11 -6.77
CA LEU A 210 8.59 -8.56 -5.56
C LEU A 210 9.41 -9.53 -4.74
N GLU A 211 9.87 -10.59 -5.39
CA GLU A 211 10.61 -11.65 -4.72
C GLU A 211 11.93 -11.14 -4.19
N ALA A 212 12.49 -10.20 -4.91
CA ALA A 212 13.79 -9.66 -4.55
C ALA A 212 13.71 -8.52 -3.54
N ALA A 213 12.54 -8.00 -3.37
CA ALA A 213 12.32 -6.91 -2.47
C ALA A 213 11.76 -7.44 -1.19
N SER A 214 10.55 -7.99 -1.32
CA SER A 214 9.74 -8.51 -0.23
C SER A 214 9.76 -7.61 1.01
N SER A 215 10.68 -7.93 1.93
CA SER A 215 10.83 -7.25 3.19
C SER A 215 9.50 -7.23 3.98
N GLY A 216 9.19 -8.36 4.59
CA GLY A 216 7.99 -8.48 5.39
C GLY A 216 8.02 -9.74 6.21
N GLU A 217 7.15 -9.83 7.20
CA GLU A 217 7.13 -10.98 8.06
C GLU A 217 5.71 -11.27 8.54
N ALA A 218 5.39 -12.55 8.72
CA ALA A 218 4.08 -12.98 9.15
C ALA A 218 4.20 -14.06 10.22
N THR A 219 3.06 -14.57 10.68
CA THR A 219 2.98 -15.60 11.73
C THR A 219 3.25 -14.98 13.11
N GLY A 220 2.19 -14.84 13.89
CA GLY A 220 2.32 -14.23 15.21
C GLY A 220 2.63 -15.27 16.28
N ASP A 221 3.58 -16.12 16.00
CA ASP A 221 3.97 -17.17 16.91
C ASP A 221 5.47 -17.19 17.07
N SER A 222 5.92 -17.70 18.19
CA SER A 222 7.31 -17.75 18.51
C SER A 222 7.74 -19.21 18.68
N ALA A 223 7.30 -19.83 19.76
CA ALA A 223 7.60 -21.21 20.04
C ALA A 223 6.48 -21.81 20.86
N SER A 224 6.65 -23.02 21.32
CA SER A 224 5.68 -23.66 22.14
C SER A 224 6.36 -24.39 23.30
N SER A 1 3.19 -6.49 18.34
CA SER A 1 3.75 -7.75 17.87
C SER A 1 4.71 -8.30 18.90
N ALA A 2 4.56 -9.61 19.19
CA ALA A 2 5.39 -10.36 20.16
C ALA A 2 5.19 -9.84 21.59
N GLN A 3 5.66 -8.64 21.85
CA GLN A 3 5.50 -8.01 23.13
C GLN A 3 4.11 -7.42 23.22
N GLY A 4 3.52 -7.51 24.40
CA GLY A 4 2.21 -6.95 24.66
C GLY A 4 1.14 -7.48 23.73
N LEU A 5 0.51 -6.58 23.03
CA LEU A 5 -0.48 -6.94 22.07
C LEU A 5 0.17 -7.45 20.79
N ILE A 6 -0.13 -8.66 20.52
CA ILE A 6 0.37 -9.40 19.42
C ILE A 6 -0.47 -9.09 18.21
N GLU A 7 0.16 -8.58 17.21
CA GLU A 7 -0.50 -8.17 16.01
C GLU A 7 -0.49 -9.32 15.03
N VAL A 8 -1.62 -9.91 14.85
CA VAL A 8 -1.73 -10.99 13.91
C VAL A 8 -2.27 -10.47 12.60
N GLU A 9 -1.59 -10.78 11.54
CA GLU A 9 -1.94 -10.27 10.26
C GLU A 9 -2.22 -11.38 9.27
N ARG A 10 -3.21 -11.15 8.47
CA ARG A 10 -3.51 -11.92 7.29
C ARG A 10 -4.09 -11.02 6.29
N LYS A 11 -4.16 -11.46 5.11
CA LYS A 11 -4.55 -10.63 4.04
C LYS A 11 -5.53 -11.35 3.19
N PHE A 12 -6.28 -10.64 2.40
CA PHE A 12 -7.26 -11.24 1.56
C PHE A 12 -7.52 -10.36 0.35
N ALA A 13 -7.95 -10.99 -0.70
CA ALA A 13 -8.37 -10.30 -1.88
C ALA A 13 -9.89 -10.28 -1.88
N PRO A 14 -10.48 -9.13 -1.55
CA PRO A 14 -11.92 -9.01 -1.43
C PRO A 14 -12.64 -8.70 -2.75
N GLY A 15 -13.94 -8.83 -2.71
CA GLY A 15 -14.75 -8.52 -3.85
C GLY A 15 -15.17 -7.05 -3.84
N PRO A 16 -15.88 -6.59 -4.87
CA PRO A 16 -16.29 -5.18 -5.01
C PRO A 16 -17.40 -4.75 -4.03
N ASP A 17 -17.92 -5.67 -3.27
CA ASP A 17 -19.00 -5.36 -2.32
C ASP A 17 -18.63 -5.66 -0.89
N THR A 18 -17.36 -5.88 -0.63
CA THR A 18 -16.85 -6.17 0.68
C THR A 18 -17.25 -5.08 1.69
N GLU A 19 -17.16 -3.84 1.27
CA GLU A 19 -17.53 -2.69 2.09
C GLU A 19 -19.00 -2.79 2.50
N GLU A 20 -19.84 -3.20 1.56
CA GLU A 20 -21.25 -3.34 1.79
C GLU A 20 -21.49 -4.54 2.71
N ARG A 21 -20.81 -5.63 2.40
CA ARG A 21 -20.87 -6.88 3.14
C ARG A 21 -20.48 -6.61 4.60
N LEU A 22 -19.37 -5.90 4.81
CA LEU A 22 -18.85 -5.54 6.14
C LEU A 22 -19.88 -4.83 6.98
N GLN A 23 -20.54 -3.84 6.40
CA GLN A 23 -21.61 -3.11 7.08
C GLN A 23 -22.71 -4.06 7.57
N GLU A 24 -23.05 -5.01 6.73
CA GLU A 24 -24.04 -5.99 7.02
C GLU A 24 -23.52 -7.01 8.05
N LEU A 25 -22.24 -7.40 7.90
CA LEU A 25 -21.60 -8.37 8.79
C LEU A 25 -21.43 -7.79 10.19
N GLY A 26 -21.38 -6.49 10.26
CA GLY A 26 -21.26 -5.85 11.53
C GLY A 26 -19.92 -5.24 11.77
N ALA A 27 -19.13 -5.05 10.72
CA ALA A 27 -17.88 -4.38 10.89
C ALA A 27 -18.13 -2.89 10.91
N THR A 28 -17.40 -2.19 11.73
CA THR A 28 -17.56 -0.78 11.88
C THR A 28 -16.56 -0.05 11.01
N LEU A 29 -16.98 1.02 10.42
CA LEU A 29 -16.11 1.81 9.60
C LEU A 29 -15.34 2.77 10.47
N GLU A 30 -14.03 2.64 10.49
CA GLU A 30 -13.23 3.51 11.34
C GLU A 30 -12.66 4.70 10.59
N HIS A 31 -12.18 4.46 9.39
CA HIS A 31 -11.52 5.49 8.59
C HIS A 31 -11.83 5.27 7.14
N ARG A 32 -11.91 6.33 6.36
CA ARG A 32 -12.20 6.20 4.95
C ARG A 32 -11.47 7.30 4.18
N VAL A 33 -10.75 6.91 3.15
CA VAL A 33 -9.90 7.80 2.37
C VAL A 33 -10.20 7.66 0.88
N THR A 34 -10.48 8.76 0.21
CA THR A 34 -10.77 8.72 -1.23
C THR A 34 -9.97 9.80 -1.98
N PHE A 35 -9.22 9.38 -3.00
CA PHE A 35 -8.40 10.29 -3.81
C PHE A 35 -7.93 9.53 -5.04
N ARG A 36 -7.25 10.20 -5.94
CA ARG A 36 -6.69 9.56 -7.11
C ARG A 36 -5.16 9.62 -7.05
N ASP A 37 -4.50 8.55 -7.47
CA ASP A 37 -3.04 8.52 -7.48
C ASP A 37 -2.61 8.62 -8.91
N THR A 38 -1.88 9.63 -9.22
CA THR A 38 -1.35 9.78 -10.54
C THR A 38 0.15 9.59 -10.49
N TYR A 39 0.62 8.54 -11.12
CA TYR A 39 2.04 8.24 -11.13
C TYR A 39 2.66 8.62 -12.44
N TYR A 40 3.88 9.06 -12.37
CA TYR A 40 4.63 9.49 -13.52
C TYR A 40 5.93 8.74 -13.63
N ASP A 41 6.46 8.72 -14.83
CA ASP A 41 7.64 8.00 -15.18
C ASP A 41 8.09 8.57 -16.52
N THR A 42 9.27 8.25 -16.90
CA THR A 42 9.82 8.65 -18.14
C THR A 42 9.15 7.75 -19.26
N SER A 43 9.30 8.10 -20.52
CA SER A 43 8.60 7.41 -21.63
C SER A 43 8.92 5.88 -21.74
N GLU A 44 10.05 5.44 -21.23
CA GLU A 44 10.45 4.03 -21.33
C GLU A 44 10.41 3.37 -19.96
N LEU A 45 9.88 4.11 -19.01
CA LEU A 45 9.78 3.70 -17.64
C LEU A 45 11.12 3.50 -16.98
N SER A 46 11.97 4.46 -17.16
CA SER A 46 13.24 4.47 -16.50
C SER A 46 13.06 4.78 -15.02
N LEU A 47 12.07 5.61 -14.71
CA LEU A 47 11.91 6.15 -13.38
C LEU A 47 11.45 5.08 -12.37
N MET A 48 10.31 4.44 -12.63
CA MET A 48 9.71 3.52 -11.66
C MET A 48 10.45 2.22 -11.51
N LEU A 49 10.99 1.70 -12.59
CA LEU A 49 11.73 0.43 -12.52
C LEU A 49 13.07 0.60 -11.80
N SER A 50 13.42 1.85 -11.52
CA SER A 50 14.60 2.18 -10.75
C SER A 50 14.20 2.45 -9.28
N ASP A 51 12.95 2.06 -8.95
CA ASP A 51 12.37 2.18 -7.60
C ASP A 51 12.07 3.62 -7.23
N HIS A 52 11.99 4.49 -8.22
CA HIS A 52 11.62 5.87 -7.97
C HIS A 52 10.18 6.09 -8.42
N TRP A 53 9.30 6.12 -7.48
CA TRP A 53 7.87 6.17 -7.75
C TRP A 53 7.36 7.59 -7.55
N LEU A 54 6.92 8.21 -8.61
CA LEU A 54 6.40 9.57 -8.53
C LEU A 54 4.90 9.57 -8.51
N ARG A 55 4.34 10.23 -7.52
CA ARG A 55 2.90 10.28 -7.34
C ARG A 55 2.44 11.68 -6.96
N GLN A 56 1.27 12.00 -7.38
CA GLN A 56 0.55 13.21 -7.02
C GLN A 56 -0.75 12.75 -6.42
N ARG A 57 -0.97 12.98 -5.15
CA ARG A 57 -2.22 12.64 -4.56
C ARG A 57 -3.15 13.72 -4.90
N GLU A 58 -4.14 13.43 -5.74
CA GLU A 58 -5.09 14.45 -6.21
C GLU A 58 -4.39 15.71 -6.74
N GLY A 59 -4.22 16.67 -5.89
CA GLY A 59 -3.40 17.82 -6.18
C GLY A 59 -2.97 18.37 -4.87
N SER A 60 -2.86 17.45 -3.97
CA SER A 60 -2.59 17.70 -2.61
C SER A 60 -1.10 17.58 -2.28
N GLY A 61 -0.38 16.77 -3.01
CA GLY A 61 1.00 16.62 -2.73
C GLY A 61 1.71 15.75 -3.71
N TRP A 62 2.91 16.14 -4.02
CA TRP A 62 3.78 15.37 -4.87
C TRP A 62 4.67 14.50 -4.02
N GLU A 63 4.89 13.31 -4.47
CA GLU A 63 5.62 12.32 -3.72
C GLU A 63 6.54 11.57 -4.62
N LEU A 64 7.71 11.33 -4.16
CA LEU A 64 8.63 10.50 -4.87
C LEU A 64 9.23 9.52 -3.91
N LYS A 65 9.03 8.28 -4.16
CA LYS A 65 9.58 7.28 -3.31
C LYS A 65 10.83 6.75 -3.92
N CYS A 66 11.81 6.68 -3.10
CA CYS A 66 13.13 6.29 -3.42
C CYS A 66 13.54 5.10 -2.54
N PRO A 67 14.56 4.29 -2.96
CA PRO A 67 15.04 3.08 -2.22
C PRO A 67 15.73 3.39 -0.89
N GLY A 68 15.32 4.47 -0.25
CA GLY A 68 15.86 4.87 1.02
C GLY A 68 17.21 5.50 0.91
N VAL A 69 18.11 4.79 0.36
CA VAL A 69 19.43 5.25 0.15
C VAL A 69 19.41 6.13 -1.08
N THR A 70 19.90 7.32 -0.91
CA THR A 70 19.92 8.29 -1.96
C THR A 70 21.17 8.14 -2.81
N GLY A 71 22.29 8.38 -2.20
CA GLY A 71 23.54 8.28 -2.85
C GLY A 71 24.59 7.85 -1.90
N VAL A 72 24.43 6.68 -1.36
CA VAL A 72 25.39 6.13 -0.44
C VAL A 72 26.12 4.97 -1.10
N SER A 73 25.55 3.78 -1.01
CA SER A 73 26.10 2.57 -1.64
C SER A 73 25.07 1.44 -1.63
N GLY A 74 24.86 0.85 -0.46
CA GLY A 74 23.95 -0.26 -0.35
C GLY A 74 22.72 0.09 0.45
N PRO A 75 21.72 -0.81 0.48
CA PRO A 75 20.45 -0.56 1.15
C PRO A 75 20.57 -0.49 2.68
N HIS A 76 19.95 0.51 3.23
CA HIS A 76 19.88 0.74 4.67
C HIS A 76 18.53 1.26 4.99
N ASN A 77 18.27 2.46 4.54
CA ASN A 77 16.94 2.99 4.65
C ASN A 77 16.14 2.29 3.63
N GLU A 78 15.15 1.60 4.08
CA GLU A 78 14.24 0.83 3.23
C GLU A 78 13.67 1.67 2.08
N TYR A 79 12.69 2.50 2.36
CA TYR A 79 12.16 3.42 1.38
C TYR A 79 12.04 4.82 1.93
N VAL A 80 12.30 5.79 1.09
CA VAL A 80 12.15 7.17 1.44
C VAL A 80 11.28 7.91 0.44
N GLU A 81 10.13 8.33 0.86
CA GLU A 81 9.27 9.10 0.01
C GLU A 81 9.18 10.54 0.49
N VAL A 82 9.72 11.40 -0.32
CA VAL A 82 9.77 12.81 -0.05
C VAL A 82 8.55 13.52 -0.64
N THR A 83 8.00 14.45 0.12
CA THR A 83 6.82 15.18 -0.29
C THR A 83 7.11 16.64 -0.62
N SER A 84 8.28 17.12 -0.22
CA SER A 84 8.66 18.49 -0.52
C SER A 84 8.93 18.64 -2.02
N GLU A 85 8.25 19.57 -2.66
CA GLU A 85 8.37 19.78 -4.10
C GLU A 85 9.79 20.07 -4.54
N ALA A 86 10.49 20.91 -3.79
CA ALA A 86 11.86 21.26 -4.09
C ALA A 86 12.75 20.02 -4.03
N ALA A 87 12.39 19.10 -3.15
CA ALA A 87 13.10 17.85 -3.02
C ALA A 87 12.84 16.99 -4.24
N ILE A 88 11.58 16.97 -4.68
CA ILE A 88 11.15 16.22 -5.86
C ILE A 88 11.90 16.76 -7.08
N VAL A 89 11.87 18.08 -7.24
CA VAL A 89 12.53 18.80 -8.34
C VAL A 89 14.00 18.41 -8.44
N ALA A 90 14.67 18.39 -7.30
CA ALA A 90 16.08 18.01 -7.24
C ALA A 90 16.28 16.57 -7.69
N GLN A 91 15.41 15.67 -7.21
CA GLN A 91 15.48 14.26 -7.55
C GLN A 91 15.24 14.03 -9.03
N LEU A 92 14.15 14.59 -9.57
CA LEU A 92 13.81 14.41 -11.00
C LEU A 92 14.94 14.79 -11.94
N PHE A 93 15.64 15.87 -11.63
CA PHE A 93 16.77 16.29 -12.43
C PHE A 93 17.89 15.29 -12.42
N GLU A 94 18.29 14.84 -11.24
CA GLU A 94 19.38 13.89 -11.12
C GLU A 94 18.96 12.50 -11.59
N LEU A 95 17.68 12.17 -11.43
CA LEU A 95 17.17 10.86 -11.84
C LEU A 95 17.09 10.74 -13.34
N LEU A 96 16.49 11.73 -13.99
CA LEU A 96 16.27 11.58 -15.41
C LEU A 96 17.45 12.09 -16.24
N GLY A 97 18.17 13.04 -15.71
CA GLY A 97 19.24 13.60 -16.48
C GLY A 97 18.74 14.72 -17.30
N SER A 98 18.15 15.66 -16.63
CA SER A 98 17.51 16.78 -17.25
C SER A 98 18.49 17.60 -18.10
N GLY A 99 19.57 18.07 -17.48
CA GLY A 99 20.49 18.95 -18.16
C GLY A 99 19.79 20.24 -18.48
N GLU A 100 18.93 20.64 -17.56
CA GLU A 100 18.07 21.77 -17.76
C GLU A 100 18.11 22.71 -16.59
N GLN A 101 17.43 23.80 -16.75
CA GLN A 101 17.34 24.84 -15.77
C GLN A 101 16.32 24.45 -14.71
N LYS A 102 16.64 24.73 -13.46
CA LYS A 102 15.73 24.48 -12.38
C LYS A 102 14.48 25.34 -12.54
N PRO A 103 13.30 24.71 -12.54
CA PRO A 103 12.06 25.42 -12.69
C PRO A 103 11.60 26.06 -11.40
N ALA A 104 11.01 25.25 -10.52
CA ALA A 104 10.50 25.69 -9.22
C ALA A 104 9.79 24.54 -8.53
N GLY A 105 8.69 24.13 -9.10
CA GLY A 105 7.90 23.08 -8.51
C GLY A 105 7.86 21.85 -9.36
N VAL A 106 7.18 20.84 -8.88
CA VAL A 106 7.12 19.56 -9.57
C VAL A 106 6.35 19.65 -10.87
N ALA A 107 5.25 20.39 -10.86
CA ALA A 107 4.41 20.54 -12.05
C ALA A 107 5.23 21.09 -13.21
N ALA A 108 6.19 21.92 -12.87
CA ALA A 108 7.07 22.49 -13.84
C ALA A 108 8.04 21.44 -14.39
N VAL A 109 8.72 20.66 -13.50
CA VAL A 109 9.68 19.63 -13.95
C VAL A 109 8.95 18.54 -14.72
N LEU A 110 7.73 18.33 -14.33
CA LEU A 110 6.85 17.34 -14.91
C LEU A 110 6.63 17.66 -16.37
N GLY A 111 6.26 18.91 -16.63
CA GLY A 111 6.03 19.37 -17.95
C GLY A 111 7.30 19.50 -18.75
N SER A 112 8.35 19.98 -18.10
CA SER A 112 9.62 20.20 -18.75
C SER A 112 10.26 18.87 -19.21
N LEU A 113 10.28 17.89 -18.33
CA LEU A 113 10.94 16.62 -18.62
C LEU A 113 10.06 15.69 -19.45
N LYS A 114 8.81 16.09 -19.63
CA LYS A 114 7.85 15.34 -20.45
C LYS A 114 7.58 13.98 -19.84
N LEU A 115 7.27 14.00 -18.57
CA LEU A 115 6.97 12.80 -17.85
C LEU A 115 5.55 12.39 -18.16
N GLN A 116 5.37 11.12 -18.41
CA GLN A 116 4.06 10.63 -18.74
C GLN A 116 3.37 10.17 -17.49
N GLU A 117 2.08 10.36 -17.43
CA GLU A 117 1.29 9.82 -16.39
C GLU A 117 1.12 8.35 -16.73
N VAL A 118 1.94 7.56 -16.11
CA VAL A 118 2.10 6.18 -16.42
C VAL A 118 1.06 5.32 -15.69
N ALA A 119 0.46 5.89 -14.67
CA ALA A 119 -0.58 5.22 -13.94
C ALA A 119 -1.49 6.24 -13.35
N SER A 120 -2.75 6.07 -13.52
CA SER A 120 -3.72 7.00 -13.02
C SER A 120 -4.98 6.24 -12.67
N PHE A 121 -5.30 6.23 -11.42
CA PHE A 121 -6.35 5.41 -10.87
C PHE A 121 -6.94 5.99 -9.61
N ILE A 122 -8.24 5.86 -9.49
CA ILE A 122 -8.98 6.39 -8.36
C ILE A 122 -8.91 5.40 -7.20
N THR A 123 -8.63 5.89 -6.03
CA THR A 123 -8.47 5.10 -4.87
C THR A 123 -9.53 5.36 -3.82
N THR A 124 -10.20 4.31 -3.44
CA THR A 124 -11.11 4.33 -2.35
C THR A 124 -10.56 3.40 -1.29
N ARG A 125 -10.07 3.95 -0.23
CA ARG A 125 -9.56 3.17 0.85
C ARG A 125 -10.50 3.30 2.01
N SER A 126 -10.83 2.22 2.60
CA SER A 126 -11.77 2.20 3.65
C SER A 126 -11.29 1.24 4.73
N SER A 127 -11.16 1.73 5.92
CA SER A 127 -10.66 0.93 7.02
C SER A 127 -11.82 0.57 7.94
N TRP A 128 -11.95 -0.70 8.23
CA TRP A 128 -13.03 -1.25 9.01
C TRP A 128 -12.50 -1.98 10.19
N LYS A 129 -13.27 -2.04 11.22
CA LYS A 129 -12.92 -2.80 12.37
C LYS A 129 -14.08 -3.61 12.88
N LEU A 130 -13.78 -4.81 13.23
CA LEU A 130 -14.75 -5.75 13.66
C LEU A 130 -14.35 -6.25 15.03
N ALA A 131 -15.25 -6.16 15.96
CA ALA A 131 -14.98 -6.55 17.32
C ALA A 131 -15.73 -7.79 17.67
N LEU A 132 -15.13 -8.61 18.49
CA LEU A 132 -15.80 -9.80 18.98
C LEU A 132 -16.26 -9.52 20.39
N SER A 133 -17.54 -9.52 20.59
CA SER A 133 -18.09 -9.19 21.85
C SER A 133 -18.31 -10.41 22.74
N GLY A 134 -17.24 -10.84 23.37
CA GLY A 134 -17.32 -11.96 24.29
C GLY A 134 -17.15 -11.48 25.71
N ALA A 135 -17.15 -10.18 25.86
CA ALA A 135 -17.01 -9.54 27.13
C ALA A 135 -17.56 -8.14 27.00
N HIS A 136 -17.59 -7.41 28.09
CA HIS A 136 -18.04 -6.03 28.07
C HIS A 136 -17.11 -5.18 28.88
N GLY A 137 -16.13 -4.67 28.20
CA GLY A 137 -15.12 -3.85 28.76
C GLY A 137 -14.04 -3.71 27.76
N GLN A 138 -13.26 -4.74 27.63
CA GLN A 138 -12.27 -4.83 26.59
C GLN A 138 -12.53 -6.05 25.75
N GLU A 139 -12.86 -5.81 24.52
CA GLU A 139 -13.11 -6.88 23.59
C GLU A 139 -11.93 -6.92 22.63
N PRO A 140 -11.73 -8.00 21.90
CA PRO A 140 -10.73 -8.03 20.86
C PRO A 140 -11.28 -7.43 19.57
N GLN A 141 -10.81 -6.24 19.23
CA GLN A 141 -11.22 -5.61 18.00
C GLN A 141 -10.15 -5.81 16.97
N LEU A 142 -10.54 -6.14 15.79
CA LEU A 142 -9.59 -6.31 14.74
C LEU A 142 -9.96 -5.43 13.57
N THR A 143 -8.98 -4.83 12.98
CA THR A 143 -9.18 -3.91 11.90
C THR A 143 -8.86 -4.56 10.56
N ILE A 144 -9.76 -4.34 9.64
CA ILE A 144 -9.71 -4.81 8.30
C ILE A 144 -9.56 -3.59 7.40
N ASP A 145 -8.49 -3.49 6.71
CA ASP A 145 -8.24 -2.32 5.88
C ASP A 145 -8.45 -2.67 4.43
N LEU A 146 -9.35 -1.98 3.78
CA LEU A 146 -9.63 -2.21 2.36
C LEU A 146 -9.17 -1.07 1.51
N ASP A 147 -8.52 -1.38 0.46
CA ASP A 147 -8.15 -0.42 -0.53
C ASP A 147 -8.71 -0.85 -1.86
N SER A 148 -9.15 0.07 -2.65
CA SER A 148 -9.65 -0.23 -3.95
C SER A 148 -9.17 0.81 -4.95
N ALA A 149 -8.61 0.33 -6.05
CA ALA A 149 -8.18 1.19 -7.12
C ALA A 149 -8.92 0.86 -8.39
N ASP A 150 -9.29 1.90 -9.12
CA ASP A 150 -10.04 1.79 -10.40
C ASP A 150 -9.27 0.99 -11.48
N PHE A 151 -8.02 0.70 -11.20
CA PHE A 151 -7.18 -0.09 -12.07
C PHE A 151 -7.69 -1.56 -12.07
N GLY A 152 -8.58 -1.88 -11.13
CA GLY A 152 -9.25 -3.16 -11.14
C GLY A 152 -8.93 -4.05 -9.95
N TYR A 153 -8.63 -3.46 -8.80
CA TYR A 153 -8.26 -4.29 -7.65
C TYR A 153 -8.64 -3.69 -6.33
N ALA A 154 -8.94 -4.56 -5.40
CA ALA A 154 -9.15 -4.22 -4.04
C ALA A 154 -8.24 -5.10 -3.18
N VAL A 155 -7.60 -4.51 -2.21
CA VAL A 155 -6.75 -5.24 -1.28
C VAL A 155 -7.33 -5.13 0.12
N GLY A 156 -7.32 -6.21 0.84
CA GLY A 156 -7.79 -6.20 2.20
C GLY A 156 -6.74 -6.74 3.11
N GLU A 157 -6.67 -6.22 4.32
CA GLU A 157 -5.71 -6.69 5.28
C GLU A 157 -6.45 -6.82 6.58
N VAL A 158 -6.17 -7.82 7.33
CA VAL A 158 -6.80 -7.96 8.61
C VAL A 158 -5.74 -7.95 9.68
N GLU A 159 -5.94 -7.16 10.69
CA GLU A 159 -5.02 -7.06 11.76
C GLU A 159 -5.77 -7.12 13.08
N ALA A 160 -5.46 -8.12 13.86
CA ALA A 160 -6.03 -8.28 15.19
C ALA A 160 -4.92 -8.19 16.21
N MET A 161 -5.19 -7.62 17.35
CA MET A 161 -4.20 -7.52 18.39
C MET A 161 -4.67 -8.25 19.62
N VAL A 162 -3.99 -9.30 19.96
CA VAL A 162 -4.32 -10.09 21.12
C VAL A 162 -3.23 -9.94 22.15
N HIS A 163 -3.59 -9.91 23.39
CA HIS A 163 -2.59 -9.74 24.42
C HIS A 163 -2.11 -11.13 24.85
N GLU A 164 -2.88 -12.13 24.48
CA GLU A 164 -2.57 -13.51 24.77
C GLU A 164 -2.07 -14.19 23.54
N LYS A 165 -0.98 -14.87 23.69
CA LYS A 165 -0.41 -15.63 22.62
C LYS A 165 -1.21 -16.91 22.42
N ALA A 166 -1.99 -17.28 23.43
CA ALA A 166 -2.78 -18.49 23.38
C ALA A 166 -3.94 -18.38 22.39
N GLU A 167 -4.49 -17.19 22.24
CA GLU A 167 -5.65 -17.01 21.37
C GLU A 167 -5.24 -16.58 19.96
N VAL A 168 -3.93 -16.52 19.73
CA VAL A 168 -3.37 -16.16 18.42
C VAL A 168 -3.88 -17.07 17.27
N PRO A 169 -3.70 -18.44 17.37
CA PRO A 169 -4.17 -19.36 16.31
C PRO A 169 -5.70 -19.26 16.10
N ALA A 170 -6.41 -19.00 17.18
CA ALA A 170 -7.86 -18.90 17.15
C ALA A 170 -8.29 -17.66 16.38
N ALA A 171 -7.75 -16.51 16.77
CA ALA A 171 -8.07 -15.25 16.13
C ALA A 171 -7.66 -15.27 14.67
N LEU A 172 -6.52 -15.92 14.41
CA LEU A 172 -5.97 -16.05 13.07
C LEU A 172 -6.98 -16.73 12.14
N GLU A 173 -7.64 -17.77 12.65
CA GLU A 173 -8.61 -18.49 11.85
C GLU A 173 -9.85 -17.69 11.57
N LYS A 174 -10.32 -16.90 12.55
CA LYS A 174 -11.48 -16.01 12.31
C LYS A 174 -11.18 -15.03 11.22
N ILE A 175 -9.95 -14.57 11.21
CA ILE A 175 -9.46 -13.67 10.18
C ILE A 175 -9.63 -14.32 8.80
N ILE A 176 -9.18 -15.56 8.69
CA ILE A 176 -9.27 -16.29 7.44
C ILE A 176 -10.75 -16.54 7.06
N THR A 177 -11.57 -16.84 8.05
CA THR A 177 -13.00 -17.06 7.84
C THR A 177 -13.64 -15.81 7.21
N VAL A 178 -13.36 -14.64 7.80
CA VAL A 178 -13.89 -13.39 7.28
C VAL A 178 -13.34 -13.14 5.88
N SER A 179 -12.06 -13.39 5.71
CA SER A 179 -11.38 -13.21 4.43
C SER A 179 -12.02 -14.05 3.32
N SER A 180 -12.39 -15.28 3.65
CA SER A 180 -12.96 -16.19 2.70
C SER A 180 -14.40 -15.81 2.36
N MET A 181 -15.13 -15.25 3.31
CA MET A 181 -16.50 -14.84 3.03
C MET A 181 -16.56 -13.51 2.29
N LEU A 182 -15.50 -12.76 2.39
CA LEU A 182 -15.40 -11.49 1.68
C LEU A 182 -14.70 -11.67 0.34
N GLY A 183 -14.11 -12.83 0.13
CA GLY A 183 -13.40 -13.10 -1.10
C GLY A 183 -12.47 -14.28 -1.00
N VAL A 184 -11.19 -14.05 -1.23
CA VAL A 184 -10.20 -15.11 -1.22
C VAL A 184 -8.99 -14.67 -0.40
N PRO A 185 -8.63 -15.46 0.62
CA PRO A 185 -7.46 -15.19 1.48
C PRO A 185 -6.13 -15.05 0.68
N ALA A 186 -5.31 -14.15 1.13
CA ALA A 186 -4.01 -13.88 0.57
C ALA A 186 -2.97 -14.23 1.64
N GLN A 187 -1.70 -13.84 1.46
CA GLN A 187 -0.67 -14.32 2.42
C GLN A 187 0.64 -13.54 2.36
N GLU A 188 0.69 -12.55 1.54
CA GLU A 188 1.91 -11.82 1.33
C GLU A 188 1.88 -10.46 2.01
N GLU A 189 2.86 -9.67 1.72
CA GLU A 189 2.95 -8.32 2.20
C GLU A 189 2.08 -7.41 1.35
N ALA A 190 1.53 -6.36 1.99
CA ALA A 190 0.59 -5.43 1.35
C ALA A 190 1.02 -4.94 0.00
N PRO A 191 0.31 -5.36 -1.04
CA PRO A 191 0.53 -4.86 -2.34
C PRO A 191 -0.05 -3.47 -2.45
N ALA A 192 0.80 -2.47 -2.43
CA ALA A 192 0.39 -1.11 -2.64
C ALA A 192 -0.12 -0.93 -4.05
N LYS A 193 -0.48 0.28 -4.41
CA LYS A 193 -1.02 0.58 -5.72
C LYS A 193 -0.18 0.02 -6.82
N LEU A 194 1.05 0.44 -6.87
CA LEU A 194 1.91 -0.03 -7.90
C LEU A 194 2.26 -1.48 -7.82
N MET A 195 2.21 -2.06 -6.64
CA MET A 195 2.46 -3.48 -6.49
C MET A 195 1.51 -4.29 -7.35
N VAL A 196 0.24 -3.93 -7.33
CA VAL A 196 -0.76 -4.61 -8.14
C VAL A 196 -0.63 -4.20 -9.62
N TYR A 197 -0.33 -2.92 -9.84
CA TYR A 197 -0.09 -2.35 -11.19
C TYR A 197 0.95 -3.16 -11.90
N LEU A 198 2.01 -3.45 -11.18
CA LEU A 198 3.03 -4.29 -11.67
C LEU A 198 2.52 -5.71 -11.89
N GLN A 199 1.78 -6.29 -10.94
CA GLN A 199 1.29 -7.70 -11.08
C GLN A 199 0.53 -7.94 -12.37
N ARG A 200 -0.37 -7.05 -12.65
CA ARG A 200 -1.20 -7.14 -13.85
C ARG A 200 -0.47 -6.88 -15.15
N PHE A 201 0.19 -5.75 -15.23
CA PHE A 201 0.84 -5.35 -16.48
C PHE A 201 2.27 -5.86 -16.65
N ARG A 202 3.04 -5.89 -15.60
CA ARG A 202 4.41 -6.38 -15.69
C ARG A 202 4.69 -7.40 -14.60
N PRO A 203 4.21 -8.64 -14.77
CA PRO A 203 4.31 -9.69 -13.75
C PRO A 203 5.75 -10.01 -13.36
N LEU A 204 6.65 -9.98 -14.32
CA LEU A 204 8.02 -10.30 -14.03
C LEU A 204 8.64 -9.14 -13.27
N ASP A 205 8.34 -7.89 -13.69
CA ASP A 205 8.87 -6.72 -13.01
C ASP A 205 8.30 -6.63 -11.62
N TYR A 206 7.08 -7.09 -11.49
CA TYR A 206 6.42 -7.23 -10.23
C TYR A 206 7.20 -8.15 -9.31
N GLN A 207 7.55 -9.33 -9.77
CA GLN A 207 8.34 -10.27 -8.98
C GLN A 207 9.68 -9.69 -8.59
N ARG A 208 10.35 -9.06 -9.53
CA ARG A 208 11.66 -8.44 -9.26
C ARG A 208 11.54 -7.45 -8.13
N LEU A 209 10.49 -6.69 -8.18
CA LEU A 209 10.17 -5.72 -7.17
C LEU A 209 9.69 -6.40 -5.86
N LEU A 210 8.82 -7.39 -5.99
CA LEU A 210 8.22 -8.08 -4.87
C LEU A 210 9.24 -8.84 -4.07
N GLU A 211 10.04 -9.66 -4.74
CA GLU A 211 11.01 -10.51 -4.07
C GLU A 211 12.01 -9.66 -3.31
N ALA A 212 12.24 -8.47 -3.82
CA ALA A 212 13.17 -7.54 -3.21
C ALA A 212 12.55 -6.89 -1.99
N ALA A 213 11.29 -6.55 -2.10
CA ALA A 213 10.56 -5.85 -1.07
C ALA A 213 9.76 -6.82 -0.24
N SER A 214 10.14 -8.09 -0.27
CA SER A 214 9.39 -9.11 0.41
C SER A 214 9.59 -9.07 1.90
N SER A 215 8.77 -8.26 2.47
CA SER A 215 8.67 -7.98 3.87
C SER A 215 7.64 -6.90 4.00
N GLY A 216 7.68 -5.99 3.02
CA GLY A 216 6.84 -4.82 3.02
C GLY A 216 7.11 -3.96 4.23
N GLU A 217 6.34 -2.96 4.44
CA GLU A 217 6.51 -2.18 5.62
C GLU A 217 5.60 -2.69 6.72
N ALA A 218 5.94 -3.86 7.20
CA ALA A 218 5.20 -4.49 8.24
C ALA A 218 5.86 -4.17 9.55
N THR A 219 5.31 -3.19 10.21
CA THR A 219 5.86 -2.71 11.41
C THR A 219 5.45 -3.57 12.62
N GLY A 220 6.34 -4.44 13.02
CA GLY A 220 6.11 -5.23 14.18
C GLY A 220 6.50 -4.48 15.41
N ASP A 221 5.59 -3.68 15.89
CA ASP A 221 5.86 -2.83 17.03
C ASP A 221 5.73 -3.64 18.31
N SER A 222 6.35 -3.19 19.38
CA SER A 222 6.29 -3.88 20.66
C SER A 222 4.91 -3.69 21.33
N ALA A 223 4.02 -2.99 20.62
CA ALA A 223 2.64 -2.75 21.02
C ALA A 223 2.54 -1.80 22.16
N SER A 224 2.41 -0.57 21.82
CA SER A 224 2.30 0.49 22.76
C SER A 224 1.44 1.57 22.13
N SER A 1 9.56 -3.57 22.37
CA SER A 1 9.90 -4.22 23.62
C SER A 1 9.11 -5.51 23.79
N ALA A 2 7.80 -5.40 23.78
CA ALA A 2 6.94 -6.54 23.98
C ALA A 2 5.76 -6.49 23.02
N GLN A 3 5.00 -7.54 23.03
CA GLN A 3 3.83 -7.64 22.17
C GLN A 3 2.58 -7.33 22.98
N GLY A 4 2.48 -7.95 24.14
CA GLY A 4 1.31 -7.80 24.95
C GLY A 4 0.30 -8.76 24.51
N LEU A 5 -0.59 -8.30 23.70
CA LEU A 5 -1.50 -9.15 23.09
C LEU A 5 -0.81 -9.76 21.90
N ILE A 6 -0.93 -11.03 21.78
CA ILE A 6 -0.34 -11.81 20.72
C ILE A 6 -0.93 -11.34 19.41
N GLU A 7 -0.16 -10.66 18.63
CA GLU A 7 -0.64 -10.18 17.39
C GLU A 7 -0.56 -11.20 16.29
N VAL A 8 -1.64 -11.30 15.58
CA VAL A 8 -1.79 -12.22 14.49
C VAL A 8 -2.49 -11.50 13.36
N GLU A 9 -2.09 -11.78 12.17
CA GLU A 9 -2.71 -11.16 11.05
C GLU A 9 -2.93 -12.15 9.98
N ARG A 10 -3.81 -11.82 9.09
CA ARG A 10 -4.04 -12.52 7.86
C ARG A 10 -4.66 -11.65 6.87
N LYS A 11 -4.51 -12.00 5.66
CA LYS A 11 -4.87 -11.14 4.60
C LYS A 11 -5.78 -11.88 3.68
N PHE A 12 -6.54 -11.16 2.90
CA PHE A 12 -7.45 -11.77 2.00
C PHE A 12 -7.70 -10.90 0.80
N ALA A 13 -8.19 -11.51 -0.24
CA ALA A 13 -8.58 -10.85 -1.42
C ALA A 13 -10.09 -10.67 -1.37
N PRO A 14 -10.55 -9.43 -1.20
CA PRO A 14 -11.98 -9.12 -1.12
C PRO A 14 -12.74 -9.54 -2.37
N GLY A 15 -13.94 -10.02 -2.17
CA GLY A 15 -14.76 -10.43 -3.25
C GLY A 15 -15.53 -9.27 -3.85
N PRO A 16 -16.68 -9.55 -4.50
CA PRO A 16 -17.48 -8.56 -5.24
C PRO A 16 -17.82 -7.30 -4.44
N ASP A 17 -18.35 -7.48 -3.24
CA ASP A 17 -18.76 -6.35 -2.43
C ASP A 17 -18.42 -6.58 -0.98
N THR A 18 -17.17 -6.50 -0.69
CA THR A 18 -16.65 -6.73 0.60
C THR A 18 -17.09 -5.64 1.58
N GLU A 19 -17.05 -4.37 1.15
CA GLU A 19 -17.51 -3.26 2.02
C GLU A 19 -18.97 -3.45 2.38
N GLU A 20 -19.73 -3.87 1.41
CA GLU A 20 -21.15 -4.06 1.58
C GLU A 20 -21.41 -5.21 2.51
N ARG A 21 -20.67 -6.28 2.31
CA ARG A 21 -20.80 -7.47 3.09
C ARG A 21 -20.35 -7.17 4.54
N LEU A 22 -19.25 -6.41 4.69
CA LEU A 22 -18.73 -5.98 6.01
C LEU A 22 -19.75 -5.23 6.82
N GLN A 23 -20.44 -4.29 6.19
CA GLN A 23 -21.51 -3.53 6.85
C GLN A 23 -22.56 -4.50 7.39
N GLU A 24 -22.88 -5.48 6.57
CA GLU A 24 -23.84 -6.51 6.91
C GLU A 24 -23.30 -7.43 8.02
N LEU A 25 -22.03 -7.81 7.93
CA LEU A 25 -21.40 -8.70 8.91
C LEU A 25 -21.26 -8.01 10.24
N GLY A 26 -21.19 -6.70 10.21
CA GLY A 26 -21.11 -5.94 11.41
C GLY A 26 -19.77 -5.27 11.63
N ALA A 27 -18.98 -5.11 10.57
CA ALA A 27 -17.72 -4.42 10.72
C ALA A 27 -17.97 -2.92 10.71
N THR A 28 -17.35 -2.23 11.61
CA THR A 28 -17.50 -0.82 11.73
C THR A 28 -16.50 -0.10 10.85
N LEU A 29 -16.98 0.68 9.92
CA LEU A 29 -16.12 1.45 9.07
C LEU A 29 -15.67 2.66 9.86
N GLU A 30 -14.42 2.72 10.20
CA GLU A 30 -13.96 3.84 10.99
C GLU A 30 -13.45 4.96 10.13
N HIS A 31 -12.68 4.62 9.13
CA HIS A 31 -12.05 5.61 8.28
C HIS A 31 -11.91 5.09 6.90
N ARG A 32 -12.16 5.94 5.94
CA ARG A 32 -11.98 5.58 4.57
C ARG A 32 -11.53 6.83 3.84
N VAL A 33 -10.60 6.71 2.94
CA VAL A 33 -10.13 7.89 2.22
C VAL A 33 -10.20 7.62 0.73
N THR A 34 -10.47 8.63 -0.03
CA THR A 34 -10.48 8.52 -1.47
C THR A 34 -9.77 9.72 -2.07
N PHE A 35 -8.88 9.47 -3.00
CA PHE A 35 -8.12 10.51 -3.64
C PHE A 35 -7.48 9.95 -4.88
N ARG A 36 -6.83 10.76 -5.64
CA ARG A 36 -6.17 10.31 -6.82
C ARG A 36 -4.65 10.28 -6.66
N ASP A 37 -4.04 9.17 -7.04
CA ASP A 37 -2.59 9.11 -7.15
C ASP A 37 -2.26 9.09 -8.59
N THR A 38 -1.56 10.08 -9.00
CA THR A 38 -1.16 10.20 -10.36
C THR A 38 0.34 9.86 -10.46
N TYR A 39 0.69 8.71 -11.05
CA TYR A 39 2.08 8.31 -11.14
C TYR A 39 2.64 8.60 -12.50
N TYR A 40 3.85 9.11 -12.54
CA TYR A 40 4.50 9.50 -13.78
C TYR A 40 5.76 8.74 -14.00
N ASP A 41 6.19 8.77 -15.23
CA ASP A 41 7.37 8.15 -15.69
C ASP A 41 7.68 8.75 -17.05
N THR A 42 8.83 8.48 -17.50
CA THR A 42 9.29 8.81 -18.81
C THR A 42 8.52 7.91 -19.82
N SER A 43 8.73 8.11 -21.08
CA SER A 43 8.07 7.31 -22.08
C SER A 43 8.56 5.84 -22.06
N GLU A 44 9.75 5.61 -21.52
CA GLU A 44 10.36 4.28 -21.58
C GLU A 44 10.37 3.59 -20.21
N LEU A 45 9.72 4.20 -19.23
CA LEU A 45 9.71 3.71 -17.83
C LEU A 45 11.09 3.71 -17.19
N SER A 46 11.93 4.57 -17.70
CA SER A 46 13.27 4.75 -17.23
C SER A 46 13.26 5.27 -15.77
N LEU A 47 12.23 6.05 -15.43
CA LEU A 47 12.10 6.61 -14.09
C LEU A 47 11.86 5.46 -13.08
N MET A 48 10.81 4.69 -13.35
CA MET A 48 10.35 3.57 -12.50
C MET A 48 11.45 2.54 -12.30
N LEU A 49 12.08 2.17 -13.39
CA LEU A 49 13.14 1.15 -13.39
C LEU A 49 14.41 1.65 -12.73
N SER A 50 14.44 2.91 -12.40
CA SER A 50 15.55 3.50 -11.70
C SER A 50 15.26 3.46 -10.19
N ASP A 51 14.11 2.83 -9.80
CA ASP A 51 13.65 2.76 -8.39
C ASP A 51 13.20 4.13 -7.93
N HIS A 52 12.94 4.98 -8.89
CA HIS A 52 12.50 6.32 -8.63
C HIS A 52 11.07 6.49 -9.09
N TRP A 53 10.18 6.51 -8.14
CA TRP A 53 8.76 6.55 -8.39
C TRP A 53 8.27 7.96 -8.24
N LEU A 54 7.35 8.36 -9.05
CA LEU A 54 6.82 9.70 -8.94
C LEU A 54 5.33 9.64 -8.93
N ARG A 55 4.75 10.28 -7.96
CA ARG A 55 3.32 10.34 -7.87
C ARG A 55 2.89 11.72 -7.43
N GLN A 56 1.75 12.07 -7.83
CA GLN A 56 1.11 13.22 -7.36
C GLN A 56 -0.19 12.87 -6.68
N ARG A 57 -0.35 13.43 -5.52
CA ARG A 57 -1.50 13.31 -4.70
C ARG A 57 -2.59 14.22 -5.24
N GLU A 58 -3.79 14.08 -4.72
CA GLU A 58 -5.02 14.89 -5.02
C GLU A 58 -4.82 16.46 -5.00
N GLY A 59 -3.72 16.95 -5.48
CA GLY A 59 -3.38 18.35 -5.40
C GLY A 59 -2.72 18.63 -4.08
N SER A 60 -2.44 17.56 -3.37
CA SER A 60 -1.85 17.59 -2.06
C SER A 60 -0.31 17.67 -2.19
N GLY A 61 0.15 17.87 -3.39
CA GLY A 61 1.55 17.98 -3.63
C GLY A 61 2.10 16.79 -4.35
N TRP A 62 3.39 16.69 -4.38
CA TRP A 62 4.08 15.64 -5.08
C TRP A 62 4.83 14.72 -4.15
N GLU A 63 5.13 13.54 -4.64
CA GLU A 63 5.86 12.52 -3.92
C GLU A 63 6.71 11.72 -4.86
N LEU A 64 7.95 11.53 -4.52
CA LEU A 64 8.83 10.75 -5.32
C LEU A 64 9.62 9.82 -4.43
N LYS A 65 9.55 8.55 -4.72
CA LYS A 65 10.21 7.60 -3.91
C LYS A 65 11.49 7.21 -4.57
N CYS A 66 12.53 7.30 -3.84
CA CYS A 66 13.83 6.97 -4.32
C CYS A 66 14.34 5.82 -3.53
N PRO A 67 15.29 5.03 -4.06
CA PRO A 67 15.88 3.91 -3.33
C PRO A 67 16.86 4.39 -2.25
N GLY A 68 16.65 5.62 -1.76
CA GLY A 68 17.52 6.19 -0.75
C GLY A 68 18.70 6.87 -1.36
N VAL A 69 18.78 6.77 -2.65
CA VAL A 69 19.88 7.29 -3.40
C VAL A 69 19.48 8.45 -4.28
N THR A 70 20.20 9.52 -4.10
CA THR A 70 20.09 10.68 -4.90
C THR A 70 21.38 10.80 -5.74
N GLY A 71 22.49 11.03 -5.07
CA GLY A 71 23.75 11.18 -5.76
C GLY A 71 24.77 10.17 -5.31
N VAL A 72 24.45 8.90 -5.45
CA VAL A 72 25.36 7.84 -5.06
C VAL A 72 25.75 7.02 -6.28
N SER A 73 24.90 6.07 -6.66
CA SER A 73 25.18 5.20 -7.78
C SER A 73 23.95 4.38 -8.15
N GLY A 74 23.66 3.38 -7.35
CA GLY A 74 22.53 2.53 -7.56
C GLY A 74 21.80 2.30 -6.27
N PRO A 75 20.84 1.37 -6.23
CA PRO A 75 20.03 1.07 -5.04
C PRO A 75 20.86 0.68 -3.81
N HIS A 76 20.85 1.54 -2.81
CA HIS A 76 21.51 1.36 -1.51
C HIS A 76 20.77 2.24 -0.56
N ASN A 77 20.78 1.89 0.75
CA ASN A 77 20.12 2.71 1.82
C ASN A 77 18.60 2.43 1.94
N GLU A 78 18.02 1.86 0.87
CA GLU A 78 16.58 1.52 0.78
C GLU A 78 15.70 2.75 0.57
N TYR A 79 14.42 2.52 0.28
CA TYR A 79 13.56 3.60 -0.16
C TYR A 79 13.35 4.74 0.84
N VAL A 80 13.40 5.92 0.27
CA VAL A 80 13.16 7.17 0.94
C VAL A 80 12.20 7.96 0.05
N GLU A 81 11.12 8.42 0.62
CA GLU A 81 10.15 9.17 -0.15
C GLU A 81 10.40 10.66 0.03
N VAL A 82 10.80 11.32 -1.03
CA VAL A 82 11.05 12.75 -0.97
C VAL A 82 9.76 13.50 -1.29
N THR A 83 9.47 14.51 -0.50
CA THR A 83 8.24 15.25 -0.64
C THR A 83 8.46 16.72 -1.00
N SER A 84 9.66 17.22 -0.74
CA SER A 84 9.98 18.60 -1.02
C SER A 84 10.04 18.82 -2.53
N GLU A 85 9.33 19.84 -3.03
CA GLU A 85 9.26 20.13 -4.47
C GLU A 85 10.61 20.27 -5.11
N ALA A 86 11.50 21.01 -4.46
CA ALA A 86 12.85 21.22 -4.99
C ALA A 86 13.59 19.91 -5.14
N ALA A 87 13.33 18.97 -4.22
CA ALA A 87 13.95 17.69 -4.26
C ALA A 87 13.41 16.90 -5.43
N ILE A 88 12.10 17.00 -5.65
CA ILE A 88 11.43 16.34 -6.76
C ILE A 88 12.02 16.87 -8.08
N VAL A 89 12.04 18.20 -8.19
CA VAL A 89 12.55 18.92 -9.37
C VAL A 89 13.96 18.46 -9.72
N ALA A 90 14.81 18.46 -8.72
CA ALA A 90 16.18 18.02 -8.89
C ALA A 90 16.24 16.58 -9.36
N GLN A 91 15.39 15.72 -8.77
CA GLN A 91 15.33 14.31 -9.14
C GLN A 91 14.97 14.14 -10.60
N LEU A 92 13.88 14.77 -11.06
CA LEU A 92 13.46 14.60 -12.46
C LEU A 92 14.55 14.94 -13.45
N PHE A 93 15.31 15.96 -13.15
CA PHE A 93 16.40 16.36 -14.03
C PHE A 93 17.53 15.35 -14.07
N GLU A 94 18.02 14.93 -12.92
CA GLU A 94 19.12 13.97 -12.88
C GLU A 94 18.67 12.59 -13.39
N LEU A 95 17.40 12.28 -13.18
CA LEU A 95 16.86 10.99 -13.55
C LEU A 95 16.58 10.90 -15.03
N LEU A 96 15.93 11.91 -15.59
CA LEU A 96 15.53 11.80 -16.97
C LEU A 96 16.64 12.15 -17.93
N GLY A 97 17.54 13.00 -17.52
CA GLY A 97 18.64 13.35 -18.38
C GLY A 97 18.67 14.79 -18.75
N SER A 98 18.27 15.61 -17.86
CA SER A 98 18.13 16.98 -18.14
C SER A 98 19.37 17.79 -17.78
N GLY A 99 19.79 18.61 -18.71
CA GLY A 99 20.92 19.51 -18.51
C GLY A 99 20.39 20.91 -18.42
N GLU A 100 19.10 20.98 -18.33
CA GLU A 100 18.35 22.20 -18.25
C GLU A 100 18.46 22.83 -16.87
N GLN A 101 18.00 24.05 -16.79
CA GLN A 101 17.96 24.81 -15.56
C GLN A 101 16.83 24.31 -14.69
N LYS A 102 16.92 24.48 -13.38
CA LYS A 102 15.78 24.16 -12.56
C LYS A 102 14.66 25.15 -12.89
N PRO A 103 13.49 24.64 -13.25
CA PRO A 103 12.36 25.47 -13.65
C PRO A 103 11.76 26.26 -12.50
N ALA A 104 11.16 25.57 -11.55
CA ALA A 104 10.51 26.20 -10.39
C ALA A 104 9.89 25.12 -9.54
N GLY A 105 8.92 24.46 -10.10
CA GLY A 105 8.22 23.43 -9.38
C GLY A 105 8.13 22.16 -10.18
N VAL A 106 7.48 21.17 -9.62
CA VAL A 106 7.37 19.86 -10.24
C VAL A 106 6.49 19.93 -11.48
N ALA A 107 5.44 20.73 -11.41
CA ALA A 107 4.53 20.87 -12.53
C ALA A 107 5.27 21.44 -13.75
N ALA A 108 6.26 22.25 -13.48
CA ALA A 108 7.09 22.83 -14.52
C ALA A 108 7.99 21.78 -15.14
N VAL A 109 8.60 20.91 -14.30
CA VAL A 109 9.48 19.85 -14.84
C VAL A 109 8.64 18.84 -15.60
N LEU A 110 7.43 18.67 -15.12
CA LEU A 110 6.49 17.72 -15.64
C LEU A 110 6.18 18.02 -17.09
N GLY A 111 5.83 19.26 -17.37
CA GLY A 111 5.53 19.67 -18.72
C GLY A 111 6.77 19.71 -19.59
N SER A 112 7.83 20.29 -19.06
CA SER A 112 9.07 20.48 -19.79
C SER A 112 9.72 19.16 -20.22
N LEU A 113 9.72 18.17 -19.34
CA LEU A 113 10.39 16.93 -19.63
C LEU A 113 9.45 15.92 -20.28
N LYS A 114 8.19 16.35 -20.48
CA LYS A 114 7.15 15.59 -21.21
C LYS A 114 6.81 14.26 -20.52
N LEU A 115 6.79 14.29 -19.21
CA LEU A 115 6.47 13.11 -18.41
C LEU A 115 5.03 12.66 -18.63
N GLN A 116 4.84 11.37 -18.72
CA GLN A 116 3.51 10.82 -18.90
C GLN A 116 3.07 10.23 -17.58
N GLU A 117 1.81 10.35 -17.26
CA GLU A 117 1.32 9.69 -16.08
C GLU A 117 1.09 8.23 -16.44
N VAL A 118 2.09 7.39 -16.10
CA VAL A 118 2.10 5.98 -16.44
C VAL A 118 0.83 5.32 -15.93
N ALA A 119 0.34 5.78 -14.80
CA ALA A 119 -0.90 5.31 -14.27
C ALA A 119 -1.40 6.23 -13.22
N SER A 120 -2.59 6.69 -13.39
CA SER A 120 -3.26 7.41 -12.37
C SER A 120 -4.53 6.69 -11.99
N PHE A 121 -4.74 6.56 -10.72
CA PHE A 121 -5.91 5.88 -10.23
C PHE A 121 -6.51 6.55 -9.02
N ILE A 122 -7.75 6.21 -8.75
CA ILE A 122 -8.42 6.67 -7.58
C ILE A 122 -8.09 5.71 -6.46
N THR A 123 -7.47 6.23 -5.48
CA THR A 123 -7.01 5.49 -4.38
C THR A 123 -8.07 5.50 -3.29
N THR A 124 -8.54 4.33 -2.96
CA THR A 124 -9.54 4.17 -1.95
C THR A 124 -8.94 3.41 -0.77
N ARG A 125 -9.16 3.91 0.39
CA ARG A 125 -8.78 3.25 1.62
C ARG A 125 -10.05 3.01 2.37
N SER A 126 -10.27 1.85 2.85
CA SER A 126 -11.48 1.58 3.58
C SER A 126 -11.11 0.72 4.81
N SER A 127 -11.08 1.32 5.98
CA SER A 127 -10.64 0.63 7.19
C SER A 127 -11.84 0.30 8.11
N TRP A 128 -11.99 -0.97 8.41
CA TRP A 128 -13.11 -1.50 9.18
C TRP A 128 -12.59 -2.21 10.39
N LYS A 129 -13.36 -2.24 11.41
CA LYS A 129 -13.04 -3.00 12.59
C LYS A 129 -14.28 -3.60 13.18
N LEU A 130 -14.15 -4.78 13.68
CA LEU A 130 -15.30 -5.50 14.16
C LEU A 130 -15.00 -5.92 15.60
N ALA A 131 -15.97 -5.76 16.46
CA ALA A 131 -15.81 -6.11 17.84
C ALA A 131 -16.31 -7.50 18.09
N LEU A 132 -15.41 -8.40 18.35
CA LEU A 132 -15.79 -9.76 18.63
C LEU A 132 -15.86 -9.99 20.12
N SER A 133 -16.56 -10.99 20.49
CA SER A 133 -16.66 -11.37 21.86
C SER A 133 -16.68 -12.89 21.90
N GLY A 134 -15.55 -13.47 22.21
CA GLY A 134 -15.42 -14.89 22.22
C GLY A 134 -15.93 -15.44 23.50
N ALA A 135 -16.90 -16.34 23.41
CA ALA A 135 -17.48 -16.95 24.57
C ALA A 135 -16.52 -17.95 25.16
N HIS A 136 -15.68 -17.44 26.04
CA HIS A 136 -14.64 -18.19 26.72
C HIS A 136 -13.91 -17.23 27.63
N GLY A 137 -13.90 -15.94 27.24
CA GLY A 137 -13.33 -14.92 28.09
C GLY A 137 -12.38 -13.97 27.39
N GLN A 138 -12.70 -13.57 26.18
CA GLN A 138 -11.87 -12.61 25.45
C GLN A 138 -12.72 -11.77 24.49
N GLU A 139 -12.43 -10.50 24.44
CA GLU A 139 -13.10 -9.61 23.52
C GLU A 139 -12.06 -8.97 22.61
N PRO A 140 -11.84 -9.52 21.42
CA PRO A 140 -10.92 -8.96 20.49
C PRO A 140 -11.60 -8.03 19.45
N GLN A 141 -11.29 -6.76 19.53
CA GLN A 141 -11.72 -5.81 18.54
C GLN A 141 -10.65 -5.74 17.48
N LEU A 142 -10.86 -6.41 16.39
CA LEU A 142 -9.85 -6.49 15.37
C LEU A 142 -10.21 -5.66 14.15
N THR A 143 -9.22 -5.11 13.53
CA THR A 143 -9.38 -4.23 12.42
C THR A 143 -9.07 -4.94 11.07
N ILE A 144 -9.93 -4.69 10.10
CA ILE A 144 -9.83 -5.20 8.76
C ILE A 144 -9.62 -4.00 7.85
N ASP A 145 -8.53 -3.96 7.20
CA ASP A 145 -8.23 -2.83 6.38
C ASP A 145 -8.35 -3.21 4.93
N LEU A 146 -9.17 -2.51 4.21
CA LEU A 146 -9.30 -2.71 2.78
C LEU A 146 -8.61 -1.60 2.03
N ASP A 147 -7.68 -1.96 1.23
CA ASP A 147 -6.95 -1.01 0.42
C ASP A 147 -7.30 -1.26 -1.03
N SER A 148 -7.95 -0.31 -1.66
CA SER A 148 -8.41 -0.50 -3.02
C SER A 148 -7.98 0.62 -3.97
N ALA A 149 -8.02 0.34 -5.26
CA ALA A 149 -7.65 1.28 -6.29
C ALA A 149 -8.54 1.15 -7.48
N ASP A 150 -8.60 2.21 -8.26
CA ASP A 150 -9.39 2.22 -9.48
C ASP A 150 -8.84 1.22 -10.50
N PHE A 151 -7.52 1.08 -10.56
CA PHE A 151 -6.94 0.12 -11.48
C PHE A 151 -6.82 -1.26 -10.88
N GLY A 152 -7.97 -1.93 -10.79
CA GLY A 152 -8.10 -3.32 -10.38
C GLY A 152 -7.35 -3.73 -9.12
N TYR A 153 -7.58 -3.05 -8.01
CA TYR A 153 -6.95 -3.47 -6.76
C TYR A 153 -7.89 -3.36 -5.59
N ALA A 154 -7.97 -4.44 -4.84
CA ALA A 154 -8.70 -4.50 -3.61
C ALA A 154 -8.05 -5.55 -2.72
N VAL A 155 -7.51 -5.15 -1.59
CA VAL A 155 -6.94 -6.09 -0.65
C VAL A 155 -7.66 -5.92 0.68
N GLY A 156 -7.72 -6.97 1.44
CA GLY A 156 -8.26 -6.90 2.76
C GLY A 156 -7.24 -7.44 3.69
N GLU A 157 -6.98 -6.77 4.76
CA GLU A 157 -5.96 -7.20 5.66
C GLU A 157 -6.53 -7.19 7.05
N VAL A 158 -6.49 -8.29 7.72
CA VAL A 158 -7.05 -8.38 9.03
C VAL A 158 -5.93 -8.40 10.04
N GLU A 159 -6.07 -7.57 11.03
CA GLU A 159 -5.08 -7.43 12.05
C GLU A 159 -5.76 -7.61 13.41
N ALA A 160 -5.33 -8.60 14.15
CA ALA A 160 -5.90 -8.90 15.46
C ALA A 160 -4.82 -9.11 16.50
N MET A 161 -5.08 -8.71 17.71
CA MET A 161 -4.16 -8.97 18.79
C MET A 161 -4.97 -9.67 19.88
N VAL A 162 -4.50 -10.81 20.31
CA VAL A 162 -5.25 -11.59 21.29
C VAL A 162 -4.49 -11.54 22.58
N HIS A 163 -5.15 -11.24 23.65
CA HIS A 163 -4.47 -10.97 24.90
C HIS A 163 -3.96 -12.24 25.57
N GLU A 164 -4.47 -13.36 25.17
CA GLU A 164 -4.03 -14.64 25.67
C GLU A 164 -3.78 -15.59 24.50
N LYS A 165 -2.96 -16.58 24.74
CA LYS A 165 -2.65 -17.55 23.72
C LYS A 165 -3.82 -18.53 23.52
N ALA A 166 -4.66 -18.60 24.52
CA ALA A 166 -5.82 -19.48 24.53
C ALA A 166 -6.80 -19.20 23.39
N GLU A 167 -6.89 -17.96 22.94
CA GLU A 167 -7.86 -17.64 21.88
C GLU A 167 -7.18 -17.45 20.54
N VAL A 168 -5.87 -17.64 20.49
CA VAL A 168 -5.09 -17.39 19.27
C VAL A 168 -5.53 -18.24 18.04
N PRO A 169 -5.55 -19.60 18.12
CA PRO A 169 -5.97 -20.43 16.97
C PRO A 169 -7.40 -20.10 16.55
N ALA A 170 -8.25 -19.84 17.54
CA ALA A 170 -9.63 -19.47 17.32
C ALA A 170 -9.72 -18.20 16.50
N ALA A 171 -9.00 -17.15 16.94
CA ALA A 171 -8.99 -15.87 16.27
C ALA A 171 -8.38 -15.96 14.88
N LEU A 172 -7.25 -16.67 14.78
CA LEU A 172 -6.53 -16.82 13.51
C LEU A 172 -7.44 -17.45 12.46
N GLU A 173 -8.10 -18.53 12.84
CA GLU A 173 -8.99 -19.20 11.91
C GLU A 173 -10.23 -18.39 11.64
N LYS A 174 -10.71 -17.66 12.65
CA LYS A 174 -11.85 -16.81 12.51
C LYS A 174 -11.57 -15.81 11.40
N ILE A 175 -10.34 -15.29 11.40
CA ILE A 175 -9.87 -14.37 10.37
C ILE A 175 -9.98 -15.02 8.99
N ILE A 176 -9.45 -16.23 8.87
CA ILE A 176 -9.45 -16.97 7.60
C ILE A 176 -10.89 -17.28 7.17
N THR A 177 -11.75 -17.58 8.13
CA THR A 177 -13.14 -17.84 7.87
C THR A 177 -13.80 -16.59 7.26
N VAL A 178 -13.63 -15.44 7.91
CA VAL A 178 -14.20 -14.19 7.43
C VAL A 178 -13.59 -13.83 6.07
N SER A 179 -12.31 -14.09 5.92
CA SER A 179 -11.61 -13.86 4.67
C SER A 179 -12.25 -14.65 3.53
N SER A 180 -12.53 -15.91 3.79
CA SER A 180 -13.14 -16.78 2.80
C SER A 180 -14.61 -16.40 2.58
N MET A 181 -15.21 -15.83 3.58
CA MET A 181 -16.59 -15.41 3.50
C MET A 181 -16.72 -14.12 2.70
N LEU A 182 -15.70 -13.31 2.74
CA LEU A 182 -15.67 -12.09 1.96
C LEU A 182 -15.07 -12.34 0.59
N GLY A 183 -14.18 -13.30 0.51
CA GLY A 183 -13.52 -13.58 -0.75
C GLY A 183 -12.57 -14.75 -0.64
N VAL A 184 -11.30 -14.52 -0.92
CA VAL A 184 -10.29 -15.58 -0.88
C VAL A 184 -9.12 -15.18 0.02
N PRO A 185 -8.74 -16.05 0.97
CA PRO A 185 -7.60 -15.80 1.88
C PRO A 185 -6.26 -15.60 1.12
N ALA A 186 -5.46 -14.68 1.61
CA ALA A 186 -4.17 -14.38 1.05
C ALA A 186 -3.09 -14.48 2.14
N GLN A 187 -1.94 -13.87 1.90
CA GLN A 187 -0.82 -13.94 2.82
C GLN A 187 -0.16 -12.57 2.93
N GLU A 188 0.99 -12.53 3.60
CA GLU A 188 1.74 -11.30 3.92
C GLU A 188 2.39 -10.60 2.69
N GLU A 189 1.89 -10.90 1.51
CA GLU A 189 2.43 -10.36 0.26
C GLU A 189 1.76 -9.03 -0.11
N ALA A 190 1.57 -8.17 0.91
CA ALA A 190 0.89 -6.87 0.76
C ALA A 190 1.56 -5.99 -0.30
N PRO A 191 0.90 -5.80 -1.44
CA PRO A 191 1.42 -5.03 -2.52
C PRO A 191 1.16 -3.56 -2.38
N ALA A 192 2.01 -2.82 -2.99
CA ALA A 192 1.80 -1.41 -3.12
C ALA A 192 0.74 -1.24 -4.18
N LYS A 193 -0.06 -0.26 -4.04
CA LYS A 193 -1.18 -0.05 -4.93
C LYS A 193 -0.73 0.07 -6.42
N LEU A 194 0.26 0.91 -6.66
CA LEU A 194 0.77 1.09 -8.03
C LEU A 194 1.47 -0.21 -8.51
N MET A 195 1.93 -1.01 -7.55
CA MET A 195 2.55 -2.31 -7.82
C MET A 195 1.52 -3.29 -8.32
N VAL A 196 0.31 -3.18 -7.81
CA VAL A 196 -0.76 -4.04 -8.24
C VAL A 196 -1.04 -3.81 -9.68
N TYR A 197 -0.99 -2.56 -10.05
CA TYR A 197 -1.11 -2.21 -11.42
C TYR A 197 0.09 -2.81 -12.20
N LEU A 198 1.28 -2.92 -11.54
CA LEU A 198 2.40 -3.54 -12.22
C LEU A 198 2.15 -5.05 -12.35
N GLN A 199 1.48 -5.67 -11.37
CA GLN A 199 1.16 -7.12 -11.42
C GLN A 199 0.48 -7.45 -12.72
N ARG A 200 -0.43 -6.60 -13.04
CA ARG A 200 -1.22 -6.69 -14.27
C ARG A 200 -0.40 -6.39 -15.54
N PHE A 201 0.30 -5.29 -15.53
CA PHE A 201 1.00 -4.82 -16.74
C PHE A 201 2.49 -5.18 -16.90
N ARG A 202 3.17 -5.48 -15.82
CA ARG A 202 4.59 -5.81 -15.82
C ARG A 202 4.98 -6.50 -14.49
N PRO A 203 4.68 -7.81 -14.41
CA PRO A 203 4.79 -8.61 -13.19
C PRO A 203 6.20 -8.79 -12.64
N LEU A 204 7.21 -8.75 -13.48
CA LEU A 204 8.55 -8.99 -12.97
C LEU A 204 8.98 -7.77 -12.16
N ASP A 205 8.58 -6.59 -12.64
CA ASP A 205 8.87 -5.33 -11.94
C ASP A 205 8.16 -5.31 -10.61
N TYR A 206 6.95 -5.85 -10.64
CA TYR A 206 6.16 -6.00 -9.45
C TYR A 206 6.85 -6.88 -8.43
N GLN A 207 7.32 -8.06 -8.83
CA GLN A 207 7.97 -8.97 -7.90
C GLN A 207 9.15 -8.36 -7.22
N ARG A 208 10.04 -7.74 -7.98
CA ARG A 208 11.24 -7.13 -7.41
C ARG A 208 10.88 -6.12 -6.33
N LEU A 209 9.86 -5.36 -6.61
CA LEU A 209 9.35 -4.38 -5.69
C LEU A 209 8.60 -5.07 -4.52
N LEU A 210 7.90 -6.16 -4.82
CA LEU A 210 7.14 -6.91 -3.85
C LEU A 210 8.06 -7.54 -2.83
N GLU A 211 9.13 -8.16 -3.29
CA GLU A 211 10.10 -8.84 -2.43
C GLU A 211 10.61 -7.87 -1.36
N ALA A 212 10.69 -6.60 -1.75
CA ALA A 212 11.14 -5.56 -0.85
C ALA A 212 10.05 -5.23 0.16
N ALA A 213 8.83 -5.08 -0.34
CA ALA A 213 7.66 -4.81 0.50
C ALA A 213 7.39 -5.98 1.45
N SER A 214 7.60 -7.18 0.93
CA SER A 214 7.45 -8.41 1.68
C SER A 214 8.40 -8.42 2.88
N SER A 215 9.57 -7.83 2.71
CA SER A 215 10.58 -7.78 3.74
C SER A 215 10.32 -6.59 4.69
N GLY A 216 9.29 -5.82 4.38
CA GLY A 216 8.91 -4.71 5.21
C GLY A 216 7.61 -5.00 5.90
N GLU A 217 7.71 -5.39 7.16
CA GLU A 217 6.55 -5.77 7.95
C GLU A 217 5.56 -4.63 8.06
N ALA A 218 4.42 -4.79 7.43
CA ALA A 218 3.41 -3.77 7.44
C ALA A 218 2.25 -4.16 8.34
N THR A 219 2.28 -3.64 9.54
CA THR A 219 1.23 -3.81 10.52
C THR A 219 1.00 -2.47 11.21
N GLY A 220 -0.20 -2.21 11.64
CA GLY A 220 -0.52 -0.93 12.21
C GLY A 220 -0.52 -0.96 13.71
N ASP A 221 -1.17 0.01 14.29
CA ASP A 221 -1.28 0.11 15.74
C ASP A 221 -2.73 0.08 16.15
N SER A 222 -3.19 -1.08 16.53
CA SER A 222 -4.53 -1.27 16.98
C SER A 222 -4.57 -2.56 17.80
N ALA A 223 -4.62 -2.40 19.11
CA ALA A 223 -4.63 -3.53 20.01
C ALA A 223 -6.00 -4.18 20.05
N SER A 224 -6.98 -3.44 20.51
CA SER A 224 -8.34 -3.91 20.62
C SER A 224 -9.18 -2.75 21.13
N SER A 1 3.45 -4.35 19.25
CA SER A 1 4.34 -4.98 20.18
C SER A 1 3.85 -6.41 20.41
N ALA A 2 4.69 -7.23 20.96
CA ALA A 2 4.35 -8.58 21.27
C ALA A 2 3.91 -8.69 22.72
N GLN A 3 3.95 -7.58 23.43
CA GLN A 3 3.47 -7.53 24.79
C GLN A 3 2.15 -6.77 24.82
N GLY A 4 1.24 -7.23 25.63
CA GLY A 4 -0.05 -6.64 25.70
C GLY A 4 -1.01 -7.41 24.85
N LEU A 5 -1.41 -6.83 23.77
CA LEU A 5 -2.20 -7.55 22.83
C LEU A 5 -1.32 -7.88 21.68
N ILE A 6 -1.13 -9.13 21.49
CA ILE A 6 -0.22 -9.64 20.51
C ILE A 6 -0.81 -9.46 19.11
N GLU A 7 -0.01 -8.92 18.22
CA GLU A 7 -0.41 -8.64 16.86
C GLU A 7 -0.36 -9.89 16.00
N VAL A 8 -1.45 -10.20 15.39
CA VAL A 8 -1.54 -11.28 14.46
C VAL A 8 -2.45 -10.85 13.28
N GLU A 9 -1.98 -11.05 12.07
CA GLU A 9 -2.75 -10.65 10.92
C GLU A 9 -2.78 -11.71 9.84
N ARG A 10 -3.84 -11.67 9.08
CA ARG A 10 -4.00 -12.44 7.88
C ARG A 10 -4.61 -11.60 6.84
N LYS A 11 -4.60 -12.04 5.64
CA LYS A 11 -4.90 -11.17 4.59
C LYS A 11 -5.69 -11.85 3.55
N PHE A 12 -6.50 -11.11 2.86
CA PHE A 12 -7.40 -11.69 1.92
C PHE A 12 -7.63 -10.81 0.72
N ALA A 13 -8.15 -11.41 -0.32
CA ALA A 13 -8.55 -10.73 -1.50
C ALA A 13 -10.07 -10.81 -1.55
N PRO A 14 -10.74 -9.72 -1.19
CA PRO A 14 -12.17 -9.69 -1.09
C PRO A 14 -12.88 -9.33 -2.41
N GLY A 15 -14.17 -9.57 -2.43
CA GLY A 15 -14.96 -9.24 -3.59
C GLY A 15 -15.43 -7.79 -3.56
N PRO A 16 -16.28 -7.37 -4.49
CA PRO A 16 -16.76 -5.99 -4.57
C PRO A 16 -17.83 -5.65 -3.52
N ASP A 17 -18.40 -6.65 -2.88
CA ASP A 17 -19.48 -6.39 -1.93
C ASP A 17 -18.98 -6.36 -0.51
N THR A 18 -17.67 -6.57 -0.35
CA THR A 18 -17.03 -6.67 0.94
C THR A 18 -17.33 -5.49 1.85
N GLU A 19 -17.17 -4.28 1.34
CA GLU A 19 -17.43 -3.09 2.12
C GLU A 19 -18.87 -3.08 2.64
N GLU A 20 -19.80 -3.44 1.78
CA GLU A 20 -21.22 -3.46 2.13
C GLU A 20 -21.50 -4.60 3.09
N ARG A 21 -20.86 -5.73 2.83
CA ARG A 21 -21.02 -6.93 3.60
C ARG A 21 -20.47 -6.69 5.01
N LEU A 22 -19.35 -6.00 5.10
CA LEU A 22 -18.74 -5.62 6.38
C LEU A 22 -19.69 -4.86 7.24
N GLN A 23 -20.40 -3.94 6.61
CA GLN A 23 -21.39 -3.14 7.29
C GLN A 23 -22.42 -4.04 7.97
N GLU A 24 -22.96 -5.00 7.23
CA GLU A 24 -23.94 -5.92 7.81
C GLU A 24 -23.29 -6.94 8.77
N LEU A 25 -22.02 -7.31 8.52
CA LEU A 25 -21.30 -8.27 9.37
C LEU A 25 -21.02 -7.69 10.74
N GLY A 26 -20.96 -6.40 10.81
CA GLY A 26 -20.73 -5.77 12.08
C GLY A 26 -19.51 -4.89 12.09
N ALA A 27 -18.73 -4.91 11.01
CA ALA A 27 -17.56 -4.08 10.98
C ALA A 27 -17.98 -2.66 10.69
N THR A 28 -17.54 -1.77 11.50
CA THR A 28 -17.88 -0.40 11.31
C THR A 28 -16.71 0.31 10.64
N LEU A 29 -17.03 1.28 9.84
CA LEU A 29 -16.06 2.01 9.09
C LEU A 29 -15.32 3.00 10.00
N GLU A 30 -14.03 2.87 10.03
CA GLU A 30 -13.20 3.73 10.84
C GLU A 30 -12.76 4.93 10.06
N HIS A 31 -12.20 4.69 8.90
CA HIS A 31 -11.66 5.73 8.07
C HIS A 31 -11.91 5.34 6.63
N ARG A 32 -12.12 6.31 5.78
CA ARG A 32 -12.44 6.05 4.40
C ARG A 32 -11.86 7.17 3.54
N VAL A 33 -11.04 6.78 2.57
CA VAL A 33 -10.43 7.72 1.64
C VAL A 33 -10.82 7.37 0.23
N THR A 34 -11.04 8.37 -0.57
CA THR A 34 -11.21 8.17 -1.97
C THR A 34 -10.54 9.33 -2.70
N PHE A 35 -9.63 8.99 -3.55
CA PHE A 35 -8.88 9.95 -4.35
C PHE A 35 -8.16 9.23 -5.45
N ARG A 36 -7.50 9.94 -6.31
CA ARG A 36 -6.83 9.30 -7.43
C ARG A 36 -5.36 9.64 -7.46
N ASP A 37 -4.54 8.66 -7.71
CA ASP A 37 -3.11 8.89 -7.77
C ASP A 37 -2.63 8.78 -9.19
N THR A 38 -1.96 9.81 -9.60
CA THR A 38 -1.39 9.89 -10.90
C THR A 38 0.12 9.67 -10.78
N TYR A 39 0.61 8.65 -11.41
CA TYR A 39 2.00 8.29 -11.34
C TYR A 39 2.71 8.62 -12.61
N TYR A 40 3.94 9.04 -12.48
CA TYR A 40 4.74 9.48 -13.59
C TYR A 40 6.05 8.74 -13.67
N ASP A 41 6.58 8.70 -14.86
CA ASP A 41 7.80 8.03 -15.21
C ASP A 41 8.18 8.64 -16.54
N THR A 42 9.36 8.40 -16.95
CA THR A 42 9.84 8.79 -18.23
C THR A 42 9.12 7.94 -19.29
N SER A 43 9.23 8.32 -20.53
CA SER A 43 8.58 7.61 -21.63
C SER A 43 9.16 6.19 -21.84
N GLU A 44 10.29 5.93 -21.21
CA GLU A 44 10.96 4.66 -21.35
C GLU A 44 11.02 3.88 -20.01
N LEU A 45 10.25 4.34 -19.01
CA LEU A 45 10.17 3.69 -17.67
C LEU A 45 11.48 3.69 -16.89
N SER A 46 12.40 4.53 -17.29
CA SER A 46 13.67 4.65 -16.63
C SER A 46 13.52 5.13 -15.20
N LEU A 47 12.51 5.95 -14.93
CA LEU A 47 12.34 6.55 -13.63
C LEU A 47 11.98 5.48 -12.60
N MET A 48 10.89 4.76 -12.87
CA MET A 48 10.39 3.79 -11.92
C MET A 48 11.23 2.53 -11.83
N LEU A 49 11.83 2.10 -12.95
CA LEU A 49 12.75 0.95 -12.86
C LEU A 49 13.99 1.29 -12.02
N SER A 50 14.31 2.57 -11.92
CA SER A 50 15.42 3.01 -11.10
C SER A 50 15.00 3.19 -9.64
N ASP A 51 13.82 2.63 -9.31
CA ASP A 51 13.27 2.62 -7.93
C ASP A 51 12.71 3.98 -7.55
N HIS A 52 12.49 4.82 -8.52
CA HIS A 52 11.93 6.13 -8.26
C HIS A 52 10.50 6.19 -8.74
N TRP A 53 9.60 6.13 -7.82
CA TRP A 53 8.19 6.10 -8.13
C TRP A 53 7.61 7.48 -7.87
N LEU A 54 7.15 8.14 -8.89
CA LEU A 54 6.61 9.48 -8.76
C LEU A 54 5.12 9.47 -8.80
N ARG A 55 4.48 10.13 -7.86
CA ARG A 55 3.06 10.20 -7.83
C ARG A 55 2.58 11.59 -7.45
N GLN A 56 1.38 11.83 -7.82
CA GLN A 56 0.65 12.98 -7.48
C GLN A 56 -0.77 12.55 -7.19
N ARG A 57 -1.23 12.77 -5.99
CA ARG A 57 -2.58 12.45 -5.68
C ARG A 57 -3.46 13.57 -6.18
N GLU A 58 -3.98 13.36 -7.40
CA GLU A 58 -4.75 14.31 -8.18
C GLU A 58 -4.05 15.66 -8.44
N GLY A 59 -4.06 16.50 -7.47
CA GLY A 59 -3.37 17.77 -7.55
C GLY A 59 -3.15 18.26 -6.18
N SER A 60 -3.10 17.32 -5.28
CA SER A 60 -3.07 17.58 -3.89
C SER A 60 -1.65 17.51 -3.33
N GLY A 61 -0.79 16.72 -3.93
CA GLY A 61 0.54 16.61 -3.43
C GLY A 61 1.38 15.61 -4.17
N TRP A 62 2.60 16.01 -4.45
CA TRP A 62 3.56 15.17 -5.12
C TRP A 62 4.32 14.33 -4.14
N GLU A 63 4.74 13.17 -4.58
CA GLU A 63 5.49 12.27 -3.75
C GLU A 63 6.43 11.49 -4.65
N LEU A 64 7.65 11.39 -4.28
CA LEU A 64 8.60 10.62 -5.03
C LEU A 64 9.23 9.59 -4.13
N LYS A 65 9.28 8.38 -4.58
CA LYS A 65 9.86 7.32 -3.82
C LYS A 65 11.28 7.14 -4.33
N CYS A 66 12.20 6.94 -3.43
CA CYS A 66 13.58 6.70 -3.75
C CYS A 66 14.07 5.46 -3.02
N PRO A 67 15.02 4.68 -3.58
CA PRO A 67 15.52 3.41 -2.96
C PRO A 67 16.46 3.66 -1.77
N GLY A 68 16.38 4.85 -1.19
CA GLY A 68 17.21 5.20 -0.05
C GLY A 68 18.54 5.73 -0.49
N VAL A 69 18.76 5.62 -1.77
CA VAL A 69 19.91 6.09 -2.41
C VAL A 69 19.44 7.16 -3.37
N THR A 70 20.01 8.35 -3.28
CA THR A 70 19.59 9.47 -4.12
C THR A 70 19.99 9.23 -5.59
N GLY A 71 21.17 8.71 -5.76
CA GLY A 71 21.71 8.43 -7.07
C GLY A 71 23.18 8.27 -6.94
N VAL A 72 23.56 7.44 -6.02
CA VAL A 72 24.93 7.23 -5.64
C VAL A 72 25.46 5.94 -6.24
N SER A 73 24.56 4.98 -6.39
CA SER A 73 24.85 3.63 -6.87
C SER A 73 25.52 2.78 -5.79
N GLY A 74 25.05 1.57 -5.68
CA GLY A 74 25.53 0.65 -4.70
C GLY A 74 24.42 -0.26 -4.29
N PRO A 75 24.14 -0.37 -2.98
CA PRO A 75 23.04 -1.19 -2.49
C PRO A 75 21.74 -0.38 -2.47
N HIS A 76 20.75 -0.86 -1.78
CA HIS A 76 19.52 -0.14 -1.64
C HIS A 76 19.16 0.03 -0.18
N ASN A 77 19.07 1.26 0.23
CA ASN A 77 18.90 1.65 1.64
C ASN A 77 17.43 1.71 2.04
N GLU A 78 16.60 0.94 1.32
CA GLU A 78 15.14 0.92 1.50
C GLU A 78 14.51 2.21 1.03
N TYR A 79 13.29 2.11 0.59
CA TYR A 79 12.62 3.23 0.00
C TYR A 79 12.39 4.40 0.96
N VAL A 80 12.89 5.54 0.58
CA VAL A 80 12.73 6.79 1.27
C VAL A 80 11.76 7.64 0.45
N GLU A 81 11.07 8.54 1.07
CA GLU A 81 10.03 9.28 0.36
C GLU A 81 10.27 10.78 0.39
N VAL A 82 10.26 11.40 -0.77
CA VAL A 82 10.34 12.84 -0.87
C VAL A 82 8.95 13.35 -1.19
N THR A 83 8.36 14.09 -0.30
CA THR A 83 7.07 14.67 -0.56
C THR A 83 7.21 16.19 -0.76
N SER A 84 8.40 16.70 -0.48
CA SER A 84 8.67 18.12 -0.60
C SER A 84 9.04 18.46 -2.06
N GLU A 85 8.29 19.38 -2.65
CA GLU A 85 8.44 19.78 -4.06
C GLU A 85 9.86 20.15 -4.41
N ALA A 86 10.47 20.97 -3.58
CA ALA A 86 11.81 21.48 -3.84
C ALA A 86 12.82 20.35 -4.00
N ALA A 87 12.67 19.28 -3.21
CA ALA A 87 13.59 18.20 -3.30
C ALA A 87 13.26 17.37 -4.53
N ILE A 88 11.96 17.27 -4.86
CA ILE A 88 11.52 16.51 -6.03
C ILE A 88 12.05 17.17 -7.30
N VAL A 89 11.98 18.50 -7.34
CA VAL A 89 12.49 19.28 -8.48
C VAL A 89 13.96 18.96 -8.74
N ALA A 90 14.77 19.12 -7.71
CA ALA A 90 16.20 18.85 -7.80
C ALA A 90 16.45 17.37 -8.09
N GLN A 91 15.67 16.52 -7.46
CA GLN A 91 15.80 15.08 -7.58
C GLN A 91 15.54 14.63 -9.03
N LEU A 92 14.42 15.07 -9.61
CA LEU A 92 14.07 14.73 -11.00
C LEU A 92 15.14 15.16 -11.99
N PHE A 93 15.76 16.28 -11.73
CA PHE A 93 16.84 16.77 -12.57
C PHE A 93 18.04 15.86 -12.59
N GLU A 94 18.48 15.45 -11.45
CA GLU A 94 19.62 14.57 -11.38
C GLU A 94 19.25 13.14 -11.81
N LEU A 95 17.99 12.76 -11.59
CA LEU A 95 17.50 11.45 -12.00
C LEU A 95 17.45 11.32 -13.51
N LEU A 96 16.91 12.32 -14.18
CA LEU A 96 16.76 12.21 -15.62
C LEU A 96 17.93 12.79 -16.39
N GLY A 97 18.59 13.76 -15.80
CA GLY A 97 19.65 14.44 -16.49
C GLY A 97 19.25 15.85 -16.73
N SER A 98 18.10 15.98 -17.37
CA SER A 98 17.43 17.24 -17.62
C SER A 98 18.20 18.16 -18.57
N GLY A 99 19.08 18.99 -18.03
CA GLY A 99 19.77 19.96 -18.83
C GLY A 99 19.00 21.25 -18.86
N GLU A 100 17.95 21.29 -18.07
CA GLU A 100 17.07 22.43 -18.00
C GLU A 100 17.45 23.29 -16.80
N GLN A 101 16.88 24.48 -16.74
CA GLN A 101 17.07 25.39 -15.61
C GLN A 101 16.39 24.87 -14.35
N LYS A 102 16.73 25.41 -13.21
CA LYS A 102 16.02 25.04 -12.03
C LYS A 102 14.74 25.84 -11.79
N PRO A 103 13.61 25.13 -11.67
CA PRO A 103 12.36 25.68 -11.19
C PRO A 103 12.22 25.43 -9.67
N ALA A 104 11.01 25.42 -9.18
CA ALA A 104 10.76 25.20 -7.77
C ALA A 104 9.48 24.40 -7.55
N GLY A 105 8.75 24.16 -8.63
CA GLY A 105 7.54 23.40 -8.57
C GLY A 105 7.66 22.16 -9.41
N VAL A 106 7.08 21.08 -8.94
CA VAL A 106 7.16 19.80 -9.63
C VAL A 106 6.40 19.83 -10.95
N ALA A 107 5.33 20.62 -11.00
CA ALA A 107 4.52 20.75 -12.22
C ALA A 107 5.36 21.29 -13.38
N ALA A 108 6.29 22.19 -13.07
CA ALA A 108 7.17 22.75 -14.07
C ALA A 108 8.13 21.71 -14.60
N VAL A 109 8.78 20.96 -13.68
CA VAL A 109 9.77 19.95 -14.09
C VAL A 109 9.10 18.85 -14.88
N LEU A 110 7.87 18.58 -14.50
CA LEU A 110 7.06 17.56 -15.09
C LEU A 110 6.87 17.84 -16.56
N GLY A 111 6.47 19.07 -16.86
CA GLY A 111 6.23 19.48 -18.22
C GLY A 111 7.49 19.59 -19.02
N SER A 112 8.51 20.22 -18.44
CA SER A 112 9.76 20.46 -19.14
C SER A 112 10.52 19.15 -19.43
N LEU A 113 10.41 18.18 -18.54
CA LEU A 113 11.10 16.92 -18.73
C LEU A 113 10.23 15.95 -19.51
N LYS A 114 8.97 16.35 -19.70
CA LYS A 114 7.96 15.61 -20.48
C LYS A 114 7.66 14.25 -19.87
N LEU A 115 7.65 14.22 -18.55
CA LEU A 115 7.35 13.01 -17.80
C LEU A 115 5.92 12.62 -18.06
N GLN A 116 5.69 11.37 -18.30
CA GLN A 116 4.38 10.92 -18.66
C GLN A 116 3.67 10.29 -17.49
N GLU A 117 2.38 10.55 -17.40
CA GLU A 117 1.56 9.94 -16.42
C GLU A 117 1.29 8.52 -16.86
N VAL A 118 2.05 7.62 -16.31
CA VAL A 118 2.01 6.22 -16.65
C VAL A 118 0.82 5.53 -16.04
N ALA A 119 0.49 5.90 -14.84
CA ALA A 119 -0.59 5.29 -14.17
C ALA A 119 -1.46 6.32 -13.55
N SER A 120 -2.71 6.08 -13.59
CA SER A 120 -3.67 6.91 -13.00
C SER A 120 -4.79 6.03 -12.63
N PHE A 121 -5.02 5.92 -11.38
CA PHE A 121 -6.04 5.06 -10.87
C PHE A 121 -6.59 5.58 -9.59
N ILE A 122 -7.83 5.30 -9.36
CA ILE A 122 -8.50 5.76 -8.20
C ILE A 122 -8.16 4.86 -7.05
N THR A 123 -7.85 5.44 -5.93
CA THR A 123 -7.51 4.73 -4.79
C THR A 123 -8.64 4.83 -3.78
N THR A 124 -9.26 3.73 -3.57
CA THR A 124 -10.34 3.61 -2.67
C THR A 124 -9.89 2.79 -1.46
N ARG A 125 -9.81 3.41 -0.32
CA ARG A 125 -9.39 2.70 0.87
C ARG A 125 -10.31 2.95 2.04
N SER A 126 -10.71 1.89 2.67
CA SER A 126 -11.60 1.94 3.78
C SER A 126 -11.10 1.03 4.90
N SER A 127 -11.04 1.55 6.10
CA SER A 127 -10.58 0.79 7.20
C SER A 127 -11.78 0.45 8.07
N TRP A 128 -11.94 -0.79 8.38
CA TRP A 128 -13.06 -1.30 9.12
C TRP A 128 -12.58 -1.91 10.40
N LYS A 129 -13.39 -1.91 11.39
CA LYS A 129 -13.04 -2.47 12.65
C LYS A 129 -14.21 -3.31 13.16
N LEU A 130 -13.90 -4.50 13.66
CA LEU A 130 -14.91 -5.45 14.07
C LEU A 130 -14.48 -6.12 15.38
N ALA A 131 -15.40 -6.23 16.31
CA ALA A 131 -15.13 -6.89 17.58
C ALA A 131 -15.39 -8.38 17.45
N LEU A 132 -14.32 -9.17 17.51
CA LEU A 132 -14.43 -10.62 17.41
C LEU A 132 -15.19 -11.13 18.62
N SER A 133 -16.38 -11.62 18.40
CA SER A 133 -17.22 -11.99 19.48
C SER A 133 -17.06 -13.46 19.87
N GLY A 134 -16.35 -13.70 20.95
CA GLY A 134 -16.19 -15.04 21.45
C GLY A 134 -17.25 -15.29 22.47
N ALA A 135 -17.44 -14.32 23.32
CA ALA A 135 -18.50 -14.29 24.30
C ALA A 135 -18.92 -12.84 24.48
N HIS A 136 -18.42 -12.19 25.52
CA HIS A 136 -18.59 -10.74 25.74
C HIS A 136 -18.06 -10.33 27.09
N GLY A 137 -16.80 -10.08 27.13
CA GLY A 137 -16.14 -9.52 28.28
C GLY A 137 -15.28 -8.45 27.75
N GLN A 138 -14.20 -8.86 27.19
CA GLN A 138 -13.38 -8.02 26.37
C GLN A 138 -13.04 -8.83 25.17
N GLU A 139 -13.52 -8.42 24.05
CA GLU A 139 -13.37 -9.21 22.87
C GLU A 139 -12.23 -8.67 22.03
N PRO A 140 -11.61 -9.50 21.15
CA PRO A 140 -10.55 -9.03 20.32
C PRO A 140 -11.09 -8.15 19.22
N GLN A 141 -11.04 -6.90 19.48
CA GLN A 141 -11.49 -5.91 18.55
C GLN A 141 -10.41 -5.71 17.52
N LEU A 142 -10.66 -6.22 16.36
CA LEU A 142 -9.68 -6.27 15.33
C LEU A 142 -10.03 -5.35 14.17
N THR A 143 -9.03 -4.97 13.44
CA THR A 143 -9.18 -4.04 12.36
C THR A 143 -9.08 -4.80 11.02
N ILE A 144 -9.88 -4.41 10.07
CA ILE A 144 -9.86 -4.96 8.74
C ILE A 144 -9.70 -3.79 7.80
N ASP A 145 -8.63 -3.74 7.09
CA ASP A 145 -8.40 -2.63 6.20
C ASP A 145 -8.59 -3.06 4.78
N LEU A 146 -9.36 -2.31 4.05
CA LEU A 146 -9.58 -2.58 2.65
C LEU A 146 -8.97 -1.52 1.79
N ASP A 147 -8.04 -1.93 0.98
CA ASP A 147 -7.40 -1.04 0.03
C ASP A 147 -7.70 -1.52 -1.35
N SER A 148 -8.18 -0.65 -2.15
CA SER A 148 -8.56 -1.01 -3.47
C SER A 148 -8.10 0.01 -4.51
N ALA A 149 -8.10 -0.40 -5.77
CA ALA A 149 -7.65 0.44 -6.87
C ALA A 149 -8.50 0.19 -8.08
N ASP A 150 -8.57 1.15 -8.95
CA ASP A 150 -9.44 1.09 -10.12
C ASP A 150 -8.99 0.06 -11.17
N PHE A 151 -7.69 -0.28 -11.20
CA PHE A 151 -7.18 -1.30 -12.15
C PHE A 151 -7.52 -2.75 -11.72
N GLY A 152 -8.67 -2.91 -11.09
CA GLY A 152 -9.14 -4.20 -10.66
C GLY A 152 -8.37 -4.72 -9.48
N TYR A 153 -8.51 -4.05 -8.36
CA TYR A 153 -7.81 -4.44 -7.15
C TYR A 153 -8.58 -4.10 -5.91
N ALA A 154 -8.63 -5.05 -5.00
CA ALA A 154 -9.20 -4.90 -3.69
C ALA A 154 -8.48 -5.85 -2.75
N VAL A 155 -7.98 -5.34 -1.65
CA VAL A 155 -7.30 -6.16 -0.68
C VAL A 155 -7.97 -5.99 0.67
N GLY A 156 -7.79 -6.95 1.51
CA GLY A 156 -8.27 -6.86 2.84
C GLY A 156 -7.23 -7.37 3.78
N GLU A 157 -7.02 -6.69 4.87
CA GLU A 157 -6.04 -7.08 5.85
C GLU A 157 -6.72 -7.11 7.18
N VAL A 158 -6.70 -8.24 7.83
CA VAL A 158 -7.32 -8.33 9.12
C VAL A 158 -6.22 -8.38 10.14
N GLU A 159 -6.18 -7.39 10.97
CA GLU A 159 -5.18 -7.31 11.97
C GLU A 159 -5.84 -7.38 13.32
N ALA A 160 -5.50 -8.37 14.06
CA ALA A 160 -6.04 -8.57 15.38
C ALA A 160 -4.95 -8.55 16.41
N MET A 161 -5.22 -7.92 17.51
CA MET A 161 -4.34 -7.98 18.63
C MET A 161 -5.09 -8.66 19.73
N VAL A 162 -4.54 -9.71 20.23
CA VAL A 162 -5.21 -10.51 21.20
C VAL A 162 -4.50 -10.33 22.51
N HIS A 163 -5.24 -10.14 23.56
CA HIS A 163 -4.65 -9.68 24.81
C HIS A 163 -4.07 -10.84 25.60
N GLU A 164 -4.35 -12.00 25.13
CA GLU A 164 -3.81 -13.19 25.66
C GLU A 164 -3.34 -14.07 24.51
N LYS A 165 -2.09 -14.49 24.59
CA LYS A 165 -1.43 -15.30 23.56
C LYS A 165 -2.20 -16.61 23.28
N ALA A 166 -2.96 -17.05 24.25
CA ALA A 166 -3.75 -18.27 24.15
C ALA A 166 -4.79 -18.21 23.02
N GLU A 167 -5.40 -17.05 22.80
CA GLU A 167 -6.48 -16.95 21.81
C GLU A 167 -5.95 -16.56 20.44
N VAL A 168 -4.65 -16.32 20.36
CA VAL A 168 -4.01 -15.88 19.10
C VAL A 168 -4.26 -16.84 17.88
N PRO A 169 -3.94 -18.16 17.98
CA PRO A 169 -4.16 -19.10 16.86
C PRO A 169 -5.66 -19.26 16.54
N ALA A 170 -6.47 -19.11 17.57
CA ALA A 170 -7.91 -19.21 17.42
C ALA A 170 -8.42 -18.05 16.59
N ALA A 171 -8.03 -16.83 16.99
CA ALA A 171 -8.41 -15.61 16.30
C ALA A 171 -7.94 -15.66 14.86
N LEU A 172 -6.74 -16.22 14.67
CA LEU A 172 -6.14 -16.37 13.35
C LEU A 172 -7.09 -17.11 12.39
N GLU A 173 -7.65 -18.21 12.85
CA GLU A 173 -8.58 -18.99 12.04
C GLU A 173 -9.92 -18.30 11.86
N LYS A 174 -10.37 -17.56 12.87
CA LYS A 174 -11.57 -16.73 12.73
C LYS A 174 -11.36 -15.71 11.62
N ILE A 175 -10.15 -15.13 11.59
CA ILE A 175 -9.75 -14.19 10.55
C ILE A 175 -9.90 -14.82 9.17
N ILE A 176 -9.32 -16.01 9.01
CA ILE A 176 -9.36 -16.74 7.74
C ILE A 176 -10.81 -17.03 7.33
N THR A 177 -11.62 -17.39 8.31
CA THR A 177 -13.02 -17.68 8.08
C THR A 177 -13.76 -16.43 7.55
N VAL A 178 -13.55 -15.29 8.21
CA VAL A 178 -14.17 -14.03 7.78
C VAL A 178 -13.66 -13.65 6.38
N SER A 179 -12.37 -13.84 6.18
CA SER A 179 -11.73 -13.56 4.92
C SER A 179 -12.35 -14.37 3.78
N SER A 180 -12.61 -15.63 4.06
CA SER A 180 -13.15 -16.54 3.09
C SER A 180 -14.58 -16.15 2.71
N MET A 181 -15.37 -15.69 3.67
CA MET A 181 -16.74 -15.32 3.33
C MET A 181 -16.80 -14.01 2.57
N LEU A 182 -15.76 -13.21 2.70
CA LEU A 182 -15.69 -11.95 1.99
C LEU A 182 -14.98 -12.12 0.64
N GLY A 183 -14.43 -13.29 0.41
CA GLY A 183 -13.76 -13.55 -0.84
C GLY A 183 -12.83 -14.73 -0.76
N VAL A 184 -11.56 -14.50 -0.96
CA VAL A 184 -10.56 -15.55 -0.93
C VAL A 184 -9.36 -15.07 -0.14
N PRO A 185 -8.95 -15.78 0.92
CA PRO A 185 -7.79 -15.39 1.72
C PRO A 185 -6.51 -15.44 0.88
N ALA A 186 -5.62 -14.50 1.10
CA ALA A 186 -4.40 -14.45 0.35
C ALA A 186 -3.28 -14.98 1.21
N GLN A 187 -2.57 -14.09 1.90
CA GLN A 187 -1.50 -14.50 2.79
C GLN A 187 -1.04 -13.42 3.74
N GLU A 188 -0.15 -12.54 3.30
CA GLU A 188 0.40 -11.55 4.24
C GLU A 188 1.22 -10.47 3.51
N GLU A 189 1.69 -10.79 2.29
CA GLU A 189 2.56 -9.89 1.49
C GLU A 189 2.02 -8.47 1.39
N ALA A 190 0.74 -8.34 1.02
CA ALA A 190 0.05 -7.05 0.85
C ALA A 190 0.62 -6.24 -0.32
N PRO A 191 -0.12 -6.16 -1.43
CA PRO A 191 0.31 -5.40 -2.57
C PRO A 191 0.23 -3.90 -2.35
N ALA A 192 1.33 -3.23 -2.57
CA ALA A 192 1.33 -1.79 -2.56
C ALA A 192 0.55 -1.33 -3.78
N LYS A 193 0.12 -0.11 -3.79
CA LYS A 193 -0.72 0.37 -4.84
C LYS A 193 -0.05 0.27 -6.24
N LEU A 194 1.18 0.77 -6.38
CA LEU A 194 1.92 0.53 -7.62
C LEU A 194 2.31 -0.93 -7.81
N MET A 195 2.39 -1.70 -6.75
CA MET A 195 2.70 -3.12 -6.86
C MET A 195 1.59 -3.79 -7.68
N VAL A 196 0.39 -3.25 -7.55
CA VAL A 196 -0.77 -3.68 -8.31
C VAL A 196 -0.63 -3.22 -9.76
N TYR A 197 -0.19 -1.98 -9.92
CA TYR A 197 0.11 -1.43 -11.24
C TYR A 197 1.08 -2.32 -11.95
N LEU A 198 2.06 -2.78 -11.23
CA LEU A 198 3.02 -3.63 -11.77
C LEU A 198 2.45 -4.99 -12.11
N GLN A 199 1.85 -5.70 -11.17
CA GLN A 199 1.30 -7.04 -11.50
C GLN A 199 0.33 -7.01 -12.71
N ARG A 200 -0.40 -5.91 -12.85
CA ARG A 200 -1.25 -5.68 -14.01
C ARG A 200 -0.47 -5.33 -15.31
N PHE A 201 0.41 -4.34 -15.23
CA PHE A 201 1.11 -3.82 -16.42
C PHE A 201 2.57 -4.30 -16.58
N ARG A 202 3.30 -4.32 -15.49
CA ARG A 202 4.72 -4.71 -15.46
C ARG A 202 4.90 -5.90 -14.54
N PRO A 203 4.48 -7.10 -14.98
CA PRO A 203 4.51 -8.29 -14.13
C PRO A 203 5.92 -8.62 -13.72
N LEU A 204 6.85 -8.31 -14.58
CA LEU A 204 8.22 -8.55 -14.29
C LEU A 204 8.76 -7.59 -13.28
N ASP A 205 8.34 -6.32 -13.33
CA ASP A 205 8.76 -5.41 -12.26
C ASP A 205 8.19 -5.89 -10.97
N TYR A 206 6.95 -6.27 -11.04
CA TYR A 206 6.23 -6.82 -9.91
C TYR A 206 6.94 -8.02 -9.31
N GLN A 207 7.26 -9.01 -10.09
CA GLN A 207 7.93 -10.19 -9.60
C GLN A 207 9.30 -9.93 -9.02
N ARG A 208 10.13 -9.18 -9.72
CA ARG A 208 11.48 -8.89 -9.19
C ARG A 208 11.41 -8.15 -7.86
N LEU A 209 10.44 -7.27 -7.74
CA LEU A 209 10.20 -6.59 -6.48
C LEU A 209 9.60 -7.54 -5.46
N LEU A 210 8.59 -8.30 -5.87
CA LEU A 210 7.87 -9.19 -5.01
C LEU A 210 8.78 -10.23 -4.40
N GLU A 211 9.52 -10.94 -5.22
CA GLU A 211 10.43 -12.00 -4.76
C GLU A 211 11.40 -11.47 -3.71
N ALA A 212 11.76 -10.24 -3.88
CA ALA A 212 12.71 -9.58 -2.99
C ALA A 212 12.03 -8.97 -1.76
N ALA A 213 10.75 -8.71 -1.83
CA ALA A 213 10.03 -8.07 -0.74
C ALA A 213 9.14 -9.05 0.01
N SER A 214 8.87 -10.18 -0.61
CA SER A 214 8.03 -11.20 -0.04
C SER A 214 8.76 -11.89 1.11
N SER A 215 8.58 -11.34 2.26
CA SER A 215 9.13 -11.90 3.47
C SER A 215 8.02 -11.94 4.53
N GLY A 216 6.96 -11.18 4.29
CA GLY A 216 5.89 -11.10 5.20
C GLY A 216 6.11 -10.01 6.21
N GLU A 217 5.95 -8.78 5.79
CA GLU A 217 6.10 -7.67 6.69
C GLU A 217 4.79 -7.46 7.43
N ALA A 218 4.67 -8.08 8.55
CA ALA A 218 3.49 -7.92 9.38
C ALA A 218 3.84 -6.99 10.50
N THR A 219 3.43 -5.76 10.39
CA THR A 219 3.76 -4.78 11.38
C THR A 219 2.70 -3.68 11.45
N GLY A 220 2.66 -3.01 12.57
CA GLY A 220 1.76 -1.93 12.81
C GLY A 220 2.06 -1.35 14.15
N ASP A 221 2.28 -2.26 15.09
CA ASP A 221 2.67 -2.00 16.46
C ASP A 221 1.55 -1.46 17.31
N SER A 222 1.25 -2.21 18.33
CA SER A 222 0.20 -1.95 19.30
C SER A 222 0.27 -0.51 19.84
N ALA A 223 -0.67 0.31 19.45
CA ALA A 223 -0.75 1.64 19.96
C ALA A 223 -1.76 1.69 21.08
N SER A 224 -1.39 1.05 22.17
CA SER A 224 -2.23 0.89 23.32
C SER A 224 -1.37 0.81 24.58
#